data_1SGO
#
_entry.id   1SGO
#
_entity_poly.entity_id   1
_entity_poly.type   'polypeptide(L)'
_entity_poly.pdbx_seq_one_letter_code
;METDCNPMELSSMSGFEEGSELNGFEGTDMKDMRLEAEAVVNDVLFAVNNMFVSKSLRCADDVAYINVETKERNRYCLEL
TEAGLKVVGYAFDQVDDHLQTPYHETVYSLLDTLSPAYREAFGNALLQRLEALKRDGQS
;
_entity_poly.pdbx_strand_id   A
#
# COMPACT_ATOMS: atom_id res chain seq x y z
N MET A 1 8.42 -32.14 26.27
CA MET A 1 9.18 -32.84 25.21
C MET A 1 8.76 -32.33 23.84
N GLU A 2 7.96 -31.27 23.82
CA GLU A 2 7.41 -30.76 22.57
C GLU A 2 7.56 -29.24 22.52
N THR A 3 7.04 -28.64 21.47
CA THR A 3 7.02 -27.20 21.35
C THR A 3 5.72 -26.78 20.65
N ASP A 4 5.55 -25.48 20.42
CA ASP A 4 4.35 -25.00 19.75
C ASP A 4 4.54 -25.02 18.25
N CYS A 5 3.67 -25.75 17.57
CA CYS A 5 3.74 -25.90 16.13
C CYS A 5 3.09 -24.72 15.42
N ASN A 6 2.82 -24.87 14.13
CA ASN A 6 2.17 -23.81 13.37
C ASN A 6 0.73 -24.21 13.06
N PRO A 7 -0.20 -23.80 13.92
CA PRO A 7 -1.61 -24.09 13.77
C PRO A 7 -2.38 -22.95 13.12
N MET A 8 -3.68 -22.92 13.33
CA MET A 8 -4.50 -21.81 12.86
C MET A 8 -5.17 -21.15 14.06
N GLU A 9 -5.38 -19.85 13.98
CA GLU A 9 -6.04 -19.14 15.06
C GLU A 9 -7.31 -18.47 14.58
N LEU A 10 -8.42 -18.77 15.25
CA LEU A 10 -9.70 -18.18 14.91
C LEU A 10 -9.91 -16.89 15.69
N SER A 11 -8.82 -16.42 16.28
CA SER A 11 -8.83 -15.19 17.06
C SER A 11 -7.67 -14.30 16.60
N SER A 12 -7.54 -13.13 17.19
CA SER A 12 -6.43 -12.24 16.87
C SER A 12 -5.10 -12.91 17.22
N MET A 13 -4.95 -13.26 18.49
CA MET A 13 -3.78 -13.98 18.97
C MET A 13 -4.16 -14.77 20.21
N SER A 14 -3.45 -15.86 20.48
CA SER A 14 -3.71 -16.67 21.65
C SER A 14 -3.25 -15.96 22.92
N GLY A 15 -4.15 -15.22 23.54
CA GLY A 15 -3.86 -14.52 24.78
C GLY A 15 -4.91 -14.78 25.83
N PHE A 16 -4.67 -15.79 26.65
CA PHE A 16 -5.63 -16.17 27.69
C PHE A 16 -5.29 -15.47 29.00
N GLU A 17 -4.00 -15.34 29.28
CA GLU A 17 -3.54 -14.67 30.48
C GLU A 17 -3.27 -13.20 30.18
N GLU A 18 -3.78 -12.33 31.05
CA GLU A 18 -3.61 -10.90 30.88
C GLU A 18 -3.31 -10.25 32.22
N GLY A 19 -2.51 -9.20 32.21
CA GLY A 19 -2.19 -8.50 33.44
C GLY A 19 -0.95 -7.66 33.31
N SER A 20 0.14 -8.29 32.91
CA SER A 20 1.40 -7.58 32.69
C SER A 20 1.28 -6.64 31.50
N GLU A 21 2.05 -5.56 31.51
CA GLU A 21 2.03 -4.59 30.43
C GLU A 21 2.96 -5.04 29.30
N LEU A 22 2.53 -4.83 28.07
CA LEU A 22 3.24 -5.38 26.91
C LEU A 22 4.29 -4.38 26.40
N ASN A 23 3.92 -3.11 26.39
CA ASN A 23 4.81 -2.06 25.89
C ASN A 23 6.09 -2.01 26.70
N GLY A 24 7.22 -2.22 26.02
CA GLY A 24 8.50 -2.23 26.69
C GLY A 24 9.62 -1.68 25.83
N PHE A 25 10.56 -2.54 25.47
CA PHE A 25 11.73 -2.13 24.71
C PHE A 25 11.45 -2.17 23.21
N GLU A 26 10.52 -3.01 22.81
CA GLU A 26 10.22 -3.18 21.41
C GLU A 26 8.75 -2.84 21.12
N GLY A 27 8.53 -1.73 20.45
CA GLY A 27 7.18 -1.32 20.10
C GLY A 27 6.90 -1.49 18.63
N THR A 28 6.76 -2.73 18.20
CA THR A 28 6.50 -3.04 16.81
C THR A 28 5.01 -2.86 16.47
N ASP A 29 4.73 -2.02 15.47
CA ASP A 29 3.36 -1.75 15.03
C ASP A 29 2.71 -3.01 14.48
N MET A 30 3.54 -3.93 13.97
CA MET A 30 3.08 -5.19 13.39
C MET A 30 2.43 -4.92 12.04
N LYS A 31 2.70 -3.74 11.50
CA LYS A 31 2.17 -3.34 10.21
C LYS A 31 2.86 -4.12 9.09
N ASP A 32 2.10 -4.93 8.38
CA ASP A 32 2.63 -5.66 7.24
C ASP A 32 2.46 -4.84 5.97
N MET A 33 3.55 -4.65 5.25
CA MET A 33 3.53 -3.83 4.04
C MET A 33 2.76 -4.55 2.92
N ARG A 34 2.84 -5.88 2.91
CA ARG A 34 2.11 -6.68 1.92
C ARG A 34 0.61 -6.55 2.17
N LEU A 35 0.24 -6.61 3.44
CA LEU A 35 -1.14 -6.40 3.87
C LEU A 35 -1.71 -5.12 3.27
N GLU A 36 -1.08 -4.00 3.58
CA GLU A 36 -1.50 -2.70 3.10
C GLU A 36 -1.46 -2.66 1.58
N ALA A 37 -0.48 -3.35 1.01
CA ALA A 37 -0.27 -3.36 -0.43
C ALA A 37 -1.46 -3.98 -1.16
N GLU A 38 -1.82 -5.19 -0.77
CA GLU A 38 -2.92 -5.90 -1.40
C GLU A 38 -4.24 -5.20 -1.15
N ALA A 39 -4.31 -4.44 -0.06
CA ALA A 39 -5.47 -3.64 0.24
C ALA A 39 -5.60 -2.47 -0.73
N VAL A 40 -4.47 -1.80 -0.98
CA VAL A 40 -4.43 -0.68 -1.91
C VAL A 40 -4.75 -1.13 -3.33
N VAL A 41 -4.12 -2.22 -3.76
CA VAL A 41 -4.28 -2.74 -5.12
C VAL A 41 -5.76 -2.99 -5.44
N ASN A 42 -6.47 -3.58 -4.49
CA ASN A 42 -7.87 -3.95 -4.70
C ASN A 42 -8.76 -2.72 -4.85
N ASP A 43 -8.47 -1.70 -4.07
CA ASP A 43 -9.35 -0.54 -3.95
C ASP A 43 -9.27 0.38 -5.18
N VAL A 44 -8.07 0.52 -5.75
CA VAL A 44 -7.88 1.44 -6.87
C VAL A 44 -7.75 0.71 -8.19
N LEU A 45 -8.00 -0.60 -8.18
CA LEU A 45 -7.84 -1.44 -9.37
C LEU A 45 -8.76 -0.99 -10.52
N PHE A 46 -9.89 -0.41 -10.16
CA PHE A 46 -10.92 -0.07 -11.16
C PHE A 46 -10.48 1.08 -12.07
N ALA A 47 -9.53 1.89 -11.61
CA ALA A 47 -9.17 3.12 -12.32
C ALA A 47 -7.98 2.90 -13.25
N VAL A 48 -7.57 1.66 -13.41
CA VAL A 48 -6.44 1.32 -14.26
C VAL A 48 -6.72 0.04 -15.03
N ASN A 49 -5.76 -0.43 -15.81
CA ASN A 49 -5.94 -1.64 -16.60
C ASN A 49 -5.73 -2.87 -15.73
N ASN A 50 -4.57 -2.93 -15.09
CA ASN A 50 -4.21 -4.04 -14.22
C ASN A 50 -3.22 -3.59 -13.16
N MET A 51 -3.43 -4.02 -11.94
CA MET A 51 -2.54 -3.69 -10.84
C MET A 51 -2.33 -4.93 -9.99
N PHE A 52 -1.09 -5.19 -9.61
CA PHE A 52 -0.77 -6.42 -8.87
C PHE A 52 0.57 -6.27 -8.15
N VAL A 53 0.77 -7.07 -7.12
CA VAL A 53 2.02 -7.06 -6.37
C VAL A 53 3.13 -7.72 -7.22
N SER A 54 4.31 -7.12 -7.21
CA SER A 54 5.42 -7.61 -8.00
C SER A 54 5.92 -8.94 -7.44
N LYS A 55 5.78 -9.99 -8.25
CA LYS A 55 6.14 -11.33 -7.84
C LYS A 55 7.55 -11.68 -8.33
N SER A 56 8.22 -10.73 -8.96
CA SER A 56 9.50 -11.01 -9.59
C SER A 56 10.66 -10.47 -8.76
N LEU A 57 10.37 -10.07 -7.53
CA LEU A 57 11.39 -9.47 -6.68
C LEU A 57 11.37 -10.03 -5.27
N ARG A 58 10.64 -9.36 -4.38
CA ARG A 58 10.63 -9.71 -2.97
C ARG A 58 9.65 -8.82 -2.21
N CYS A 59 9.23 -9.28 -1.04
CA CYS A 59 8.34 -8.53 -0.18
C CYS A 59 8.35 -9.14 1.21
N ALA A 60 8.87 -8.42 2.18
CA ALA A 60 9.04 -8.94 3.52
C ALA A 60 8.80 -7.89 4.59
N ASP A 61 7.54 -7.79 5.01
CA ASP A 61 7.13 -7.02 6.20
C ASP A 61 7.31 -5.51 6.02
N ASP A 62 8.55 -5.05 6.00
CA ASP A 62 8.85 -3.61 5.94
C ASP A 62 8.74 -3.09 4.52
N VAL A 63 8.97 -3.95 3.55
CA VAL A 63 9.03 -3.53 2.16
C VAL A 63 8.26 -4.49 1.26
N ALA A 64 7.52 -3.93 0.31
CA ALA A 64 6.80 -4.71 -0.67
C ALA A 64 6.78 -3.98 -2.01
N TYR A 65 7.08 -4.70 -3.08
CA TYR A 65 7.07 -4.10 -4.41
C TYR A 65 5.75 -4.34 -5.09
N ILE A 66 5.16 -3.27 -5.60
CA ILE A 66 3.87 -3.33 -6.28
C ILE A 66 4.04 -2.84 -7.72
N ASN A 67 3.17 -3.26 -8.61
CA ASN A 67 3.16 -2.76 -9.96
C ASN A 67 1.76 -2.29 -10.33
N VAL A 68 1.70 -1.16 -11.03
CA VAL A 68 0.44 -0.61 -11.46
C VAL A 68 0.49 -0.28 -12.95
N GLU A 69 -0.53 -0.72 -13.65
CA GLU A 69 -0.62 -0.50 -15.09
C GLU A 69 -1.89 0.28 -15.38
N THR A 70 -1.72 1.54 -15.77
CA THR A 70 -2.84 2.46 -15.96
C THR A 70 -3.62 2.11 -17.22
N LYS A 71 -4.66 2.91 -17.48
CA LYS A 71 -5.57 2.66 -18.59
C LYS A 71 -4.87 2.84 -19.93
N GLU A 72 -3.82 3.67 -19.94
CA GLU A 72 -3.04 3.88 -21.15
C GLU A 72 -1.84 2.96 -21.20
N ARG A 73 -1.91 1.90 -20.38
CA ARG A 73 -0.92 0.81 -20.37
C ARG A 73 0.40 1.26 -19.74
N ASN A 74 0.41 2.46 -19.18
CA ASN A 74 1.60 2.98 -18.53
C ASN A 74 1.84 2.24 -17.23
N ARG A 75 3.06 1.81 -17.01
CA ARG A 75 3.36 0.99 -15.85
C ARG A 75 4.28 1.72 -14.87
N TYR A 76 3.95 1.61 -13.60
CA TYR A 76 4.77 2.15 -12.55
C TYR A 76 5.03 1.09 -11.50
N CYS A 77 6.27 0.94 -11.10
CA CYS A 77 6.62 0.00 -10.04
C CYS A 77 6.86 0.77 -8.75
N LEU A 78 6.23 0.34 -7.68
CA LEU A 78 6.24 1.08 -6.44
C LEU A 78 6.87 0.27 -5.32
N GLU A 79 7.82 0.90 -4.65
CA GLU A 79 8.44 0.32 -3.46
C GLU A 79 7.70 0.84 -2.23
N LEU A 80 6.79 0.03 -1.72
CA LEU A 80 5.99 0.43 -0.59
C LEU A 80 6.77 0.23 0.70
N THR A 81 6.93 1.31 1.44
CA THR A 81 7.67 1.30 2.69
C THR A 81 7.00 2.22 3.70
N GLU A 82 7.63 2.39 4.86
CA GLU A 82 7.11 3.30 5.87
C GLU A 82 7.25 4.75 5.43
N ALA A 83 8.05 4.97 4.38
CA ALA A 83 8.22 6.30 3.81
C ALA A 83 7.12 6.61 2.81
N GLY A 84 6.26 5.63 2.58
CA GLY A 84 5.16 5.82 1.67
C GLY A 84 5.35 5.04 0.39
N LEU A 85 4.86 5.59 -0.71
CA LEU A 85 4.97 4.92 -2.00
C LEU A 85 6.06 5.57 -2.84
N LYS A 86 7.10 4.82 -3.10
CA LYS A 86 8.26 5.32 -3.82
C LYS A 86 8.38 4.65 -5.18
N VAL A 87 8.19 5.41 -6.25
CA VAL A 87 8.32 4.87 -7.59
C VAL A 87 9.77 4.47 -7.85
N VAL A 88 9.97 3.20 -8.21
CA VAL A 88 11.30 2.66 -8.43
C VAL A 88 11.47 2.17 -9.86
N GLY A 89 10.45 2.38 -10.67
CA GLY A 89 10.52 1.96 -12.06
C GLY A 89 9.29 2.35 -12.84
N TYR A 90 9.43 2.38 -14.15
CA TYR A 90 8.34 2.76 -15.05
C TYR A 90 8.04 1.61 -16.02
N ALA A 91 8.30 0.40 -15.56
CA ALA A 91 8.03 -0.79 -16.34
C ALA A 91 7.64 -1.93 -15.39
N PHE A 92 7.10 -3.01 -15.94
CA PHE A 92 6.62 -4.12 -15.13
C PHE A 92 7.78 -4.85 -14.46
N ASP A 93 7.79 -4.81 -13.13
CA ASP A 93 8.86 -5.43 -12.32
C ASP A 93 10.20 -4.74 -12.56
N GLN A 94 10.14 -3.45 -12.86
CA GLN A 94 11.34 -2.67 -13.08
C GLN A 94 11.68 -1.87 -11.83
N VAL A 95 12.80 -2.23 -11.21
CA VAL A 95 13.27 -1.53 -10.02
C VAL A 95 14.75 -1.20 -10.17
N ASP A 96 15.06 0.09 -10.21
CA ASP A 96 16.44 0.53 -10.33
C ASP A 96 16.92 1.11 -9.00
N ASP A 97 18.15 0.76 -8.62
CA ASP A 97 18.70 1.13 -7.32
C ASP A 97 19.24 2.56 -7.34
N HIS A 98 19.34 3.15 -8.53
CA HIS A 98 19.87 4.49 -8.66
C HIS A 98 18.78 5.53 -8.91
N LEU A 99 17.53 5.09 -8.93
CA LEU A 99 16.42 6.01 -9.12
C LEU A 99 16.15 6.79 -7.85
N GLN A 100 16.39 8.09 -7.92
CA GLN A 100 16.16 9.00 -6.80
C GLN A 100 14.78 9.64 -6.93
N THR A 101 13.87 8.89 -7.53
CA THR A 101 12.51 9.35 -7.77
C THR A 101 11.75 9.54 -6.45
N PRO A 102 11.06 10.69 -6.32
CA PRO A 102 10.39 11.09 -5.08
C PRO A 102 9.25 10.16 -4.66
N TYR A 103 9.22 9.86 -3.36
CA TYR A 103 8.14 9.06 -2.78
C TYR A 103 7.02 9.95 -2.28
N HIS A 104 5.79 9.47 -2.41
CA HIS A 104 4.63 10.24 -1.99
C HIS A 104 4.03 9.67 -0.71
N GLU A 105 3.11 10.40 -0.11
CA GLU A 105 2.49 10.02 1.15
C GLU A 105 1.59 8.80 0.96
N THR A 106 0.52 8.98 0.18
CA THR A 106 -0.44 7.91 -0.04
C THR A 106 -0.49 7.53 -1.51
N VAL A 107 -1.29 6.51 -1.81
CA VAL A 107 -1.50 6.09 -3.19
C VAL A 107 -2.35 7.12 -3.94
N TYR A 108 -3.17 7.85 -3.20
CA TYR A 108 -4.03 8.86 -3.78
C TYR A 108 -3.21 10.00 -4.38
N SER A 109 -2.40 10.63 -3.54
CA SER A 109 -1.57 11.76 -3.98
C SER A 109 -0.44 11.30 -4.91
N LEU A 110 -0.33 10.00 -5.11
CA LEU A 110 0.66 9.44 -6.02
C LEU A 110 0.04 9.17 -7.39
N LEU A 111 -0.95 8.30 -7.42
CA LEU A 111 -1.55 7.83 -8.66
C LEU A 111 -2.32 8.94 -9.36
N ASP A 112 -2.70 9.96 -8.60
CA ASP A 112 -3.44 11.11 -9.13
C ASP A 112 -2.55 11.89 -10.07
N THR A 113 -1.25 11.76 -9.82
CA THR A 113 -0.25 12.42 -10.61
C THR A 113 0.32 11.46 -11.67
N LEU A 114 0.12 10.16 -11.46
CA LEU A 114 0.66 9.15 -12.36
C LEU A 114 -0.27 8.91 -13.55
N SER A 115 -1.56 9.11 -13.33
CA SER A 115 -2.53 8.94 -14.39
C SER A 115 -3.67 9.94 -14.23
N PRO A 116 -3.83 10.85 -15.21
CA PRO A 116 -4.93 11.81 -15.22
C PRO A 116 -6.28 11.10 -15.32
N ALA A 117 -6.26 9.90 -15.90
CA ALA A 117 -7.47 9.09 -16.05
C ALA A 117 -7.99 8.65 -14.68
N TYR A 118 -7.07 8.43 -13.75
CA TYR A 118 -7.41 8.08 -12.38
C TYR A 118 -8.22 9.21 -11.74
N ARG A 119 -7.84 10.43 -12.06
CA ARG A 119 -8.51 11.61 -11.52
C ARG A 119 -9.92 11.70 -12.10
N GLU A 120 -10.03 11.42 -13.40
CA GLU A 120 -11.31 11.47 -14.10
C GLU A 120 -12.24 10.37 -13.59
N ALA A 121 -11.66 9.20 -13.30
CA ALA A 121 -12.43 8.10 -12.72
C ALA A 121 -12.96 8.47 -11.35
N PHE A 122 -12.14 9.19 -10.58
CA PHE A 122 -12.56 9.70 -9.28
C PHE A 122 -13.73 10.66 -9.43
N GLY A 123 -13.65 11.51 -10.46
CA GLY A 123 -14.73 12.43 -10.75
C GLY A 123 -16.04 11.72 -11.06
N ASN A 124 -15.95 10.60 -11.76
CA ASN A 124 -17.13 9.80 -12.10
C ASN A 124 -17.80 9.28 -10.84
N ALA A 125 -17.00 8.73 -9.93
CA ALA A 125 -17.51 8.20 -8.67
C ALA A 125 -18.00 9.33 -7.78
N LEU A 126 -17.43 10.52 -8.00
CA LEU A 126 -17.78 11.70 -7.23
C LEU A 126 -19.14 12.25 -7.67
N LEU A 127 -19.36 12.36 -8.97
CA LEU A 127 -20.60 12.88 -9.51
C LEU A 127 -21.76 11.93 -9.22
N GLN A 128 -21.44 10.68 -8.94
CA GLN A 128 -22.44 9.69 -8.53
C GLN A 128 -23.11 10.12 -7.23
N ARG A 129 -22.32 10.73 -6.34
CA ARG A 129 -22.84 11.25 -5.09
C ARG A 129 -23.72 12.47 -5.35
N LEU A 130 -23.33 13.27 -6.34
CA LEU A 130 -24.07 14.46 -6.73
C LEU A 130 -25.48 14.11 -7.18
N GLU A 131 -25.58 13.21 -8.15
CA GLU A 131 -26.88 12.80 -8.68
C GLU A 131 -27.65 11.98 -7.66
N ALA A 132 -26.93 11.33 -6.76
CA ALA A 132 -27.55 10.57 -5.67
C ALA A 132 -28.36 11.50 -4.77
N LEU A 133 -27.80 12.67 -4.50
CA LEU A 133 -28.46 13.65 -3.64
C LEU A 133 -29.49 14.45 -4.43
N LYS A 134 -29.32 14.50 -5.74
CA LYS A 134 -30.28 15.18 -6.60
C LYS A 134 -31.57 14.38 -6.69
N ARG A 135 -31.44 13.07 -6.88
CA ARG A 135 -32.60 12.21 -7.00
C ARG A 135 -33.23 11.98 -5.63
N ASP A 136 -32.42 11.53 -4.68
CA ASP A 136 -32.88 11.32 -3.32
C ASP A 136 -32.39 12.45 -2.43
N GLY A 137 -33.32 13.22 -1.91
CA GLY A 137 -32.97 14.37 -1.12
C GLY A 137 -33.98 15.48 -1.27
N GLN A 138 -34.25 15.86 -2.50
CA GLN A 138 -35.29 16.85 -2.79
C GLN A 138 -36.58 16.15 -3.22
N SER A 139 -36.55 14.83 -3.19
CA SER A 139 -37.72 14.02 -3.47
C SER A 139 -37.79 12.91 -2.42
N MET A 1 34.40 19.75 43.21
CA MET A 1 34.34 21.18 42.78
C MET A 1 32.93 21.71 42.93
N GLU A 2 32.74 22.97 42.59
CA GLU A 2 31.40 23.57 42.54
C GLU A 2 30.68 23.10 41.29
N THR A 3 31.46 22.57 40.36
CA THR A 3 30.94 22.03 39.12
C THR A 3 30.04 20.82 39.38
N ASP A 4 30.46 19.97 40.31
CA ASP A 4 29.69 18.78 40.64
C ASP A 4 28.87 19.02 41.91
N CYS A 5 27.76 19.71 41.75
CA CYS A 5 26.89 20.06 42.87
C CYS A 5 25.74 19.06 43.00
N ASN A 6 24.94 19.22 44.05
CA ASN A 6 23.80 18.36 44.29
C ASN A 6 22.82 18.40 43.13
N PRO A 7 22.43 17.22 42.62
CA PRO A 7 21.51 17.10 41.49
C PRO A 7 20.04 16.99 41.92
N MET A 8 19.22 16.44 41.03
CA MET A 8 17.81 16.20 41.33
C MET A 8 17.60 14.77 41.79
N GLU A 9 16.42 14.22 41.50
CA GLU A 9 16.07 12.86 41.88
C GLU A 9 17.10 11.86 41.34
N LEU A 10 17.53 12.08 40.10
CA LEU A 10 18.64 11.35 39.49
C LEU A 10 18.25 9.94 39.05
N SER A 11 17.58 9.20 39.94
CA SER A 11 17.25 7.80 39.68
C SER A 11 16.39 7.65 38.42
N SER A 12 15.50 8.62 38.20
CA SER A 12 14.67 8.67 36.99
C SER A 12 13.66 7.51 36.95
N MET A 13 12.91 7.44 35.86
CA MET A 13 11.88 6.42 35.70
C MET A 13 12.49 5.02 35.56
N SER A 14 12.15 4.14 36.49
CA SER A 14 12.58 2.75 36.44
C SER A 14 14.10 2.62 36.51
N GLY A 15 14.75 3.59 37.15
CA GLY A 15 16.20 3.56 37.28
C GLY A 15 16.66 2.61 38.37
N PHE A 16 16.41 1.33 38.17
CA PHE A 16 16.76 0.31 39.16
C PHE A 16 18.23 -0.10 39.02
N GLU A 17 18.57 -0.65 37.87
CA GLU A 17 19.90 -1.19 37.65
C GLU A 17 20.65 -0.38 36.61
N GLU A 18 21.55 0.48 37.08
CA GLU A 18 22.32 1.38 36.20
C GLU A 18 21.41 2.32 35.42
N GLY A 19 20.17 2.45 35.87
CA GLY A 19 19.19 3.21 35.14
C GLY A 19 18.24 2.30 34.39
N SER A 20 18.34 2.32 33.07
CA SER A 20 17.53 1.46 32.23
C SER A 20 18.35 0.92 31.06
N GLU A 21 18.93 -0.25 31.24
CA GLU A 21 19.82 -0.82 30.24
C GLU A 21 19.08 -1.84 29.35
N LEU A 22 17.76 -1.84 29.43
CA LEU A 22 16.95 -2.70 28.59
C LEU A 22 15.74 -1.94 28.08
N ASN A 23 15.63 -1.82 26.77
CA ASN A 23 14.56 -1.06 26.15
C ASN A 23 13.69 -1.96 25.29
N GLY A 24 12.41 -1.65 25.25
CA GLY A 24 11.49 -2.43 24.44
C GLY A 24 11.14 -1.74 23.15
N PHE A 25 12.15 -1.41 22.36
CA PHE A 25 11.95 -0.74 21.08
C PHE A 25 12.37 -1.64 19.92
N GLU A 26 12.41 -2.94 20.19
CA GLU A 26 12.79 -3.91 19.19
C GLU A 26 11.58 -4.36 18.38
N GLY A 27 11.60 -4.06 17.09
CA GLY A 27 10.51 -4.45 16.23
C GLY A 27 9.67 -3.27 15.80
N THR A 28 10.21 -2.47 14.89
CA THR A 28 9.47 -1.33 14.34
C THR A 28 8.42 -1.82 13.35
N ASP A 29 8.62 -3.04 12.84
CA ASP A 29 7.67 -3.67 11.96
C ASP A 29 6.45 -4.13 12.73
N MET A 30 5.40 -3.32 12.69
CA MET A 30 4.18 -3.59 13.42
C MET A 30 2.97 -3.44 12.50
N LYS A 31 3.22 -3.54 11.20
CA LYS A 31 2.19 -3.33 10.20
C LYS A 31 2.65 -3.93 8.88
N ASP A 32 1.97 -4.99 8.46
CA ASP A 32 2.37 -5.73 7.26
C ASP A 32 2.30 -4.85 6.03
N MET A 33 3.44 -4.60 5.40
CA MET A 33 3.50 -3.78 4.21
C MET A 33 2.76 -4.47 3.06
N ARG A 34 2.80 -5.80 3.06
CA ARG A 34 2.11 -6.59 2.05
C ARG A 34 0.61 -6.54 2.29
N LEU A 35 0.22 -6.44 3.56
CA LEU A 35 -1.18 -6.30 3.94
C LEU A 35 -1.80 -5.08 3.28
N GLU A 36 -1.19 -3.93 3.53
CA GLU A 36 -1.66 -2.67 2.96
C GLU A 36 -1.55 -2.70 1.45
N ALA A 37 -0.53 -3.37 0.95
CA ALA A 37 -0.29 -3.47 -0.48
C ALA A 37 -1.47 -4.14 -1.17
N GLU A 38 -1.84 -5.31 -0.65
CA GLU A 38 -2.95 -6.08 -1.19
C GLU A 38 -4.25 -5.27 -1.11
N ALA A 39 -4.44 -4.56 0.01
CA ALA A 39 -5.63 -3.75 0.23
C ALA A 39 -5.70 -2.60 -0.78
N VAL A 40 -4.59 -1.88 -0.92
CA VAL A 40 -4.50 -0.75 -1.84
C VAL A 40 -4.77 -1.19 -3.28
N VAL A 41 -4.23 -2.35 -3.65
CA VAL A 41 -4.44 -2.91 -4.98
C VAL A 41 -5.92 -3.03 -5.31
N ASN A 42 -6.71 -3.38 -4.31
CA ASN A 42 -8.16 -3.56 -4.50
C ASN A 42 -8.89 -2.22 -4.50
N ASP A 43 -8.35 -1.25 -3.77
CA ASP A 43 -9.03 0.02 -3.56
C ASP A 43 -8.88 0.96 -4.76
N VAL A 44 -7.65 1.13 -5.23
CA VAL A 44 -7.38 2.12 -6.26
C VAL A 44 -7.26 1.50 -7.66
N LEU A 45 -7.54 0.21 -7.76
CA LEU A 45 -7.46 -0.49 -9.06
C LEU A 45 -8.46 0.12 -10.04
N PHE A 46 -9.55 0.67 -9.51
CA PHE A 46 -10.60 1.26 -10.32
C PHE A 46 -10.08 2.47 -11.12
N ALA A 47 -8.97 3.03 -10.67
CA ALA A 47 -8.40 4.21 -11.31
C ALA A 47 -7.45 3.82 -12.45
N VAL A 48 -6.92 2.61 -12.40
CA VAL A 48 -5.99 2.13 -13.41
C VAL A 48 -6.51 0.86 -14.06
N ASN A 49 -5.66 0.19 -14.82
CA ASN A 49 -6.07 -1.00 -15.56
C ASN A 49 -5.78 -2.27 -14.76
N ASN A 50 -4.57 -2.36 -14.25
CA ASN A 50 -4.11 -3.58 -13.59
C ASN A 50 -3.18 -3.23 -12.43
N MET A 51 -3.25 -4.01 -11.37
CA MET A 51 -2.36 -3.83 -10.22
C MET A 51 -1.98 -5.19 -9.66
N PHE A 52 -0.69 -5.51 -9.71
CA PHE A 52 -0.20 -6.79 -9.22
C PHE A 52 1.18 -6.60 -8.61
N VAL A 53 1.41 -7.17 -7.44
CA VAL A 53 2.68 -7.02 -6.76
C VAL A 53 3.77 -7.84 -7.44
N SER A 54 5.02 -7.41 -7.30
CA SER A 54 6.14 -8.05 -7.97
C SER A 54 6.47 -9.40 -7.33
N LYS A 55 7.30 -10.17 -8.01
CA LYS A 55 7.64 -11.50 -7.54
C LYS A 55 9.15 -11.71 -7.57
N SER A 56 9.86 -10.95 -8.39
CA SER A 56 11.27 -11.22 -8.64
C SER A 56 12.14 -10.46 -7.66
N LEU A 57 11.52 -9.98 -6.59
CA LEU A 57 12.23 -9.27 -5.56
C LEU A 57 11.94 -9.87 -4.20
N ARG A 58 11.08 -9.22 -3.42
CA ARG A 58 10.67 -9.73 -2.13
C ARG A 58 9.58 -8.85 -1.52
N CYS A 59 8.73 -9.45 -0.71
CA CYS A 59 7.71 -8.73 0.01
C CYS A 59 7.56 -9.32 1.40
N ALA A 60 8.48 -8.97 2.30
CA ALA A 60 8.55 -9.59 3.61
C ALA A 60 7.79 -8.76 4.64
N ASP A 61 6.84 -7.96 4.16
CA ASP A 61 5.94 -7.16 5.00
C ASP A 61 6.64 -5.96 5.63
N ASP A 62 7.94 -5.85 5.40
CA ASP A 62 8.66 -4.63 5.76
C ASP A 62 8.80 -3.78 4.51
N VAL A 63 8.78 -4.45 3.37
CA VAL A 63 8.84 -3.81 2.06
C VAL A 63 7.93 -4.57 1.09
N ALA A 64 7.34 -3.86 0.15
CA ALA A 64 6.48 -4.48 -0.85
C ALA A 64 6.54 -3.73 -2.17
N TYR A 65 6.86 -4.44 -3.24
CA TYR A 65 6.92 -3.85 -4.56
C TYR A 65 5.65 -4.14 -5.33
N ILE A 66 4.97 -3.09 -5.77
CA ILE A 66 3.73 -3.24 -6.51
C ILE A 66 3.89 -2.74 -7.94
N ASN A 67 3.41 -3.51 -8.89
CA ASN A 67 3.44 -3.11 -10.28
C ASN A 67 2.06 -2.64 -10.71
N VAL A 68 1.97 -1.38 -11.07
CA VAL A 68 0.70 -0.76 -11.41
C VAL A 68 0.67 -0.37 -12.88
N GLU A 69 -0.37 -0.78 -13.57
CA GLU A 69 -0.55 -0.45 -14.96
C GLU A 69 -1.68 0.55 -15.11
N THR A 70 -1.34 1.75 -15.54
CA THR A 70 -2.32 2.81 -15.75
C THR A 70 -3.28 2.46 -16.88
N LYS A 71 -4.31 3.28 -17.08
CA LYS A 71 -5.28 3.02 -18.16
C LYS A 71 -4.73 3.47 -19.50
N GLU A 72 -3.52 4.03 -19.48
CA GLU A 72 -2.79 4.29 -20.71
C GLU A 72 -1.82 3.14 -20.95
N ARG A 73 -1.98 2.12 -20.11
CA ARG A 73 -1.19 0.88 -20.14
C ARG A 73 0.28 1.15 -19.84
N ASN A 74 0.57 2.32 -19.30
CA ASN A 74 1.91 2.64 -18.85
C ASN A 74 2.10 2.08 -17.45
N ARG A 75 2.96 1.08 -17.34
CA ARG A 75 3.14 0.37 -16.08
C ARG A 75 4.34 0.91 -15.32
N TYR A 76 4.20 1.02 -14.01
CA TYR A 76 5.26 1.51 -13.15
C TYR A 76 5.47 0.60 -11.96
N CYS A 77 6.62 0.71 -11.33
CA CYS A 77 6.95 -0.07 -10.15
C CYS A 77 6.98 0.84 -8.92
N LEU A 78 6.15 0.51 -7.94
CA LEU A 78 6.06 1.28 -6.72
C LEU A 78 6.63 0.51 -5.55
N GLU A 79 7.56 1.14 -4.85
CA GLU A 79 8.15 0.58 -3.64
C GLU A 79 7.39 1.09 -2.42
N LEU A 80 6.60 0.22 -1.83
CA LEU A 80 5.78 0.60 -0.70
C LEU A 80 6.52 0.35 0.61
N THR A 81 6.68 1.42 1.38
CA THR A 81 7.26 1.34 2.71
C THR A 81 6.46 2.22 3.66
N GLU A 82 6.93 2.37 4.89
CA GLU A 82 6.22 3.17 5.88
C GLU A 82 6.43 4.66 5.61
N ALA A 83 7.34 4.96 4.69
CA ALA A 83 7.58 6.33 4.27
C ALA A 83 6.59 6.73 3.18
N GLY A 84 5.99 5.73 2.55
CA GLY A 84 5.04 5.98 1.49
C GLY A 84 5.34 5.15 0.26
N LEU A 85 4.81 5.57 -0.88
CA LEU A 85 5.01 4.87 -2.13
C LEU A 85 6.08 5.57 -2.96
N LYS A 86 7.17 4.89 -3.19
CA LYS A 86 8.31 5.46 -3.90
C LYS A 86 8.51 4.76 -5.24
N VAL A 87 8.35 5.51 -6.32
CA VAL A 87 8.53 4.96 -7.67
C VAL A 87 9.96 4.47 -7.85
N VAL A 88 10.10 3.25 -8.36
CA VAL A 88 11.43 2.66 -8.54
C VAL A 88 11.65 2.21 -9.98
N GLY A 89 10.63 2.29 -10.82
CA GLY A 89 10.80 1.85 -12.19
C GLY A 89 9.54 2.02 -13.02
N TYR A 90 9.66 1.73 -14.30
CA TYR A 90 8.55 1.83 -15.24
C TYR A 90 8.41 0.57 -16.07
N ALA A 91 8.04 -0.52 -15.39
CA ALA A 91 7.84 -1.82 -16.00
C ALA A 91 7.30 -2.80 -14.96
N PHE A 92 7.54 -4.08 -15.17
CA PHE A 92 7.18 -5.09 -14.17
C PHE A 92 8.45 -5.64 -13.53
N ASP A 93 8.49 -5.62 -12.19
CA ASP A 93 9.66 -6.08 -11.42
C ASP A 93 10.91 -5.27 -11.77
N GLN A 94 10.72 -4.03 -12.17
CA GLN A 94 11.81 -3.17 -12.60
C GLN A 94 12.14 -2.15 -11.53
N VAL A 95 13.24 -2.38 -10.82
CA VAL A 95 13.68 -1.48 -9.80
C VAL A 95 15.05 -0.89 -10.14
N ASP A 96 15.09 0.42 -10.31
CA ASP A 96 16.29 1.10 -10.74
C ASP A 96 16.66 2.20 -9.75
N ASP A 97 17.94 2.31 -9.45
CA ASP A 97 18.41 3.32 -8.50
C ASP A 97 18.66 4.65 -9.20
N HIS A 98 18.40 4.68 -10.50
CA HIS A 98 18.55 5.90 -11.27
C HIS A 98 17.31 6.79 -11.12
N LEU A 99 16.25 6.22 -10.57
CA LEU A 99 15.04 6.98 -10.31
C LEU A 99 15.05 7.56 -8.89
N GLN A 100 15.15 8.88 -8.82
CA GLN A 100 15.11 9.59 -7.55
C GLN A 100 13.73 10.17 -7.30
N THR A 101 12.72 9.51 -7.86
CA THR A 101 11.34 9.92 -7.70
C THR A 101 10.90 9.84 -6.24
N PRO A 102 10.52 10.99 -5.67
CA PRO A 102 10.14 11.09 -4.25
C PRO A 102 8.88 10.29 -3.93
N TYR A 103 8.86 9.73 -2.73
CA TYR A 103 7.72 8.94 -2.28
C TYR A 103 6.60 9.84 -1.79
N HIS A 104 5.38 9.38 -1.98
CA HIS A 104 4.21 10.07 -1.47
C HIS A 104 3.63 9.29 -0.30
N GLU A 105 3.13 10.00 0.70
CA GLU A 105 2.69 9.39 1.95
C GLU A 105 1.39 8.62 1.77
N THR A 106 0.86 8.66 0.57
CA THR A 106 -0.41 8.05 0.27
C THR A 106 -0.50 7.71 -1.21
N VAL A 107 -1.20 6.63 -1.51
CA VAL A 107 -1.36 6.19 -2.89
C VAL A 107 -2.21 7.18 -3.68
N TYR A 108 -3.05 7.94 -2.98
CA TYR A 108 -3.96 8.86 -3.63
C TYR A 108 -3.19 10.06 -4.19
N SER A 109 -2.29 10.60 -3.38
CA SER A 109 -1.46 11.72 -3.79
C SER A 109 -0.48 11.30 -4.89
N LEU A 110 -0.20 10.01 -4.97
CA LEU A 110 0.74 9.51 -5.96
C LEU A 110 0.05 9.21 -7.27
N LEU A 111 -1.00 8.40 -7.23
CA LEU A 111 -1.69 7.97 -8.44
C LEU A 111 -2.36 9.14 -9.14
N ASP A 112 -2.61 10.21 -8.38
CA ASP A 112 -3.20 11.42 -8.90
C ASP A 112 -2.35 12.01 -10.03
N THR A 113 -1.04 11.95 -9.84
CA THR A 113 -0.11 12.55 -10.80
C THR A 113 0.32 11.52 -11.84
N LEU A 114 -0.02 10.24 -11.60
CA LEU A 114 0.41 9.16 -12.49
C LEU A 114 -0.64 8.87 -13.54
N SER A 115 -1.89 9.20 -13.27
CA SER A 115 -2.97 8.91 -14.19
C SER A 115 -4.08 9.94 -14.10
N PRO A 116 -4.41 10.59 -15.23
CA PRO A 116 -5.59 11.44 -15.33
C PRO A 116 -6.87 10.63 -15.13
N ALA A 117 -6.78 9.33 -15.45
CA ALA A 117 -7.90 8.42 -15.31
C ALA A 117 -8.28 8.25 -13.85
N TYR A 118 -7.35 8.53 -12.96
CA TYR A 118 -7.61 8.53 -11.53
C TYR A 118 -8.63 9.62 -11.21
N ARG A 119 -8.45 10.76 -11.86
CA ARG A 119 -9.29 11.92 -11.64
C ARG A 119 -10.58 11.76 -12.42
N GLU A 120 -10.51 11.06 -13.56
CA GLU A 120 -11.71 10.64 -14.28
C GLU A 120 -12.56 9.74 -13.40
N ALA A 121 -11.93 8.71 -12.84
CA ALA A 121 -12.62 7.73 -12.00
C ALA A 121 -13.22 8.39 -10.77
N PHE A 122 -12.45 9.26 -10.13
CA PHE A 122 -12.93 9.95 -8.93
C PHE A 122 -14.13 10.83 -9.28
N GLY A 123 -14.03 11.59 -10.36
CA GLY A 123 -15.13 12.42 -10.80
C GLY A 123 -16.33 11.60 -11.23
N ASN A 124 -16.07 10.47 -11.84
CA ASN A 124 -17.13 9.59 -12.34
C ASN A 124 -17.84 8.91 -11.18
N ALA A 125 -17.10 8.57 -10.13
CA ALA A 125 -17.68 7.91 -8.97
C ALA A 125 -18.58 8.86 -8.20
N LEU A 126 -18.12 10.08 -7.98
CA LEU A 126 -18.94 11.11 -7.35
C LEU A 126 -20.14 11.43 -8.24
N LEU A 127 -19.88 11.44 -9.54
CA LEU A 127 -20.92 11.62 -10.55
C LEU A 127 -21.97 10.51 -10.43
N GLN A 128 -21.50 9.27 -10.39
CA GLN A 128 -22.37 8.11 -10.27
C GLN A 128 -23.16 8.17 -8.96
N ARG A 129 -22.49 8.58 -7.89
CA ARG A 129 -23.14 8.69 -6.59
C ARG A 129 -24.25 9.73 -6.62
N LEU A 130 -24.00 10.84 -7.31
CA LEU A 130 -25.02 11.87 -7.49
C LEU A 130 -26.22 11.30 -8.23
N GLU A 131 -25.95 10.56 -9.30
CA GLU A 131 -26.99 9.90 -10.07
C GLU A 131 -27.75 8.92 -9.18
N ALA A 132 -26.99 8.13 -8.41
CA ALA A 132 -27.55 7.14 -7.50
C ALA A 132 -28.54 7.77 -6.52
N LEU A 133 -28.11 8.84 -5.87
CA LEU A 133 -28.93 9.51 -4.87
C LEU A 133 -30.05 10.31 -5.50
N LYS A 134 -29.78 10.87 -6.67
CA LYS A 134 -30.75 11.74 -7.34
C LYS A 134 -31.91 10.93 -7.92
N ARG A 135 -31.61 9.72 -8.35
CA ARG A 135 -32.61 8.87 -9.01
C ARG A 135 -33.35 8.02 -7.98
N ASP A 136 -32.94 8.08 -6.73
CA ASP A 136 -33.55 7.26 -5.68
C ASP A 136 -34.18 8.13 -4.60
N GLY A 137 -35.40 7.80 -4.22
CA GLY A 137 -36.10 8.55 -3.19
C GLY A 137 -37.49 8.94 -3.63
N GLN A 138 -38.18 9.71 -2.78
CA GLN A 138 -39.52 10.18 -3.08
C GLN A 138 -39.73 11.58 -2.52
N SER A 139 -40.93 12.12 -2.69
CA SER A 139 -41.24 13.44 -2.17
C SER A 139 -42.18 13.32 -0.98
N MET A 1 6.22 -4.46 49.33
CA MET A 1 6.51 -3.80 48.04
C MET A 1 5.48 -2.73 47.75
N GLU A 2 5.94 -1.56 47.35
CA GLU A 2 5.03 -0.48 46.98
C GLU A 2 4.94 -0.38 45.47
N THR A 3 6.09 -0.27 44.83
CA THR A 3 6.16 -0.12 43.39
C THR A 3 6.59 -1.41 42.71
N ASP A 4 5.84 -1.80 41.69
CA ASP A 4 6.17 -2.97 40.90
C ASP A 4 6.54 -2.54 39.49
N CYS A 5 5.58 -2.61 38.57
CA CYS A 5 5.74 -2.17 37.19
C CYS A 5 4.40 -2.10 36.50
N ASN A 6 3.69 -3.23 36.50
CA ASN A 6 2.42 -3.33 35.79
C ASN A 6 1.32 -3.85 36.72
N PRO A 7 0.32 -2.99 37.01
CA PRO A 7 -0.85 -3.37 37.80
C PRO A 7 -1.89 -4.11 36.97
N MET A 8 -2.70 -4.92 37.63
CA MET A 8 -3.72 -5.72 36.95
C MET A 8 -5.11 -5.16 37.25
N GLU A 9 -5.15 -4.20 38.15
CA GLU A 9 -6.40 -3.61 38.63
C GLU A 9 -7.14 -2.88 37.51
N LEU A 10 -6.39 -2.43 36.51
CA LEU A 10 -6.97 -1.79 35.34
C LEU A 10 -6.88 -2.72 34.14
N SER A 11 -7.98 -3.40 33.85
CA SER A 11 -8.01 -4.35 32.75
C SER A 11 -9.10 -3.94 31.75
N SER A 12 -8.95 -4.40 30.51
CA SER A 12 -9.92 -4.09 29.47
C SER A 12 -11.16 -4.96 29.65
N MET A 13 -12.32 -4.32 29.75
CA MET A 13 -13.58 -5.03 29.95
C MET A 13 -14.19 -5.41 28.60
N SER A 14 -14.50 -6.69 28.44
CA SER A 14 -15.12 -7.18 27.22
C SER A 14 -15.89 -8.45 27.53
N GLY A 15 -16.96 -8.70 26.78
CA GLY A 15 -17.77 -9.87 27.04
C GLY A 15 -18.27 -10.50 25.76
N PHE A 16 -18.98 -11.61 25.89
CA PHE A 16 -19.49 -12.33 24.73
C PHE A 16 -20.73 -11.63 24.17
N GLU A 17 -20.50 -10.76 23.20
CA GLU A 17 -21.58 -10.11 22.49
C GLU A 17 -21.44 -10.39 21.00
N GLU A 18 -20.57 -9.65 20.34
CA GLU A 18 -20.27 -9.87 18.94
C GLU A 18 -19.14 -10.89 18.80
N GLY A 19 -18.48 -11.16 19.92
CA GLY A 19 -17.32 -12.05 19.92
C GLY A 19 -17.66 -13.49 19.59
N SER A 20 -17.64 -13.80 18.30
CA SER A 20 -17.87 -15.15 17.83
C SER A 20 -16.99 -15.40 16.61
N GLU A 21 -16.50 -16.63 16.45
CA GLU A 21 -15.59 -17.00 15.38
C GLU A 21 -14.22 -16.37 15.57
N LEU A 22 -13.21 -17.21 15.71
CA LEU A 22 -11.82 -16.79 15.90
C LEU A 22 -11.67 -15.98 17.18
N ASN A 23 -11.45 -16.68 18.28
CA ASN A 23 -11.12 -16.03 19.54
C ASN A 23 -9.66 -15.60 19.52
N GLY A 24 -9.43 -14.30 19.56
CA GLY A 24 -8.08 -13.80 19.55
C GLY A 24 -8.02 -12.29 19.65
N PHE A 25 -6.81 -11.78 19.80
CA PHE A 25 -6.57 -10.35 19.87
C PHE A 25 -5.84 -9.89 18.63
N GLU A 26 -5.63 -8.58 18.51
CA GLU A 26 -4.86 -8.04 17.40
C GLU A 26 -3.37 -8.21 17.68
N GLY A 27 -2.86 -9.40 17.45
CA GLY A 27 -1.48 -9.70 17.71
C GLY A 27 -0.56 -9.24 16.61
N THR A 28 -0.61 -7.94 16.32
CA THR A 28 0.26 -7.35 15.32
C THR A 28 1.10 -6.24 15.96
N ASP A 29 2.33 -6.58 16.28
CA ASP A 29 3.23 -5.63 16.92
C ASP A 29 3.73 -4.64 15.87
N MET A 30 3.83 -5.14 14.65
CA MET A 30 4.14 -4.31 13.50
C MET A 30 3.22 -4.70 12.36
N LYS A 31 2.65 -3.72 11.69
CA LYS A 31 1.71 -3.97 10.62
C LYS A 31 2.43 -4.50 9.38
N ASP A 32 1.81 -5.45 8.70
CA ASP A 32 2.34 -5.94 7.44
C ASP A 32 1.88 -5.02 6.32
N MET A 33 2.80 -4.29 5.71
CA MET A 33 2.44 -3.34 4.67
C MET A 33 2.17 -4.08 3.37
N ARG A 34 2.67 -5.31 3.30
CA ARG A 34 2.36 -6.20 2.20
C ARG A 34 0.88 -6.57 2.25
N LEU A 35 0.34 -6.57 3.48
CA LEU A 35 -1.08 -6.76 3.70
C LEU A 35 -1.85 -5.56 3.16
N GLU A 36 -1.41 -4.37 3.56
CA GLU A 36 -1.98 -3.12 3.08
C GLU A 36 -1.89 -3.06 1.57
N ALA A 37 -0.85 -3.69 1.04
CA ALA A 37 -0.58 -3.66 -0.40
C ALA A 37 -1.68 -4.35 -1.19
N GLU A 38 -1.96 -5.59 -0.84
CA GLU A 38 -2.99 -6.34 -1.55
C GLU A 38 -4.36 -5.71 -1.36
N ALA A 39 -4.54 -5.02 -0.24
CA ALA A 39 -5.78 -4.30 0.03
C ALA A 39 -5.91 -3.09 -0.89
N VAL A 40 -4.83 -2.33 -1.01
CA VAL A 40 -4.80 -1.15 -1.87
C VAL A 40 -4.98 -1.54 -3.34
N VAL A 41 -4.27 -2.58 -3.76
CA VAL A 41 -4.34 -3.07 -5.13
C VAL A 41 -5.77 -3.33 -5.57
N ASN A 42 -6.56 -3.90 -4.67
CA ASN A 42 -7.94 -4.25 -4.99
C ASN A 42 -8.84 -3.01 -4.97
N ASP A 43 -8.47 -2.03 -4.15
CA ASP A 43 -9.29 -0.82 -3.97
C ASP A 43 -9.11 0.15 -5.14
N VAL A 44 -7.87 0.51 -5.41
CA VAL A 44 -7.57 1.54 -6.42
C VAL A 44 -7.54 0.94 -7.81
N LEU A 45 -7.85 -0.35 -7.91
CA LEU A 45 -7.90 -1.04 -9.19
C LEU A 45 -8.94 -0.41 -10.12
N PHE A 46 -9.91 0.28 -9.53
CA PHE A 46 -10.97 0.93 -10.28
C PHE A 46 -10.43 2.16 -11.03
N ALA A 47 -9.33 2.72 -10.54
CA ALA A 47 -8.77 3.92 -11.13
C ALA A 47 -7.83 3.57 -12.29
N VAL A 48 -7.33 2.35 -12.31
CA VAL A 48 -6.39 1.91 -13.32
C VAL A 48 -6.95 0.73 -14.12
N ASN A 49 -6.10 0.11 -14.92
CA ASN A 49 -6.52 -1.03 -15.74
C ASN A 49 -6.09 -2.34 -15.10
N ASN A 50 -4.92 -2.33 -14.49
CA ASN A 50 -4.36 -3.53 -13.88
C ASN A 50 -3.48 -3.14 -12.69
N MET A 51 -3.34 -4.03 -11.72
CA MET A 51 -2.46 -3.79 -10.59
C MET A 51 -2.18 -5.12 -9.90
N PHE A 52 -0.94 -5.32 -9.49
CA PHE A 52 -0.54 -6.59 -8.89
C PHE A 52 0.75 -6.42 -8.09
N VAL A 53 0.82 -7.07 -6.94
CA VAL A 53 2.05 -7.11 -6.16
C VAL A 53 3.02 -8.10 -6.79
N SER A 54 4.20 -7.62 -7.14
CA SER A 54 5.14 -8.41 -7.92
C SER A 54 5.73 -9.54 -7.09
N LYS A 55 5.66 -10.75 -7.64
CA LYS A 55 6.20 -11.92 -6.97
C LYS A 55 7.68 -12.05 -7.27
N SER A 56 8.16 -11.21 -8.18
CA SER A 56 9.56 -11.21 -8.56
C SER A 56 10.31 -10.17 -7.74
N LEU A 57 9.60 -9.56 -6.81
CA LEU A 57 10.15 -8.49 -6.02
C LEU A 57 10.07 -8.83 -4.55
N ARG A 58 10.21 -7.83 -3.73
CA ARG A 58 10.35 -8.01 -2.29
C ARG A 58 9.12 -7.51 -1.56
N CYS A 59 8.69 -8.26 -0.55
CA CYS A 59 7.61 -7.85 0.31
C CYS A 59 7.68 -8.58 1.64
N ALA A 60 8.48 -8.04 2.54
CA ALA A 60 8.71 -8.66 3.84
C ALA A 60 7.59 -8.28 4.80
N ASP A 61 7.54 -6.99 5.12
CA ASP A 61 6.55 -6.46 6.04
C ASP A 61 6.49 -4.94 5.96
N ASP A 62 7.62 -4.28 6.16
CA ASP A 62 7.68 -2.81 6.08
C ASP A 62 7.99 -2.35 4.66
N VAL A 63 8.10 -3.31 3.75
CA VAL A 63 8.40 -3.03 2.36
C VAL A 63 7.61 -3.95 1.44
N ALA A 64 6.94 -3.36 0.46
CA ALA A 64 6.19 -4.12 -0.53
C ALA A 64 6.36 -3.53 -1.93
N TYR A 65 6.91 -4.31 -2.84
CA TYR A 65 7.08 -3.89 -4.21
C TYR A 65 5.83 -4.19 -5.03
N ILE A 66 5.15 -3.14 -5.49
CA ILE A 66 3.89 -3.28 -6.18
C ILE A 66 4.00 -2.75 -7.61
N ASN A 67 3.30 -3.38 -8.52
CA ASN A 67 3.23 -2.89 -9.90
C ASN A 67 1.84 -2.41 -10.23
N VAL A 68 1.74 -1.25 -10.84
CA VAL A 68 0.47 -0.66 -11.17
C VAL A 68 0.42 -0.31 -12.66
N GLU A 69 -0.73 -0.53 -13.26
CA GLU A 69 -0.92 -0.27 -14.68
C GLU A 69 -2.17 0.57 -14.88
N THR A 70 -1.97 1.82 -15.27
CA THR A 70 -3.07 2.77 -15.44
C THR A 70 -3.98 2.35 -16.59
N LYS A 71 -5.05 3.11 -16.83
CA LYS A 71 -5.98 2.78 -17.90
C LYS A 71 -5.32 3.01 -19.26
N GLU A 72 -4.28 3.84 -19.26
CA GLU A 72 -3.46 4.08 -20.44
C GLU A 72 -2.53 2.88 -20.66
N ARG A 73 -2.59 1.92 -19.74
CA ARG A 73 -1.68 0.79 -19.71
C ARG A 73 -0.25 1.26 -19.54
N ASN A 74 -0.10 2.35 -18.80
CA ASN A 74 1.20 2.87 -18.44
C ASN A 74 1.60 2.26 -17.10
N ARG A 75 2.69 1.51 -17.12
CA ARG A 75 3.06 0.70 -15.97
C ARG A 75 4.08 1.41 -15.09
N TYR A 76 3.79 1.45 -13.80
CA TYR A 76 4.70 2.00 -12.81
C TYR A 76 5.08 0.95 -11.79
N CYS A 77 6.31 0.99 -11.32
CA CYS A 77 6.76 0.09 -10.28
C CYS A 77 6.98 0.89 -9.00
N LEU A 78 6.32 0.49 -7.93
CA LEU A 78 6.32 1.27 -6.70
C LEU A 78 6.86 0.47 -5.53
N GLU A 79 7.79 1.07 -4.81
CA GLU A 79 8.31 0.51 -3.57
C GLU A 79 7.52 1.10 -2.41
N LEU A 80 6.59 0.32 -1.89
CA LEU A 80 5.76 0.77 -0.78
C LEU A 80 6.47 0.52 0.53
N THR A 81 6.93 1.59 1.16
CA THR A 81 7.60 1.49 2.44
C THR A 81 6.94 2.41 3.45
N GLU A 82 7.44 2.40 4.67
CA GLU A 82 6.89 3.26 5.71
C GLU A 82 7.24 4.72 5.42
N ALA A 83 8.19 4.93 4.50
CA ALA A 83 8.55 6.26 4.05
C ALA A 83 7.62 6.74 2.94
N GLY A 84 6.74 5.85 2.51
CA GLY A 84 5.81 6.18 1.45
C GLY A 84 6.04 5.32 0.22
N LEU A 85 5.45 5.75 -0.89
CA LEU A 85 5.60 5.03 -2.15
C LEU A 85 6.67 5.67 -3.01
N LYS A 86 7.63 4.88 -3.42
CA LYS A 86 8.74 5.36 -4.25
C LYS A 86 8.68 4.70 -5.63
N VAL A 87 8.57 5.51 -6.69
CA VAL A 87 8.57 4.97 -8.04
C VAL A 87 9.98 4.52 -8.44
N VAL A 88 10.17 3.22 -8.54
CA VAL A 88 11.49 2.64 -8.81
C VAL A 88 11.63 2.25 -10.28
N GLY A 89 10.69 2.70 -11.09
CA GLY A 89 10.76 2.45 -12.52
C GLY A 89 9.39 2.46 -13.14
N TYR A 90 9.35 2.40 -14.46
CA TYR A 90 8.08 2.35 -15.17
C TYR A 90 8.07 1.20 -16.18
N ALA A 91 7.99 0.00 -15.63
CA ALA A 91 7.90 -1.23 -16.40
C ALA A 91 7.54 -2.35 -15.46
N PHE A 92 7.02 -3.44 -15.99
CA PHE A 92 6.57 -4.54 -15.15
C PHE A 92 7.76 -5.31 -14.56
N ASP A 93 7.85 -5.27 -13.23
CA ASP A 93 8.89 -5.95 -12.46
C ASP A 93 10.26 -5.29 -12.65
N GLN A 94 10.28 -3.98 -12.92
CA GLN A 94 11.53 -3.24 -13.04
C GLN A 94 11.78 -2.41 -11.79
N VAL A 95 12.92 -2.60 -11.16
CA VAL A 95 13.32 -1.79 -10.01
C VAL A 95 14.75 -1.32 -10.16
N ASP A 96 14.91 -0.04 -10.42
CA ASP A 96 16.24 0.56 -10.53
C ASP A 96 16.63 1.15 -9.18
N ASP A 97 17.69 0.61 -8.59
CA ASP A 97 18.08 0.97 -7.23
C ASP A 97 18.90 2.25 -7.19
N HIS A 98 19.20 2.82 -8.35
CA HIS A 98 19.97 4.06 -8.40
C HIS A 98 19.05 5.25 -8.66
N LEU A 99 17.75 4.98 -8.70
CA LEU A 99 16.77 6.04 -8.81
C LEU A 99 16.50 6.65 -7.44
N GLN A 100 16.70 7.95 -7.31
CA GLN A 100 16.48 8.63 -6.05
C GLN A 100 15.17 9.40 -6.09
N THR A 101 14.23 8.85 -6.86
CA THR A 101 12.89 9.41 -7.00
C THR A 101 12.27 9.69 -5.64
N PRO A 102 11.66 10.88 -5.47
CA PRO A 102 11.05 11.31 -4.21
C PRO A 102 9.89 10.42 -3.79
N TYR A 103 9.74 10.25 -2.48
CA TYR A 103 8.68 9.42 -1.93
C TYR A 103 7.38 10.21 -1.86
N HIS A 104 6.25 9.50 -1.95
CA HIS A 104 4.94 10.12 -1.79
C HIS A 104 4.20 9.42 -0.65
N GLU A 105 3.52 10.21 0.16
CA GLU A 105 2.91 9.72 1.40
C GLU A 105 1.84 8.65 1.12
N THR A 106 0.78 9.03 0.42
CA THR A 106 -0.32 8.12 0.15
C THR A 106 -0.32 7.67 -1.31
N VAL A 107 -0.89 6.50 -1.55
CA VAL A 107 -0.99 5.95 -2.90
C VAL A 107 -1.92 6.80 -3.77
N TYR A 108 -2.91 7.44 -3.14
CA TYR A 108 -3.89 8.22 -3.87
C TYR A 108 -3.25 9.48 -4.45
N SER A 109 -2.49 10.18 -3.60
CA SER A 109 -1.81 11.40 -4.03
C SER A 109 -0.77 11.09 -5.09
N LEU A 110 -0.18 9.90 -5.02
CA LEU A 110 0.82 9.48 -5.99
C LEU A 110 0.17 9.15 -7.33
N LEU A 111 -0.85 8.29 -7.30
CA LEU A 111 -1.52 7.86 -8.51
C LEU A 111 -2.14 9.07 -9.22
N ASP A 112 -2.49 10.08 -8.42
CA ASP A 112 -3.06 11.32 -8.93
C ASP A 112 -2.10 12.06 -9.85
N THR A 113 -0.82 12.01 -9.49
CA THR A 113 0.20 12.73 -10.23
C THR A 113 0.68 11.94 -11.45
N LEU A 114 0.28 10.68 -11.54
CA LEU A 114 0.85 9.78 -12.54
C LEU A 114 -0.17 9.33 -13.59
N SER A 115 -1.46 9.49 -13.31
CA SER A 115 -2.49 9.05 -14.24
C SER A 115 -3.70 9.95 -14.21
N PRO A 116 -4.16 10.39 -15.39
CA PRO A 116 -5.41 11.16 -15.52
C PRO A 116 -6.63 10.27 -15.31
N ALA A 117 -6.44 8.96 -15.44
CA ALA A 117 -7.50 7.99 -15.26
C ALA A 117 -7.96 7.95 -13.82
N TYR A 118 -7.03 8.23 -12.92
CA TYR A 118 -7.34 8.35 -11.50
C TYR A 118 -8.35 9.47 -11.29
N ARG A 119 -8.11 10.58 -11.97
CA ARG A 119 -8.97 11.76 -11.84
C ARG A 119 -10.31 11.54 -12.54
N GLU A 120 -10.30 10.68 -13.54
CA GLU A 120 -11.54 10.23 -14.16
C GLU A 120 -12.35 9.44 -13.15
N ALA A 121 -11.76 8.36 -12.63
CA ALA A 121 -12.42 7.49 -11.67
C ALA A 121 -12.78 8.22 -10.39
N PHE A 122 -11.99 9.25 -10.06
CA PHE A 122 -12.24 10.07 -8.89
C PHE A 122 -13.64 10.68 -8.94
N GLY A 123 -13.98 11.27 -10.09
CA GLY A 123 -15.30 11.85 -10.26
C GLY A 123 -16.40 10.81 -10.16
N ASN A 124 -16.16 9.65 -10.77
CA ASN A 124 -17.11 8.55 -10.73
C ASN A 124 -17.29 8.06 -9.29
N ALA A 125 -16.20 8.01 -8.55
CA ALA A 125 -16.23 7.59 -7.16
C ALA A 125 -17.09 8.54 -6.33
N LEU A 126 -16.92 9.84 -6.55
CA LEU A 126 -17.69 10.85 -5.83
C LEU A 126 -19.19 10.70 -6.11
N LEU A 127 -19.56 10.61 -7.38
CA LEU A 127 -20.96 10.52 -7.74
C LEU A 127 -21.56 9.18 -7.30
N GLN A 128 -20.73 8.14 -7.24
CA GLN A 128 -21.18 6.84 -6.78
C GLN A 128 -21.46 6.88 -5.29
N ARG A 129 -20.60 7.58 -4.54
CA ARG A 129 -20.78 7.76 -3.11
C ARG A 129 -22.08 8.50 -2.82
N LEU A 130 -22.39 9.50 -3.65
CA LEU A 130 -23.61 10.27 -3.49
C LEU A 130 -24.83 9.41 -3.82
N GLU A 131 -24.72 8.62 -4.87
CA GLU A 131 -25.77 7.67 -5.23
C GLU A 131 -25.97 6.67 -4.09
N ALA A 132 -24.88 6.15 -3.55
CA ALA A 132 -24.92 5.21 -2.44
C ALA A 132 -25.52 5.87 -1.20
N LEU A 133 -25.32 7.17 -1.07
CA LEU A 133 -25.88 7.93 0.05
C LEU A 133 -27.40 7.98 -0.08
N LYS A 134 -27.88 8.13 -1.31
CA LYS A 134 -29.31 8.13 -1.59
C LYS A 134 -29.91 6.74 -1.33
N ARG A 135 -29.10 5.72 -1.53
CA ARG A 135 -29.53 4.33 -1.35
C ARG A 135 -29.42 3.90 0.11
N ASP A 136 -28.57 4.60 0.85
CA ASP A 136 -28.27 4.21 2.23
C ASP A 136 -29.48 4.42 3.14
N GLY A 137 -30.05 3.32 3.61
CA GLY A 137 -31.19 3.40 4.49
C GLY A 137 -31.75 2.04 4.82
N GLN A 138 -33.03 2.00 5.14
CA GLN A 138 -33.70 0.75 5.46
C GLN A 138 -34.62 0.33 4.31
N SER A 139 -34.49 -0.92 3.89
CA SER A 139 -35.29 -1.44 2.79
C SER A 139 -36.27 -2.50 3.29
N MET A 1 -5.31 19.99 29.86
CA MET A 1 -4.33 19.25 29.03
C MET A 1 -4.14 17.83 29.55
N GLU A 2 -4.26 16.86 28.66
CA GLU A 2 -4.02 15.47 29.01
C GLU A 2 -2.56 15.12 28.76
N THR A 3 -1.76 15.12 29.82
CA THR A 3 -0.35 14.78 29.72
C THR A 3 -0.18 13.31 29.37
N ASP A 4 -1.00 12.48 30.01
CA ASP A 4 -0.96 11.05 29.79
C ASP A 4 -2.34 10.44 30.00
N CYS A 5 -3.05 10.24 28.90
CA CYS A 5 -4.36 9.62 28.93
C CYS A 5 -4.23 8.14 29.26
N ASN A 6 -3.12 7.56 28.81
CA ASN A 6 -2.77 6.19 29.13
C ASN A 6 -1.26 6.01 29.03
N PRO A 7 -0.57 5.92 30.17
CA PRO A 7 0.87 5.69 30.20
C PRO A 7 1.23 4.27 29.78
N MET A 8 0.95 3.32 30.67
CA MET A 8 1.19 1.91 30.41
C MET A 8 0.46 1.09 31.46
N GLU A 9 0.05 -0.11 31.11
CA GLU A 9 -0.65 -0.96 32.04
C GLU A 9 0.33 -1.88 32.75
N LEU A 10 0.17 -2.02 34.06
CA LEU A 10 1.14 -2.75 34.88
C LEU A 10 1.16 -4.23 34.52
N SER A 11 0.04 -4.72 34.02
CA SER A 11 -0.04 -6.08 33.55
C SER A 11 -0.38 -6.11 32.07
N SER A 12 0.63 -6.30 31.22
CA SER A 12 0.41 -6.32 29.78
C SER A 12 0.90 -7.63 29.18
N MET A 13 2.09 -8.06 29.58
CA MET A 13 2.71 -9.27 29.06
C MET A 13 3.95 -9.60 29.87
N SER A 14 4.30 -10.88 29.94
CA SER A 14 5.51 -11.32 30.64
C SER A 14 6.73 -10.64 30.04
N GLY A 15 7.23 -9.63 30.73
CA GLY A 15 8.36 -8.88 30.22
C GLY A 15 9.34 -8.48 31.31
N PHE A 16 10.60 -8.75 31.07
CA PHE A 16 11.66 -8.41 32.00
C PHE A 16 12.94 -8.15 31.22
N GLU A 17 13.17 -6.90 30.88
CA GLU A 17 14.33 -6.53 30.08
C GLU A 17 15.51 -6.20 30.97
N GLU A 18 16.50 -7.08 30.98
CA GLU A 18 17.71 -6.87 31.75
C GLU A 18 18.52 -5.73 31.15
N GLY A 19 18.45 -5.60 29.82
CA GLY A 19 19.17 -4.56 29.14
C GLY A 19 18.25 -3.57 28.45
N SER A 20 17.55 -2.77 29.24
CA SER A 20 16.71 -1.71 28.69
C SER A 20 17.57 -0.55 28.20
N GLU A 21 18.03 -0.64 26.96
CA GLU A 21 18.85 0.41 26.35
C GLU A 21 18.14 1.76 26.38
N LEU A 22 17.06 1.86 25.62
CA LEU A 22 16.26 3.07 25.59
C LEU A 22 14.78 2.68 25.53
N ASN A 23 14.42 1.93 24.50
CA ASN A 23 13.06 1.41 24.38
C ASN A 23 13.09 -0.12 24.37
N GLY A 24 14.02 -0.68 23.60
CA GLY A 24 14.14 -2.12 23.50
C GLY A 24 13.20 -2.72 22.47
N PHE A 25 12.57 -1.85 21.68
CA PHE A 25 11.60 -2.29 20.68
C PHE A 25 12.31 -2.62 19.38
N GLU A 26 12.85 -3.83 19.31
CA GLU A 26 13.66 -4.25 18.17
C GLU A 26 12.85 -5.10 17.19
N GLY A 27 12.45 -4.47 16.09
CA GLY A 27 11.77 -5.18 15.01
C GLY A 27 10.34 -5.57 15.34
N THR A 28 9.94 -5.35 16.59
CA THR A 28 8.65 -5.79 17.08
C THR A 28 7.49 -5.12 16.34
N ASP A 29 7.73 -3.93 15.81
CA ASP A 29 6.68 -3.16 15.16
C ASP A 29 6.65 -3.42 13.65
N MET A 30 7.66 -4.13 13.14
CA MET A 30 7.77 -4.34 11.70
C MET A 30 6.73 -5.35 11.23
N LYS A 31 5.81 -4.85 10.42
CA LYS A 31 4.66 -5.64 9.98
C LYS A 31 4.81 -6.01 8.52
N ASP A 32 3.89 -6.85 8.03
CA ASP A 32 3.85 -7.16 6.61
C ASP A 32 3.30 -5.98 5.82
N MET A 33 4.18 -5.25 5.16
CA MET A 33 3.73 -4.17 4.29
C MET A 33 2.90 -4.75 3.14
N ARG A 34 3.08 -6.05 2.93
CA ARG A 34 2.33 -6.81 1.93
C ARG A 34 0.81 -6.71 2.15
N LEU A 35 0.38 -6.60 3.40
CA LEU A 35 -1.04 -6.54 3.72
C LEU A 35 -1.62 -5.22 3.24
N GLU A 36 -0.96 -4.14 3.63
CA GLU A 36 -1.33 -2.81 3.19
C GLU A 36 -1.18 -2.72 1.67
N ALA A 37 -0.25 -3.51 1.14
CA ALA A 37 0.01 -3.51 -0.28
C ALA A 37 -1.21 -4.00 -1.05
N GLU A 38 -1.74 -5.15 -0.64
CA GLU A 38 -2.90 -5.74 -1.29
C GLU A 38 -4.13 -4.86 -1.08
N ALA A 39 -4.17 -4.16 0.04
CA ALA A 39 -5.25 -3.22 0.32
C ALA A 39 -5.26 -2.11 -0.72
N VAL A 40 -4.08 -1.58 -1.00
CA VAL A 40 -3.91 -0.57 -2.04
C VAL A 40 -4.29 -1.13 -3.41
N VAL A 41 -3.79 -2.32 -3.70
CA VAL A 41 -4.05 -3.00 -4.98
C VAL A 41 -5.55 -3.08 -5.26
N ASN A 42 -6.31 -3.58 -4.30
CA ASN A 42 -7.74 -3.81 -4.50
C ASN A 42 -8.56 -2.54 -4.33
N ASP A 43 -7.89 -1.42 -4.09
CA ASP A 43 -8.58 -0.16 -3.90
C ASP A 43 -8.52 0.68 -5.17
N VAL A 44 -7.31 0.88 -5.68
CA VAL A 44 -7.11 1.71 -6.87
C VAL A 44 -7.23 0.90 -8.16
N LEU A 45 -7.53 -0.39 -8.01
CA LEU A 45 -7.66 -1.29 -9.16
C LEU A 45 -8.73 -0.78 -10.14
N PHE A 46 -9.77 -0.17 -9.61
CA PHE A 46 -10.90 0.27 -10.42
C PHE A 46 -10.59 1.58 -11.13
N ALA A 47 -9.46 2.18 -10.78
CA ALA A 47 -9.06 3.45 -11.37
C ALA A 47 -8.08 3.23 -12.51
N VAL A 48 -7.54 2.03 -12.58
CA VAL A 48 -6.60 1.65 -13.63
C VAL A 48 -7.13 0.45 -14.39
N ASN A 49 -6.29 -0.16 -15.23
CA ASN A 49 -6.72 -1.34 -15.98
C ASN A 49 -6.25 -2.63 -15.30
N ASN A 50 -5.04 -2.60 -14.74
CA ASN A 50 -4.49 -3.76 -14.06
C ASN A 50 -3.63 -3.30 -12.88
N MET A 51 -3.59 -4.09 -11.82
CA MET A 51 -2.87 -3.68 -10.61
C MET A 51 -2.65 -4.89 -9.70
N PHE A 52 -1.40 -5.22 -9.43
CA PHE A 52 -1.08 -6.33 -8.52
C PHE A 52 0.38 -6.25 -8.04
N VAL A 53 0.68 -6.97 -6.96
CA VAL A 53 2.01 -6.97 -6.37
C VAL A 53 3.06 -7.51 -7.35
N SER A 54 4.29 -7.02 -7.23
CA SER A 54 5.38 -7.46 -8.09
C SER A 54 5.67 -8.93 -7.91
N LYS A 55 6.12 -9.59 -8.98
CA LYS A 55 6.31 -11.02 -8.95
C LYS A 55 7.79 -11.39 -9.05
N SER A 56 8.62 -10.43 -9.41
CA SER A 56 10.03 -10.71 -9.66
C SER A 56 10.89 -10.22 -8.51
N LEU A 57 10.25 -9.85 -7.40
CA LEU A 57 10.96 -9.30 -6.28
C LEU A 57 10.45 -9.91 -4.99
N ARG A 58 10.65 -9.20 -3.91
CA ARG A 58 10.33 -9.70 -2.58
C ARG A 58 9.62 -8.63 -1.75
N CYS A 59 8.88 -9.06 -0.74
CA CYS A 59 8.30 -8.16 0.22
C CYS A 59 8.97 -8.37 1.57
N ALA A 60 10.03 -7.62 1.82
CA ALA A 60 10.83 -7.82 3.02
C ALA A 60 10.31 -6.96 4.16
N ASP A 61 9.26 -7.44 4.81
CA ASP A 61 8.66 -6.78 5.96
C ASP A 61 8.12 -5.39 5.60
N ASP A 62 8.99 -4.40 5.60
CA ASP A 62 8.59 -3.00 5.45
C ASP A 62 8.48 -2.63 3.98
N VAL A 63 9.15 -3.38 3.12
CA VAL A 63 9.16 -3.07 1.70
C VAL A 63 8.28 -4.03 0.91
N ALA A 64 7.38 -3.47 0.12
CA ALA A 64 6.57 -4.25 -0.80
C ALA A 64 6.54 -3.60 -2.17
N TYR A 65 7.03 -4.31 -3.18
CA TYR A 65 7.02 -3.80 -4.54
C TYR A 65 5.70 -4.16 -5.21
N ILE A 66 5.10 -3.19 -5.88
CA ILE A 66 3.82 -3.40 -6.55
C ILE A 66 3.89 -2.91 -8.00
N ASN A 67 3.21 -3.61 -8.90
CA ASN A 67 3.11 -3.17 -10.30
C ASN A 67 1.73 -2.60 -10.56
N VAL A 68 1.69 -1.51 -11.31
CA VAL A 68 0.43 -0.87 -11.66
C VAL A 68 0.38 -0.56 -13.14
N GLU A 69 -0.76 -0.88 -13.75
CA GLU A 69 -0.98 -0.61 -15.16
C GLU A 69 -2.16 0.34 -15.30
N THR A 70 -1.86 1.60 -15.54
CA THR A 70 -2.87 2.65 -15.60
C THR A 70 -3.75 2.51 -16.84
N LYS A 71 -4.67 3.45 -17.03
CA LYS A 71 -5.62 3.36 -18.14
C LYS A 71 -4.97 3.80 -19.44
N GLU A 72 -3.88 4.54 -19.33
CA GLU A 72 -3.05 4.87 -20.49
C GLU A 72 -2.07 3.73 -20.74
N ARG A 73 -2.22 2.69 -19.91
CA ARG A 73 -1.41 1.47 -19.99
C ARG A 73 0.05 1.73 -19.70
N ASN A 74 0.30 2.66 -18.79
CA ASN A 74 1.66 2.89 -18.31
C ASN A 74 1.91 2.00 -17.11
N ARG A 75 3.04 1.31 -17.12
CA ARG A 75 3.41 0.47 -15.99
C ARG A 75 4.32 1.23 -15.05
N TYR A 76 4.04 1.13 -13.76
CA TYR A 76 4.89 1.72 -12.76
C TYR A 76 5.24 0.69 -11.69
N CYS A 77 6.47 0.74 -11.21
CA CYS A 77 6.90 -0.11 -10.12
C CYS A 77 6.97 0.70 -8.84
N LEU A 78 6.19 0.31 -7.84
CA LEU A 78 6.07 1.09 -6.63
C LEU A 78 6.70 0.37 -5.45
N GLU A 79 7.47 1.12 -4.70
CA GLU A 79 8.11 0.64 -3.49
C GLU A 79 7.31 1.12 -2.28
N LEU A 80 6.46 0.25 -1.75
CA LEU A 80 5.66 0.60 -0.59
C LEU A 80 6.44 0.30 0.68
N THR A 81 6.69 1.33 1.46
CA THR A 81 7.45 1.19 2.70
C THR A 81 6.85 2.06 3.80
N GLU A 82 7.54 2.15 4.92
CA GLU A 82 7.13 3.03 6.02
C GLU A 82 7.02 4.47 5.55
N ALA A 83 7.75 4.81 4.49
CA ALA A 83 7.81 6.18 4.00
C ALA A 83 6.71 6.46 2.98
N GLY A 84 5.88 5.45 2.71
CA GLY A 84 4.77 5.63 1.80
C GLY A 84 5.00 4.91 0.50
N LEU A 85 4.52 5.48 -0.59
CA LEU A 85 4.68 4.86 -1.90
C LEU A 85 5.72 5.61 -2.73
N LYS A 86 6.72 4.87 -3.17
CA LYS A 86 7.82 5.43 -3.94
C LYS A 86 7.79 4.83 -5.35
N VAL A 87 8.26 5.57 -6.34
CA VAL A 87 8.39 5.03 -7.69
C VAL A 87 9.83 4.55 -7.92
N VAL A 88 10.00 3.30 -8.31
CA VAL A 88 11.32 2.75 -8.54
C VAL A 88 11.55 2.42 -10.01
N GLY A 89 10.57 2.74 -10.84
CA GLY A 89 10.70 2.47 -12.26
C GLY A 89 9.36 2.53 -12.96
N TYR A 90 9.40 2.60 -14.28
CA TYR A 90 8.18 2.64 -15.07
C TYR A 90 8.18 1.54 -16.11
N ALA A 91 7.94 0.33 -15.64
CA ALA A 91 7.83 -0.85 -16.48
C ALA A 91 7.22 -1.96 -15.66
N PHE A 92 7.14 -3.16 -16.20
CA PHE A 92 6.63 -4.29 -15.47
C PHE A 92 7.77 -5.04 -14.79
N ASP A 93 7.81 -4.94 -13.46
CA ASP A 93 8.91 -5.48 -12.65
C ASP A 93 10.25 -4.92 -13.12
N GLN A 94 10.47 -3.63 -12.87
CA GLN A 94 11.69 -2.97 -13.25
C GLN A 94 12.08 -1.94 -12.20
N VAL A 95 13.08 -2.28 -11.40
CA VAL A 95 13.57 -1.38 -10.37
C VAL A 95 14.91 -0.80 -10.80
N ASP A 96 14.98 0.52 -10.88
CA ASP A 96 16.20 1.19 -11.28
C ASP A 96 16.60 2.21 -10.22
N ASP A 97 17.84 2.10 -9.75
CA ASP A 97 18.34 2.96 -8.67
C ASP A 97 18.57 4.38 -9.14
N HIS A 98 18.39 4.62 -10.43
CA HIS A 98 18.49 5.96 -10.99
C HIS A 98 17.24 6.75 -10.66
N LEU A 99 16.17 6.04 -10.32
CA LEU A 99 14.91 6.66 -9.96
C LEU A 99 14.70 6.62 -8.46
N GLN A 100 14.75 7.79 -7.84
CA GLN A 100 14.48 7.92 -6.42
C GLN A 100 13.39 8.95 -6.17
N THR A 101 12.40 8.94 -7.07
CA THR A 101 11.26 9.85 -7.00
C THR A 101 10.65 9.88 -5.60
N PRO A 102 10.30 11.08 -5.12
CA PRO A 102 9.85 11.32 -3.74
C PRO A 102 8.72 10.40 -3.30
N TYR A 103 8.83 9.94 -2.06
CA TYR A 103 7.81 9.10 -1.46
C TYR A 103 6.51 9.87 -1.34
N HIS A 104 5.43 9.28 -1.82
CA HIS A 104 4.13 9.92 -1.73
C HIS A 104 3.36 9.41 -0.51
N GLU A 105 2.61 10.31 0.10
CA GLU A 105 1.94 10.04 1.37
C GLU A 105 0.86 8.97 1.21
N THR A 106 0.09 9.09 0.13
CA THR A 106 -0.98 8.15 -0.14
C THR A 106 -0.89 7.63 -1.58
N VAL A 107 -1.56 6.53 -1.84
CA VAL A 107 -1.63 5.98 -3.19
C VAL A 107 -2.49 6.90 -4.07
N TYR A 108 -3.41 7.60 -3.41
CA TYR A 108 -4.29 8.54 -4.10
C TYR A 108 -3.47 9.69 -4.68
N SER A 109 -2.60 10.26 -3.85
CA SER A 109 -1.74 11.35 -4.27
C SER A 109 -0.70 10.86 -5.29
N LEU A 110 -0.33 9.59 -5.18
CA LEU A 110 0.67 9.01 -6.07
C LEU A 110 0.11 8.80 -7.48
N LEU A 111 -0.97 8.04 -7.59
CA LEU A 111 -1.56 7.76 -8.89
C LEU A 111 -2.05 9.05 -9.56
N ASP A 112 -2.35 10.04 -8.74
CA ASP A 112 -2.76 11.34 -9.24
C ASP A 112 -1.62 12.01 -10.01
N THR A 113 -0.39 11.77 -9.57
CA THR A 113 0.78 12.36 -10.21
C THR A 113 1.26 11.50 -11.39
N LEU A 114 0.71 10.31 -11.52
CA LEU A 114 1.21 9.35 -12.49
C LEU A 114 0.22 9.07 -13.61
N SER A 115 -1.06 9.19 -13.32
CA SER A 115 -2.09 8.91 -14.31
C SER A 115 -3.19 9.96 -14.28
N PRO A 116 -3.50 10.56 -15.44
CA PRO A 116 -4.55 11.57 -15.56
C PRO A 116 -5.96 10.99 -15.46
N ALA A 117 -6.10 9.70 -15.79
CA ALA A 117 -7.40 9.06 -15.78
C ALA A 117 -7.80 8.63 -14.37
N TYR A 118 -6.88 8.78 -13.43
CA TYR A 118 -7.10 8.37 -12.05
C TYR A 118 -8.26 9.14 -11.42
N ARG A 119 -8.22 10.47 -11.53
CA ARG A 119 -9.26 11.32 -10.95
C ARG A 119 -10.59 11.14 -11.68
N GLU A 120 -10.52 10.71 -12.94
CA GLU A 120 -11.72 10.55 -13.75
C GLU A 120 -12.43 9.24 -13.43
N ALA A 121 -11.65 8.19 -13.19
CA ALA A 121 -12.20 6.88 -12.87
C ALA A 121 -12.53 6.76 -11.38
N PHE A 122 -12.27 7.84 -10.64
CA PHE A 122 -12.52 7.87 -9.20
C PHE A 122 -13.98 7.58 -8.90
N GLY A 123 -14.88 8.11 -9.71
CA GLY A 123 -16.30 7.89 -9.53
C GLY A 123 -16.67 6.43 -9.70
N ASN A 124 -15.97 5.74 -10.59
CA ASN A 124 -16.22 4.33 -10.88
C ASN A 124 -15.90 3.48 -9.66
N ALA A 125 -14.83 3.85 -8.96
CA ALA A 125 -14.43 3.15 -7.74
C ALA A 125 -15.49 3.32 -6.66
N LEU A 126 -16.08 4.51 -6.60
CA LEU A 126 -17.11 4.81 -5.62
C LEU A 126 -18.36 3.96 -5.84
N LEU A 127 -18.90 3.99 -7.06
CA LEU A 127 -20.11 3.24 -7.37
C LEU A 127 -19.86 1.73 -7.29
N GLN A 128 -18.59 1.34 -7.40
CA GLN A 128 -18.22 -0.06 -7.36
C GLN A 128 -18.42 -0.63 -5.95
N ARG A 129 -18.40 0.24 -4.93
CA ARG A 129 -18.64 -0.19 -3.56
C ARG A 129 -19.99 -0.89 -3.44
N LEU A 130 -21.00 -0.33 -4.09
CA LEU A 130 -22.34 -0.89 -4.06
C LEU A 130 -22.45 -2.06 -5.03
N GLU A 131 -21.93 -1.86 -6.23
CA GLU A 131 -22.04 -2.85 -7.29
C GLU A 131 -21.33 -4.15 -6.91
N ALA A 132 -20.14 -4.04 -6.35
CA ALA A 132 -19.36 -5.22 -5.96
C ALA A 132 -20.08 -6.03 -4.88
N LEU A 133 -20.79 -5.33 -4.01
CA LEU A 133 -21.52 -5.97 -2.92
C LEU A 133 -22.71 -6.75 -3.46
N LYS A 134 -23.26 -6.29 -4.58
CA LYS A 134 -24.38 -6.97 -5.23
C LYS A 134 -23.87 -8.02 -6.21
N ARG A 135 -22.65 -7.80 -6.72
CA ARG A 135 -22.03 -8.74 -7.65
C ARG A 135 -21.60 -10.00 -6.91
N ASP A 136 -21.01 -9.83 -5.74
CA ASP A 136 -20.58 -10.95 -4.92
C ASP A 136 -21.77 -11.53 -4.19
N GLY A 137 -21.86 -12.85 -4.16
CA GLY A 137 -23.00 -13.49 -3.54
C GLY A 137 -22.63 -14.37 -2.38
N GLN A 138 -23.39 -15.44 -2.20
CA GLN A 138 -23.15 -16.39 -1.12
C GLN A 138 -23.78 -17.74 -1.46
N SER A 139 -22.98 -18.79 -1.42
CA SER A 139 -23.41 -20.13 -1.81
C SER A 139 -24.16 -20.12 -3.14
N MET A 1 10.75 -6.00 51.61
CA MET A 1 9.96 -6.55 52.75
C MET A 1 10.88 -6.83 53.92
N GLU A 2 11.89 -7.65 53.71
CA GLU A 2 12.90 -7.92 54.71
C GLU A 2 14.26 -7.60 54.14
N THR A 3 15.32 -7.79 54.92
CA THR A 3 16.66 -7.60 54.41
C THR A 3 16.93 -8.61 53.30
N ASP A 4 16.96 -8.12 52.07
CA ASP A 4 16.99 -8.98 50.90
C ASP A 4 18.38 -9.50 50.64
N CYS A 5 18.72 -10.60 51.28
CA CYS A 5 19.98 -11.26 51.09
C CYS A 5 19.76 -12.74 50.80
N ASN A 6 19.47 -13.06 49.54
CA ASN A 6 19.18 -14.43 49.16
C ASN A 6 19.42 -14.65 47.68
N PRO A 7 20.61 -15.15 47.31
CA PRO A 7 20.94 -15.51 45.93
C PRO A 7 20.61 -16.97 45.62
N MET A 8 19.86 -17.58 46.52
CA MET A 8 19.49 -18.99 46.40
C MET A 8 18.02 -19.16 46.75
N GLU A 9 17.62 -20.34 47.17
CA GLU A 9 16.25 -20.54 47.64
C GLU A 9 16.21 -21.54 48.78
N LEU A 10 15.18 -21.45 49.58
CA LEU A 10 14.89 -22.46 50.59
C LEU A 10 13.96 -23.49 49.97
N SER A 11 12.81 -22.99 49.54
CA SER A 11 11.86 -23.75 48.75
C SER A 11 10.93 -22.77 48.05
N SER A 12 11.41 -22.21 46.95
CA SER A 12 10.72 -21.11 46.29
C SER A 12 10.36 -21.48 44.86
N MET A 13 10.15 -22.78 44.65
CA MET A 13 9.77 -23.31 43.34
C MET A 13 8.53 -22.59 42.81
N SER A 14 8.66 -22.03 41.61
CA SER A 14 7.58 -21.29 41.00
C SER A 14 7.59 -21.47 39.48
N GLY A 15 6.68 -22.31 39.00
CA GLY A 15 6.58 -22.60 37.59
C GLY A 15 5.15 -22.94 37.20
N PHE A 16 4.56 -22.10 36.36
CA PHE A 16 3.16 -22.28 35.98
C PHE A 16 2.91 -21.81 34.55
N GLU A 17 3.97 -21.69 33.77
CA GLU A 17 3.85 -21.22 32.38
C GLU A 17 3.62 -22.40 31.45
N GLU A 18 3.17 -23.51 32.01
CA GLU A 18 2.83 -24.69 31.24
C GLU A 18 1.79 -24.35 30.18
N GLY A 19 2.03 -24.82 28.96
CA GLY A 19 1.17 -24.46 27.85
C GLY A 19 1.80 -23.37 27.00
N SER A 20 2.56 -22.51 27.65
CA SER A 20 3.27 -21.44 26.95
C SER A 20 4.72 -21.86 26.71
N GLU A 21 4.96 -23.15 26.86
CA GLU A 21 6.30 -23.72 26.74
C GLU A 21 6.60 -24.11 25.29
N LEU A 22 5.85 -23.54 24.36
CA LEU A 22 5.98 -23.89 22.95
C LEU A 22 7.14 -23.17 22.29
N ASN A 23 8.33 -23.77 22.41
CA ASN A 23 9.55 -23.28 21.74
C ASN A 23 10.07 -21.98 22.37
N GLY A 24 9.22 -20.97 22.44
CA GLY A 24 9.65 -19.67 22.91
C GLY A 24 10.30 -18.87 21.80
N PHE A 25 9.67 -18.91 20.63
CA PHE A 25 10.21 -18.27 19.44
C PHE A 25 9.59 -16.89 19.25
N GLU A 26 10.41 -15.86 19.42
CA GLU A 26 9.97 -14.49 19.22
C GLU A 26 10.35 -14.02 17.82
N GLY A 27 9.36 -13.90 16.95
CA GLY A 27 9.61 -13.43 15.60
C GLY A 27 9.24 -11.96 15.45
N THR A 28 8.24 -11.54 16.22
CA THR A 28 7.74 -10.17 16.19
C THR A 28 7.06 -9.86 14.85
N ASP A 29 5.75 -10.06 14.83
CA ASP A 29 4.96 -9.92 13.62
C ASP A 29 4.72 -8.45 13.25
N MET A 30 3.95 -7.75 14.08
CA MET A 30 3.62 -6.34 13.88
C MET A 30 2.72 -6.13 12.66
N LYS A 31 3.33 -5.82 11.51
CA LYS A 31 2.56 -5.49 10.32
C LYS A 31 3.30 -5.91 9.06
N ASP A 32 2.66 -6.74 8.24
CA ASP A 32 3.18 -7.06 6.92
C ASP A 32 2.75 -5.98 5.94
N MET A 33 3.67 -5.55 5.09
CA MET A 33 3.35 -4.53 4.10
C MET A 33 2.45 -5.13 3.03
N ARG A 34 2.54 -6.45 2.88
CA ARG A 34 1.73 -7.18 1.90
C ARG A 34 0.24 -6.95 2.12
N LEU A 35 -0.15 -6.87 3.39
CA LEU A 35 -1.57 -6.73 3.75
C LEU A 35 -2.11 -5.40 3.21
N GLU A 36 -1.47 -4.32 3.62
CA GLU A 36 -1.87 -2.99 3.21
C GLU A 36 -1.61 -2.81 1.71
N ALA A 37 -0.68 -3.59 1.18
CA ALA A 37 -0.38 -3.56 -0.25
C ALA A 37 -1.57 -4.05 -1.06
N GLU A 38 -2.07 -5.23 -0.70
CA GLU A 38 -3.21 -5.82 -1.39
C GLU A 38 -4.46 -4.99 -1.15
N ALA A 39 -4.53 -4.36 0.01
CA ALA A 39 -5.64 -3.45 0.33
C ALA A 39 -5.69 -2.30 -0.67
N VAL A 40 -4.51 -1.73 -0.94
CA VAL A 40 -4.39 -0.67 -1.94
C VAL A 40 -4.76 -1.18 -3.33
N VAL A 41 -4.22 -2.34 -3.69
CA VAL A 41 -4.48 -2.95 -4.98
C VAL A 41 -5.99 -3.09 -5.24
N ASN A 42 -6.71 -3.59 -4.25
CA ASN A 42 -8.13 -3.85 -4.40
C ASN A 42 -8.96 -2.60 -4.09
N ASP A 43 -8.29 -1.49 -3.82
CA ASP A 43 -8.97 -0.25 -3.51
C ASP A 43 -9.01 0.69 -4.72
N VAL A 44 -7.85 0.92 -5.32
CA VAL A 44 -7.74 1.85 -6.43
C VAL A 44 -7.61 1.12 -7.77
N LEU A 45 -7.98 -0.15 -7.77
CA LEU A 45 -7.88 -1.00 -8.96
C LEU A 45 -8.56 -0.37 -10.17
N PHE A 46 -9.69 0.29 -9.94
CA PHE A 46 -10.50 0.85 -11.04
C PHE A 46 -9.85 2.10 -11.63
N ALA A 47 -8.88 2.68 -10.92
CA ALA A 47 -8.23 3.90 -11.38
C ALA A 47 -7.23 3.60 -12.50
N VAL A 48 -6.75 2.36 -12.51
CA VAL A 48 -5.81 1.91 -13.53
C VAL A 48 -6.36 0.65 -14.20
N ASN A 49 -5.52 -0.03 -14.97
CA ASN A 49 -5.92 -1.29 -15.57
C ASN A 49 -5.89 -2.41 -14.53
N ASN A 50 -4.74 -2.58 -13.90
CA ASN A 50 -4.59 -3.58 -12.86
C ASN A 50 -3.32 -3.33 -12.07
N MET A 51 -3.27 -3.88 -10.86
CA MET A 51 -2.09 -3.79 -10.02
C MET A 51 -1.74 -5.18 -9.52
N PHE A 52 -0.46 -5.48 -9.45
CA PHE A 52 -0.01 -6.79 -9.01
C PHE A 52 1.27 -6.67 -8.18
N VAL A 53 1.27 -7.29 -7.00
CA VAL A 53 2.45 -7.26 -6.15
C VAL A 53 3.56 -8.11 -6.77
N SER A 54 4.77 -7.55 -6.79
CA SER A 54 5.90 -8.16 -7.46
C SER A 54 6.28 -9.50 -6.82
N LYS A 55 6.67 -10.44 -7.67
CA LYS A 55 7.02 -11.78 -7.22
C LYS A 55 8.44 -12.12 -7.67
N SER A 56 9.15 -11.16 -8.24
CA SER A 56 10.49 -11.43 -8.76
C SER A 56 11.56 -10.74 -7.90
N LEU A 57 11.13 -10.04 -6.86
CA LEU A 57 12.05 -9.25 -6.06
C LEU A 57 12.05 -9.69 -4.61
N ARG A 58 11.22 -9.03 -3.80
CA ARG A 58 11.14 -9.33 -2.37
C ARG A 58 9.94 -8.60 -1.77
N CYS A 59 9.49 -9.10 -0.62
CA CYS A 59 8.48 -8.41 0.18
C CYS A 59 8.12 -9.25 1.39
N ALA A 60 7.61 -8.57 2.40
CA ALA A 60 7.11 -9.23 3.60
C ALA A 60 6.43 -8.23 4.51
N ASP A 61 7.23 -7.50 5.26
CA ASP A 61 6.73 -6.63 6.32
C ASP A 61 7.15 -5.17 6.11
N ASP A 62 8.43 -4.93 5.91
CA ASP A 62 8.91 -3.57 5.68
C ASP A 62 8.79 -3.19 4.21
N VAL A 63 9.11 -4.13 3.35
CA VAL A 63 9.20 -3.86 1.92
C VAL A 63 8.09 -4.58 1.14
N ALA A 64 7.54 -3.90 0.15
CA ALA A 64 6.57 -4.49 -0.76
C ALA A 64 6.60 -3.80 -2.11
N TYR A 65 7.08 -4.51 -3.13
CA TYR A 65 7.09 -3.96 -4.48
C TYR A 65 5.75 -4.24 -5.16
N ILE A 66 5.16 -3.21 -5.75
CA ILE A 66 3.90 -3.36 -6.45
C ILE A 66 4.00 -2.82 -7.87
N ASN A 67 3.53 -3.60 -8.83
CA ASN A 67 3.52 -3.17 -10.22
C ASN A 67 2.13 -2.63 -10.56
N VAL A 68 2.07 -1.38 -10.98
CA VAL A 68 0.81 -0.75 -11.33
C VAL A 68 0.76 -0.45 -12.83
N GLU A 69 -0.25 -0.98 -13.49
CA GLU A 69 -0.44 -0.74 -14.91
C GLU A 69 -1.62 0.21 -15.12
N THR A 70 -1.32 1.38 -15.66
CA THR A 70 -2.34 2.40 -15.86
C THR A 70 -3.15 2.11 -17.12
N LYS A 71 -4.24 2.85 -17.29
CA LYS A 71 -5.12 2.66 -18.43
C LYS A 71 -4.41 3.01 -19.74
N GLU A 72 -3.32 3.76 -19.63
CA GLU A 72 -2.57 4.22 -20.79
C GLU A 72 -1.50 3.20 -21.19
N ARG A 73 -1.36 2.16 -20.37
CA ARG A 73 -0.31 1.14 -20.55
C ARG A 73 1.05 1.71 -20.18
N ASN A 74 1.01 2.73 -19.35
CA ASN A 74 2.22 3.31 -18.79
C ASN A 74 2.37 2.82 -17.36
N ARG A 75 3.29 1.90 -17.14
CA ARG A 75 3.34 1.17 -15.88
C ARG A 75 4.52 1.62 -15.04
N TYR A 76 4.37 1.51 -13.74
CA TYR A 76 5.39 1.92 -12.80
C TYR A 76 5.58 0.85 -11.73
N CYS A 77 6.80 0.74 -11.21
CA CYS A 77 7.06 -0.14 -10.09
C CYS A 77 7.15 0.69 -8.82
N LEU A 78 6.32 0.35 -7.85
CA LEU A 78 6.27 1.12 -6.62
C LEU A 78 6.89 0.35 -5.47
N GLU A 79 7.77 1.02 -4.74
CA GLU A 79 8.34 0.48 -3.52
C GLU A 79 7.50 0.95 -2.35
N LEU A 80 6.73 0.04 -1.77
CA LEU A 80 5.86 0.38 -0.66
C LEU A 80 6.58 0.13 0.66
N THR A 81 6.87 1.21 1.35
CA THR A 81 7.59 1.15 2.62
C THR A 81 7.00 2.17 3.60
N GLU A 82 7.71 2.44 4.69
CA GLU A 82 7.25 3.42 5.67
C GLU A 82 7.48 4.83 5.15
N ALA A 83 8.20 4.94 4.05
CA ALA A 83 8.43 6.23 3.41
C ALA A 83 7.30 6.54 2.44
N GLY A 84 6.40 5.58 2.27
CA GLY A 84 5.28 5.76 1.38
C GLY A 84 5.45 4.96 0.11
N LEU A 85 4.94 5.49 -0.99
CA LEU A 85 5.05 4.84 -2.29
C LEU A 85 6.13 5.51 -3.11
N LYS A 86 7.23 4.80 -3.31
CA LYS A 86 8.40 5.34 -4.01
C LYS A 86 8.60 4.62 -5.33
N VAL A 87 8.37 5.31 -6.44
CA VAL A 87 8.53 4.71 -7.76
C VAL A 87 9.99 4.39 -8.05
N VAL A 88 10.25 3.15 -8.44
CA VAL A 88 11.61 2.68 -8.66
C VAL A 88 11.82 2.16 -10.08
N GLY A 89 10.80 2.27 -10.93
CA GLY A 89 10.93 1.80 -12.29
C GLY A 89 9.75 2.16 -13.16
N TYR A 90 9.98 2.17 -14.47
CA TYR A 90 8.94 2.54 -15.44
C TYR A 90 8.58 1.34 -16.31
N ALA A 91 8.93 0.15 -15.82
CA ALA A 91 8.66 -1.09 -16.53
C ALA A 91 8.29 -2.17 -15.52
N PHE A 92 7.68 -3.25 -15.99
CA PHE A 92 7.31 -4.34 -15.10
C PHE A 92 8.57 -5.04 -14.58
N ASP A 93 8.62 -5.20 -13.26
CA ASP A 93 9.74 -5.87 -12.57
C ASP A 93 11.04 -5.09 -12.77
N GLN A 94 10.90 -3.80 -13.04
CA GLN A 94 12.05 -2.94 -13.26
C GLN A 94 12.24 -2.03 -12.05
N VAL A 95 13.30 -2.27 -11.30
CA VAL A 95 13.55 -1.52 -10.08
C VAL A 95 14.99 -1.04 -10.03
N ASP A 96 15.17 0.25 -9.81
CA ASP A 96 16.48 0.84 -9.68
C ASP A 96 16.48 1.84 -8.52
N ASP A 97 17.24 1.51 -7.47
CA ASP A 97 17.23 2.31 -6.24
C ASP A 97 18.03 3.60 -6.43
N HIS A 98 18.75 3.69 -7.53
CA HIS A 98 19.51 4.89 -7.84
C HIS A 98 18.58 6.03 -8.21
N LEU A 99 17.34 5.67 -8.55
CA LEU A 99 16.35 6.68 -8.89
C LEU A 99 15.97 7.50 -7.67
N GLN A 100 16.29 8.78 -7.73
CA GLN A 100 16.01 9.70 -6.63
C GLN A 100 14.67 10.37 -6.84
N THR A 101 13.71 9.57 -7.28
CA THR A 101 12.35 10.01 -7.54
C THR A 101 11.62 10.36 -6.23
N PRO A 102 10.85 11.46 -6.24
CA PRO A 102 10.06 11.87 -5.07
C PRO A 102 8.91 10.91 -4.79
N TYR A 103 8.94 10.31 -3.61
CA TYR A 103 7.87 9.40 -3.19
C TYR A 103 6.67 10.18 -2.67
N HIS A 104 5.53 9.53 -2.60
CA HIS A 104 4.31 10.16 -2.12
C HIS A 104 3.71 9.35 -0.99
N GLU A 105 2.94 10.02 -0.14
CA GLU A 105 2.41 9.42 1.07
C GLU A 105 1.28 8.44 0.76
N THR A 106 0.22 8.93 0.15
CA THR A 106 -0.94 8.09 -0.16
C THR A 106 -0.95 7.68 -1.62
N VAL A 107 -1.65 6.60 -1.92
CA VAL A 107 -1.74 6.11 -3.29
C VAL A 107 -2.63 7.05 -4.11
N TYR A 108 -3.54 7.73 -3.43
CA TYR A 108 -4.44 8.67 -4.08
C TYR A 108 -3.65 9.85 -4.65
N SER A 109 -2.89 10.52 -3.80
CA SER A 109 -2.10 11.67 -4.21
C SER A 109 -1.06 11.26 -5.25
N LEU A 110 -0.54 10.05 -5.10
CA LEU A 110 0.43 9.51 -6.05
C LEU A 110 -0.20 9.38 -7.43
N LEU A 111 -1.28 8.60 -7.52
CA LEU A 111 -1.91 8.31 -8.81
C LEU A 111 -2.51 9.55 -9.45
N ASP A 112 -2.73 10.59 -8.64
CA ASP A 112 -3.36 11.81 -9.14
C ASP A 112 -2.30 12.63 -9.84
N THR A 113 -1.09 12.29 -9.47
CA THR A 113 0.10 12.89 -9.99
C THR A 113 0.60 12.11 -11.22
N LEU A 114 0.08 10.89 -11.39
CA LEU A 114 0.54 10.01 -12.45
C LEU A 114 -0.41 9.96 -13.63
N SER A 115 -1.70 9.75 -13.37
CA SER A 115 -2.66 9.57 -14.45
C SER A 115 -3.83 10.54 -14.34
N PRO A 116 -4.20 11.19 -15.46
CA PRO A 116 -5.35 12.08 -15.51
C PRO A 116 -6.67 11.31 -15.51
N ALA A 117 -6.62 10.06 -15.97
CA ALA A 117 -7.79 9.20 -15.99
C ALA A 117 -8.17 8.77 -14.57
N TYR A 118 -7.30 9.10 -13.62
CA TYR A 118 -7.56 8.81 -12.22
C TYR A 118 -8.82 9.53 -11.76
N ARG A 119 -8.89 10.83 -12.02
CA ARG A 119 -10.02 11.63 -11.59
C ARG A 119 -11.28 11.26 -12.36
N GLU A 120 -11.09 10.70 -13.54
CA GLU A 120 -12.19 10.22 -14.36
C GLU A 120 -12.86 9.03 -13.67
N ALA A 121 -12.04 8.07 -13.27
CA ALA A 121 -12.52 6.86 -12.61
C ALA A 121 -12.91 7.13 -11.16
N PHE A 122 -12.19 8.04 -10.52
CA PHE A 122 -12.45 8.38 -9.13
C PHE A 122 -13.79 9.09 -8.99
N GLY A 123 -14.21 9.75 -10.07
CA GLY A 123 -15.49 10.44 -10.07
C GLY A 123 -16.66 9.50 -9.86
N ASN A 124 -16.42 8.21 -10.05
CA ASN A 124 -17.42 7.17 -9.83
C ASN A 124 -17.89 7.21 -8.38
N ALA A 125 -16.98 7.53 -7.47
CA ALA A 125 -17.31 7.61 -6.05
C ALA A 125 -18.21 8.81 -5.78
N LEU A 126 -17.93 9.91 -6.46
CA LEU A 126 -18.67 11.15 -6.25
C LEU A 126 -20.10 11.04 -6.78
N LEU A 127 -20.25 10.46 -7.97
CA LEU A 127 -21.58 10.32 -8.57
C LEU A 127 -22.42 9.27 -7.82
N GLN A 128 -21.74 8.36 -7.14
CA GLN A 128 -22.41 7.37 -6.32
C GLN A 128 -22.80 8.00 -4.99
N ARG A 129 -21.89 8.80 -4.43
CA ARG A 129 -22.13 9.49 -3.17
C ARG A 129 -23.31 10.45 -3.31
N LEU A 130 -23.47 10.99 -4.51
CA LEU A 130 -24.55 11.94 -4.80
C LEU A 130 -25.92 11.28 -4.64
N GLU A 131 -25.97 9.97 -4.90
CA GLU A 131 -27.21 9.22 -4.74
C GLU A 131 -27.64 9.18 -3.28
N ALA A 132 -26.67 9.30 -2.38
CA ALA A 132 -26.95 9.29 -0.95
C ALA A 132 -27.53 10.63 -0.51
N LEU A 133 -27.11 11.70 -1.19
CA LEU A 133 -27.63 13.03 -0.90
C LEU A 133 -29.11 13.11 -1.29
N LYS A 134 -29.45 12.41 -2.36
CA LYS A 134 -30.83 12.37 -2.83
C LYS A 134 -31.70 11.54 -1.88
N ARG A 135 -31.12 10.47 -1.36
CA ARG A 135 -31.85 9.56 -0.48
C ARG A 135 -31.74 9.97 0.98
N ASP A 136 -31.13 11.12 1.22
CA ASP A 136 -30.96 11.64 2.58
C ASP A 136 -32.30 12.02 3.19
N GLY A 137 -33.07 12.82 2.46
CA GLY A 137 -34.37 13.23 2.92
C GLY A 137 -35.34 13.46 1.78
N GLN A 138 -36.21 14.44 1.95
CA GLN A 138 -37.21 14.74 0.94
C GLN A 138 -36.86 16.03 0.21
N SER A 139 -37.53 16.24 -0.92
CA SER A 139 -37.35 17.44 -1.72
C SER A 139 -38.60 17.67 -2.55
N MET A 1 17.94 -49.45 13.57
CA MET A 1 17.39 -48.09 13.62
C MET A 1 16.65 -47.88 14.93
N GLU A 2 17.18 -47.00 15.77
CA GLU A 2 16.52 -46.67 17.02
C GLU A 2 16.39 -45.16 17.18
N THR A 3 15.43 -44.60 16.45
CA THR A 3 15.10 -43.18 16.57
C THR A 3 13.70 -43.05 17.18
N ASP A 4 13.30 -44.13 17.87
CA ASP A 4 11.98 -44.24 18.46
C ASP A 4 10.90 -44.25 17.38
N CYS A 5 10.28 -43.09 17.14
CA CYS A 5 9.23 -42.95 16.13
C CYS A 5 8.51 -41.61 16.30
N ASN A 6 8.44 -41.15 17.55
CA ASN A 6 7.68 -39.94 17.90
C ASN A 6 6.21 -40.15 17.55
N PRO A 7 5.55 -41.10 18.23
CA PRO A 7 4.19 -41.52 17.93
C PRO A 7 3.15 -40.83 18.78
N MET A 8 3.49 -39.67 19.32
CA MET A 8 2.57 -38.90 20.14
C MET A 8 1.87 -37.84 19.31
N GLU A 9 2.66 -37.04 18.62
CA GLU A 9 2.14 -35.97 17.79
C GLU A 9 2.01 -36.43 16.34
N LEU A 10 1.18 -35.74 15.57
CA LEU A 10 0.99 -36.08 14.18
C LEU A 10 2.08 -35.42 13.34
N SER A 11 3.19 -36.12 13.16
CA SER A 11 4.30 -35.59 12.41
C SER A 11 4.07 -35.76 10.92
N SER A 12 3.44 -34.76 10.32
CA SER A 12 3.16 -34.79 8.90
C SER A 12 4.26 -34.06 8.14
N MET A 13 5.25 -34.82 7.70
CA MET A 13 6.37 -34.26 6.98
C MET A 13 7.10 -35.35 6.21
N SER A 14 8.17 -34.97 5.52
CA SER A 14 8.94 -35.90 4.71
C SER A 14 8.07 -36.55 3.63
N GLY A 15 7.86 -35.81 2.56
CA GLY A 15 7.08 -36.31 1.44
C GLY A 15 7.81 -36.12 0.14
N PHE A 16 7.66 -34.96 -0.46
CA PHE A 16 8.40 -34.60 -1.66
C PHE A 16 8.90 -33.16 -1.55
N GLU A 17 10.11 -32.94 -2.03
CA GLU A 17 10.70 -31.61 -2.04
C GLU A 17 10.15 -30.81 -3.22
N GLU A 18 9.06 -30.09 -2.97
CA GLU A 18 8.42 -29.28 -4.01
C GLU A 18 9.26 -28.03 -4.28
N GLY A 19 9.78 -27.43 -3.22
CA GLY A 19 10.58 -26.23 -3.35
C GLY A 19 10.76 -25.54 -2.02
N SER A 20 10.30 -24.30 -1.94
CA SER A 20 10.43 -23.52 -0.73
C SER A 20 9.22 -22.60 -0.57
N GLU A 21 8.59 -22.66 0.60
CA GLU A 21 7.44 -21.82 0.89
C GLU A 21 7.85 -20.63 1.75
N LEU A 22 6.87 -19.79 2.09
CA LEU A 22 7.13 -18.61 2.90
C LEU A 22 7.43 -19.01 4.35
N ASN A 23 6.39 -19.30 5.11
CA ASN A 23 6.53 -19.68 6.52
C ASN A 23 5.17 -20.06 7.09
N GLY A 24 5.17 -20.85 8.15
CA GLY A 24 3.92 -21.32 8.72
C GLY A 24 3.45 -20.45 9.87
N PHE A 25 3.63 -19.15 9.73
CA PHE A 25 3.18 -18.20 10.75
C PHE A 25 2.56 -16.98 10.08
N GLU A 26 1.43 -16.54 10.62
CA GLU A 26 0.67 -15.46 10.00
C GLU A 26 0.87 -14.15 10.77
N GLY A 27 1.70 -13.27 10.20
CA GLY A 27 1.89 -11.93 10.74
C GLY A 27 2.13 -11.89 12.23
N THR A 28 1.08 -11.56 12.99
CA THR A 28 1.12 -11.51 14.44
C THR A 28 1.92 -10.30 14.94
N ASP A 29 3.24 -10.35 14.81
CA ASP A 29 4.09 -9.28 15.30
C ASP A 29 4.70 -8.50 14.14
N MET A 30 4.87 -9.19 13.01
CA MET A 30 5.50 -8.59 11.84
C MET A 30 4.53 -7.66 11.10
N LYS A 31 5.06 -6.82 10.25
CA LYS A 31 4.26 -5.87 9.48
C LYS A 31 4.48 -6.08 7.99
N ASP A 32 3.91 -7.15 7.44
CA ASP A 32 4.02 -7.40 6.01
C ASP A 32 3.28 -6.31 5.23
N MET A 33 4.05 -5.50 4.52
CA MET A 33 3.49 -4.38 3.77
C MET A 33 2.67 -4.87 2.59
N ARG A 34 2.78 -6.15 2.27
CA ARG A 34 2.02 -6.70 1.16
C ARG A 34 0.54 -6.79 1.50
N LEU A 35 0.23 -6.84 2.79
CA LEU A 35 -1.15 -6.81 3.24
C LEU A 35 -1.75 -5.44 2.93
N GLU A 36 -0.98 -4.40 3.25
CA GLU A 36 -1.34 -3.05 2.87
C GLU A 36 -1.37 -2.93 1.35
N ALA A 37 -0.53 -3.74 0.70
CA ALA A 37 -0.42 -3.70 -0.75
C ALA A 37 -1.70 -4.24 -1.39
N GLU A 38 -2.14 -5.41 -0.92
CA GLU A 38 -3.37 -6.02 -1.41
C GLU A 38 -4.55 -5.08 -1.18
N ALA A 39 -4.55 -4.42 -0.03
CA ALA A 39 -5.58 -3.46 0.30
C ALA A 39 -5.62 -2.33 -0.73
N VAL A 40 -4.45 -1.80 -1.06
CA VAL A 40 -4.33 -0.75 -2.06
C VAL A 40 -4.75 -1.25 -3.44
N VAL A 41 -4.22 -2.39 -3.85
CA VAL A 41 -4.49 -2.96 -5.16
C VAL A 41 -5.99 -3.15 -5.40
N ASN A 42 -6.70 -3.62 -4.39
CA ASN A 42 -8.13 -3.87 -4.52
C ASN A 42 -8.93 -2.57 -4.44
N ASP A 43 -8.40 -1.61 -3.69
CA ASP A 43 -9.12 -0.38 -3.40
C ASP A 43 -9.14 0.57 -4.60
N VAL A 44 -7.98 0.78 -5.21
CA VAL A 44 -7.84 1.75 -6.29
C VAL A 44 -7.72 1.08 -7.66
N LEU A 45 -8.04 -0.21 -7.72
CA LEU A 45 -7.92 -0.97 -8.96
C LEU A 45 -8.69 -0.34 -10.11
N PHE A 46 -9.87 0.20 -9.79
CA PHE A 46 -10.76 0.75 -10.81
C PHE A 46 -10.23 2.08 -11.36
N ALA A 47 -9.21 2.63 -10.71
CA ALA A 47 -8.66 3.92 -11.11
C ALA A 47 -7.66 3.77 -12.24
N VAL A 48 -7.10 2.57 -12.38
CA VAL A 48 -6.10 2.29 -13.40
C VAL A 48 -6.58 1.20 -14.33
N ASN A 49 -5.68 0.67 -15.15
CA ASN A 49 -6.02 -0.39 -16.07
C ASN A 49 -5.93 -1.72 -15.36
N ASN A 50 -4.76 -2.01 -14.83
CA ASN A 50 -4.50 -3.25 -14.08
C ASN A 50 -3.54 -2.95 -12.95
N MET A 51 -3.50 -3.82 -11.94
CA MET A 51 -2.63 -3.61 -10.78
C MET A 51 -2.46 -4.90 -9.99
N PHE A 52 -1.23 -5.18 -9.57
CA PHE A 52 -0.93 -6.39 -8.79
C PHE A 52 0.42 -6.21 -8.08
N VAL A 53 0.59 -6.84 -6.92
CA VAL A 53 1.88 -6.79 -6.22
C VAL A 53 2.98 -7.42 -7.07
N SER A 54 4.19 -6.90 -6.99
CA SER A 54 5.31 -7.41 -7.78
C SER A 54 5.61 -8.85 -7.40
N LYS A 55 5.86 -9.68 -8.41
CA LYS A 55 5.97 -11.12 -8.20
C LYS A 55 7.42 -11.57 -8.35
N SER A 56 8.31 -10.66 -8.69
CA SER A 56 9.69 -11.02 -8.96
C SER A 56 10.61 -10.49 -7.87
N LEU A 57 10.02 -9.94 -6.82
CA LEU A 57 10.79 -9.31 -5.78
C LEU A 57 10.41 -9.85 -4.41
N ARG A 58 10.51 -8.99 -3.40
CA ARG A 58 10.35 -9.42 -2.01
C ARG A 58 9.61 -8.36 -1.21
N CYS A 59 9.07 -8.76 -0.06
CA CYS A 59 8.47 -7.82 0.87
C CYS A 59 8.97 -8.09 2.28
N ALA A 60 9.98 -7.35 2.68
CA ALA A 60 10.59 -7.55 3.99
C ALA A 60 9.94 -6.64 5.01
N ASP A 61 8.71 -6.98 5.38
CA ASP A 61 7.88 -6.20 6.29
C ASP A 61 7.64 -4.80 5.75
N ASP A 62 8.57 -3.90 6.00
CA ASP A 62 8.40 -2.48 5.70
C ASP A 62 8.31 -2.22 4.20
N VAL A 63 9.05 -2.99 3.42
CA VAL A 63 9.13 -2.75 1.98
C VAL A 63 8.35 -3.79 1.18
N ALA A 64 7.40 -3.33 0.39
CA ALA A 64 6.68 -4.19 -0.54
C ALA A 64 6.58 -3.52 -1.91
N TYR A 65 7.00 -4.23 -2.95
CA TYR A 65 6.97 -3.67 -4.29
C TYR A 65 5.64 -3.96 -4.97
N ILE A 66 5.03 -2.92 -5.52
CA ILE A 66 3.75 -3.05 -6.19
C ILE A 66 3.89 -2.73 -7.67
N ASN A 67 3.22 -3.51 -8.50
CA ASN A 67 3.22 -3.30 -9.93
C ASN A 67 1.87 -2.69 -10.33
N VAL A 68 1.90 -1.64 -11.13
CA VAL A 68 0.67 -0.91 -11.45
C VAL A 68 0.68 -0.46 -12.90
N GLU A 69 -0.48 -0.53 -13.53
CA GLU A 69 -0.65 -0.11 -14.91
C GLU A 69 -1.74 0.94 -15.00
N THR A 70 -1.35 2.17 -15.25
CA THR A 70 -2.28 3.28 -15.41
C THR A 70 -3.21 3.07 -16.61
N LYS A 71 -4.23 3.91 -16.75
CA LYS A 71 -5.15 3.79 -17.89
C LYS A 71 -4.50 4.29 -19.17
N GLU A 72 -3.28 4.80 -19.07
CA GLU A 72 -2.50 5.15 -20.24
C GLU A 72 -1.57 3.97 -20.57
N ARG A 73 -1.72 2.89 -19.80
CA ARG A 73 -0.92 1.67 -19.94
C ARG A 73 0.54 1.92 -19.59
N ASN A 74 0.80 3.03 -18.92
CA ASN A 74 2.13 3.27 -18.35
C ASN A 74 2.26 2.48 -17.07
N ARG A 75 3.17 1.52 -17.07
CA ARG A 75 3.34 0.66 -15.93
C ARG A 75 4.48 1.17 -15.05
N TYR A 76 4.24 1.16 -13.76
CA TYR A 76 5.22 1.65 -12.80
C TYR A 76 5.42 0.62 -11.70
N CYS A 77 6.64 0.57 -11.17
CA CYS A 77 6.93 -0.27 -10.03
C CYS A 77 7.13 0.60 -8.81
N LEU A 78 6.27 0.43 -7.83
CA LEU A 78 6.24 1.29 -6.66
C LEU A 78 6.81 0.59 -5.45
N GLU A 79 7.69 1.25 -4.73
CA GLU A 79 8.21 0.71 -3.49
C GLU A 79 7.39 1.23 -2.33
N LEU A 80 6.49 0.40 -1.83
CA LEU A 80 5.63 0.78 -0.74
C LEU A 80 6.30 0.48 0.60
N THR A 81 6.58 1.53 1.34
CA THR A 81 7.10 1.42 2.68
C THR A 81 6.20 2.18 3.65
N GLU A 82 6.34 1.94 4.94
CA GLU A 82 5.44 2.56 5.92
C GLU A 82 5.61 4.08 5.92
N ALA A 83 6.78 4.56 5.54
CA ALA A 83 7.05 5.99 5.47
C ALA A 83 6.52 6.61 4.18
N GLY A 84 6.03 5.78 3.27
CA GLY A 84 5.52 6.28 2.01
C GLY A 84 5.91 5.39 0.84
N LEU A 85 5.54 5.80 -0.37
CA LEU A 85 5.83 5.02 -1.56
C LEU A 85 6.54 5.86 -2.62
N LYS A 86 7.45 5.24 -3.36
CA LYS A 86 8.20 5.93 -4.40
C LYS A 86 8.19 5.12 -5.68
N VAL A 87 8.48 5.77 -6.80
CA VAL A 87 8.58 5.08 -8.08
C VAL A 87 10.01 4.56 -8.28
N VAL A 88 10.17 3.25 -8.26
CA VAL A 88 11.50 2.65 -8.40
C VAL A 88 11.65 1.94 -9.73
N GLY A 89 10.60 2.00 -10.54
CA GLY A 89 10.64 1.37 -11.85
C GLY A 89 9.51 1.83 -12.73
N TYR A 90 9.64 1.61 -14.03
CA TYR A 90 8.63 2.01 -15.00
C TYR A 90 8.43 0.92 -16.04
N ALA A 91 8.33 -0.30 -15.55
CA ALA A 91 8.06 -1.46 -16.39
C ALA A 91 7.30 -2.50 -15.59
N PHE A 92 7.19 -3.71 -16.12
CA PHE A 92 6.46 -4.77 -15.45
C PHE A 92 7.43 -5.63 -14.64
N ASP A 93 7.41 -5.44 -13.32
CA ASP A 93 8.35 -6.09 -12.41
C ASP A 93 9.78 -5.66 -12.73
N GLN A 94 10.03 -4.36 -12.59
CA GLN A 94 11.32 -3.78 -12.92
C GLN A 94 11.69 -2.68 -11.94
N VAL A 95 12.75 -2.90 -11.18
CA VAL A 95 13.25 -1.91 -10.24
C VAL A 95 14.71 -1.59 -10.55
N ASP A 96 14.96 -0.34 -10.91
CA ASP A 96 16.29 0.07 -11.34
C ASP A 96 16.98 0.93 -10.28
N ASP A 97 18.27 0.70 -10.13
CA ASP A 97 19.08 1.39 -9.13
C ASP A 97 19.24 2.89 -9.44
N HIS A 98 19.08 3.25 -10.70
CA HIS A 98 19.41 4.60 -11.13
C HIS A 98 18.26 5.58 -10.89
N LEU A 99 17.10 5.06 -10.51
CA LEU A 99 15.98 5.95 -10.17
C LEU A 99 16.17 6.53 -8.78
N GLN A 100 16.44 7.83 -8.74
CA GLN A 100 16.60 8.55 -7.49
C GLN A 100 15.38 9.44 -7.28
N THR A 101 14.26 8.81 -6.99
CA THR A 101 13.00 9.51 -6.86
C THR A 101 12.72 9.90 -5.41
N PRO A 102 11.87 10.92 -5.21
CA PRO A 102 11.41 11.31 -3.88
C PRO A 102 10.27 10.41 -3.40
N TYR A 103 9.59 10.84 -2.35
CA TYR A 103 8.55 10.02 -1.75
C TYR A 103 7.16 10.57 -2.07
N HIS A 104 6.15 9.77 -1.79
CA HIS A 104 4.79 10.24 -1.71
C HIS A 104 4.15 9.65 -0.47
N GLU A 105 3.31 10.43 0.20
CA GLU A 105 2.72 10.01 1.47
C GLU A 105 1.77 8.84 1.27
N THR A 106 0.73 9.07 0.49
CA THR A 106 -0.33 8.11 0.34
C THR A 106 -0.50 7.74 -1.13
N VAL A 107 -0.95 6.51 -1.38
CA VAL A 107 -1.10 5.99 -2.73
C VAL A 107 -2.10 6.82 -3.55
N TYR A 108 -3.03 7.49 -2.89
CA TYR A 108 -4.02 8.30 -3.58
C TYR A 108 -3.35 9.47 -4.29
N SER A 109 -2.50 10.19 -3.57
CA SER A 109 -1.77 11.31 -4.14
C SER A 109 -0.80 10.83 -5.22
N LEU A 110 -0.17 9.69 -4.97
CA LEU A 110 0.75 9.10 -5.93
C LEU A 110 0.05 8.72 -7.22
N LEU A 111 -1.06 8.00 -7.09
CA LEU A 111 -1.76 7.47 -8.25
C LEU A 111 -2.28 8.59 -9.14
N ASP A 112 -2.62 9.71 -8.53
CA ASP A 112 -3.13 10.86 -9.28
C ASP A 112 -2.06 11.43 -10.20
N THR A 113 -0.82 11.48 -9.71
CA THR A 113 0.28 12.04 -10.48
C THR A 113 0.60 11.16 -11.69
N LEU A 114 0.16 9.91 -11.62
CA LEU A 114 0.47 8.93 -12.66
C LEU A 114 -0.73 8.69 -13.58
N SER A 115 -1.90 8.53 -12.98
CA SER A 115 -3.12 8.27 -13.75
C SER A 115 -4.19 9.30 -13.38
N PRO A 116 -4.37 10.34 -14.20
CA PRO A 116 -5.37 11.38 -13.95
C PRO A 116 -6.80 10.83 -14.02
N ALA A 117 -6.94 9.63 -14.58
CA ALA A 117 -8.23 8.97 -14.69
C ALA A 117 -8.68 8.46 -13.32
N TYR A 118 -7.78 8.56 -12.36
CA TYR A 118 -8.07 8.21 -10.98
C TYR A 118 -9.23 9.04 -10.46
N ARG A 119 -9.20 10.34 -10.73
CA ARG A 119 -10.26 11.24 -10.30
C ARG A 119 -11.55 10.98 -11.07
N GLU A 120 -11.42 10.71 -12.37
CA GLU A 120 -12.58 10.45 -13.21
C GLU A 120 -13.31 9.19 -12.76
N ALA A 121 -12.55 8.11 -12.60
CA ALA A 121 -13.11 6.83 -12.22
C ALA A 121 -13.75 6.90 -10.84
N PHE A 122 -13.06 7.53 -9.90
CA PHE A 122 -13.55 7.63 -8.53
C PHE A 122 -14.84 8.44 -8.47
N GLY A 123 -14.85 9.58 -9.16
CA GLY A 123 -16.03 10.43 -9.18
C GLY A 123 -17.24 9.72 -9.80
N ASN A 124 -16.98 8.98 -10.87
CA ASN A 124 -18.04 8.26 -11.57
C ASN A 124 -18.54 7.09 -10.74
N ALA A 125 -17.63 6.41 -10.06
CA ALA A 125 -17.99 5.30 -9.18
C ALA A 125 -18.71 5.80 -7.95
N LEU A 126 -18.36 7.01 -7.53
CA LEU A 126 -18.95 7.62 -6.35
C LEU A 126 -20.42 7.94 -6.57
N LEU A 127 -20.74 8.50 -7.74
CA LEU A 127 -22.10 8.92 -8.04
C LEU A 127 -23.03 7.72 -8.25
N GLN A 128 -22.45 6.53 -8.35
CA GLN A 128 -23.23 5.30 -8.45
C GLN A 128 -24.10 5.12 -7.21
N ARG A 129 -23.63 5.68 -6.09
CA ARG A 129 -24.38 5.66 -4.84
C ARG A 129 -25.68 6.44 -4.98
N LEU A 130 -25.66 7.43 -5.86
CA LEU A 130 -26.83 8.26 -6.12
C LEU A 130 -27.75 7.56 -7.11
N GLU A 131 -27.15 6.75 -7.98
CA GLU A 131 -27.92 5.99 -8.95
C GLU A 131 -28.69 4.88 -8.27
N ALA A 132 -28.01 4.16 -7.38
CA ALA A 132 -28.65 3.10 -6.61
C ALA A 132 -29.77 3.65 -5.73
N LEU A 133 -29.61 4.90 -5.30
CA LEU A 133 -30.60 5.57 -4.48
C LEU A 133 -31.87 5.87 -5.29
N LYS A 134 -31.70 6.45 -6.47
CA LYS A 134 -32.83 6.83 -7.30
C LYS A 134 -33.53 5.61 -7.89
N ARG A 135 -32.76 4.57 -8.17
CA ARG A 135 -33.32 3.35 -8.74
C ARG A 135 -34.01 2.51 -7.66
N ASP A 136 -33.76 2.84 -6.40
CA ASP A 136 -34.45 2.20 -5.30
C ASP A 136 -35.89 2.67 -5.27
N GLY A 137 -36.07 3.96 -5.54
CA GLY A 137 -37.40 4.53 -5.67
C GLY A 137 -38.16 4.54 -4.36
N GLN A 138 -39.18 3.70 -4.28
CA GLN A 138 -40.05 3.65 -3.12
C GLN A 138 -39.73 2.44 -2.26
N SER A 139 -38.61 1.79 -2.56
CA SER A 139 -38.20 0.55 -1.90
C SER A 139 -39.26 -0.54 -2.13
N MET A 1 -21.98 12.98 45.96
CA MET A 1 -21.30 11.86 45.29
C MET A 1 -20.57 12.37 44.06
N GLU A 2 -21.32 12.49 42.96
CA GLU A 2 -20.84 13.12 41.72
C GLU A 2 -19.48 12.58 41.29
N THR A 3 -18.73 13.39 40.53
CA THR A 3 -17.41 13.01 40.10
C THR A 3 -16.41 13.22 41.23
N ASP A 4 -16.39 12.29 42.17
CA ASP A 4 -15.47 12.34 43.29
C ASP A 4 -14.42 11.26 43.16
N CYS A 5 -14.85 10.09 42.70
CA CYS A 5 -13.96 8.94 42.60
C CYS A 5 -13.63 8.61 41.15
N ASN A 6 -12.37 8.28 40.90
CA ASN A 6 -11.92 7.86 39.59
C ASN A 6 -11.05 6.61 39.71
N PRO A 7 -11.29 5.60 38.85
CA PRO A 7 -10.53 4.35 38.88
C PRO A 7 -9.03 4.57 38.66
N MET A 8 -8.27 4.54 39.75
CA MET A 8 -6.83 4.70 39.67
C MET A 8 -6.14 3.35 39.85
N GLU A 9 -6.95 2.32 39.99
CA GLU A 9 -6.46 0.96 40.22
C GLU A 9 -6.09 0.28 38.91
N LEU A 10 -5.66 1.06 37.93
CA LEU A 10 -5.25 0.54 36.62
C LEU A 10 -6.44 -0.15 35.93
N SER A 11 -7.64 0.23 36.33
CA SER A 11 -8.84 -0.35 35.78
C SER A 11 -9.34 0.49 34.61
N SER A 12 -10.42 0.05 33.98
CA SER A 12 -10.98 0.73 32.84
C SER A 12 -12.51 0.64 32.89
N MET A 13 -13.17 1.06 31.82
CA MET A 13 -14.62 1.00 31.75
C MET A 13 -15.10 -0.44 31.83
N SER A 14 -15.70 -0.79 32.95
CA SER A 14 -16.19 -2.15 33.18
C SER A 14 -17.67 -2.23 32.82
N GLY A 15 -18.19 -1.14 32.27
CA GLY A 15 -19.57 -1.10 31.85
C GLY A 15 -19.68 -0.62 30.42
N PHE A 16 -20.72 -1.07 29.72
CA PHE A 16 -20.96 -0.74 28.31
C PHE A 16 -19.66 -0.72 27.49
N GLU A 17 -18.98 -1.85 27.46
CA GLU A 17 -17.72 -1.96 26.75
C GLU A 17 -17.95 -2.09 25.26
N GLU A 18 -17.59 -1.06 24.51
CA GLU A 18 -17.73 -1.08 23.06
C GLU A 18 -16.50 -1.72 22.43
N GLY A 19 -16.69 -2.34 21.27
CA GLY A 19 -15.60 -2.94 20.55
C GLY A 19 -14.53 -1.94 20.18
N SER A 20 -13.38 -2.05 20.83
CA SER A 20 -12.31 -1.09 20.65
C SER A 20 -11.58 -1.32 19.33
N GLU A 21 -11.32 -0.24 18.62
CA GLU A 21 -10.56 -0.31 17.38
C GLU A 21 -9.08 -0.09 17.65
N LEU A 22 -8.78 0.45 18.82
CA LEU A 22 -7.40 0.69 19.22
C LEU A 22 -6.76 -0.60 19.68
N ASN A 23 -5.62 -0.92 19.11
CA ASN A 23 -4.90 -2.14 19.44
C ASN A 23 -3.70 -1.82 20.31
N GLY A 24 -3.23 -2.82 21.04
CA GLY A 24 -2.08 -2.64 21.90
C GLY A 24 -0.78 -2.63 21.12
N PHE A 25 0.16 -1.79 21.56
CA PHE A 25 1.47 -1.71 20.93
C PHE A 25 2.17 -3.06 21.04
N GLU A 26 2.07 -3.65 22.23
CA GLU A 26 2.54 -5.01 22.44
C GLU A 26 1.58 -6.00 21.81
N GLY A 27 1.79 -6.26 20.54
CA GLY A 27 0.91 -7.12 19.77
C GLY A 27 1.18 -6.97 18.29
N THR A 28 1.37 -5.73 17.87
CA THR A 28 1.78 -5.45 16.50
C THR A 28 3.30 -5.39 16.43
N ASP A 29 3.92 -6.56 16.35
CA ASP A 29 5.38 -6.66 16.37
C ASP A 29 5.97 -6.29 15.02
N MET A 30 5.32 -6.71 13.94
CA MET A 30 5.77 -6.39 12.60
C MET A 30 4.59 -5.96 11.76
N LYS A 31 4.85 -5.11 10.77
CA LYS A 31 3.80 -4.62 9.90
C LYS A 31 4.01 -5.14 8.48
N ASP A 32 3.32 -6.22 8.16
CA ASP A 32 3.38 -6.82 6.83
C ASP A 32 2.91 -5.82 5.77
N MET A 33 3.85 -5.30 4.99
CA MET A 33 3.51 -4.32 3.96
C MET A 33 2.65 -4.95 2.86
N ARG A 34 2.67 -6.28 2.81
CA ARG A 34 1.91 -7.00 1.78
C ARG A 34 0.41 -6.87 2.00
N LEU A 35 -0.01 -6.69 3.25
CA LEU A 35 -1.42 -6.49 3.57
C LEU A 35 -1.85 -5.13 3.06
N GLU A 36 -1.02 -4.14 3.35
CA GLU A 36 -1.22 -2.79 2.86
C GLU A 36 -1.21 -2.81 1.34
N ALA A 37 -0.41 -3.70 0.78
CA ALA A 37 -0.23 -3.79 -0.66
C ALA A 37 -1.50 -4.26 -1.34
N GLU A 38 -2.03 -5.40 -0.89
CA GLU A 38 -3.22 -5.96 -1.49
C GLU A 38 -4.45 -5.07 -1.25
N ALA A 39 -4.44 -4.35 -0.12
CA ALA A 39 -5.49 -3.40 0.18
C ALA A 39 -5.51 -2.29 -0.87
N VAL A 40 -4.33 -1.75 -1.18
CA VAL A 40 -4.19 -0.73 -2.20
C VAL A 40 -4.65 -1.24 -3.57
N VAL A 41 -4.22 -2.45 -3.90
CA VAL A 41 -4.53 -3.06 -5.19
C VAL A 41 -6.04 -3.07 -5.46
N ASN A 42 -6.81 -3.67 -4.57
CA ASN A 42 -8.24 -3.84 -4.80
C ASN A 42 -8.98 -2.51 -4.71
N ASP A 43 -8.43 -1.58 -3.93
CA ASP A 43 -9.12 -0.33 -3.64
C ASP A 43 -9.11 0.63 -4.83
N VAL A 44 -7.94 0.84 -5.43
CA VAL A 44 -7.80 1.85 -6.48
C VAL A 44 -7.43 1.24 -7.83
N LEU A 45 -7.66 -0.06 -7.99
CA LEU A 45 -7.36 -0.74 -9.26
C LEU A 45 -8.14 -0.13 -10.42
N PHE A 46 -9.34 0.34 -10.12
CA PHE A 46 -10.25 0.87 -11.14
C PHE A 46 -9.69 2.14 -11.78
N ALA A 47 -8.64 2.69 -11.18
CA ALA A 47 -8.03 3.91 -11.69
C ALA A 47 -6.99 3.61 -12.77
N VAL A 48 -6.66 2.34 -12.91
CA VAL A 48 -5.65 1.90 -13.88
C VAL A 48 -6.15 0.68 -14.65
N ASN A 49 -5.25 0.04 -15.40
CA ASN A 49 -5.62 -1.17 -16.12
C ASN A 49 -5.56 -2.38 -15.21
N ASN A 50 -4.46 -2.48 -14.47
CA ASN A 50 -4.21 -3.65 -13.63
C ASN A 50 -3.17 -3.31 -12.57
N MET A 51 -3.21 -4.04 -11.46
CA MET A 51 -2.26 -3.86 -10.37
C MET A 51 -2.10 -5.16 -9.61
N PHE A 52 -0.87 -5.48 -9.21
CA PHE A 52 -0.61 -6.69 -8.45
C PHE A 52 0.71 -6.57 -7.68
N VAL A 53 0.80 -7.26 -6.56
CA VAL A 53 2.01 -7.23 -5.75
C VAL A 53 3.08 -8.13 -6.38
N SER A 54 4.33 -7.68 -6.31
CA SER A 54 5.43 -8.40 -6.92
C SER A 54 5.90 -9.55 -6.04
N LYS A 55 5.87 -10.76 -6.59
CA LYS A 55 6.26 -11.96 -5.87
C LYS A 55 7.51 -12.58 -6.49
N SER A 56 8.24 -11.77 -7.26
CA SER A 56 9.36 -12.28 -8.04
C SER A 56 10.50 -11.31 -7.87
N LEU A 57 10.37 -10.53 -6.84
CA LEU A 57 11.13 -9.31 -6.68
C LEU A 57 11.77 -9.28 -5.30
N ARG A 58 11.02 -8.84 -4.30
CA ARG A 58 11.39 -8.98 -2.89
C ARG A 58 10.39 -8.23 -2.04
N CYS A 59 10.05 -8.80 -0.91
CA CYS A 59 9.13 -8.16 0.02
C CYS A 59 9.48 -8.46 1.47
N ALA A 60 10.47 -7.74 1.96
CA ALA A 60 10.77 -7.73 3.37
C ALA A 60 9.88 -6.68 3.97
N ASP A 61 8.82 -7.16 4.61
CA ASP A 61 7.62 -6.40 5.02
C ASP A 61 7.80 -4.93 5.42
N ASP A 62 9.00 -4.47 5.69
CA ASP A 62 9.25 -3.03 5.79
C ASP A 62 9.01 -2.38 4.42
N VAL A 63 9.16 -3.19 3.38
CA VAL A 63 9.02 -2.76 2.01
C VAL A 63 8.34 -3.85 1.18
N ALA A 64 7.48 -3.44 0.26
CA ALA A 64 6.87 -4.36 -0.70
C ALA A 64 6.56 -3.62 -1.99
N TYR A 65 7.08 -4.10 -3.11
CA TYR A 65 6.84 -3.44 -4.37
C TYR A 65 5.54 -3.90 -5.01
N ILE A 66 4.84 -2.97 -5.60
CA ILE A 66 3.60 -3.24 -6.29
C ILE A 66 3.72 -2.84 -7.75
N ASN A 67 3.27 -3.71 -8.64
CA ASN A 67 3.31 -3.45 -10.06
C ASN A 67 1.96 -2.90 -10.52
N VAL A 68 1.93 -1.61 -10.81
CA VAL A 68 0.70 -0.98 -11.27
C VAL A 68 0.86 -0.52 -12.72
N GLU A 69 -0.15 -0.79 -13.53
CA GLU A 69 -0.15 -0.37 -14.92
C GLU A 69 -1.27 0.64 -15.15
N THR A 70 -0.89 1.86 -15.50
CA THR A 70 -1.87 2.92 -15.75
C THR A 70 -2.74 2.58 -16.96
N LYS A 71 -3.78 3.38 -17.17
CA LYS A 71 -4.73 3.10 -18.25
C LYS A 71 -4.09 3.29 -19.63
N GLU A 72 -2.92 3.93 -19.65
CA GLU A 72 -2.16 4.11 -20.88
C GLU A 72 -1.14 2.98 -21.04
N ARG A 73 -1.25 1.99 -20.17
CA ARG A 73 -0.38 0.81 -20.16
C ARG A 73 1.03 1.16 -19.69
N ASN A 74 1.20 2.39 -19.23
CA ASN A 74 2.48 2.81 -18.65
C ASN A 74 2.58 2.25 -17.23
N ARG A 75 3.63 1.49 -16.98
CA ARG A 75 3.76 0.78 -15.72
C ARG A 75 4.62 1.55 -14.74
N TYR A 76 4.27 1.43 -13.47
CA TYR A 76 5.06 2.00 -12.41
C TYR A 76 5.31 0.96 -11.32
N CYS A 77 6.56 0.57 -11.15
CA CYS A 77 6.92 -0.33 -10.07
C CYS A 77 7.06 0.50 -8.81
N LEU A 78 6.12 0.35 -7.90
CA LEU A 78 6.05 1.20 -6.73
C LEU A 78 6.64 0.50 -5.51
N GLU A 79 7.48 1.22 -4.80
CA GLU A 79 8.06 0.73 -3.57
C GLU A 79 7.21 1.18 -2.39
N LEU A 80 6.35 0.30 -1.91
CA LEU A 80 5.49 0.61 -0.79
C LEU A 80 6.25 0.41 0.51
N THR A 81 6.47 1.51 1.22
CA THR A 81 7.20 1.49 2.48
C THR A 81 6.44 2.28 3.53
N GLU A 82 6.99 2.35 4.73
CA GLU A 82 6.40 3.15 5.80
C GLU A 82 6.60 4.64 5.52
N ALA A 83 7.42 4.94 4.52
CA ALA A 83 7.68 6.31 4.13
C ALA A 83 6.81 6.70 2.93
N GLY A 84 5.98 5.78 2.47
CA GLY A 84 5.10 6.05 1.36
C GLY A 84 5.39 5.20 0.15
N LEU A 85 4.95 5.67 -1.01
CA LEU A 85 5.14 4.94 -2.26
C LEU A 85 6.15 5.66 -3.16
N LYS A 86 7.15 4.91 -3.60
CA LYS A 86 8.22 5.43 -4.43
C LYS A 86 8.17 4.78 -5.82
N VAL A 87 8.68 5.44 -6.85
CA VAL A 87 8.71 4.85 -8.19
C VAL A 87 10.12 4.36 -8.51
N VAL A 88 10.26 3.05 -8.71
CA VAL A 88 11.58 2.46 -8.92
C VAL A 88 11.77 1.92 -10.34
N GLY A 89 10.71 1.86 -11.13
CA GLY A 89 10.84 1.33 -12.47
C GLY A 89 9.61 1.55 -13.33
N TYR A 90 9.78 1.42 -14.65
CA TYR A 90 8.70 1.62 -15.61
C TYR A 90 8.10 0.30 -16.05
N ALA A 91 8.47 -0.77 -15.37
CA ALA A 91 8.02 -2.11 -15.74
C ALA A 91 7.77 -2.97 -14.50
N PHE A 92 7.23 -4.16 -14.72
CA PHE A 92 6.91 -5.07 -13.63
C PHE A 92 8.19 -5.66 -13.04
N ASP A 93 8.35 -5.54 -11.72
CA ASP A 93 9.51 -6.09 -11.02
C ASP A 93 10.80 -5.40 -11.47
N GLN A 94 10.64 -4.18 -11.96
CA GLN A 94 11.77 -3.42 -12.46
C GLN A 94 12.22 -2.40 -11.43
N VAL A 95 13.32 -2.70 -10.74
CA VAL A 95 13.89 -1.77 -9.79
C VAL A 95 15.21 -1.23 -10.33
N ASP A 96 15.16 -0.01 -10.85
CA ASP A 96 16.31 0.58 -11.53
C ASP A 96 17.02 1.57 -10.61
N ASP A 97 18.33 1.62 -10.75
CA ASP A 97 19.16 2.49 -9.90
C ASP A 97 19.05 3.95 -10.32
N HIS A 98 18.51 4.18 -11.51
CA HIS A 98 18.39 5.53 -12.04
C HIS A 98 17.03 6.14 -11.69
N LEU A 99 16.27 5.47 -10.84
CA LEU A 99 15.01 6.04 -10.36
C LEU A 99 15.00 6.20 -8.84
N GLN A 100 15.19 7.43 -8.40
CA GLN A 100 15.03 7.78 -6.99
C GLN A 100 13.96 8.85 -6.84
N THR A 101 12.89 8.67 -7.62
CA THR A 101 11.81 9.63 -7.72
C THR A 101 11.19 9.98 -6.35
N PRO A 102 10.65 11.20 -6.23
CA PRO A 102 10.00 11.66 -4.99
C PRO A 102 8.81 10.79 -4.60
N TYR A 103 8.89 10.22 -3.42
CA TYR A 103 7.85 9.34 -2.91
C TYR A 103 6.74 10.14 -2.24
N HIS A 104 5.51 9.67 -2.37
CA HIS A 104 4.36 10.33 -1.75
C HIS A 104 3.83 9.46 -0.62
N GLU A 105 3.15 10.08 0.34
CA GLU A 105 2.71 9.40 1.55
C GLU A 105 1.62 8.37 1.26
N THR A 106 0.72 8.70 0.34
CA THR A 106 -0.40 7.84 0.01
C THR A 106 -0.40 7.45 -1.46
N VAL A 107 -0.98 6.30 -1.77
CA VAL A 107 -1.15 5.88 -3.15
C VAL A 107 -2.15 6.79 -3.85
N TYR A 108 -3.05 7.34 -3.05
CA TYR A 108 -4.06 8.27 -3.54
C TYR A 108 -3.40 9.51 -4.13
N SER A 109 -2.59 10.17 -3.32
CA SER A 109 -1.92 11.39 -3.72
C SER A 109 -0.72 11.11 -4.63
N LEU A 110 -0.43 9.85 -4.87
CA LEU A 110 0.63 9.49 -5.80
C LEU A 110 0.06 9.19 -7.17
N LEU A 111 -0.88 8.25 -7.23
CA LEU A 111 -1.46 7.82 -8.51
C LEU A 111 -2.17 9.00 -9.18
N ASP A 112 -2.61 9.95 -8.36
CA ASP A 112 -3.27 11.16 -8.85
C ASP A 112 -2.29 12.04 -9.64
N THR A 113 -1.01 11.94 -9.30
CA THR A 113 0.02 12.73 -9.97
C THR A 113 0.56 12.00 -11.18
N LEU A 114 0.08 10.78 -11.39
CA LEU A 114 0.59 9.92 -12.45
C LEU A 114 -0.45 9.76 -13.56
N SER A 115 -1.72 9.71 -13.18
CA SER A 115 -2.80 9.61 -14.16
C SER A 115 -4.01 10.43 -13.74
N PRO A 116 -4.31 11.51 -14.47
CA PRO A 116 -5.47 12.38 -14.20
C PRO A 116 -6.80 11.62 -14.23
N ALA A 117 -6.83 10.47 -14.89
CA ALA A 117 -8.03 9.65 -14.94
C ALA A 117 -8.32 8.99 -13.59
N TYR A 118 -7.39 9.16 -12.65
CA TYR A 118 -7.54 8.61 -11.31
C TYR A 118 -8.81 9.11 -10.63
N ARG A 119 -8.96 10.43 -10.57
CA ARG A 119 -10.08 11.03 -9.85
C ARG A 119 -11.41 10.66 -10.50
N GLU A 120 -11.44 10.67 -11.82
CA GLU A 120 -12.63 10.28 -12.55
C GLU A 120 -12.99 8.83 -12.26
N ALA A 121 -12.00 7.96 -12.34
CA ALA A 121 -12.20 6.54 -12.07
C ALA A 121 -12.67 6.33 -10.64
N PHE A 122 -12.00 6.99 -9.70
CA PHE A 122 -12.32 6.86 -8.29
C PHE A 122 -13.76 7.28 -8.01
N GLY A 123 -14.14 8.46 -8.52
CA GLY A 123 -15.48 8.97 -8.31
C GLY A 123 -16.54 8.08 -8.94
N ASN A 124 -16.27 7.59 -10.14
CA ASN A 124 -17.21 6.72 -10.84
C ASN A 124 -17.26 5.34 -10.19
N ALA A 125 -16.18 4.95 -9.56
CA ALA A 125 -16.12 3.66 -8.87
C ALA A 125 -17.14 3.62 -7.74
N LEU A 126 -17.33 4.74 -7.07
CA LEU A 126 -18.30 4.85 -5.99
C LEU A 126 -19.73 4.60 -6.48
N LEU A 127 -20.07 5.19 -7.63
CA LEU A 127 -21.42 5.04 -8.17
C LEU A 127 -21.58 3.71 -8.90
N GLN A 128 -20.49 3.21 -9.48
CA GLN A 128 -20.50 1.92 -10.15
C GLN A 128 -20.59 0.81 -9.13
N ARG A 129 -20.05 1.07 -7.94
CA ARG A 129 -20.12 0.13 -6.83
C ARG A 129 -21.57 -0.19 -6.51
N LEU A 130 -22.42 0.83 -6.57
CA LEU A 130 -23.84 0.68 -6.32
C LEU A 130 -24.47 -0.24 -7.36
N GLU A 131 -24.15 0.01 -8.63
CA GLU A 131 -24.68 -0.80 -9.72
C GLU A 131 -24.21 -2.24 -9.60
N ALA A 132 -22.96 -2.43 -9.22
CA ALA A 132 -22.39 -3.76 -9.04
C ALA A 132 -23.20 -4.57 -8.03
N LEU A 133 -23.59 -3.92 -6.93
CA LEU A 133 -24.38 -4.56 -5.88
C LEU A 133 -25.78 -4.89 -6.38
N LYS A 134 -26.17 -4.25 -7.47
CA LYS A 134 -27.49 -4.48 -8.06
C LYS A 134 -27.46 -5.63 -9.05
N ARG A 135 -26.28 -6.13 -9.36
CA ARG A 135 -26.12 -7.24 -10.30
C ARG A 135 -26.05 -8.57 -9.55
N ASP A 136 -26.09 -8.50 -8.23
CA ASP A 136 -26.03 -9.70 -7.41
C ASP A 136 -26.97 -9.60 -6.23
N GLY A 137 -27.69 -10.67 -5.94
CA GLY A 137 -28.61 -10.68 -4.83
C GLY A 137 -28.50 -11.94 -4.00
N GLN A 138 -27.38 -12.64 -4.12
CA GLN A 138 -27.17 -13.90 -3.41
C GLN A 138 -25.73 -14.02 -2.94
N SER A 139 -25.50 -13.73 -1.68
CA SER A 139 -24.16 -13.81 -1.10
C SER A 139 -24.26 -14.33 0.32
N MET A 1 -32.89 -0.22 45.19
CA MET A 1 -33.39 0.87 46.07
C MET A 1 -33.80 2.08 45.25
N GLU A 2 -35.10 2.34 45.21
CA GLU A 2 -35.62 3.48 44.46
C GLU A 2 -35.45 4.76 45.26
N THR A 3 -34.35 5.45 45.02
CA THR A 3 -34.04 6.68 45.72
C THR A 3 -34.39 7.88 44.84
N ASP A 4 -35.57 7.78 44.22
CA ASP A 4 -36.05 8.74 43.23
C ASP A 4 -35.25 8.63 41.94
N CYS A 5 -35.83 7.98 40.95
CA CYS A 5 -35.18 7.77 39.68
C CYS A 5 -35.32 9.01 38.80
N ASN A 6 -34.20 9.49 38.27
CA ASN A 6 -34.21 10.68 37.42
C ASN A 6 -35.00 10.40 36.14
N PRO A 7 -35.58 11.44 35.53
CA PRO A 7 -36.36 11.31 34.29
C PRO A 7 -35.57 10.66 33.16
N MET A 8 -35.80 9.38 32.96
CA MET A 8 -35.15 8.66 31.87
C MET A 8 -36.03 8.69 30.64
N GLU A 9 -35.67 9.55 29.69
CA GLU A 9 -36.44 9.71 28.48
C GLU A 9 -35.85 8.87 27.36
N LEU A 10 -36.59 8.68 26.28
CA LEU A 10 -36.15 7.85 25.19
C LEU A 10 -35.11 8.59 24.35
N SER A 11 -33.88 8.12 24.41
CA SER A 11 -32.78 8.73 23.69
C SER A 11 -31.65 7.73 23.52
N SER A 12 -30.72 8.02 22.62
CA SER A 12 -29.55 7.18 22.43
C SER A 12 -28.59 7.35 23.61
N MET A 13 -28.05 6.25 24.09
CA MET A 13 -27.20 6.26 25.27
C MET A 13 -25.81 5.74 24.95
N SER A 14 -24.95 5.74 25.97
CA SER A 14 -23.59 5.24 25.82
C SER A 14 -23.23 4.35 27.00
N GLY A 15 -22.34 3.39 26.77
CA GLY A 15 -21.94 2.48 27.82
C GLY A 15 -20.69 1.71 27.46
N PHE A 16 -20.82 0.81 26.50
CA PHE A 16 -19.71 -0.02 26.04
C PHE A 16 -19.77 -0.15 24.52
N GLU A 17 -20.21 0.90 23.86
CA GLU A 17 -20.53 0.84 22.45
C GLU A 17 -19.30 1.10 21.60
N GLU A 18 -18.63 0.03 21.16
CA GLU A 18 -17.50 0.16 20.25
C GLU A 18 -17.79 -0.55 18.93
N GLY A 19 -18.72 -1.49 18.96
CA GLY A 19 -19.07 -2.22 17.75
C GLY A 19 -18.19 -3.44 17.57
N SER A 20 -16.89 -3.22 17.50
CA SER A 20 -15.93 -4.30 17.38
C SER A 20 -15.57 -4.84 18.77
N GLU A 21 -14.47 -5.57 18.85
CA GLU A 21 -13.97 -6.08 20.13
C GLU A 21 -13.73 -4.94 21.10
N LEU A 22 -14.23 -5.10 22.33
CA LEU A 22 -14.11 -4.06 23.33
C LEU A 22 -12.68 -3.95 23.83
N ASN A 23 -12.08 -2.77 23.60
CA ASN A 23 -10.71 -2.48 23.99
C ASN A 23 -9.70 -3.29 23.17
N GLY A 24 -8.51 -2.74 23.00
CA GLY A 24 -7.48 -3.42 22.24
C GLY A 24 -6.87 -4.59 23.01
N PHE A 25 -7.21 -5.80 22.59
CA PHE A 25 -6.62 -6.99 23.18
C PHE A 25 -5.19 -7.16 22.68
N GLU A 26 -4.93 -6.62 21.50
CA GLU A 26 -3.62 -6.69 20.89
C GLU A 26 -2.82 -5.44 21.24
N GLY A 27 -1.53 -5.61 21.52
CA GLY A 27 -0.72 -4.48 21.96
C GLY A 27 -0.16 -3.66 20.80
N THR A 28 -0.74 -3.83 19.62
CA THR A 28 -0.29 -3.12 18.44
C THR A 28 -1.28 -3.35 17.29
N ASP A 29 -1.00 -2.75 16.14
CA ASP A 29 -1.85 -2.90 14.97
C ASP A 29 -1.10 -3.60 13.85
N MET A 30 -1.84 -4.26 12.99
CA MET A 30 -1.25 -4.98 11.87
C MET A 30 -0.84 -4.00 10.78
N LYS A 31 0.46 -3.79 10.66
CA LYS A 31 0.99 -2.81 9.71
C LYS A 31 1.92 -3.46 8.70
N ASP A 32 1.61 -4.70 8.35
CA ASP A 32 2.38 -5.41 7.33
C ASP A 32 2.21 -4.72 5.98
N MET A 33 3.32 -4.39 5.33
CA MET A 33 3.27 -3.67 4.08
C MET A 33 2.56 -4.47 2.99
N ARG A 34 2.72 -5.79 3.03
CA ARG A 34 2.07 -6.66 2.06
C ARG A 34 0.56 -6.67 2.30
N LEU A 35 0.20 -6.64 3.57
CA LEU A 35 -1.21 -6.57 3.98
C LEU A 35 -1.89 -5.33 3.39
N GLU A 36 -1.35 -4.16 3.75
CA GLU A 36 -1.88 -2.89 3.27
C GLU A 36 -1.80 -2.82 1.75
N ALA A 37 -0.82 -3.49 1.19
CA ALA A 37 -0.64 -3.54 -0.26
C ALA A 37 -1.84 -4.22 -0.90
N GLU A 38 -2.32 -5.30 -0.27
CA GLU A 38 -3.47 -6.03 -0.76
C GLU A 38 -4.69 -5.11 -0.82
N ALA A 39 -4.87 -4.35 0.24
CA ALA A 39 -5.97 -3.39 0.32
C ALA A 39 -5.84 -2.34 -0.78
N VAL A 40 -4.66 -1.78 -0.92
CA VAL A 40 -4.39 -0.74 -1.92
C VAL A 40 -4.70 -1.23 -3.34
N VAL A 41 -4.14 -2.37 -3.70
CA VAL A 41 -4.27 -2.91 -5.05
C VAL A 41 -5.74 -3.11 -5.44
N ASN A 42 -6.53 -3.61 -4.51
CA ASN A 42 -7.93 -3.91 -4.78
C ASN A 42 -8.81 -2.66 -4.71
N ASP A 43 -8.30 -1.60 -4.11
CA ASP A 43 -9.09 -0.40 -3.92
C ASP A 43 -8.89 0.58 -5.07
N VAL A 44 -7.64 0.83 -5.45
CA VAL A 44 -7.35 1.85 -6.47
C VAL A 44 -7.24 1.24 -7.86
N LEU A 45 -7.53 -0.05 -7.97
CA LEU A 45 -7.45 -0.76 -9.26
C LEU A 45 -8.35 -0.10 -10.32
N PHE A 46 -9.43 0.52 -9.89
CA PHE A 46 -10.40 1.12 -10.80
C PHE A 46 -9.84 2.38 -11.46
N ALA A 47 -8.82 2.98 -10.84
CA ALA A 47 -8.26 4.22 -11.34
C ALA A 47 -7.16 3.96 -12.38
N VAL A 48 -6.82 2.69 -12.56
CA VAL A 48 -5.79 2.30 -13.51
C VAL A 48 -6.30 1.14 -14.37
N ASN A 49 -5.40 0.56 -15.16
CA ASN A 49 -5.76 -0.56 -16.00
C ASN A 49 -5.57 -1.86 -15.25
N ASN A 50 -4.34 -2.11 -14.83
CA ASN A 50 -3.98 -3.35 -14.14
C ASN A 50 -3.09 -3.04 -12.96
N MET A 51 -3.06 -3.93 -11.97
CA MET A 51 -2.26 -3.72 -10.77
C MET A 51 -2.14 -5.01 -9.98
N PHE A 52 -0.93 -5.34 -9.57
CA PHE A 52 -0.69 -6.54 -8.78
C PHE A 52 0.63 -6.41 -8.02
N VAL A 53 0.76 -7.12 -6.91
CA VAL A 53 2.02 -7.14 -6.20
C VAL A 53 3.04 -7.96 -6.97
N SER A 54 4.23 -7.42 -7.14
CA SER A 54 5.24 -8.05 -7.96
C SER A 54 5.73 -9.35 -7.33
N LYS A 55 5.74 -10.40 -8.12
CA LYS A 55 6.13 -11.71 -7.65
C LYS A 55 7.52 -12.09 -8.14
N SER A 56 8.20 -11.13 -8.76
CA SER A 56 9.60 -11.32 -9.14
C SER A 56 10.46 -10.50 -8.20
N LEU A 57 9.78 -9.81 -7.29
CA LEU A 57 10.42 -8.94 -6.33
C LEU A 57 10.22 -9.51 -4.94
N ARG A 58 10.23 -8.66 -3.94
CA ARG A 58 10.14 -9.14 -2.56
C ARG A 58 9.10 -8.36 -1.78
N CYS A 59 8.46 -9.01 -0.83
CA CYS A 59 7.49 -8.38 0.06
C CYS A 59 7.42 -9.13 1.38
N ALA A 60 7.08 -8.41 2.43
CA ALA A 60 6.86 -9.04 3.73
C ALA A 60 6.10 -8.09 4.65
N ASP A 61 6.81 -7.13 5.19
CA ASP A 61 6.23 -6.20 6.16
C ASP A 61 6.89 -4.83 6.06
N ASP A 62 8.20 -4.81 5.89
CA ASP A 62 8.93 -3.56 5.73
C ASP A 62 8.77 -3.01 4.32
N VAL A 63 8.74 -3.91 3.35
CA VAL A 63 8.72 -3.52 1.95
C VAL A 63 7.62 -4.25 1.19
N ALA A 64 7.06 -3.58 0.20
CA ALA A 64 6.11 -4.18 -0.71
C ALA A 64 6.33 -3.65 -2.13
N TYR A 65 6.85 -4.51 -2.99
CA TYR A 65 7.07 -4.15 -4.38
C TYR A 65 5.79 -4.42 -5.19
N ILE A 66 5.16 -3.36 -5.65
CA ILE A 66 3.90 -3.47 -6.36
C ILE A 66 4.03 -2.98 -7.80
N ASN A 67 3.51 -3.75 -8.75
CA ASN A 67 3.51 -3.35 -10.14
C ASN A 67 2.15 -2.81 -10.53
N VAL A 68 2.13 -1.62 -11.10
CA VAL A 68 0.88 -0.95 -11.42
C VAL A 68 0.92 -0.43 -12.86
N GLU A 69 -0.23 -0.40 -13.51
CA GLU A 69 -0.33 0.12 -14.86
C GLU A 69 -1.53 1.06 -14.97
N THR A 70 -1.24 2.32 -15.23
CA THR A 70 -2.27 3.35 -15.34
C THR A 70 -3.20 3.11 -16.53
N LYS A 71 -4.29 3.86 -16.58
CA LYS A 71 -5.24 3.75 -17.68
C LYS A 71 -4.65 4.29 -18.98
N GLU A 72 -3.54 5.01 -18.86
CA GLU A 72 -2.79 5.48 -20.03
C GLU A 72 -1.80 4.42 -20.49
N ARG A 73 -1.94 3.21 -19.92
CA ARG A 73 -1.17 2.04 -20.35
C ARG A 73 0.31 2.22 -20.02
N ASN A 74 0.60 3.12 -19.09
CA ASN A 74 1.96 3.31 -18.63
C ASN A 74 2.13 2.66 -17.26
N ARG A 75 3.16 1.87 -17.12
CA ARG A 75 3.35 1.06 -15.92
C ARG A 75 4.42 1.65 -15.02
N TYR A 76 4.28 1.38 -13.73
CA TYR A 76 5.24 1.84 -12.72
C TYR A 76 5.49 0.71 -11.73
N CYS A 77 6.72 0.62 -11.25
CA CYS A 77 7.03 -0.26 -10.15
C CYS A 77 7.14 0.57 -8.87
N LEU A 78 6.30 0.26 -7.89
CA LEU A 78 6.26 1.04 -6.67
C LEU A 78 6.94 0.32 -5.52
N GLU A 79 7.87 1.01 -4.89
CA GLU A 79 8.51 0.51 -3.69
C GLU A 79 7.76 1.06 -2.48
N LEU A 80 6.84 0.27 -1.98
CA LEU A 80 6.01 0.67 -0.85
C LEU A 80 6.72 0.37 0.47
N THR A 81 6.98 1.42 1.23
CA THR A 81 7.60 1.29 2.53
C THR A 81 6.90 2.22 3.51
N GLU A 82 7.36 2.25 4.75
CA GLU A 82 6.78 3.13 5.75
C GLU A 82 7.28 4.56 5.54
N ALA A 83 8.07 4.76 4.50
CA ALA A 83 8.59 6.07 4.16
C ALA A 83 7.80 6.67 2.99
N GLY A 84 6.83 5.93 2.51
CA GLY A 84 5.99 6.41 1.41
C GLY A 84 6.10 5.53 0.19
N LEU A 85 5.43 5.94 -0.89
CA LEU A 85 5.48 5.20 -2.15
C LEU A 85 6.44 5.87 -3.11
N LYS A 86 7.55 5.21 -3.37
CA LYS A 86 8.55 5.73 -4.30
C LYS A 86 8.65 4.82 -5.52
N VAL A 87 8.55 5.39 -6.71
CA VAL A 87 8.63 4.63 -7.95
C VAL A 87 10.08 4.21 -8.21
N VAL A 88 10.28 2.97 -8.61
CA VAL A 88 11.61 2.45 -8.86
C VAL A 88 11.78 1.99 -10.31
N GLY A 89 10.72 2.11 -11.09
CA GLY A 89 10.79 1.71 -12.47
C GLY A 89 9.56 2.07 -13.25
N TYR A 90 9.69 2.17 -14.57
CA TYR A 90 8.58 2.49 -15.45
C TYR A 90 8.31 1.33 -16.41
N ALA A 91 8.76 0.16 -15.99
CA ALA A 91 8.52 -1.07 -16.72
C ALA A 91 7.93 -2.11 -15.77
N PHE A 92 7.86 -3.36 -16.20
CA PHE A 92 7.39 -4.43 -15.34
C PHE A 92 8.56 -5.09 -14.63
N ASP A 93 8.48 -5.15 -13.29
CA ASP A 93 9.53 -5.75 -12.47
C ASP A 93 10.86 -5.04 -12.68
N GLN A 94 10.86 -3.73 -12.52
CA GLN A 94 12.06 -2.93 -12.73
C GLN A 94 12.36 -2.10 -11.48
N VAL A 95 13.56 -2.26 -10.94
CA VAL A 95 13.98 -1.49 -9.77
C VAL A 95 15.33 -0.85 -10.01
N ASP A 96 15.32 0.46 -10.17
CA ASP A 96 16.55 1.24 -10.31
C ASP A 96 16.81 1.99 -9.01
N ASP A 97 18.02 1.81 -8.47
CA ASP A 97 18.37 2.39 -7.17
C ASP A 97 18.95 3.79 -7.33
N HIS A 98 19.27 4.16 -8.56
CA HIS A 98 19.78 5.48 -8.86
C HIS A 98 18.64 6.49 -8.90
N LEU A 99 17.46 6.01 -9.31
CA LEU A 99 16.27 6.84 -9.36
C LEU A 99 15.98 7.52 -8.03
N GLN A 100 15.94 8.83 -8.05
CA GLN A 100 15.55 9.59 -6.88
C GLN A 100 14.22 10.27 -7.18
N THR A 101 13.15 9.55 -6.93
CA THR A 101 11.81 10.04 -7.21
C THR A 101 11.10 10.40 -5.91
N PRO A 102 10.20 11.39 -5.96
CA PRO A 102 9.46 11.82 -4.78
C PRO A 102 8.51 10.75 -4.25
N TYR A 103 8.81 10.28 -3.06
CA TYR A 103 7.96 9.31 -2.40
C TYR A 103 6.72 10.02 -1.86
N HIS A 104 5.58 9.62 -2.36
CA HIS A 104 4.34 10.33 -2.05
C HIS A 104 3.69 9.79 -0.80
N GLU A 105 2.93 10.68 -0.15
CA GLU A 105 2.21 10.39 1.08
C GLU A 105 1.40 9.10 0.97
N THR A 106 0.45 9.10 0.05
CA THR A 106 -0.46 7.98 -0.09
C THR A 106 -0.55 7.53 -1.54
N VAL A 107 -1.12 6.36 -1.75
CA VAL A 107 -1.32 5.84 -3.11
C VAL A 107 -2.33 6.71 -3.85
N TYR A 108 -3.23 7.32 -3.09
CA TYR A 108 -4.25 8.19 -3.66
C TYR A 108 -3.62 9.43 -4.26
N SER A 109 -2.76 10.09 -3.49
CA SER A 109 -2.07 11.29 -3.94
C SER A 109 -1.05 10.95 -5.04
N LEU A 110 -0.40 9.80 -4.90
CA LEU A 110 0.58 9.35 -5.88
C LEU A 110 -0.09 9.03 -7.22
N LEU A 111 -1.12 8.22 -7.18
CA LEU A 111 -1.80 7.79 -8.40
C LEU A 111 -2.45 8.98 -9.08
N ASP A 112 -2.77 9.99 -8.30
CA ASP A 112 -3.40 11.21 -8.82
C ASP A 112 -2.41 12.00 -9.69
N THR A 113 -1.13 11.87 -9.38
CA THR A 113 -0.09 12.59 -10.11
C THR A 113 0.36 11.80 -11.34
N LEU A 114 -0.05 10.55 -11.42
CA LEU A 114 0.44 9.66 -12.47
C LEU A 114 -0.68 9.24 -13.42
N SER A 115 -1.91 9.22 -12.94
CA SER A 115 -3.04 8.80 -13.74
C SER A 115 -4.09 9.92 -13.80
N PRO A 116 -4.17 10.63 -14.93
CA PRO A 116 -5.18 11.67 -15.18
C PRO A 116 -6.55 11.08 -15.45
N ALA A 117 -6.73 9.83 -15.05
CA ALA A 117 -8.03 9.18 -15.10
C ALA A 117 -8.47 8.78 -13.70
N TYR A 118 -7.60 9.08 -12.72
CA TYR A 118 -7.87 8.77 -11.33
C TYR A 118 -9.07 9.55 -10.81
N ARG A 119 -9.08 10.84 -11.09
CA ARG A 119 -10.15 11.73 -10.65
C ARG A 119 -11.46 11.30 -11.29
N GLU A 120 -11.39 11.09 -12.59
CA GLU A 120 -12.54 10.66 -13.39
C GLU A 120 -13.09 9.34 -12.88
N ALA A 121 -12.21 8.38 -12.64
CA ALA A 121 -12.61 7.06 -12.16
C ALA A 121 -13.21 7.16 -10.75
N PHE A 122 -12.61 7.98 -9.91
CA PHE A 122 -13.09 8.17 -8.55
C PHE A 122 -14.50 8.76 -8.57
N GLY A 123 -14.69 9.79 -9.38
CA GLY A 123 -16.00 10.40 -9.52
C GLY A 123 -17.00 9.43 -10.11
N ASN A 124 -16.54 8.59 -11.02
CA ASN A 124 -17.38 7.59 -11.65
C ASN A 124 -17.87 6.56 -10.64
N ALA A 125 -17.00 6.18 -9.71
CA ALA A 125 -17.38 5.25 -8.67
C ALA A 125 -18.51 5.80 -7.81
N LEU A 126 -18.45 7.11 -7.56
CA LEU A 126 -19.48 7.78 -6.77
C LEU A 126 -20.83 7.74 -7.48
N LEU A 127 -20.85 8.09 -8.76
CA LEU A 127 -22.08 8.10 -9.53
C LEU A 127 -22.53 6.68 -9.86
N GLN A 128 -21.62 5.72 -9.74
CA GLN A 128 -21.93 4.32 -9.97
C GLN A 128 -22.69 3.76 -8.77
N ARG A 129 -22.24 4.09 -7.56
CA ARG A 129 -22.91 3.63 -6.35
C ARG A 129 -24.25 4.34 -6.20
N LEU A 130 -24.42 5.42 -6.96
CA LEU A 130 -25.67 6.16 -6.96
C LEU A 130 -26.78 5.31 -7.56
N GLU A 131 -26.41 4.31 -8.35
CA GLU A 131 -27.36 3.34 -8.87
C GLU A 131 -27.63 2.27 -7.83
N ALA A 132 -26.59 1.92 -7.08
CA ALA A 132 -26.71 0.94 -6.01
C ALA A 132 -27.65 1.44 -4.94
N LEU A 133 -27.63 2.74 -4.68
CA LEU A 133 -28.51 3.37 -3.70
C LEU A 133 -29.97 3.21 -4.13
N LYS A 134 -30.23 3.39 -5.42
CA LYS A 134 -31.58 3.22 -5.97
C LYS A 134 -32.06 1.79 -5.77
N ARG A 135 -31.13 0.85 -5.88
CA ARG A 135 -31.44 -0.56 -5.82
C ARG A 135 -31.51 -1.05 -4.38
N ASP A 136 -31.17 -0.18 -3.45
CA ASP A 136 -31.20 -0.54 -2.03
C ASP A 136 -32.52 -0.12 -1.43
N GLY A 137 -33.06 -0.94 -0.52
CA GLY A 137 -34.34 -0.66 0.08
C GLY A 137 -34.34 0.65 0.84
N GLN A 138 -33.57 0.71 1.91
CA GLN A 138 -33.47 1.91 2.74
C GLN A 138 -32.05 2.11 3.24
N SER A 139 -31.32 2.98 2.57
CA SER A 139 -29.95 3.29 2.96
C SER A 139 -29.93 4.64 3.67
N MET A 1 39.62 -5.97 8.86
CA MET A 1 39.21 -6.00 10.29
C MET A 1 39.08 -4.59 10.85
N GLU A 2 39.61 -3.61 10.11
CA GLU A 2 39.58 -2.20 10.50
C GLU A 2 40.45 -1.95 11.74
N THR A 3 40.96 -0.73 11.86
CA THR A 3 41.81 -0.37 12.96
C THR A 3 41.21 0.79 13.76
N ASP A 4 39.99 1.16 13.41
CA ASP A 4 39.32 2.28 14.05
C ASP A 4 38.08 1.82 14.80
N CYS A 5 37.77 2.49 15.89
CA CYS A 5 36.55 2.26 16.64
C CYS A 5 36.03 3.58 17.19
N ASN A 6 35.54 4.42 16.26
CA ASN A 6 35.04 5.75 16.56
C ASN A 6 36.18 6.67 17.02
N PRO A 7 36.72 7.45 16.07
CA PRO A 7 37.90 8.29 16.32
C PRO A 7 37.59 9.56 17.13
N MET A 8 37.05 10.58 16.46
CA MET A 8 36.81 11.87 17.10
C MET A 8 35.32 12.18 17.17
N GLU A 9 34.98 13.21 17.92
CA GLU A 9 33.59 13.61 18.07
C GLU A 9 33.16 14.48 16.90
N LEU A 10 32.10 14.06 16.24
CA LEU A 10 31.57 14.82 15.11
C LEU A 10 30.87 16.08 15.62
N SER A 11 30.44 16.93 14.70
CA SER A 11 29.78 18.19 15.06
C SER A 11 28.46 17.93 15.80
N SER A 12 28.00 16.68 15.73
CA SER A 12 26.86 16.24 16.50
C SER A 12 27.10 14.79 16.90
N MET A 13 26.54 14.37 18.03
CA MET A 13 26.81 13.03 18.55
C MET A 13 26.18 11.95 17.68
N SER A 14 27.04 11.21 16.98
CA SER A 14 26.61 10.22 15.98
C SER A 14 25.99 10.93 14.78
N GLY A 15 26.27 12.22 14.64
CA GLY A 15 25.65 13.01 13.62
C GLY A 15 24.23 13.35 13.99
N PHE A 16 23.51 14.01 13.10
CA PHE A 16 22.12 14.30 13.36
C PHE A 16 21.29 13.06 13.06
N GLU A 17 21.01 12.29 14.12
CA GLU A 17 20.30 11.02 14.00
C GLU A 17 19.02 11.19 13.20
N GLU A 18 18.16 12.09 13.67
CA GLU A 18 16.95 12.44 12.96
C GLU A 18 16.33 13.68 13.58
N GLY A 19 15.66 14.49 12.77
CA GLY A 19 15.11 15.74 13.25
C GLY A 19 13.60 15.75 13.25
N SER A 20 13.00 14.59 13.53
CA SER A 20 11.55 14.50 13.62
C SER A 20 11.03 15.25 14.84
N GLU A 21 11.83 15.23 15.92
CA GLU A 21 11.47 15.89 17.17
C GLU A 21 10.10 15.42 17.68
N LEU A 22 9.86 14.13 17.55
CA LEU A 22 8.59 13.55 17.98
C LEU A 22 8.58 13.36 19.49
N ASN A 23 7.56 13.91 20.14
CA ASN A 23 7.40 13.75 21.58
C ASN A 23 6.88 12.36 21.90
N GLY A 24 7.81 11.45 22.18
CA GLY A 24 7.44 10.08 22.47
C GLY A 24 7.66 9.18 21.28
N PHE A 25 8.85 8.58 21.21
CA PHE A 25 9.19 7.69 20.12
C PHE A 25 8.72 6.27 20.41
N GLU A 26 7.67 5.85 19.74
CA GLU A 26 7.15 4.50 19.90
C GLU A 26 7.79 3.58 18.86
N GLY A 27 7.49 3.81 17.59
CA GLY A 27 8.17 3.11 16.52
C GLY A 27 7.50 1.80 16.14
N THR A 28 7.17 0.99 17.13
CA THR A 28 6.63 -0.34 16.87
C THR A 28 5.13 -0.29 16.55
N ASP A 29 4.81 0.15 15.34
CA ASP A 29 3.44 0.06 14.85
C ASP A 29 3.19 -1.34 14.35
N MET A 30 4.10 -1.79 13.49
CA MET A 30 4.09 -3.15 12.95
C MET A 30 2.79 -3.47 12.22
N LYS A 31 2.76 -3.18 10.94
CA LYS A 31 1.65 -3.53 10.09
C LYS A 31 2.20 -4.22 8.86
N ASP A 32 1.53 -5.27 8.40
CA ASP A 32 2.05 -6.01 7.25
C ASP A 32 2.01 -5.14 6.01
N MET A 33 3.19 -4.81 5.49
CA MET A 33 3.30 -3.97 4.31
C MET A 33 2.64 -4.66 3.12
N ARG A 34 2.73 -5.98 3.11
CA ARG A 34 2.10 -6.78 2.06
C ARG A 34 0.57 -6.70 2.19
N LEU A 35 0.12 -6.54 3.43
CA LEU A 35 -1.30 -6.42 3.72
C LEU A 35 -1.87 -5.12 3.15
N GLU A 36 -1.27 -4.01 3.57
CA GLU A 36 -1.69 -2.69 3.10
C GLU A 36 -1.56 -2.61 1.58
N ALA A 37 -0.57 -3.31 1.05
CA ALA A 37 -0.34 -3.34 -0.39
C ALA A 37 -1.52 -3.94 -1.12
N GLU A 38 -1.99 -5.09 -0.65
CA GLU A 38 -3.13 -5.76 -1.25
C GLU A 38 -4.38 -4.91 -1.14
N ALA A 39 -4.50 -4.22 -0.01
CA ALA A 39 -5.61 -3.30 0.22
C ALA A 39 -5.58 -2.17 -0.81
N VAL A 40 -4.40 -1.58 -1.00
CA VAL A 40 -4.22 -0.52 -1.98
C VAL A 40 -4.56 -1.00 -3.39
N VAL A 41 -4.00 -2.15 -3.77
CA VAL A 41 -4.23 -2.72 -5.09
C VAL A 41 -5.72 -2.91 -5.37
N ASN A 42 -6.43 -3.50 -4.41
CA ASN A 42 -7.86 -3.75 -4.56
C ASN A 42 -8.64 -2.44 -4.61
N ASP A 43 -8.20 -1.46 -3.83
CA ASP A 43 -8.94 -0.21 -3.66
C ASP A 43 -8.94 0.61 -4.95
N VAL A 44 -7.77 0.79 -5.55
CA VAL A 44 -7.64 1.65 -6.73
C VAL A 44 -7.51 0.82 -8.01
N LEU A 45 -7.87 -0.46 -7.92
CA LEU A 45 -7.77 -1.38 -9.06
C LEU A 45 -8.56 -0.87 -10.26
N PHE A 46 -9.70 -0.24 -10.00
CA PHE A 46 -10.58 0.23 -11.07
C PHE A 46 -10.03 1.50 -11.72
N ALA A 47 -9.01 2.09 -11.12
CA ALA A 47 -8.45 3.34 -11.61
C ALA A 47 -7.37 3.10 -12.65
N VAL A 48 -6.90 1.87 -12.74
CA VAL A 48 -5.87 1.52 -13.71
C VAL A 48 -6.31 0.32 -14.54
N ASN A 49 -5.42 -0.20 -15.37
CA ASN A 49 -5.72 -1.38 -16.17
C ASN A 49 -5.49 -2.64 -15.34
N ASN A 50 -4.29 -2.77 -14.80
CA ASN A 50 -3.92 -3.92 -14.01
C ASN A 50 -3.05 -3.48 -12.84
N MET A 51 -3.12 -4.21 -11.75
CA MET A 51 -2.33 -3.90 -10.57
C MET A 51 -2.17 -5.17 -9.73
N PHE A 52 -0.95 -5.44 -9.30
CA PHE A 52 -0.65 -6.64 -8.54
C PHE A 52 0.57 -6.41 -7.65
N VAL A 53 0.59 -7.04 -6.48
CA VAL A 53 1.73 -6.91 -5.57
C VAL A 53 2.97 -7.60 -6.14
N SER A 54 4.04 -7.66 -5.35
CA SER A 54 5.31 -8.22 -5.81
C SER A 54 5.14 -9.58 -6.45
N LYS A 55 5.36 -9.63 -7.74
CA LYS A 55 5.34 -10.89 -8.48
C LYS A 55 6.69 -11.59 -8.35
N SER A 56 7.72 -10.83 -8.03
CA SER A 56 9.08 -11.37 -8.01
C SER A 56 9.95 -10.69 -6.94
N LEU A 57 9.35 -9.79 -6.18
CA LEU A 57 10.08 -8.99 -5.22
C LEU A 57 9.92 -9.60 -3.83
N ARG A 58 10.07 -8.75 -2.85
CA ARG A 58 9.86 -9.12 -1.47
C ARG A 58 8.77 -8.24 -0.89
N CYS A 59 7.96 -8.79 -0.01
CA CYS A 59 6.92 -8.03 0.63
C CYS A 59 6.41 -8.75 1.85
N ALA A 60 6.44 -8.06 2.97
CA ALA A 60 5.96 -8.65 4.21
C ALA A 60 5.72 -7.58 5.27
N ASP A 61 6.77 -6.88 5.61
CA ASP A 61 6.80 -6.13 6.87
C ASP A 61 7.07 -4.65 6.62
N ASP A 62 8.29 -4.35 6.20
CA ASP A 62 8.72 -2.97 6.05
C ASP A 62 8.65 -2.56 4.58
N VAL A 63 8.66 -3.54 3.70
CA VAL A 63 8.72 -3.28 2.28
C VAL A 63 7.75 -4.17 1.50
N ALA A 64 7.20 -3.62 0.41
CA ALA A 64 6.34 -4.36 -0.50
C ALA A 64 6.32 -3.68 -1.86
N TYR A 65 6.81 -4.35 -2.89
CA TYR A 65 6.77 -3.78 -4.23
C TYR A 65 5.44 -4.09 -4.89
N ILE A 66 4.97 -3.17 -5.71
CA ILE A 66 3.71 -3.34 -6.42
C ILE A 66 3.86 -2.98 -7.89
N ASN A 67 3.46 -3.90 -8.74
CA ASN A 67 3.51 -3.70 -10.19
C ASN A 67 2.19 -3.10 -10.65
N VAL A 68 2.21 -1.85 -11.06
CA VAL A 68 0.99 -1.16 -11.46
C VAL A 68 1.02 -0.79 -12.94
N GLU A 69 -0.12 -0.98 -13.60
CA GLU A 69 -0.28 -0.60 -14.99
C GLU A 69 -1.46 0.36 -15.13
N THR A 70 -1.15 1.63 -15.33
CA THR A 70 -2.16 2.67 -15.41
C THR A 70 -3.07 2.47 -16.63
N LYS A 71 -4.21 3.18 -16.66
CA LYS A 71 -5.12 3.09 -17.79
C LYS A 71 -4.47 3.65 -19.05
N GLU A 72 -3.52 4.55 -18.85
CA GLU A 72 -2.73 5.11 -19.94
C GLU A 72 -1.73 4.08 -20.48
N ARG A 73 -1.77 2.87 -19.90
CA ARG A 73 -0.92 1.75 -20.31
C ARG A 73 0.52 1.96 -19.83
N ASN A 74 0.75 3.05 -19.11
CA ASN A 74 2.07 3.32 -18.54
C ASN A 74 2.26 2.43 -17.32
N ARG A 75 3.43 1.82 -17.22
CA ARG A 75 3.69 0.83 -16.19
C ARG A 75 4.72 1.33 -15.20
N TYR A 76 4.38 1.23 -13.92
CA TYR A 76 5.28 1.68 -12.86
C TYR A 76 5.64 0.54 -11.92
N CYS A 77 6.88 0.55 -11.46
CA CYS A 77 7.31 -0.36 -10.41
C CYS A 77 7.41 0.42 -9.12
N LEU A 78 6.49 0.14 -8.20
CA LEU A 78 6.40 0.93 -6.98
C LEU A 78 6.97 0.17 -5.80
N GLU A 79 7.81 0.85 -5.03
CA GLU A 79 8.34 0.33 -3.79
C GLU A 79 7.55 0.92 -2.64
N LEU A 80 6.63 0.14 -2.10
CA LEU A 80 5.81 0.58 -0.99
C LEU A 80 6.51 0.30 0.32
N THR A 81 6.85 1.35 1.04
CA THR A 81 7.44 1.24 2.35
C THR A 81 6.59 2.01 3.34
N GLU A 82 7.00 2.02 4.61
CA GLU A 82 6.25 2.76 5.63
C GLU A 82 6.43 4.27 5.40
N ALA A 83 7.43 4.61 4.59
CA ALA A 83 7.67 5.99 4.22
C ALA A 83 6.74 6.42 3.08
N GLY A 84 6.20 5.45 2.35
CA GLY A 84 5.31 5.75 1.26
C GLY A 84 5.60 4.93 0.02
N LEU A 85 4.98 5.32 -1.10
CA LEU A 85 5.15 4.63 -2.36
C LEU A 85 6.19 5.35 -3.20
N LYS A 86 7.24 4.63 -3.57
CA LYS A 86 8.36 5.22 -4.30
C LYS A 86 8.42 4.62 -5.71
N VAL A 87 8.74 5.44 -6.70
CA VAL A 87 8.90 4.95 -8.06
C VAL A 87 10.33 4.45 -8.26
N VAL A 88 10.50 3.14 -8.43
CA VAL A 88 11.84 2.57 -8.60
C VAL A 88 12.07 2.10 -10.02
N GLY A 89 11.06 2.23 -10.88
CA GLY A 89 11.22 1.81 -12.26
C GLY A 89 10.00 2.13 -13.11
N TYR A 90 10.23 2.26 -14.41
CA TYR A 90 9.15 2.50 -15.36
C TYR A 90 8.79 1.23 -16.11
N ALA A 91 9.10 0.10 -15.49
CA ALA A 91 8.76 -1.20 -16.06
C ALA A 91 8.56 -2.20 -14.93
N PHE A 92 7.97 -3.35 -15.24
CA PHE A 92 7.71 -4.37 -14.24
C PHE A 92 9.01 -5.00 -13.76
N ASP A 93 9.15 -5.14 -12.44
CA ASP A 93 10.28 -5.83 -11.83
C ASP A 93 11.58 -5.07 -12.08
N GLN A 94 11.46 -3.77 -12.24
CA GLN A 94 12.63 -2.93 -12.48
C GLN A 94 12.86 -2.02 -11.28
N VAL A 95 13.97 -2.24 -10.60
CA VAL A 95 14.38 -1.38 -9.51
C VAL A 95 15.72 -0.75 -9.86
N ASP A 96 15.67 0.49 -10.31
CA ASP A 96 16.86 1.21 -10.73
C ASP A 96 17.35 2.12 -9.61
N ASP A 97 18.62 1.99 -9.25
CA ASP A 97 19.17 2.72 -8.12
C ASP A 97 19.63 4.13 -8.52
N HIS A 98 19.36 4.51 -9.75
CA HIS A 98 19.73 5.85 -10.22
C HIS A 98 18.56 6.79 -10.03
N LEU A 99 17.36 6.21 -10.00
CA LEU A 99 16.15 6.97 -9.76
C LEU A 99 16.09 7.48 -8.33
N GLN A 100 15.91 8.78 -8.19
CA GLN A 100 15.74 9.40 -6.90
C GLN A 100 14.33 9.98 -6.82
N THR A 101 13.45 9.38 -7.61
CA THR A 101 12.07 9.82 -7.75
C THR A 101 11.36 9.92 -6.40
N PRO A 102 10.78 11.10 -6.10
CA PRO A 102 10.13 11.37 -4.83
C PRO A 102 8.94 10.45 -4.55
N TYR A 103 8.88 9.94 -3.34
CA TYR A 103 7.80 9.05 -2.94
C TYR A 103 6.63 9.85 -2.36
N HIS A 104 5.47 9.23 -2.35
CA HIS A 104 4.27 9.86 -1.80
C HIS A 104 3.68 8.96 -0.72
N GLU A 105 3.15 9.55 0.34
CA GLU A 105 2.67 8.78 1.48
C GLU A 105 1.52 7.85 1.10
N THR A 106 0.49 8.41 0.48
CA THR A 106 -0.68 7.63 0.13
C THR A 106 -0.73 7.36 -1.36
N VAL A 107 -1.35 6.24 -1.74
CA VAL A 107 -1.52 5.89 -3.15
C VAL A 107 -2.40 6.92 -3.85
N TYR A 108 -3.29 7.55 -3.09
CA TYR A 108 -4.18 8.57 -3.64
C TYR A 108 -3.38 9.76 -4.13
N SER A 109 -2.55 10.30 -3.24
CA SER A 109 -1.74 11.47 -3.58
C SER A 109 -0.60 11.11 -4.54
N LEU A 110 -0.48 9.83 -4.88
CA LEU A 110 0.49 9.39 -5.86
C LEU A 110 -0.15 9.25 -7.24
N LEU A 111 -1.16 8.39 -7.31
CA LEU A 111 -1.74 7.98 -8.58
C LEU A 111 -2.58 9.09 -9.20
N ASP A 112 -3.00 10.06 -8.38
CA ASP A 112 -3.90 11.13 -8.82
C ASP A 112 -3.04 12.18 -9.50
N THR A 113 -1.79 12.11 -9.15
CA THR A 113 -0.78 12.98 -9.65
C THR A 113 -0.20 12.43 -10.95
N LEU A 114 -0.43 11.14 -11.19
CA LEU A 114 0.16 10.46 -12.33
C LEU A 114 -0.84 10.33 -13.47
N SER A 115 -1.96 9.66 -13.21
CA SER A 115 -2.92 9.37 -14.26
C SER A 115 -4.13 10.29 -14.21
N PRO A 116 -4.45 10.93 -15.34
CA PRO A 116 -5.68 11.72 -15.48
C PRO A 116 -6.92 10.84 -15.40
N ALA A 117 -6.79 9.60 -15.90
CA ALA A 117 -7.90 8.65 -15.90
C ALA A 117 -8.22 8.19 -14.48
N TYR A 118 -7.26 8.35 -13.57
CA TYR A 118 -7.47 8.01 -12.17
C TYR A 118 -8.63 8.81 -11.60
N ARG A 119 -8.47 10.13 -11.57
CA ARG A 119 -9.47 11.01 -10.99
C ARG A 119 -10.75 11.01 -11.82
N GLU A 120 -10.63 10.61 -13.08
CA GLU A 120 -11.78 10.46 -13.95
C GLU A 120 -12.69 9.36 -13.42
N ALA A 121 -12.11 8.19 -13.14
CA ALA A 121 -12.86 7.06 -12.62
C ALA A 121 -13.12 7.22 -11.13
N PHE A 122 -12.21 7.88 -10.45
CA PHE A 122 -12.32 8.13 -9.02
C PHE A 122 -13.57 8.95 -8.72
N GLY A 123 -13.87 9.90 -9.59
CA GLY A 123 -15.06 10.73 -9.43
C GLY A 123 -16.33 9.90 -9.51
N ASN A 124 -16.30 8.85 -10.32
CA ASN A 124 -17.45 7.96 -10.48
C ASN A 124 -17.74 7.23 -9.17
N ALA A 125 -16.67 6.82 -8.49
CA ALA A 125 -16.80 6.13 -7.21
C ALA A 125 -17.32 7.09 -6.14
N LEU A 126 -16.94 8.35 -6.25
CA LEU A 126 -17.36 9.37 -5.30
C LEU A 126 -18.86 9.66 -5.40
N LEU A 127 -19.37 9.77 -6.62
CA LEU A 127 -20.79 10.02 -6.81
C LEU A 127 -21.60 8.80 -6.37
N GLN A 128 -21.04 7.62 -6.56
CA GLN A 128 -21.68 6.38 -6.11
C GLN A 128 -21.65 6.32 -4.59
N ARG A 129 -20.53 6.73 -4.02
CA ARG A 129 -20.35 6.81 -2.57
C ARG A 129 -21.41 7.73 -1.96
N LEU A 130 -21.68 8.84 -2.63
CA LEU A 130 -22.68 9.80 -2.16
C LEU A 130 -24.08 9.26 -2.38
N GLU A 131 -24.36 8.79 -3.60
CA GLU A 131 -25.70 8.34 -3.95
C GLU A 131 -26.13 7.15 -3.09
N ALA A 132 -25.17 6.30 -2.73
CA ALA A 132 -25.45 5.15 -1.87
C ALA A 132 -26.03 5.61 -0.54
N LEU A 133 -25.49 6.68 0.00
CA LEU A 133 -25.96 7.22 1.28
C LEU A 133 -27.22 8.05 1.11
N LYS A 134 -27.30 8.73 -0.03
CA LYS A 134 -28.46 9.57 -0.36
C LYS A 134 -29.73 8.71 -0.41
N ARG A 135 -29.61 7.52 -1.00
CA ARG A 135 -30.73 6.60 -1.10
C ARG A 135 -30.80 5.70 0.13
N ASP A 136 -29.67 5.09 0.46
CA ASP A 136 -29.56 4.12 1.56
C ASP A 136 -30.27 2.82 1.21
N GLY A 137 -31.58 2.89 1.08
CA GLY A 137 -32.37 1.74 0.71
C GLY A 137 -33.69 2.16 0.08
N GLN A 138 -34.75 2.13 0.87
CA GLN A 138 -36.05 2.61 0.42
C GLN A 138 -36.71 3.41 1.54
N SER A 139 -36.55 4.72 1.50
CA SER A 139 -37.09 5.58 2.53
C SER A 139 -38.47 6.07 2.14
N MET A 1 18.61 41.25 11.21
CA MET A 1 19.08 40.34 10.14
C MET A 1 19.90 39.20 10.71
N GLU A 2 21.00 39.56 11.37
CA GLU A 2 21.88 38.56 11.94
C GLU A 2 22.41 39.03 13.29
N THR A 3 22.54 38.11 14.22
CA THR A 3 23.03 38.40 15.56
C THR A 3 24.06 37.36 15.97
N ASP A 4 24.79 37.61 17.04
CA ASP A 4 25.77 36.65 17.55
C ASP A 4 25.08 35.35 17.95
N CYS A 5 23.97 35.47 18.68
CA CYS A 5 23.21 34.30 19.10
C CYS A 5 22.48 33.67 17.92
N ASN A 6 22.77 32.41 17.66
CA ASN A 6 22.11 31.68 16.59
C ASN A 6 20.99 30.84 17.18
N PRO A 7 19.73 31.20 16.89
CA PRO A 7 18.55 30.49 17.42
C PRO A 7 18.56 29.01 17.06
N MET A 8 18.16 28.18 18.01
CA MET A 8 18.11 26.75 17.80
C MET A 8 16.89 26.39 16.95
N GLU A 9 17.10 26.29 15.65
CA GLU A 9 16.02 25.94 14.73
C GLU A 9 16.22 24.53 14.19
N LEU A 10 17.43 24.23 13.71
CA LEU A 10 17.76 22.92 13.17
C LEU A 10 16.84 22.55 12.01
N SER A 11 16.38 21.30 11.99
CA SER A 11 15.51 20.82 10.92
C SER A 11 14.66 19.68 11.46
N SER A 12 14.01 18.93 10.56
CA SER A 12 13.15 17.82 10.95
C SER A 12 14.00 16.71 11.59
N MET A 13 15.30 16.72 11.31
CA MET A 13 16.24 15.76 11.88
C MET A 13 16.27 15.88 13.40
N SER A 14 15.53 14.99 14.07
CA SER A 14 15.45 15.02 15.52
C SER A 14 14.79 13.75 16.05
N GLY A 15 15.38 13.16 17.08
CA GLY A 15 14.78 12.02 17.73
C GLY A 15 14.51 12.31 19.18
N PHE A 16 14.18 13.58 19.46
CA PHE A 16 13.99 14.08 20.82
C PHE A 16 15.32 14.07 21.58
N GLU A 17 15.72 12.89 22.04
CA GLU A 17 17.00 12.65 22.71
C GLU A 17 16.96 11.27 23.36
N GLU A 18 15.81 10.93 23.92
CA GLU A 18 15.60 9.66 24.56
C GLU A 18 14.11 9.33 24.60
N GLY A 19 13.73 8.28 23.89
CA GLY A 19 12.34 7.92 23.81
C GLY A 19 11.77 8.21 22.44
N SER A 20 10.49 7.89 22.25
CA SER A 20 9.84 8.11 20.96
C SER A 20 8.68 9.09 21.13
N GLU A 21 7.77 8.76 22.05
CA GLU A 21 6.63 9.59 22.39
C GLU A 21 5.72 9.87 21.20
N LEU A 22 5.84 9.05 20.16
CA LEU A 22 4.97 9.15 19.01
C LEU A 22 3.76 8.24 19.21
N ASN A 23 2.63 8.85 19.50
CA ASN A 23 1.43 8.09 19.82
C ASN A 23 0.59 7.89 18.57
N GLY A 24 0.39 6.63 18.23
CA GLY A 24 -0.35 6.30 17.02
C GLY A 24 0.21 5.08 16.33
N PHE A 25 1.21 4.47 16.94
CA PHE A 25 1.84 3.29 16.39
C PHE A 25 1.69 2.10 17.34
N GLU A 26 1.47 2.40 18.62
CA GLU A 26 1.26 1.39 19.66
C GLU A 26 2.57 0.65 19.99
N GLY A 27 3.66 1.08 19.37
CA GLY A 27 4.96 0.52 19.69
C GLY A 27 5.28 -0.75 18.91
N THR A 28 4.28 -1.62 18.80
CA THR A 28 4.45 -2.89 18.11
C THR A 28 4.55 -2.70 16.60
N ASP A 29 5.69 -3.08 16.03
CA ASP A 29 5.86 -3.05 14.58
C ASP A 29 5.46 -4.40 13.99
N MET A 30 4.20 -4.49 13.59
CA MET A 30 3.65 -5.74 13.07
C MET A 30 2.92 -5.49 11.76
N LYS A 31 3.23 -4.36 11.14
CA LYS A 31 2.61 -3.99 9.88
C LYS A 31 3.27 -4.70 8.71
N ASP A 32 2.51 -5.56 8.03
CA ASP A 32 2.97 -6.20 6.83
C ASP A 32 2.63 -5.32 5.63
N MET A 33 3.64 -4.85 4.93
CA MET A 33 3.43 -3.94 3.81
C MET A 33 2.77 -4.70 2.65
N ARG A 34 2.96 -6.01 2.65
CA ARG A 34 2.31 -6.88 1.68
C ARG A 34 0.81 -6.96 1.97
N LEU A 35 0.47 -6.83 3.25
CA LEU A 35 -0.92 -6.78 3.69
C LEU A 35 -1.58 -5.48 3.19
N GLU A 36 -0.94 -4.37 3.50
CA GLU A 36 -1.40 -3.06 3.05
C GLU A 36 -1.47 -3.01 1.53
N ALA A 37 -0.62 -3.79 0.89
CA ALA A 37 -0.59 -3.87 -0.56
C ALA A 37 -1.88 -4.47 -1.09
N GLU A 38 -2.29 -5.59 -0.49
CA GLU A 38 -3.55 -6.24 -0.85
C GLU A 38 -4.72 -5.28 -0.75
N ALA A 39 -4.68 -4.41 0.25
CA ALA A 39 -5.72 -3.41 0.42
C ALA A 39 -5.69 -2.36 -0.69
N VAL A 40 -4.52 -1.75 -0.89
CA VAL A 40 -4.36 -0.67 -1.87
C VAL A 40 -4.69 -1.13 -3.29
N VAL A 41 -4.21 -2.32 -3.65
CA VAL A 41 -4.41 -2.85 -5.00
C VAL A 41 -5.87 -2.86 -5.41
N ASN A 42 -6.75 -3.32 -4.53
CA ASN A 42 -8.16 -3.47 -4.90
C ASN A 42 -8.95 -2.21 -4.54
N ASP A 43 -8.28 -1.22 -3.95
CA ASP A 43 -8.95 0.01 -3.54
C ASP A 43 -8.97 1.03 -4.66
N VAL A 44 -7.85 1.15 -5.38
CA VAL A 44 -7.74 2.16 -6.45
C VAL A 44 -7.58 1.52 -7.82
N LEU A 45 -7.85 0.22 -7.91
CA LEU A 45 -7.64 -0.54 -9.14
C LEU A 45 -8.42 0.05 -10.32
N PHE A 46 -9.63 0.53 -10.05
CA PHE A 46 -10.53 0.99 -11.12
C PHE A 46 -10.09 2.34 -11.71
N ALA A 47 -9.00 2.90 -11.20
CA ALA A 47 -8.48 4.14 -11.75
C ALA A 47 -7.45 3.83 -12.84
N VAL A 48 -6.94 2.61 -12.83
CA VAL A 48 -5.97 2.16 -13.81
C VAL A 48 -6.48 0.89 -14.49
N ASN A 49 -5.62 0.22 -15.22
CA ASN A 49 -6.01 -1.03 -15.85
C ASN A 49 -5.93 -2.19 -14.86
N ASN A 50 -4.77 -2.37 -14.23
CA ASN A 50 -4.59 -3.49 -13.31
C ASN A 50 -3.37 -3.27 -12.42
N MET A 51 -3.37 -3.89 -11.24
CA MET A 51 -2.27 -3.79 -10.30
C MET A 51 -1.94 -5.18 -9.75
N PHE A 52 -0.66 -5.46 -9.55
CA PHE A 52 -0.23 -6.77 -9.07
C PHE A 52 1.11 -6.65 -8.35
N VAL A 53 1.26 -7.34 -7.23
CA VAL A 53 2.49 -7.28 -6.44
C VAL A 53 3.68 -7.87 -7.22
N SER A 54 4.82 -7.20 -7.13
CA SER A 54 6.02 -7.64 -7.83
C SER A 54 6.60 -8.88 -7.16
N LYS A 55 6.55 -10.00 -7.87
CA LYS A 55 6.95 -11.28 -7.32
C LYS A 55 8.46 -11.50 -7.50
N SER A 56 9.08 -10.67 -8.33
CA SER A 56 10.46 -10.92 -8.74
C SER A 56 11.43 -10.25 -7.79
N LEU A 57 10.90 -9.64 -6.75
CA LEU A 57 11.72 -8.89 -5.82
C LEU A 57 11.62 -9.44 -4.40
N ARG A 58 10.82 -8.78 -3.57
CA ARG A 58 10.76 -9.10 -2.16
C ARG A 58 9.56 -8.44 -1.50
N CYS A 59 9.16 -9.00 -0.37
CA CYS A 59 8.13 -8.43 0.48
C CYS A 59 8.28 -9.00 1.88
N ALA A 60 9.31 -8.54 2.58
CA ALA A 60 9.70 -9.12 3.84
C ALA A 60 8.86 -8.61 4.99
N ASP A 61 8.81 -7.28 5.13
CA ASP A 61 8.12 -6.68 6.26
C ASP A 61 7.57 -5.30 5.90
N ASP A 62 8.44 -4.31 5.85
CA ASP A 62 8.04 -2.93 5.59
C ASP A 62 8.14 -2.60 4.11
N VAL A 63 8.86 -3.42 3.35
CA VAL A 63 9.03 -3.17 1.93
C VAL A 63 8.18 -4.14 1.10
N ALA A 64 7.41 -3.57 0.17
CA ALA A 64 6.63 -4.37 -0.77
C ALA A 64 6.55 -3.64 -2.10
N TYR A 65 6.97 -4.29 -3.17
CA TYR A 65 6.95 -3.66 -4.48
C TYR A 65 5.66 -4.01 -5.20
N ILE A 66 5.00 -2.98 -5.72
CA ILE A 66 3.73 -3.16 -6.40
C ILE A 66 3.82 -2.70 -7.85
N ASN A 67 3.38 -3.55 -8.75
CA ASN A 67 3.28 -3.21 -10.15
C ASN A 67 1.92 -2.57 -10.41
N VAL A 68 1.92 -1.42 -11.04
CA VAL A 68 0.68 -0.75 -11.37
C VAL A 68 0.67 -0.38 -12.85
N GLU A 69 -0.31 -0.90 -13.56
CA GLU A 69 -0.45 -0.62 -14.97
C GLU A 69 -1.56 0.40 -15.18
N THR A 70 -1.18 1.60 -15.60
CA THR A 70 -2.14 2.67 -15.81
C THR A 70 -3.00 2.37 -17.04
N LYS A 71 -3.93 3.27 -17.33
CA LYS A 71 -4.75 3.14 -18.53
C LYS A 71 -3.90 3.27 -19.79
N GLU A 72 -2.65 3.70 -19.60
CA GLU A 72 -1.69 3.81 -20.68
C GLU A 72 -1.19 2.43 -21.10
N ARG A 73 -1.44 1.45 -20.23
CA ARG A 73 -0.93 0.08 -20.41
C ARG A 73 0.58 0.04 -20.20
N ASN A 74 1.10 1.09 -19.58
CA ASN A 74 2.48 1.13 -19.19
C ASN A 74 2.56 0.76 -17.71
N ARG A 75 3.50 -0.09 -17.36
CA ARG A 75 3.58 -0.61 -16.00
C ARG A 75 4.58 0.19 -15.20
N TYR A 76 4.28 0.44 -13.94
CA TYR A 76 5.17 1.15 -13.05
C TYR A 76 5.39 0.35 -11.79
N CYS A 77 6.61 0.37 -11.27
CA CYS A 77 6.92 -0.35 -10.05
C CYS A 77 7.03 0.62 -8.87
N LEU A 78 6.20 0.42 -7.87
CA LEU A 78 6.18 1.25 -6.70
C LEU A 78 6.75 0.51 -5.50
N GLU A 79 7.66 1.17 -4.81
CA GLU A 79 8.24 0.64 -3.60
C GLU A 79 7.44 1.14 -2.40
N LEU A 80 6.53 0.32 -1.93
CA LEU A 80 5.68 0.68 -0.81
C LEU A 80 6.40 0.40 0.50
N THR A 81 6.57 1.45 1.29
CA THR A 81 7.26 1.34 2.57
C THR A 81 6.60 2.24 3.61
N GLU A 82 7.12 2.20 4.84
CA GLU A 82 6.65 3.05 5.92
C GLU A 82 6.73 4.54 5.54
N ALA A 83 7.72 4.88 4.73
CA ALA A 83 7.93 6.26 4.32
C ALA A 83 6.99 6.67 3.19
N GLY A 84 6.24 5.70 2.66
CA GLY A 84 5.30 5.99 1.60
C GLY A 84 5.58 5.21 0.33
N LEU A 85 5.03 5.68 -0.79
CA LEU A 85 5.20 5.02 -2.06
C LEU A 85 6.25 5.72 -2.92
N LYS A 86 7.22 4.95 -3.39
CA LYS A 86 8.31 5.49 -4.20
C LYS A 86 8.26 4.87 -5.60
N VAL A 87 8.67 5.63 -6.62
CA VAL A 87 8.74 5.10 -7.96
C VAL A 87 10.14 4.54 -8.21
N VAL A 88 10.23 3.23 -8.42
CA VAL A 88 11.53 2.58 -8.56
C VAL A 88 11.71 1.94 -9.93
N GLY A 89 10.80 2.20 -10.84
CA GLY A 89 10.93 1.65 -12.17
C GLY A 89 9.66 1.78 -12.98
N TYR A 90 9.78 1.69 -14.30
CA TYR A 90 8.63 1.81 -15.18
C TYR A 90 8.50 0.61 -16.10
N ALA A 91 8.29 -0.55 -15.49
CA ALA A 91 7.99 -1.77 -16.22
C ALA A 91 7.33 -2.76 -15.27
N PHE A 92 7.17 -4.00 -15.70
CA PHE A 92 6.57 -5.01 -14.86
C PHE A 92 7.65 -5.81 -14.16
N ASP A 93 7.83 -5.57 -12.86
CA ASP A 93 8.87 -6.21 -12.05
C ASP A 93 10.25 -5.75 -12.50
N GLN A 94 10.39 -4.44 -12.72
CA GLN A 94 11.67 -3.85 -13.10
C GLN A 94 12.00 -2.68 -12.20
N VAL A 95 13.23 -2.64 -11.72
CA VAL A 95 13.65 -1.59 -10.81
C VAL A 95 14.87 -0.85 -11.34
N ASP A 96 14.64 0.33 -11.88
CA ASP A 96 15.69 1.16 -12.43
C ASP A 96 16.40 1.93 -11.32
N ASP A 97 17.61 2.37 -11.59
CA ASP A 97 18.45 2.96 -10.56
C ASP A 97 18.50 4.48 -10.61
N HIS A 98 18.38 5.04 -11.81
CA HIS A 98 18.62 6.47 -12.01
C HIS A 98 17.40 7.30 -11.66
N LEU A 99 16.30 6.65 -11.30
CA LEU A 99 15.12 7.37 -10.88
C LEU A 99 15.27 7.84 -9.44
N GLN A 100 15.56 9.11 -9.29
CA GLN A 100 15.69 9.70 -7.96
C GLN A 100 14.47 10.54 -7.65
N THR A 101 13.46 9.88 -7.11
CA THR A 101 12.23 10.56 -6.73
C THR A 101 11.89 10.26 -5.27
N PRO A 102 11.38 11.26 -4.54
CA PRO A 102 10.93 11.08 -3.17
C PRO A 102 9.65 10.25 -3.09
N TYR A 103 9.29 9.84 -1.89
CA TYR A 103 8.12 9.01 -1.68
C TYR A 103 6.90 9.88 -1.37
N HIS A 104 5.72 9.35 -1.70
CA HIS A 104 4.48 10.06 -1.43
C HIS A 104 3.68 9.31 -0.37
N GLU A 105 3.04 10.05 0.52
CA GLU A 105 2.32 9.46 1.65
C GLU A 105 1.17 8.58 1.18
N THR A 106 0.20 9.15 0.48
CA THR A 106 -0.96 8.41 0.06
C THR A 106 -0.86 8.00 -1.41
N VAL A 107 -1.32 6.79 -1.70
CA VAL A 107 -1.36 6.29 -3.07
C VAL A 107 -2.30 7.15 -3.93
N TYR A 108 -3.26 7.78 -3.26
CA TYR A 108 -4.24 8.62 -3.94
C TYR A 108 -3.53 9.80 -4.61
N SER A 109 -2.76 10.54 -3.82
CA SER A 109 -2.02 11.68 -4.33
C SER A 109 -1.02 11.24 -5.40
N LEU A 110 -0.40 10.09 -5.17
CA LEU A 110 0.61 9.57 -6.08
C LEU A 110 0.04 9.26 -7.45
N LEU A 111 -0.99 8.41 -7.49
CA LEU A 111 -1.55 7.94 -8.75
C LEU A 111 -2.27 9.07 -9.49
N ASP A 112 -2.73 10.06 -8.74
CA ASP A 112 -3.51 11.16 -9.31
C ASP A 112 -2.55 12.15 -9.93
N THR A 113 -1.39 12.20 -9.31
CA THR A 113 -0.26 12.92 -9.83
C THR A 113 0.24 12.29 -11.13
N LEU A 114 0.02 10.98 -11.26
CA LEU A 114 0.50 10.25 -12.44
C LEU A 114 -0.51 10.35 -13.57
N SER A 115 -1.69 9.80 -13.34
CA SER A 115 -2.71 9.74 -14.38
C SER A 115 -3.91 10.62 -14.04
N PRO A 116 -4.09 11.73 -14.77
CA PRO A 116 -5.24 12.62 -14.61
C PRO A 116 -6.57 11.90 -14.90
N ALA A 117 -6.48 10.73 -15.53
CA ALA A 117 -7.64 9.89 -15.79
C ALA A 117 -8.25 9.38 -14.49
N TYR A 118 -7.50 9.56 -13.40
CA TYR A 118 -7.94 9.21 -12.06
C TYR A 118 -9.26 9.90 -11.72
N ARG A 119 -9.31 11.20 -11.97
CA ARG A 119 -10.48 12.02 -11.68
C ARG A 119 -11.68 11.57 -12.50
N GLU A 120 -11.42 11.26 -13.77
CA GLU A 120 -12.47 10.91 -14.72
C GLU A 120 -13.10 9.57 -14.38
N ALA A 121 -12.26 8.62 -13.97
CA ALA A 121 -12.74 7.28 -13.63
C ALA A 121 -13.51 7.30 -12.32
N PHE A 122 -12.93 7.95 -11.32
CA PHE A 122 -13.51 8.00 -9.99
C PHE A 122 -14.87 8.71 -10.02
N GLY A 123 -14.96 9.75 -10.84
CA GLY A 123 -16.19 10.52 -10.95
C GLY A 123 -17.35 9.70 -11.45
N ASN A 124 -17.13 8.95 -12.52
CA ASN A 124 -18.20 8.17 -13.14
C ASN A 124 -18.66 7.02 -12.26
N ALA A 125 -17.79 6.56 -11.37
CA ALA A 125 -18.13 5.47 -10.48
C ALA A 125 -19.05 5.96 -9.37
N LEU A 126 -18.71 7.09 -8.75
CA LEU A 126 -19.55 7.68 -7.71
C LEU A 126 -20.77 8.33 -8.37
N LEU A 127 -20.71 8.45 -9.68
CA LEU A 127 -21.81 8.93 -10.47
C LEU A 127 -22.96 7.92 -10.45
N GLN A 128 -22.65 6.66 -10.76
CA GLN A 128 -23.67 5.62 -10.82
C GLN A 128 -24.03 5.15 -9.42
N ARG A 129 -23.16 5.45 -8.46
CA ARG A 129 -23.37 5.04 -7.08
C ARG A 129 -24.53 5.81 -6.46
N LEU A 130 -24.78 7.00 -7.00
CA LEU A 130 -25.87 7.84 -6.53
C LEU A 130 -27.22 7.15 -6.77
N GLU A 131 -27.32 6.47 -7.91
CA GLU A 131 -28.55 5.78 -8.27
C GLU A 131 -28.78 4.56 -7.37
N ALA A 132 -27.68 4.00 -6.86
CA ALA A 132 -27.76 2.81 -6.01
C ALA A 132 -28.54 3.11 -4.74
N LEU A 133 -28.30 4.27 -4.14
CA LEU A 133 -28.97 4.64 -2.89
C LEU A 133 -30.40 5.11 -3.16
N LYS A 134 -30.67 5.52 -4.39
CA LYS A 134 -32.03 5.92 -4.77
C LYS A 134 -32.89 4.69 -5.00
N ARG A 135 -32.39 3.78 -5.81
CA ARG A 135 -33.13 2.58 -6.19
C ARG A 135 -33.28 1.62 -5.03
N ASP A 136 -32.23 1.48 -4.23
CA ASP A 136 -32.28 0.61 -3.05
C ASP A 136 -32.67 1.41 -1.81
N GLY A 137 -33.15 2.63 -2.04
CA GLY A 137 -33.58 3.48 -0.94
C GLY A 137 -35.06 3.34 -0.65
N GLN A 138 -35.53 2.11 -0.64
CA GLN A 138 -36.94 1.84 -0.39
C GLN A 138 -37.16 1.60 1.10
N SER A 139 -38.08 2.34 1.69
CA SER A 139 -38.38 2.21 3.10
C SER A 139 -39.89 2.24 3.32
N MET A 1 34.92 4.99 18.73
CA MET A 1 36.10 4.71 17.87
C MET A 1 37.37 4.80 18.69
N GLU A 2 38.09 3.67 18.77
CA GLU A 2 39.26 3.57 19.62
C GLU A 2 39.96 2.24 19.35
N THR A 3 39.17 1.18 19.21
CA THR A 3 39.70 -0.17 18.96
C THR A 3 40.50 -0.67 20.16
N ASP A 4 39.82 -1.38 21.05
CA ASP A 4 40.46 -1.91 22.24
C ASP A 4 40.49 -3.43 22.15
N CYS A 5 41.01 -4.08 23.19
CA CYS A 5 41.11 -5.53 23.20
C CYS A 5 40.34 -6.12 24.38
N ASN A 6 40.01 -5.27 25.35
CA ASN A 6 39.29 -5.71 26.54
C ASN A 6 38.24 -4.69 26.93
N PRO A 7 36.95 -5.09 26.92
CA PRO A 7 35.82 -4.19 27.12
C PRO A 7 35.44 -4.01 28.58
N MET A 8 36.41 -4.10 29.49
CA MET A 8 36.14 -3.90 30.91
C MET A 8 37.37 -3.37 31.64
N GLU A 9 37.21 -3.11 32.92
CA GLU A 9 38.30 -2.60 33.75
C GLU A 9 38.36 -3.40 35.04
N LEU A 10 39.52 -3.36 35.70
CA LEU A 10 39.78 -4.14 36.91
C LEU A 10 39.01 -3.67 38.15
N SER A 11 37.87 -3.03 37.93
CA SER A 11 37.04 -2.56 39.04
C SER A 11 36.33 -3.74 39.71
N SER A 12 36.93 -4.20 40.81
CA SER A 12 36.40 -5.32 41.58
C SER A 12 36.43 -6.62 40.78
N MET A 13 35.35 -6.89 40.04
CA MET A 13 35.25 -8.12 39.25
C MET A 13 34.04 -8.05 38.32
N SER A 14 32.85 -8.12 38.89
CA SER A 14 31.63 -8.11 38.11
C SER A 14 30.69 -7.00 38.58
N GLY A 15 29.63 -6.78 37.81
CA GLY A 15 28.65 -5.77 38.17
C GLY A 15 28.82 -4.50 37.38
N PHE A 16 29.96 -4.37 36.72
CA PHE A 16 30.26 -3.19 35.93
C PHE A 16 30.93 -3.60 34.62
N GLU A 17 30.54 -4.78 34.13
CA GLU A 17 31.10 -5.34 32.92
C GLU A 17 30.14 -5.16 31.74
N GLU A 18 28.95 -4.66 32.06
CA GLU A 18 27.88 -4.48 31.08
C GLU A 18 27.45 -5.82 30.49
N GLY A 19 26.46 -6.43 31.11
CA GLY A 19 26.01 -7.74 30.67
C GLY A 19 24.94 -7.65 29.62
N SER A 20 24.67 -8.77 28.95
CA SER A 20 23.68 -8.83 27.89
C SER A 20 22.40 -9.48 28.41
N GLU A 21 22.35 -9.69 29.71
CA GLU A 21 21.22 -10.35 30.36
C GLU A 21 20.05 -9.38 30.54
N LEU A 22 19.79 -8.58 29.51
CA LEU A 22 18.72 -7.60 29.56
C LEU A 22 17.47 -8.11 28.86
N ASN A 23 17.66 -8.93 27.83
CA ASN A 23 16.54 -9.46 27.08
C ASN A 23 16.48 -10.98 27.21
N GLY A 24 15.37 -11.46 27.76
CA GLY A 24 15.14 -12.88 27.86
C GLY A 24 13.72 -13.24 27.50
N PHE A 25 13.11 -12.42 26.66
CA PHE A 25 11.72 -12.62 26.24
C PHE A 25 11.49 -11.93 24.91
N GLU A 26 11.18 -12.71 23.88
CA GLU A 26 10.96 -12.14 22.56
C GLU A 26 9.48 -11.88 22.31
N GLY A 27 9.21 -10.82 21.58
CA GLY A 27 7.84 -10.48 21.21
C GLY A 27 7.79 -9.71 19.92
N THR A 28 7.69 -10.42 18.80
CA THR A 28 7.69 -9.80 17.50
C THR A 28 6.34 -9.16 17.19
N ASP A 29 6.38 -7.91 16.76
CA ASP A 29 5.18 -7.20 16.33
C ASP A 29 5.50 -6.41 15.07
N MET A 30 5.85 -7.14 14.03
CA MET A 30 6.23 -6.54 12.76
C MET A 30 5.06 -6.51 11.81
N LYS A 31 4.73 -5.32 11.30
CA LYS A 31 3.64 -5.16 10.35
C LYS A 31 3.98 -5.85 9.04
N ASP A 32 2.95 -6.38 8.40
CA ASP A 32 3.11 -7.10 7.15
C ASP A 32 2.70 -6.21 5.98
N MET A 33 3.68 -5.78 5.19
CA MET A 33 3.43 -4.81 4.13
C MET A 33 2.55 -5.39 3.02
N ARG A 34 2.46 -6.71 2.94
CA ARG A 34 1.63 -7.38 1.93
C ARG A 34 0.16 -6.99 2.09
N LEU A 35 -0.27 -6.81 3.34
CA LEU A 35 -1.67 -6.49 3.63
C LEU A 35 -2.00 -5.10 3.13
N GLU A 36 -1.20 -4.13 3.57
CA GLU A 36 -1.36 -2.75 3.11
C GLU A 36 -1.14 -2.68 1.60
N ALA A 37 -0.40 -3.64 1.07
CA ALA A 37 -0.17 -3.69 -0.37
C ALA A 37 -1.44 -4.13 -1.10
N GLU A 38 -2.02 -5.22 -0.62
CA GLU A 38 -3.25 -5.75 -1.19
C GLU A 38 -4.38 -4.72 -1.08
N ALA A 39 -4.43 -4.05 0.06
CA ALA A 39 -5.42 -2.99 0.30
C ALA A 39 -5.34 -1.93 -0.80
N VAL A 40 -4.12 -1.49 -1.11
CA VAL A 40 -3.91 -0.50 -2.15
C VAL A 40 -4.29 -1.05 -3.52
N VAL A 41 -3.85 -2.27 -3.82
CA VAL A 41 -4.12 -2.91 -5.11
C VAL A 41 -5.61 -2.95 -5.40
N ASN A 42 -6.41 -3.28 -4.40
CA ASN A 42 -7.86 -3.40 -4.58
C ASN A 42 -8.52 -2.02 -4.55
N ASP A 43 -7.98 -1.12 -3.74
CA ASP A 43 -8.61 0.18 -3.51
C ASP A 43 -8.65 1.03 -4.77
N VAL A 44 -7.50 1.23 -5.40
CA VAL A 44 -7.40 2.13 -6.55
C VAL A 44 -7.34 1.35 -7.86
N LEU A 45 -7.74 0.08 -7.79
CA LEU A 45 -7.69 -0.81 -8.96
C LEU A 45 -8.47 -0.24 -10.15
N PHE A 46 -9.62 0.36 -9.87
CA PHE A 46 -10.50 0.84 -10.94
C PHE A 46 -9.99 2.16 -11.54
N ALA A 47 -8.91 2.69 -10.99
CA ALA A 47 -8.31 3.90 -11.51
C ALA A 47 -7.32 3.57 -12.63
N VAL A 48 -6.88 2.32 -12.66
CA VAL A 48 -5.89 1.86 -13.64
C VAL A 48 -6.40 0.64 -14.38
N ASN A 49 -5.53 -0.02 -15.12
CA ASN A 49 -5.90 -1.26 -15.80
C ASN A 49 -5.81 -2.44 -14.86
N ASN A 50 -4.62 -2.63 -14.29
CA ASN A 50 -4.35 -3.77 -13.43
C ASN A 50 -3.21 -3.47 -12.47
N MET A 51 -3.31 -4.00 -11.26
CA MET A 51 -2.26 -3.89 -10.27
C MET A 51 -1.91 -5.27 -9.75
N PHE A 52 -0.65 -5.46 -9.41
CA PHE A 52 -0.16 -6.76 -8.96
C PHE A 52 0.98 -6.53 -7.96
N VAL A 53 1.54 -7.59 -7.42
CA VAL A 53 2.65 -7.47 -6.49
C VAL A 53 3.91 -8.11 -7.10
N SER A 54 5.02 -7.39 -7.06
CA SER A 54 6.24 -7.84 -7.68
C SER A 54 6.84 -9.03 -6.92
N LYS A 55 6.72 -10.20 -7.51
CA LYS A 55 7.20 -11.42 -6.89
C LYS A 55 8.57 -11.80 -7.44
N SER A 56 9.22 -10.84 -8.08
CA SER A 56 10.55 -11.06 -8.61
C SER A 56 11.56 -10.40 -7.69
N LEU A 57 11.04 -9.80 -6.62
CA LEU A 57 11.86 -9.10 -5.66
C LEU A 57 11.48 -9.58 -4.26
N ARG A 58 11.57 -8.69 -3.29
CA ARG A 58 11.20 -9.03 -1.92
C ARG A 58 10.04 -8.18 -1.46
N CYS A 59 9.09 -8.80 -0.79
CA CYS A 59 7.99 -8.10 -0.16
C CYS A 59 7.44 -8.93 0.97
N ALA A 60 7.54 -8.40 2.17
CA ALA A 60 7.08 -9.12 3.34
C ALA A 60 6.64 -8.18 4.44
N ASP A 61 7.59 -7.38 4.88
CA ASP A 61 7.48 -6.69 6.16
C ASP A 61 7.57 -5.17 6.00
N ASP A 62 8.73 -4.69 5.62
CA ASP A 62 8.96 -3.24 5.58
C ASP A 62 8.79 -2.70 4.17
N VAL A 63 8.87 -3.59 3.20
CA VAL A 63 8.83 -3.18 1.80
C VAL A 63 7.98 -4.13 0.97
N ALA A 64 7.22 -3.58 0.05
CA ALA A 64 6.47 -4.36 -0.90
C ALA A 64 6.46 -3.65 -2.25
N TYR A 65 6.99 -4.30 -3.26
CA TYR A 65 6.99 -3.75 -4.61
C TYR A 65 5.69 -4.09 -5.30
N ILE A 66 5.02 -3.07 -5.82
CA ILE A 66 3.73 -3.24 -6.44
C ILE A 66 3.77 -2.82 -7.91
N ASN A 67 3.23 -3.67 -8.75
CA ASN A 67 3.11 -3.38 -10.18
C ASN A 67 1.81 -2.66 -10.43
N VAL A 68 1.88 -1.51 -11.06
CA VAL A 68 0.67 -0.75 -11.37
C VAL A 68 0.65 -0.30 -12.82
N GLU A 69 -0.31 -0.82 -13.57
CA GLU A 69 -0.47 -0.44 -14.95
C GLU A 69 -1.62 0.55 -15.08
N THR A 70 -1.27 1.82 -15.32
CA THR A 70 -2.28 2.87 -15.44
C THR A 70 -3.08 2.69 -16.72
N LYS A 71 -4.08 3.54 -16.92
CA LYS A 71 -4.92 3.46 -18.11
C LYS A 71 -4.19 3.97 -19.35
N GLU A 72 -2.92 4.31 -19.16
CA GLU A 72 -2.05 4.64 -20.28
C GLU A 72 -1.35 3.37 -20.76
N ARG A 73 -1.58 2.28 -20.00
CA ARG A 73 -1.01 0.96 -20.29
C ARG A 73 0.49 0.94 -19.97
N ASN A 74 0.95 1.97 -19.27
CA ASN A 74 2.34 2.02 -18.84
C ASN A 74 2.45 1.42 -17.45
N ARG A 75 3.41 0.52 -17.27
CA ARG A 75 3.55 -0.23 -16.04
C ARG A 75 4.58 0.42 -15.15
N TYR A 76 4.18 0.79 -13.94
CA TYR A 76 5.10 1.36 -12.98
C TYR A 76 5.39 0.37 -11.86
N CYS A 77 6.58 0.45 -11.29
CA CYS A 77 6.94 -0.34 -10.13
C CYS A 77 7.02 0.54 -8.90
N LEU A 78 6.14 0.30 -7.94
CA LEU A 78 6.09 1.12 -6.75
C LEU A 78 6.74 0.42 -5.57
N GLU A 79 7.61 1.14 -4.88
CA GLU A 79 8.22 0.64 -3.65
C GLU A 79 7.39 1.14 -2.47
N LEU A 80 6.54 0.27 -1.95
CA LEU A 80 5.69 0.60 -0.81
C LEU A 80 6.41 0.28 0.48
N THR A 81 6.68 1.31 1.26
CA THR A 81 7.34 1.13 2.55
C THR A 81 6.60 1.92 3.62
N GLU A 82 7.20 2.02 4.80
CA GLU A 82 6.65 2.83 5.87
C GLU A 82 6.99 4.31 5.64
N ALA A 83 7.73 4.57 4.58
CA ALA A 83 8.04 5.94 4.18
C ALA A 83 7.05 6.39 3.11
N GLY A 84 6.22 5.47 2.65
CA GLY A 84 5.22 5.79 1.65
C GLY A 84 5.43 5.02 0.36
N LEU A 85 4.92 5.56 -0.73
CA LEU A 85 5.05 4.96 -2.04
C LEU A 85 6.07 5.73 -2.87
N LYS A 86 6.94 5.00 -3.53
CA LYS A 86 8.03 5.58 -4.30
C LYS A 86 8.22 4.81 -5.61
N VAL A 87 7.99 5.46 -6.74
CA VAL A 87 8.13 4.79 -8.03
C VAL A 87 9.60 4.54 -8.35
N VAL A 88 9.94 3.27 -8.49
CA VAL A 88 11.32 2.84 -8.71
C VAL A 88 11.51 2.23 -10.09
N GLY A 89 10.49 2.31 -10.92
CA GLY A 89 10.60 1.77 -12.27
C GLY A 89 9.39 2.06 -13.12
N TYR A 90 9.60 2.07 -14.43
CA TYR A 90 8.52 2.29 -15.38
C TYR A 90 8.43 1.13 -16.37
N ALA A 91 8.61 -0.06 -15.83
CA ALA A 91 8.43 -1.29 -16.57
C ALA A 91 7.74 -2.30 -15.66
N PHE A 92 7.58 -3.52 -16.13
CA PHE A 92 6.95 -4.55 -15.32
C PHE A 92 8.04 -5.38 -14.64
N ASP A 93 8.14 -5.24 -13.31
CA ASP A 93 9.18 -5.91 -12.52
C ASP A 93 10.57 -5.40 -12.92
N GLN A 94 10.74 -4.08 -12.86
CA GLN A 94 12.02 -3.47 -13.19
C GLN A 94 12.30 -2.29 -12.27
N VAL A 95 13.18 -2.50 -11.32
CA VAL A 95 13.55 -1.46 -10.37
C VAL A 95 14.89 -0.84 -10.79
N ASP A 96 14.85 0.45 -11.08
CA ASP A 96 15.99 1.13 -11.67
C ASP A 96 16.58 2.14 -10.69
N ASP A 97 17.90 2.26 -10.73
CA ASP A 97 18.65 3.13 -9.83
C ASP A 97 18.41 4.61 -10.11
N HIS A 98 17.96 4.92 -11.33
CA HIS A 98 17.83 6.31 -11.75
C HIS A 98 16.51 6.91 -11.27
N LEU A 99 15.63 6.09 -10.71
CA LEU A 99 14.38 6.59 -10.18
C LEU A 99 14.48 6.87 -8.68
N GLN A 100 14.86 8.08 -8.35
CA GLN A 100 14.82 8.55 -6.98
C GLN A 100 13.77 9.63 -6.84
N THR A 101 12.52 9.21 -6.84
CA THR A 101 11.38 10.09 -6.90
C THR A 101 10.91 10.55 -5.52
N PRO A 102 10.14 11.65 -5.45
CA PRO A 102 9.59 12.16 -4.20
C PRO A 102 8.60 11.18 -3.57
N TYR A 103 8.87 10.82 -2.33
CA TYR A 103 8.05 9.86 -1.59
C TYR A 103 6.70 10.49 -1.20
N HIS A 104 5.61 9.78 -1.49
CA HIS A 104 4.27 10.24 -1.12
C HIS A 104 3.65 9.26 -0.13
N GLU A 105 2.89 9.76 0.82
CA GLU A 105 2.32 8.92 1.87
C GLU A 105 1.16 8.07 1.33
N THR A 106 0.30 8.71 0.57
CA THR A 106 -0.90 8.05 0.09
C THR A 106 -0.81 7.72 -1.39
N VAL A 107 -1.29 6.54 -1.75
CA VAL A 107 -1.37 6.13 -3.13
C VAL A 107 -2.29 7.07 -3.91
N TYR A 108 -3.22 7.68 -3.19
CA TYR A 108 -4.18 8.62 -3.78
C TYR A 108 -3.43 9.79 -4.41
N SER A 109 -2.64 10.48 -3.59
CA SER A 109 -1.93 11.67 -4.04
C SER A 109 -0.73 11.30 -4.93
N LEU A 110 -0.48 10.01 -5.09
CA LEU A 110 0.58 9.57 -5.98
C LEU A 110 0.05 9.22 -7.35
N LEU A 111 -0.96 8.35 -7.39
CA LEU A 111 -1.51 7.86 -8.65
C LEU A 111 -2.27 8.95 -9.37
N ASP A 112 -2.69 9.98 -8.63
CA ASP A 112 -3.47 11.08 -9.20
C ASP A 112 -2.53 11.99 -9.95
N THR A 113 -1.28 11.91 -9.54
CA THR A 113 -0.18 12.59 -10.18
C THR A 113 0.27 11.80 -11.42
N LEU A 114 0.07 10.49 -11.40
CA LEU A 114 0.52 9.63 -12.48
C LEU A 114 -0.47 9.61 -13.63
N SER A 115 -1.73 9.31 -13.32
CA SER A 115 -2.74 9.18 -14.35
C SER A 115 -3.90 10.14 -14.08
N PRO A 116 -4.12 11.10 -15.01
CA PRO A 116 -5.24 12.04 -14.93
C PRO A 116 -6.59 11.33 -14.92
N ALA A 117 -6.61 10.09 -15.41
CA ALA A 117 -7.84 9.29 -15.47
C ALA A 117 -8.29 8.90 -14.06
N TYR A 118 -7.42 9.13 -13.09
CA TYR A 118 -7.72 8.88 -11.69
C TYR A 118 -8.96 9.67 -11.26
N ARG A 119 -9.02 10.92 -11.71
CA ARG A 119 -10.14 11.80 -11.37
C ARG A 119 -11.44 11.29 -11.98
N GLU A 120 -11.35 10.65 -13.14
CA GLU A 120 -12.52 10.10 -13.79
C GLU A 120 -13.08 8.94 -12.98
N ALA A 121 -12.17 8.09 -12.49
CA ALA A 121 -12.55 6.97 -11.65
C ALA A 121 -13.13 7.47 -10.33
N PHE A 122 -12.60 8.56 -9.82
CA PHE A 122 -13.08 9.18 -8.60
C PHE A 122 -14.53 9.65 -8.79
N GLY A 123 -14.77 10.36 -9.89
CA GLY A 123 -16.11 10.82 -10.19
C GLY A 123 -17.07 9.68 -10.42
N ASN A 124 -16.57 8.60 -10.99
CA ASN A 124 -17.37 7.40 -11.26
C ASN A 124 -17.92 6.81 -9.96
N ALA A 125 -17.11 6.85 -8.91
CA ALA A 125 -17.50 6.29 -7.63
C ALA A 125 -18.49 7.19 -6.91
N LEU A 126 -18.23 8.50 -6.93
CA LEU A 126 -19.18 9.47 -6.35
C LEU A 126 -20.48 9.46 -7.15
N LEU A 127 -20.36 9.10 -8.41
CA LEU A 127 -21.51 8.91 -9.28
C LEU A 127 -22.32 7.71 -8.80
N GLN A 128 -21.64 6.58 -8.61
CA GLN A 128 -22.28 5.35 -8.15
C GLN A 128 -22.94 5.55 -6.79
N ARG A 129 -22.29 6.30 -5.92
CA ARG A 129 -22.79 6.54 -4.57
C ARG A 129 -24.08 7.35 -4.59
N LEU A 130 -24.31 8.06 -5.69
CA LEU A 130 -25.50 8.90 -5.83
C LEU A 130 -26.77 8.06 -5.85
N GLU A 131 -26.82 7.09 -6.74
CA GLU A 131 -28.00 6.23 -6.83
C GLU A 131 -28.00 5.17 -5.74
N ALA A 132 -26.82 4.91 -5.17
CA ALA A 132 -26.71 4.02 -4.02
C ALA A 132 -27.39 4.65 -2.82
N LEU A 133 -27.27 5.97 -2.72
CA LEU A 133 -27.92 6.74 -1.66
C LEU A 133 -29.43 6.75 -1.84
N LYS A 134 -29.87 6.50 -3.08
CA LYS A 134 -31.30 6.41 -3.39
C LYS A 134 -31.80 5.00 -3.14
N ARG A 135 -30.88 4.06 -3.04
CA ARG A 135 -31.22 2.65 -2.93
C ARG A 135 -31.20 2.20 -1.47
N ASP A 136 -30.05 2.37 -0.82
CA ASP A 136 -29.83 1.86 0.51
C ASP A 136 -30.68 2.58 1.53
N GLY A 137 -31.72 1.92 2.02
CA GLY A 137 -32.60 2.52 3.00
C GLY A 137 -34.01 2.69 2.48
N GLN A 138 -34.14 3.29 1.31
CA GLN A 138 -35.45 3.54 0.71
C GLN A 138 -36.04 2.26 0.14
N SER A 139 -35.20 1.40 -0.40
CA SER A 139 -35.66 0.15 -0.96
C SER A 139 -34.95 -1.02 -0.28
N MET A 1 33.79 -45.14 25.64
CA MET A 1 33.49 -44.17 24.56
C MET A 1 33.51 -42.76 25.13
N GLU A 2 33.84 -41.78 24.30
CA GLU A 2 33.89 -40.41 24.73
C GLU A 2 33.14 -39.50 23.78
N THR A 3 32.08 -38.89 24.27
CA THR A 3 31.32 -37.92 23.52
C THR A 3 30.90 -36.78 24.45
N ASP A 4 31.57 -36.73 25.61
CA ASP A 4 31.26 -35.75 26.65
C ASP A 4 29.83 -35.91 27.13
N CYS A 5 29.56 -37.07 27.73
CA CYS A 5 28.22 -37.45 28.20
C CYS A 5 27.26 -37.62 27.02
N ASN A 6 26.69 -36.52 26.56
CA ASN A 6 25.79 -36.54 25.41
C ASN A 6 25.53 -35.12 24.92
N PRO A 7 25.86 -34.85 23.65
CA PRO A 7 25.61 -33.55 23.03
C PRO A 7 24.13 -33.35 22.72
N MET A 8 23.72 -33.81 21.54
CA MET A 8 22.33 -33.68 21.08
C MET A 8 22.19 -34.23 19.66
N GLU A 9 21.31 -35.20 19.49
CA GLU A 9 20.99 -35.69 18.15
C GLU A 9 20.26 -34.60 17.37
N LEU A 10 20.92 -34.11 16.32
CA LEU A 10 20.45 -32.96 15.56
C LEU A 10 20.57 -31.69 16.40
N SER A 11 21.66 -30.96 16.20
CA SER A 11 21.91 -29.75 16.95
C SER A 11 20.98 -28.63 16.47
N SER A 12 19.82 -28.55 17.08
CA SER A 12 18.82 -27.56 16.71
C SER A 12 18.96 -26.31 17.57
N MET A 13 18.28 -25.24 17.18
CA MET A 13 18.35 -23.98 17.92
C MET A 13 17.50 -24.04 19.17
N SER A 14 17.93 -23.36 20.22
CA SER A 14 17.24 -23.38 21.50
C SER A 14 16.27 -22.22 21.65
N GLY A 15 16.23 -21.34 20.66
CA GLY A 15 15.25 -20.27 20.65
C GLY A 15 15.80 -18.95 21.10
N PHE A 16 16.94 -18.56 20.54
CA PHE A 16 17.56 -17.28 20.84
C PHE A 16 16.73 -16.14 20.26
N GLU A 17 16.24 -16.34 19.04
CA GLU A 17 15.46 -15.32 18.35
C GLU A 17 13.96 -15.62 18.47
N GLU A 18 13.60 -16.44 19.45
CA GLU A 18 12.21 -16.77 19.69
C GLU A 18 11.45 -15.52 20.14
N GLY A 19 12.06 -14.77 21.05
CA GLY A 19 11.47 -13.54 21.53
C GLY A 19 11.61 -13.39 23.03
N SER A 20 11.97 -12.21 23.48
CA SER A 20 12.14 -11.96 24.90
C SER A 20 10.85 -11.42 25.51
N GLU A 21 10.38 -10.29 25.00
CA GLU A 21 9.14 -9.69 25.48
C GLU A 21 8.30 -9.25 24.29
N LEU A 22 6.99 -9.45 24.37
CA LEU A 22 6.10 -9.07 23.29
C LEU A 22 5.44 -7.74 23.62
N ASN A 23 6.15 -6.66 23.32
CA ASN A 23 5.66 -5.32 23.63
C ASN A 23 5.95 -4.37 22.48
N GLY A 24 4.88 -3.86 21.88
CA GLY A 24 5.02 -2.86 20.85
C GLY A 24 5.02 -1.48 21.47
N PHE A 25 6.15 -0.80 21.39
CA PHE A 25 6.31 0.49 22.06
C PHE A 25 5.33 1.51 21.51
N GLU A 26 5.18 1.53 20.20
CA GLU A 26 4.25 2.45 19.55
C GLU A 26 2.98 1.70 19.18
N GLY A 27 2.81 0.51 19.73
CA GLY A 27 1.66 -0.31 19.41
C GLY A 27 2.02 -1.44 18.47
N THR A 28 2.55 -1.09 17.31
CA THR A 28 3.00 -2.06 16.33
C THR A 28 4.17 -1.49 15.54
N ASP A 29 5.37 -1.69 16.09
CA ASP A 29 6.59 -1.10 15.53
C ASP A 29 7.05 -1.81 14.26
N MET A 30 6.45 -2.96 13.99
CA MET A 30 6.72 -3.68 12.75
C MET A 30 5.41 -4.25 12.22
N LYS A 31 5.06 -3.89 11.00
CA LYS A 31 3.74 -4.20 10.47
C LYS A 31 3.83 -5.09 9.24
N ASP A 32 2.75 -5.78 8.94
CA ASP A 32 2.71 -6.69 7.79
C ASP A 32 2.38 -5.92 6.52
N MET A 33 3.40 -5.59 5.73
CA MET A 33 3.19 -4.77 4.54
C MET A 33 2.56 -5.57 3.42
N ARG A 34 2.60 -6.89 3.54
CA ARG A 34 2.03 -7.77 2.53
C ARG A 34 0.53 -7.49 2.37
N LEU A 35 -0.15 -7.33 3.50
CA LEU A 35 -1.58 -7.08 3.50
C LEU A 35 -1.87 -5.63 3.17
N GLU A 36 -1.03 -4.74 3.68
CA GLU A 36 -1.13 -3.33 3.36
C GLU A 36 -1.01 -3.14 1.86
N ALA A 37 -0.28 -4.07 1.24
CA ALA A 37 -0.07 -4.01 -0.20
C ALA A 37 -1.33 -4.41 -0.94
N GLU A 38 -1.90 -5.54 -0.55
CA GLU A 38 -3.11 -6.07 -1.18
C GLU A 38 -4.27 -5.09 -1.00
N ALA A 39 -4.30 -4.41 0.14
CA ALA A 39 -5.33 -3.42 0.41
C ALA A 39 -5.23 -2.25 -0.57
N VAL A 40 -4.02 -1.72 -0.72
CA VAL A 40 -3.78 -0.62 -1.65
C VAL A 40 -4.12 -1.01 -3.09
N VAL A 41 -3.63 -2.18 -3.50
CA VAL A 41 -3.86 -2.66 -4.86
C VAL A 41 -5.35 -2.76 -5.18
N ASN A 42 -6.11 -3.39 -4.30
CA ASN A 42 -7.51 -3.70 -4.58
C ASN A 42 -8.41 -2.48 -4.39
N ASP A 43 -7.88 -1.41 -3.82
CA ASP A 43 -8.70 -0.22 -3.53
C ASP A 43 -8.84 0.65 -4.78
N VAL A 44 -7.73 0.86 -5.48
CA VAL A 44 -7.74 1.75 -6.63
C VAL A 44 -7.50 0.98 -7.94
N LEU A 45 -7.65 -0.33 -7.87
CA LEU A 45 -7.38 -1.21 -9.01
C LEU A 45 -8.24 -0.84 -10.22
N PHE A 46 -9.47 -0.40 -9.95
CA PHE A 46 -10.41 -0.07 -11.03
C PHE A 46 -10.06 1.26 -11.69
N ALA A 47 -9.16 2.02 -11.06
CA ALA A 47 -8.78 3.33 -11.57
C ALA A 47 -7.72 3.19 -12.66
N VAL A 48 -7.11 2.02 -12.72
CA VAL A 48 -6.12 1.72 -13.75
C VAL A 48 -6.60 0.57 -14.62
N ASN A 49 -5.71 0.02 -15.44
CA ASN A 49 -6.08 -1.08 -16.32
C ASN A 49 -5.85 -2.40 -15.60
N ASN A 50 -4.66 -2.55 -15.04
CA ASN A 50 -4.30 -3.71 -14.25
C ASN A 50 -3.44 -3.28 -13.07
N MET A 51 -3.43 -4.05 -12.01
CA MET A 51 -2.65 -3.71 -10.82
C MET A 51 -2.51 -4.93 -9.93
N PHE A 52 -1.28 -5.22 -9.53
CA PHE A 52 -1.00 -6.40 -8.70
C PHE A 52 0.35 -6.25 -8.01
N VAL A 53 0.55 -7.04 -6.96
CA VAL A 53 1.86 -7.11 -6.31
C VAL A 53 2.84 -7.80 -7.25
N SER A 54 4.04 -7.25 -7.37
CA SER A 54 5.03 -7.74 -8.32
C SER A 54 5.32 -9.22 -8.10
N LYS A 55 5.71 -9.58 -6.87
CA LYS A 55 6.02 -10.96 -6.50
C LYS A 55 7.33 -11.41 -7.14
N SER A 56 8.03 -10.46 -7.73
CA SER A 56 9.32 -10.72 -8.35
C SER A 56 10.39 -9.89 -7.65
N LEU A 57 10.04 -9.43 -6.46
CA LEU A 57 10.90 -8.57 -5.66
C LEU A 57 11.22 -9.26 -4.35
N ARG A 58 11.41 -8.46 -3.31
CA ARG A 58 11.61 -8.98 -1.97
C ARG A 58 10.68 -8.28 -1.00
N CYS A 59 9.56 -8.91 -0.72
CA CYS A 59 8.63 -8.40 0.26
C CYS A 59 9.00 -8.94 1.63
N ALA A 60 9.83 -8.19 2.33
CA ALA A 60 10.36 -8.63 3.63
C ALA A 60 9.26 -8.67 4.67
N ASP A 61 8.87 -7.50 5.17
CA ASP A 61 7.89 -7.40 6.23
C ASP A 61 7.22 -6.04 6.16
N ASP A 62 8.05 -4.99 6.26
CA ASP A 62 7.57 -3.62 6.21
C ASP A 62 7.88 -2.99 4.86
N VAL A 63 8.11 -3.82 3.85
CA VAL A 63 8.36 -3.34 2.50
C VAL A 63 7.73 -4.29 1.48
N ALA A 64 7.11 -3.73 0.45
CA ALA A 64 6.53 -4.52 -0.62
C ALA A 64 6.50 -3.72 -1.93
N TYR A 65 6.95 -4.34 -3.01
CA TYR A 65 6.90 -3.70 -4.32
C TYR A 65 5.63 -4.06 -5.06
N ILE A 66 5.00 -3.05 -5.63
CA ILE A 66 3.74 -3.21 -6.34
C ILE A 66 3.85 -2.65 -7.75
N ASN A 67 3.34 -3.37 -8.73
CA ASN A 67 3.34 -2.87 -10.10
C ASN A 67 1.95 -2.49 -10.55
N VAL A 68 1.82 -1.31 -11.10
CA VAL A 68 0.54 -0.80 -11.54
C VAL A 68 0.57 -0.48 -13.03
N GLU A 69 -0.50 -0.82 -13.71
CA GLU A 69 -0.65 -0.53 -15.13
C GLU A 69 -1.82 0.40 -15.34
N THR A 70 -1.53 1.64 -15.67
CA THR A 70 -2.57 2.65 -15.85
C THR A 70 -3.43 2.34 -17.07
N LYS A 71 -4.56 3.03 -17.19
CA LYS A 71 -5.44 2.85 -18.34
C LYS A 71 -4.80 3.41 -19.61
N GLU A 72 -3.63 4.02 -19.42
CA GLU A 72 -2.85 4.57 -20.52
C GLU A 72 -1.86 3.51 -21.01
N ARG A 73 -1.96 2.32 -20.42
CA ARG A 73 -1.09 1.18 -20.74
C ARG A 73 0.34 1.40 -20.25
N ASN A 74 0.57 2.57 -19.65
CA ASN A 74 1.87 2.89 -19.10
C ASN A 74 1.98 2.31 -17.69
N ARG A 75 3.05 1.60 -17.45
CA ARG A 75 3.21 0.86 -16.21
C ARG A 75 4.18 1.55 -15.28
N TYR A 76 3.95 1.41 -13.98
CA TYR A 76 4.82 1.98 -12.97
C TYR A 76 5.19 0.93 -11.93
N CYS A 77 6.37 1.09 -11.35
CA CYS A 77 6.82 0.20 -10.29
C CYS A 77 6.93 1.00 -9.00
N LEU A 78 6.14 0.63 -8.01
CA LEU A 78 6.05 1.40 -6.79
C LEU A 78 6.56 0.62 -5.58
N GLU A 79 7.41 1.25 -4.80
CA GLU A 79 7.91 0.67 -3.57
C GLU A 79 7.05 1.15 -2.40
N LEU A 80 6.30 0.23 -1.81
CA LEU A 80 5.47 0.55 -0.66
C LEU A 80 6.28 0.39 0.61
N THR A 81 6.41 1.47 1.36
CA THR A 81 7.16 1.46 2.61
C THR A 81 6.44 2.30 3.65
N GLU A 82 7.01 2.36 4.86
CA GLU A 82 6.49 3.21 5.91
C GLU A 82 6.57 4.68 5.50
N ALA A 83 7.64 5.02 4.78
CA ALA A 83 7.85 6.38 4.30
C ALA A 83 6.81 6.79 3.26
N GLY A 84 6.22 5.81 2.61
CA GLY A 84 5.23 6.09 1.58
C GLY A 84 5.44 5.23 0.35
N LEU A 85 5.07 5.76 -0.80
CA LEU A 85 5.22 5.05 -2.06
C LEU A 85 6.30 5.72 -2.91
N LYS A 86 7.31 4.94 -3.27
CA LYS A 86 8.46 5.45 -4.01
C LYS A 86 8.49 4.90 -5.41
N VAL A 87 8.57 5.78 -6.40
CA VAL A 87 8.67 5.37 -7.78
C VAL A 87 10.08 4.84 -8.05
N VAL A 88 10.20 3.53 -8.20
CA VAL A 88 11.49 2.90 -8.42
C VAL A 88 11.69 2.53 -9.89
N GLY A 89 10.69 2.84 -10.70
CA GLY A 89 10.78 2.58 -12.12
C GLY A 89 9.42 2.62 -12.79
N TYR A 90 9.41 2.34 -14.08
CA TYR A 90 8.17 2.35 -14.85
C TYR A 90 8.03 1.09 -15.68
N ALA A 91 8.41 -0.03 -15.08
CA ALA A 91 8.25 -1.34 -15.69
C ALA A 91 8.11 -2.39 -14.60
N PHE A 92 7.76 -3.62 -14.98
CA PHE A 92 7.65 -4.70 -14.01
C PHE A 92 9.04 -5.06 -13.49
N ASP A 93 9.12 -5.45 -12.21
CA ASP A 93 10.36 -5.91 -11.58
C ASP A 93 11.52 -4.93 -11.80
N GLN A 94 11.20 -3.67 -12.04
CA GLN A 94 12.22 -2.65 -12.26
C GLN A 94 12.40 -1.78 -11.03
N VAL A 95 13.55 -1.91 -10.40
CA VAL A 95 13.90 -1.07 -9.27
C VAL A 95 15.25 -0.42 -9.52
N ASP A 96 15.23 0.84 -9.89
CA ASP A 96 16.46 1.55 -10.21
C ASP A 96 16.57 2.80 -9.36
N ASP A 97 17.67 2.90 -8.61
CA ASP A 97 17.89 4.04 -7.73
C ASP A 97 18.66 5.14 -8.44
N HIS A 98 18.72 5.08 -9.77
CA HIS A 98 19.23 6.20 -10.55
C HIS A 98 18.15 7.25 -10.63
N LEU A 99 16.89 6.79 -10.57
CA LEU A 99 15.76 7.69 -10.44
C LEU A 99 15.78 8.30 -9.03
N GLN A 100 15.90 9.61 -8.96
CA GLN A 100 15.94 10.31 -7.68
C GLN A 100 14.53 10.70 -7.25
N THR A 101 13.56 9.91 -7.70
CA THR A 101 12.16 10.17 -7.42
C THR A 101 11.81 9.89 -5.96
N PRO A 102 11.37 10.92 -5.23
CA PRO A 102 11.01 10.81 -3.82
C PRO A 102 9.69 10.07 -3.63
N TYR A 103 9.48 9.57 -2.42
CA TYR A 103 8.27 8.83 -2.11
C TYR A 103 7.12 9.78 -1.78
N HIS A 104 5.92 9.38 -2.18
CA HIS A 104 4.71 10.15 -1.91
C HIS A 104 3.99 9.59 -0.72
N GLU A 105 3.16 10.41 -0.08
CA GLU A 105 2.44 10.02 1.12
C GLU A 105 1.50 8.84 0.86
N THR A 106 0.46 9.09 0.09
CA THR A 106 -0.54 8.06 -0.17
C THR A 106 -0.51 7.63 -1.63
N VAL A 107 -1.18 6.52 -1.92
CA VAL A 107 -1.32 6.06 -3.30
C VAL A 107 -2.24 6.99 -4.08
N TYR A 108 -3.11 7.69 -3.36
CA TYR A 108 -4.06 8.61 -3.98
C TYR A 108 -3.33 9.82 -4.54
N SER A 109 -2.51 10.45 -3.69
CA SER A 109 -1.72 11.61 -4.10
C SER A 109 -0.62 11.22 -5.09
N LEU A 110 -0.43 9.93 -5.28
CA LEU A 110 0.59 9.43 -6.19
C LEU A 110 -0.01 9.11 -7.56
N LEU A 111 -1.02 8.23 -7.58
CA LEU A 111 -1.64 7.82 -8.83
C LEU A 111 -2.29 9.00 -9.52
N ASP A 112 -2.59 10.02 -8.72
CA ASP A 112 -3.14 11.29 -9.22
C ASP A 112 -2.24 11.90 -10.30
N THR A 113 -0.93 11.82 -10.09
CA THR A 113 0.02 12.41 -11.02
C THR A 113 0.52 11.37 -12.03
N LEU A 114 0.11 10.12 -11.83
CA LEU A 114 0.57 9.03 -12.69
C LEU A 114 -0.35 8.82 -13.89
N SER A 115 -1.65 8.99 -13.67
CA SER A 115 -2.61 8.78 -14.72
C SER A 115 -3.82 9.70 -14.56
N PRO A 116 -4.18 10.44 -15.63
CA PRO A 116 -5.37 11.28 -15.64
C PRO A 116 -6.65 10.43 -15.61
N ALA A 117 -6.51 9.16 -15.96
CA ALA A 117 -7.64 8.24 -16.00
C ALA A 117 -8.10 7.90 -14.59
N TYR A 118 -7.21 8.07 -13.62
CA TYR A 118 -7.54 7.88 -12.21
C TYR A 118 -8.63 8.86 -11.81
N ARG A 119 -8.51 10.08 -12.33
CA ARG A 119 -9.44 11.16 -12.00
C ARG A 119 -10.82 10.86 -12.58
N GLU A 120 -10.83 10.05 -13.63
CA GLU A 120 -12.08 9.64 -14.28
C GLU A 120 -12.77 8.56 -13.43
N ALA A 121 -12.05 7.48 -13.16
CA ALA A 121 -12.59 6.36 -12.42
C ALA A 121 -13.02 6.76 -11.00
N PHE A 122 -12.26 7.68 -10.41
CA PHE A 122 -12.58 8.17 -9.07
C PHE A 122 -13.95 8.86 -9.08
N GLY A 123 -14.14 9.76 -10.04
CA GLY A 123 -15.40 10.47 -10.14
C GLY A 123 -16.55 9.55 -10.51
N ASN A 124 -16.23 8.50 -11.24
CA ASN A 124 -17.22 7.52 -11.65
C ASN A 124 -17.81 6.81 -10.44
N ALA A 125 -16.96 6.50 -9.47
CA ALA A 125 -17.40 5.84 -8.25
C ALA A 125 -18.42 6.69 -7.49
N LEU A 126 -18.22 8.01 -7.53
CA LEU A 126 -19.12 8.93 -6.84
C LEU A 126 -20.52 8.89 -7.44
N LEU A 127 -20.60 8.98 -8.76
CA LEU A 127 -21.90 9.01 -9.45
C LEU A 127 -22.58 7.64 -9.38
N GLN A 128 -21.80 6.59 -9.25
CA GLN A 128 -22.34 5.25 -9.12
C GLN A 128 -23.03 5.08 -7.77
N ARG A 129 -22.35 5.48 -6.70
CA ARG A 129 -22.89 5.34 -5.36
C ARG A 129 -24.07 6.29 -5.14
N LEU A 130 -24.19 7.28 -6.01
CA LEU A 130 -25.27 8.26 -5.92
C LEU A 130 -26.63 7.57 -6.14
N GLU A 131 -26.63 6.48 -6.91
CA GLU A 131 -27.86 5.76 -7.18
C GLU A 131 -28.34 4.99 -5.96
N ALA A 132 -27.44 4.79 -5.01
CA ALA A 132 -27.82 4.13 -3.75
C ALA A 132 -28.78 5.00 -2.96
N LEU A 133 -28.71 6.30 -3.21
CA LEU A 133 -29.59 7.26 -2.54
C LEU A 133 -30.92 7.36 -3.28
N LYS A 134 -30.97 6.81 -4.49
CA LYS A 134 -32.19 6.77 -5.28
C LYS A 134 -32.91 5.45 -5.04
N ARG A 135 -32.15 4.38 -4.96
CA ARG A 135 -32.68 3.04 -4.80
C ARG A 135 -32.79 2.67 -3.32
N ASP A 136 -32.73 3.67 -2.46
CA ASP A 136 -32.81 3.46 -1.02
C ASP A 136 -34.16 2.87 -0.64
N GLY A 137 -35.18 3.25 -1.38
CA GLY A 137 -36.50 2.68 -1.18
C GLY A 137 -36.83 1.67 -2.26
N GLN A 138 -37.19 2.16 -3.43
CA GLN A 138 -37.46 1.30 -4.58
C GLN A 138 -37.19 2.06 -5.87
N SER A 139 -36.91 1.32 -6.93
CA SER A 139 -36.59 1.91 -8.21
C SER A 139 -37.69 1.59 -9.22
N MET A 1 41.62 -33.29 28.60
CA MET A 1 40.97 -34.61 28.41
C MET A 1 40.00 -34.90 29.54
N GLU A 2 38.76 -34.47 29.37
CA GLU A 2 37.69 -34.70 30.34
C GLU A 2 38.00 -34.04 31.69
N THR A 3 37.59 -32.79 31.82
CA THR A 3 37.79 -32.05 33.05
C THR A 3 36.62 -31.07 33.23
N ASP A 4 36.25 -30.80 34.48
CA ASP A 4 35.07 -29.98 34.77
C ASP A 4 35.38 -28.49 34.71
N CYS A 5 36.58 -28.10 35.10
CA CYS A 5 36.96 -26.69 35.10
C CYS A 5 37.39 -26.25 33.71
N ASN A 6 36.48 -25.61 33.00
CA ASN A 6 36.72 -25.18 31.63
C ASN A 6 36.60 -23.67 31.51
N PRO A 7 37.72 -22.97 31.28
CA PRO A 7 37.73 -21.52 31.04
C PRO A 7 37.01 -21.18 29.74
N MET A 8 36.02 -20.31 29.83
CA MET A 8 35.18 -19.96 28.69
C MET A 8 35.69 -18.69 28.02
N GLU A 9 35.83 -18.77 26.70
CA GLU A 9 36.29 -17.63 25.91
C GLU A 9 35.11 -17.04 25.13
N LEU A 10 34.81 -15.78 25.39
CA LEU A 10 33.66 -15.13 24.79
C LEU A 10 33.98 -13.68 24.42
N SER A 11 33.42 -13.22 23.32
CA SER A 11 33.60 -11.84 22.89
C SER A 11 32.35 -11.01 23.17
N SER A 12 31.32 -11.22 22.36
CA SER A 12 30.08 -10.46 22.51
C SER A 12 29.11 -11.16 23.45
N MET A 13 29.54 -12.26 24.03
CA MET A 13 28.69 -13.01 24.94
C MET A 13 28.71 -12.39 26.34
N SER A 14 27.93 -11.32 26.50
CA SER A 14 27.79 -10.68 27.79
C SER A 14 26.74 -11.42 28.62
N GLY A 15 25.82 -12.08 27.91
CA GLY A 15 24.79 -12.85 28.57
C GLY A 15 23.77 -13.35 27.57
N PHE A 16 22.64 -13.82 28.08
CA PHE A 16 21.56 -14.35 27.25
C PHE A 16 20.37 -14.72 28.13
N GLU A 17 20.67 -15.12 29.36
CA GLU A 17 19.63 -15.43 30.34
C GLU A 17 19.19 -14.16 31.05
N GLU A 18 19.28 -13.04 30.34
CA GLU A 18 19.02 -11.72 30.91
C GLU A 18 17.55 -11.57 31.29
N GLY A 19 16.68 -12.23 30.53
CA GLY A 19 15.26 -12.16 30.83
C GLY A 19 14.45 -11.78 29.61
N SER A 20 13.21 -11.39 29.84
CA SER A 20 12.30 -11.04 28.75
C SER A 20 12.31 -9.54 28.48
N GLU A 21 13.29 -8.85 29.05
CA GLU A 21 13.37 -7.40 28.95
C GLU A 21 13.41 -6.91 27.51
N LEU A 22 14.07 -7.70 26.66
CA LEU A 22 14.15 -7.36 25.24
C LEU A 22 12.94 -7.88 24.50
N ASN A 23 12.00 -6.98 24.22
CA ASN A 23 10.79 -7.33 23.49
C ASN A 23 10.51 -6.31 22.39
N GLY A 24 10.72 -5.04 22.72
CA GLY A 24 10.49 -3.98 21.76
C GLY A 24 11.75 -3.56 21.05
N PHE A 25 12.12 -4.29 20.00
CA PHE A 25 13.34 -4.01 19.27
C PHE A 25 13.28 -4.61 17.87
N GLU A 26 13.24 -5.93 17.79
CA GLU A 26 13.16 -6.60 16.49
C GLU A 26 11.84 -7.36 16.35
N GLY A 27 11.57 -8.26 17.29
CA GLY A 27 10.32 -8.98 17.29
C GLY A 27 9.17 -8.14 17.83
N THR A 28 8.93 -7.02 17.18
CA THR A 28 7.87 -6.11 17.57
C THR A 28 7.15 -5.61 16.34
N ASP A 29 7.28 -6.36 15.26
CA ASP A 29 6.81 -5.92 13.96
C ASP A 29 5.31 -6.15 13.78
N MET A 30 4.57 -5.07 13.63
CA MET A 30 3.11 -5.13 13.47
C MET A 30 2.70 -4.92 12.02
N LYS A 31 3.59 -4.34 11.23
CA LYS A 31 3.25 -3.88 9.90
C LYS A 31 3.48 -4.95 8.84
N ASP A 32 2.39 -5.52 8.33
CA ASP A 32 2.48 -6.35 7.14
C ASP A 32 2.19 -5.48 5.93
N MET A 33 3.22 -4.88 5.36
CA MET A 33 3.02 -3.99 4.23
C MET A 33 2.63 -4.79 3.00
N ARG A 34 2.95 -6.09 3.04
CA ARG A 34 2.45 -7.04 2.05
C ARG A 34 0.92 -7.03 2.05
N LEU A 35 0.35 -6.85 3.23
CA LEU A 35 -1.09 -6.82 3.42
C LEU A 35 -1.66 -5.47 2.99
N GLU A 36 -1.00 -4.40 3.44
CA GLU A 36 -1.39 -3.05 3.08
C GLU A 36 -1.37 -2.88 1.57
N ALA A 37 -0.48 -3.64 0.93
CA ALA A 37 -0.32 -3.58 -0.51
C ALA A 37 -1.49 -4.25 -1.21
N GLU A 38 -1.81 -5.46 -0.75
CA GLU A 38 -2.89 -6.25 -1.31
C GLU A 38 -4.22 -5.49 -1.25
N ALA A 39 -4.43 -4.79 -0.14
CA ALA A 39 -5.64 -4.00 0.05
C ALA A 39 -5.70 -2.85 -0.96
N VAL A 40 -4.60 -2.13 -1.10
CA VAL A 40 -4.53 -0.99 -2.02
C VAL A 40 -4.73 -1.43 -3.47
N VAL A 41 -4.13 -2.58 -3.81
CA VAL A 41 -4.25 -3.14 -5.15
C VAL A 41 -5.71 -3.33 -5.56
N ASN A 42 -6.56 -3.64 -4.59
CA ASN A 42 -7.97 -3.87 -4.87
C ASN A 42 -8.77 -2.57 -4.80
N ASP A 43 -8.25 -1.61 -4.05
CA ASP A 43 -8.96 -0.35 -3.82
C ASP A 43 -8.81 0.61 -5.00
N VAL A 44 -7.56 0.91 -5.35
CA VAL A 44 -7.29 1.92 -6.38
C VAL A 44 -7.25 1.30 -7.78
N LEU A 45 -7.56 0.01 -7.87
CA LEU A 45 -7.60 -0.68 -9.14
C LEU A 45 -8.65 -0.06 -10.07
N PHE A 46 -9.66 0.54 -9.47
CA PHE A 46 -10.75 1.15 -10.22
C PHE A 46 -10.29 2.43 -10.92
N ALA A 47 -9.12 2.94 -10.51
CA ALA A 47 -8.61 4.18 -11.07
C ALA A 47 -7.54 3.93 -12.12
N VAL A 48 -7.09 2.68 -12.26
CA VAL A 48 -6.06 2.35 -13.23
C VAL A 48 -6.53 1.26 -14.19
N ASN A 49 -5.61 0.74 -14.99
CA ASN A 49 -5.93 -0.31 -15.95
C ASN A 49 -5.74 -1.68 -15.30
N ASN A 50 -4.53 -1.91 -14.81
CA ASN A 50 -4.19 -3.15 -14.12
C ASN A 50 -3.35 -2.82 -12.89
N MET A 51 -3.32 -3.74 -11.93
CA MET A 51 -2.52 -3.55 -10.73
C MET A 51 -2.43 -4.85 -9.95
N PHE A 52 -1.22 -5.19 -9.51
CA PHE A 52 -1.00 -6.39 -8.71
C PHE A 52 0.32 -6.26 -7.96
N VAL A 53 0.44 -6.97 -6.85
CA VAL A 53 1.68 -6.96 -6.08
C VAL A 53 2.79 -7.64 -6.89
N SER A 54 4.01 -7.11 -6.81
CA SER A 54 5.11 -7.62 -7.60
C SER A 54 5.54 -9.01 -7.13
N LYS A 55 6.30 -9.70 -7.96
CA LYS A 55 6.63 -11.10 -7.73
C LYS A 55 8.14 -11.33 -7.65
N SER A 56 8.92 -10.47 -8.28
CA SER A 56 10.36 -10.71 -8.40
C SER A 56 11.13 -9.71 -7.56
N LEU A 57 10.47 -9.21 -6.54
CA LEU A 57 11.06 -8.24 -5.64
C LEU A 57 11.21 -8.86 -4.26
N ARG A 58 11.07 -8.02 -3.25
CA ARG A 58 11.07 -8.47 -1.87
C ARG A 58 9.90 -7.81 -1.14
N CYS A 59 9.15 -8.60 -0.41
CA CYS A 59 7.97 -8.12 0.28
C CYS A 59 7.99 -8.57 1.73
N ALA A 60 9.15 -8.38 2.35
CA ALA A 60 9.39 -8.87 3.69
C ALA A 60 8.93 -7.88 4.74
N ASP A 61 7.63 -7.91 5.03
CA ASP A 61 7.04 -7.15 6.15
C ASP A 61 7.10 -5.64 5.94
N ASP A 62 8.31 -5.09 6.08
CA ASP A 62 8.54 -3.65 6.05
C ASP A 62 8.52 -3.09 4.63
N VAL A 63 8.71 -3.97 3.66
CA VAL A 63 8.79 -3.54 2.27
C VAL A 63 7.85 -4.40 1.40
N ALA A 64 7.26 -3.77 0.39
CA ALA A 64 6.49 -4.50 -0.60
C ALA A 64 6.44 -3.73 -1.91
N TYR A 65 6.94 -4.33 -2.98
CA TYR A 65 6.89 -3.72 -4.30
C TYR A 65 5.58 -4.04 -4.99
N ILE A 66 5.00 -3.06 -5.66
CA ILE A 66 3.73 -3.22 -6.33
C ILE A 66 3.85 -2.85 -7.81
N ASN A 67 3.27 -3.69 -8.66
CA ASN A 67 3.25 -3.41 -10.09
C ASN A 67 1.93 -2.76 -10.46
N VAL A 68 1.97 -1.48 -10.77
CA VAL A 68 0.76 -0.75 -11.10
C VAL A 68 0.78 -0.31 -12.57
N GLU A 69 -0.35 -0.43 -13.22
CA GLU A 69 -0.49 0.03 -14.59
C GLU A 69 -1.59 1.06 -14.67
N THR A 70 -1.19 2.32 -14.71
CA THR A 70 -2.12 3.44 -14.72
C THR A 70 -2.97 3.46 -15.98
N LYS A 71 -4.07 4.22 -15.95
CA LYS A 71 -4.94 4.35 -17.10
C LYS A 71 -4.24 5.05 -18.25
N GLU A 72 -3.22 5.83 -17.92
CA GLU A 72 -2.40 6.48 -18.94
C GLU A 72 -1.47 5.47 -19.61
N ARG A 73 -1.61 4.20 -19.23
CA ARG A 73 -0.92 3.10 -19.89
C ARG A 73 0.58 3.18 -19.65
N ASN A 74 0.96 3.89 -18.60
CA ASN A 74 2.34 3.88 -18.12
C ASN A 74 2.42 2.98 -16.90
N ARG A 75 3.34 2.04 -16.91
CA ARG A 75 3.46 1.09 -15.81
C ARG A 75 4.52 1.56 -14.84
N TYR A 76 4.32 1.28 -13.57
CA TYR A 76 5.25 1.68 -12.54
C TYR A 76 5.44 0.57 -11.51
N CYS A 77 6.66 0.43 -11.04
CA CYS A 77 6.96 -0.48 -9.95
C CYS A 77 7.19 0.35 -8.70
N LEU A 78 6.26 0.28 -7.78
CA LEU A 78 6.29 1.13 -6.61
C LEU A 78 6.87 0.39 -5.41
N GLU A 79 7.73 1.07 -4.68
CA GLU A 79 8.26 0.53 -3.44
C GLU A 79 7.41 1.06 -2.29
N LEU A 80 6.50 0.23 -1.82
CA LEU A 80 5.64 0.60 -0.71
C LEU A 80 6.40 0.48 0.59
N THR A 81 6.57 1.61 1.26
CA THR A 81 7.24 1.67 2.54
C THR A 81 6.46 2.57 3.48
N GLU A 82 6.78 2.55 4.77
CA GLU A 82 6.10 3.39 5.74
C GLU A 82 6.40 4.87 5.48
N ALA A 83 7.49 5.12 4.75
CA ALA A 83 7.89 6.48 4.42
C ALA A 83 7.18 6.94 3.15
N GLY A 84 6.32 6.08 2.61
CA GLY A 84 5.55 6.45 1.44
C GLY A 84 5.79 5.49 0.28
N LEU A 85 5.25 5.86 -0.87
CA LEU A 85 5.38 5.05 -2.08
C LEU A 85 6.35 5.71 -3.04
N LYS A 86 7.39 4.98 -3.44
CA LYS A 86 8.40 5.52 -4.32
C LYS A 86 8.36 4.82 -5.67
N VAL A 87 8.72 5.54 -6.72
CA VAL A 87 8.84 4.96 -8.05
C VAL A 87 10.25 4.43 -8.25
N VAL A 88 10.40 3.12 -8.17
CA VAL A 88 11.71 2.49 -8.35
C VAL A 88 11.81 1.81 -9.70
N GLY A 89 10.71 1.79 -10.43
CA GLY A 89 10.70 1.20 -11.75
C GLY A 89 9.51 1.67 -12.56
N TYR A 90 9.55 1.44 -13.85
CA TYR A 90 8.45 1.77 -14.74
C TYR A 90 8.08 0.56 -15.58
N ALA A 91 8.34 -0.61 -15.02
CA ALA A 91 7.98 -1.86 -15.64
C ALA A 91 7.68 -2.88 -14.56
N PHE A 92 7.00 -3.97 -14.91
CA PHE A 92 6.62 -4.97 -13.93
C PHE A 92 7.85 -5.71 -13.42
N ASP A 93 8.10 -5.61 -12.11
CA ASP A 93 9.16 -6.36 -11.45
C ASP A 93 10.55 -5.89 -11.90
N GLN A 94 10.64 -4.65 -12.34
CA GLN A 94 11.91 -4.09 -12.79
C GLN A 94 12.27 -2.83 -12.01
N VAL A 95 13.24 -2.96 -11.13
CA VAL A 95 13.82 -1.79 -10.47
C VAL A 95 14.86 -1.16 -11.38
N ASP A 96 14.69 0.12 -11.66
CA ASP A 96 15.52 0.80 -12.64
C ASP A 96 16.64 1.59 -11.95
N ASP A 97 17.84 1.49 -12.52
CA ASP A 97 19.03 2.12 -11.94
C ASP A 97 19.13 3.59 -12.32
N HIS A 98 18.33 4.03 -13.28
CA HIS A 98 18.40 5.40 -13.77
C HIS A 98 17.46 6.28 -12.94
N LEU A 99 16.48 5.65 -12.31
CA LEU A 99 15.48 6.38 -11.55
C LEU A 99 16.04 6.96 -10.27
N GLN A 100 16.00 8.27 -10.21
CA GLN A 100 16.34 9.02 -9.00
C GLN A 100 15.10 9.75 -8.54
N THR A 101 13.96 9.19 -8.92
CA THR A 101 12.65 9.76 -8.67
C THR A 101 12.32 9.85 -7.18
N PRO A 102 11.49 10.83 -6.81
CA PRO A 102 11.03 11.00 -5.43
C PRO A 102 9.91 10.03 -5.06
N TYR A 103 9.20 10.34 -3.98
CA TYR A 103 8.14 9.48 -3.48
C TYR A 103 6.99 10.31 -2.93
N HIS A 104 5.87 9.66 -2.71
CA HIS A 104 4.68 10.33 -2.16
C HIS A 104 4.28 9.70 -0.85
N GLU A 105 3.48 10.41 -0.08
CA GLU A 105 3.11 9.99 1.27
C GLU A 105 1.94 9.01 1.24
N THR A 106 0.98 9.26 0.35
CA THR A 106 -0.16 8.38 0.23
C THR A 106 -0.30 7.88 -1.21
N VAL A 107 -1.02 6.77 -1.37
CA VAL A 107 -1.23 6.19 -2.68
C VAL A 107 -2.16 7.06 -3.52
N TYR A 108 -3.06 7.78 -2.86
CA TYR A 108 -4.04 8.60 -3.55
C TYR A 108 -3.38 9.81 -4.19
N SER A 109 -2.55 10.51 -3.44
CA SER A 109 -1.86 11.69 -3.95
C SER A 109 -0.86 11.29 -5.03
N LEU A 110 -0.36 10.07 -4.94
CA LEU A 110 0.57 9.54 -5.92
C LEU A 110 -0.15 9.17 -7.22
N LEU A 111 -1.20 8.37 -7.09
CA LEU A 111 -1.92 7.87 -8.27
C LEU A 111 -2.52 9.04 -9.07
N ASP A 112 -2.82 10.12 -8.36
CA ASP A 112 -3.39 11.31 -9.00
C ASP A 112 -2.40 11.93 -9.97
N THR A 113 -1.13 11.89 -9.61
CA THR A 113 -0.08 12.49 -10.42
C THR A 113 0.27 11.60 -11.60
N LEU A 114 -0.24 10.38 -11.58
CA LEU A 114 0.10 9.39 -12.58
C LEU A 114 -1.00 9.25 -13.64
N SER A 115 -2.24 9.49 -13.23
CA SER A 115 -3.36 9.45 -14.15
C SER A 115 -4.47 10.41 -13.69
N PRO A 116 -4.79 11.41 -14.50
CA PRO A 116 -5.88 12.36 -14.22
C PRO A 116 -7.24 11.66 -14.22
N ALA A 117 -7.29 10.47 -14.83
CA ALA A 117 -8.52 9.67 -14.89
C ALA A 117 -8.88 9.15 -13.50
N TYR A 118 -7.94 9.25 -12.58
CA TYR A 118 -8.16 8.94 -11.17
C TYR A 118 -9.32 9.79 -10.63
N ARG A 119 -9.36 11.04 -11.06
CA ARG A 119 -10.36 11.99 -10.60
C ARG A 119 -11.76 11.57 -11.05
N GLU A 120 -11.84 11.03 -12.26
CA GLU A 120 -13.12 10.61 -12.80
C GLU A 120 -13.56 9.28 -12.20
N ALA A 121 -12.59 8.39 -11.94
CA ALA A 121 -12.88 7.08 -11.39
C ALA A 121 -13.61 7.19 -10.05
N PHE A 122 -12.97 7.81 -9.09
CA PHE A 122 -13.57 7.98 -7.77
C PHE A 122 -14.67 9.03 -7.81
N GLY A 123 -14.56 9.94 -8.77
CA GLY A 123 -15.59 10.96 -8.95
C GLY A 123 -16.92 10.36 -9.36
N ASN A 124 -16.87 9.35 -10.23
CA ASN A 124 -18.06 8.66 -10.70
C ASN A 124 -18.76 7.97 -9.52
N ALA A 125 -17.98 7.27 -8.72
CA ALA A 125 -18.51 6.61 -7.53
C ALA A 125 -19.04 7.64 -6.54
N LEU A 126 -18.32 8.75 -6.43
CA LEU A 126 -18.67 9.80 -5.50
C LEU A 126 -20.00 10.45 -5.86
N LEU A 127 -20.20 10.74 -7.14
CA LEU A 127 -21.43 11.39 -7.58
C LEU A 127 -22.61 10.41 -7.53
N GLN A 128 -22.33 9.14 -7.78
CA GLN A 128 -23.37 8.11 -7.73
C GLN A 128 -23.80 7.88 -6.28
N ARG A 129 -22.82 7.93 -5.38
CA ARG A 129 -23.08 7.78 -3.95
C ARG A 129 -23.79 9.02 -3.41
N LEU A 130 -23.61 10.14 -4.10
CA LEU A 130 -24.28 11.38 -3.72
C LEU A 130 -25.74 11.34 -4.14
N GLU A 131 -26.01 10.65 -5.26
CA GLU A 131 -27.38 10.48 -5.75
C GLU A 131 -28.23 9.68 -4.77
N ALA A 132 -27.56 9.02 -3.84
CA ALA A 132 -28.27 8.25 -2.81
C ALA A 132 -29.06 9.18 -1.89
N LEU A 133 -28.66 10.45 -1.86
CA LEU A 133 -29.35 11.45 -1.04
C LEU A 133 -30.57 11.98 -1.77
N LYS A 134 -30.68 11.63 -3.06
CA LYS A 134 -31.81 12.08 -3.86
C LYS A 134 -32.87 10.99 -3.96
N ARG A 135 -32.44 9.73 -4.02
CA ARG A 135 -33.36 8.61 -4.19
C ARG A 135 -33.87 8.07 -2.85
N ASP A 136 -33.55 8.75 -1.76
CA ASP A 136 -33.97 8.27 -0.44
C ASP A 136 -35.43 8.66 -0.18
N GLY A 137 -35.90 9.67 -0.90
CA GLY A 137 -37.30 10.04 -0.82
C GLY A 137 -37.61 10.92 0.38
N GLN A 138 -36.58 11.49 0.99
CA GLN A 138 -36.77 12.36 2.15
C GLN A 138 -37.55 13.61 1.77
N SER A 139 -38.79 13.68 2.22
CA SER A 139 -39.65 14.80 1.91
C SER A 139 -39.69 15.77 3.08
N MET A 1 -16.47 34.32 25.02
CA MET A 1 -17.21 33.27 25.75
C MET A 1 -18.65 33.23 25.27
N GLU A 2 -18.89 32.41 24.26
CA GLU A 2 -20.19 32.31 23.64
C GLU A 2 -20.93 31.10 24.19
N THR A 3 -22.24 31.11 24.14
CA THR A 3 -23.01 30.03 24.71
C THR A 3 -23.22 28.90 23.69
N ASP A 4 -22.96 27.68 24.13
CA ASP A 4 -23.22 26.49 23.33
C ASP A 4 -23.42 25.29 24.25
N CYS A 5 -23.56 25.59 25.54
CA CYS A 5 -23.76 24.58 26.54
C CYS A 5 -25.21 24.62 27.01
N ASN A 6 -26.04 23.81 26.38
CA ASN A 6 -27.46 23.79 26.70
C ASN A 6 -27.74 22.77 27.79
N PRO A 7 -28.53 23.16 28.82
CA PRO A 7 -28.87 22.28 29.94
C PRO A 7 -29.80 21.14 29.55
N MET A 8 -29.39 20.38 28.55
CA MET A 8 -30.14 19.21 28.12
C MET A 8 -29.43 17.95 28.63
N GLU A 9 -28.15 18.10 28.93
CA GLU A 9 -27.39 17.01 29.51
C GLU A 9 -27.71 16.90 31.00
N LEU A 10 -28.00 15.69 31.44
CA LEU A 10 -28.35 15.47 32.84
C LEU A 10 -27.41 14.44 33.46
N SER A 11 -26.64 14.90 34.43
CA SER A 11 -25.73 14.05 35.19
C SER A 11 -24.56 13.57 34.33
N SER A 12 -23.44 14.25 34.45
CA SER A 12 -22.19 13.83 33.81
C SER A 12 -21.22 13.32 34.88
N MET A 13 -21.80 12.88 36.00
CA MET A 13 -21.05 12.41 37.17
C MET A 13 -20.30 13.55 37.82
N SER A 14 -19.13 13.87 37.29
CA SER A 14 -18.29 14.93 37.82
C SER A 14 -17.32 15.40 36.74
N GLY A 15 -16.61 14.44 36.17
CA GLY A 15 -15.67 14.73 35.12
C GLY A 15 -15.23 13.48 34.42
N PHE A 16 -14.45 13.63 33.35
CA PHE A 16 -13.93 12.49 32.61
C PHE A 16 -12.41 12.47 32.70
N GLU A 17 -11.89 13.01 33.80
CA GLU A 17 -10.46 13.11 34.00
C GLU A 17 -9.86 11.76 34.35
N GLU A 18 -8.74 11.44 33.69
CA GLU A 18 -8.02 10.18 33.87
C GLU A 18 -8.76 9.03 33.19
N GLY A 19 -9.80 9.37 32.42
CA GLY A 19 -10.54 8.36 31.68
C GLY A 19 -10.09 8.28 30.25
N SER A 20 -8.78 8.31 30.06
CA SER A 20 -8.18 8.33 28.74
C SER A 20 -8.02 6.93 28.18
N GLU A 21 -8.42 6.74 26.92
CA GLU A 21 -8.32 5.45 26.25
C GLU A 21 -7.48 5.59 24.98
N LEU A 22 -6.48 4.73 24.84
CA LEU A 22 -5.60 4.78 23.69
C LEU A 22 -5.62 3.45 22.93
N ASN A 23 -6.13 3.49 21.70
CA ASN A 23 -6.13 2.32 20.83
C ASN A 23 -5.02 2.47 19.80
N GLY A 24 -4.10 1.52 19.78
CA GLY A 24 -2.95 1.64 18.92
C GLY A 24 -3.16 1.00 17.57
N PHE A 25 -3.24 -0.32 17.54
CA PHE A 25 -3.34 -1.06 16.28
C PHE A 25 -4.39 -2.16 16.38
N GLU A 26 -4.50 -2.95 15.32
CA GLU A 26 -5.47 -4.03 15.26
C GLU A 26 -4.98 -5.25 16.05
N GLY A 27 -5.19 -5.22 17.35
CA GLY A 27 -4.77 -6.32 18.20
C GLY A 27 -3.28 -6.29 18.46
N THR A 28 -2.52 -6.57 17.43
CA THR A 28 -1.06 -6.55 17.52
C THR A 28 -0.52 -5.27 16.88
N ASP A 29 0.64 -4.82 17.36
CA ASP A 29 1.26 -3.61 16.84
C ASP A 29 2.02 -3.89 15.56
N MET A 30 2.20 -5.18 15.26
CA MET A 30 2.90 -5.61 14.06
C MET A 30 2.06 -5.34 12.82
N LYS A 31 2.58 -4.53 11.92
CA LYS A 31 1.87 -4.27 10.67
C LYS A 31 2.70 -4.78 9.49
N ASP A 32 2.02 -5.37 8.51
CA ASP A 32 2.69 -5.88 7.33
C ASP A 32 2.49 -4.95 6.15
N MET A 33 3.54 -4.77 5.35
CA MET A 33 3.48 -3.89 4.20
C MET A 33 2.74 -4.55 3.06
N ARG A 34 2.84 -5.88 2.97
CA ARG A 34 2.13 -6.62 1.91
C ARG A 34 0.64 -6.59 2.20
N LEU A 35 0.31 -6.61 3.49
CA LEU A 35 -1.05 -6.45 3.94
C LEU A 35 -1.67 -5.17 3.40
N GLU A 36 -1.02 -4.04 3.70
CA GLU A 36 -1.46 -2.75 3.21
C GLU A 36 -1.47 -2.74 1.69
N ALA A 37 -0.52 -3.46 1.11
CA ALA A 37 -0.35 -3.52 -0.34
C ALA A 37 -1.56 -4.16 -1.00
N GLU A 38 -1.91 -5.35 -0.54
CA GLU A 38 -3.02 -6.12 -1.10
C GLU A 38 -4.30 -5.30 -1.04
N ALA A 39 -4.47 -4.56 0.05
CA ALA A 39 -5.63 -3.68 0.20
C ALA A 39 -5.61 -2.58 -0.86
N VAL A 40 -4.47 -1.91 -0.98
CA VAL A 40 -4.31 -0.82 -1.95
C VAL A 40 -4.53 -1.31 -3.38
N VAL A 41 -3.94 -2.44 -3.71
CA VAL A 41 -4.05 -3.01 -5.06
C VAL A 41 -5.50 -3.26 -5.44
N ASN A 42 -6.32 -3.61 -4.47
CA ASN A 42 -7.73 -3.91 -4.73
C ASN A 42 -8.55 -2.62 -4.70
N ASP A 43 -8.03 -1.61 -4.00
CA ASP A 43 -8.76 -0.35 -3.82
C ASP A 43 -8.62 0.54 -5.06
N VAL A 44 -7.39 0.86 -5.43
CA VAL A 44 -7.15 1.81 -6.51
C VAL A 44 -7.18 1.13 -7.87
N LEU A 45 -7.49 -0.16 -7.88
CA LEU A 45 -7.58 -0.93 -9.12
C LEU A 45 -8.57 -0.30 -10.09
N PHE A 46 -9.67 0.21 -9.53
CA PHE A 46 -10.72 0.80 -10.35
C PHE A 46 -10.25 2.11 -10.98
N ALA A 47 -9.27 2.74 -10.35
CA ALA A 47 -8.76 4.04 -10.81
C ALA A 47 -7.62 3.86 -11.81
N VAL A 48 -7.16 2.63 -11.95
CA VAL A 48 -6.14 2.31 -12.94
C VAL A 48 -6.70 1.31 -13.95
N ASN A 49 -5.82 0.72 -14.75
CA ASN A 49 -6.24 -0.27 -15.73
C ASN A 49 -5.95 -1.68 -15.20
N ASN A 50 -4.72 -1.88 -14.72
CA ASN A 50 -4.31 -3.15 -14.12
C ASN A 50 -3.45 -2.87 -12.90
N MET A 51 -3.29 -3.85 -12.02
CA MET A 51 -2.44 -3.69 -10.84
C MET A 51 -2.25 -5.03 -10.15
N PHE A 52 -1.00 -5.37 -9.86
CA PHE A 52 -0.70 -6.64 -9.21
C PHE A 52 0.68 -6.57 -8.56
N VAL A 53 0.84 -7.21 -7.41
CA VAL A 53 2.10 -7.19 -6.69
C VAL A 53 3.18 -7.99 -7.43
N SER A 54 4.44 -7.68 -7.14
CA SER A 54 5.55 -8.31 -7.83
C SER A 54 5.84 -9.71 -7.26
N LYS A 55 6.59 -10.49 -8.01
CA LYS A 55 6.93 -11.86 -7.60
C LYS A 55 8.43 -12.11 -7.66
N SER A 56 9.15 -11.25 -8.38
CA SER A 56 10.60 -11.38 -8.48
C SER A 56 11.22 -10.47 -7.44
N LEU A 57 10.35 -9.72 -6.79
CA LEU A 57 10.72 -8.79 -5.77
C LEU A 57 10.33 -9.34 -4.40
N ARG A 58 9.91 -8.49 -3.49
CA ARG A 58 9.54 -8.96 -2.16
C ARG A 58 8.52 -8.04 -1.51
N CYS A 59 7.81 -8.58 -0.54
CA CYS A 59 6.81 -7.83 0.19
C CYS A 59 6.61 -8.44 1.58
N ALA A 60 7.45 -8.01 2.50
CA ALA A 60 7.44 -8.55 3.83
C ALA A 60 7.72 -7.50 4.88
N ASP A 61 6.66 -7.05 5.53
CA ASP A 61 6.75 -6.21 6.75
C ASP A 61 7.11 -4.76 6.43
N ASP A 62 8.31 -4.55 5.93
CA ASP A 62 8.83 -3.20 5.75
C ASP A 62 8.61 -2.67 4.34
N VAL A 63 8.54 -3.57 3.38
CA VAL A 63 8.49 -3.18 1.98
C VAL A 63 7.45 -4.00 1.22
N ALA A 64 6.86 -3.39 0.20
CA ALA A 64 5.95 -4.07 -0.68
C ALA A 64 6.17 -3.60 -2.12
N TYR A 65 6.73 -4.47 -2.94
CA TYR A 65 6.95 -4.16 -4.34
C TYR A 65 5.70 -4.50 -5.16
N ILE A 66 5.14 -3.49 -5.81
CA ILE A 66 3.89 -3.66 -6.55
C ILE A 66 4.03 -3.14 -7.97
N ASN A 67 3.43 -3.85 -8.92
CA ASN A 67 3.39 -3.42 -10.31
C ASN A 67 2.02 -2.79 -10.61
N VAL A 68 2.03 -1.52 -10.99
CA VAL A 68 0.78 -0.83 -11.26
C VAL A 68 0.68 -0.36 -12.71
N GLU A 69 -0.46 -0.60 -13.32
CA GLU A 69 -0.73 -0.17 -14.68
C GLU A 69 -1.87 0.85 -14.67
N THR A 70 -1.51 2.12 -14.72
CA THR A 70 -2.46 3.21 -14.66
C THR A 70 -3.41 3.20 -15.86
N LYS A 71 -4.40 4.09 -15.87
CA LYS A 71 -5.30 4.21 -17.01
C LYS A 71 -4.57 4.84 -18.20
N GLU A 72 -3.36 5.31 -17.94
CA GLU A 72 -2.49 5.80 -18.99
C GLU A 72 -1.79 4.61 -19.65
N ARG A 73 -1.98 3.44 -19.05
CA ARG A 73 -1.37 2.19 -19.52
C ARG A 73 0.13 2.23 -19.42
N ASN A 74 0.65 3.24 -18.72
CA ASN A 74 2.05 3.29 -18.40
C ASN A 74 2.27 2.55 -17.10
N ARG A 75 3.15 1.56 -17.14
CA ARG A 75 3.30 0.65 -16.03
C ARG A 75 4.49 1.03 -15.18
N TYR A 76 4.26 1.14 -13.88
CA TYR A 76 5.30 1.53 -12.94
C TYR A 76 5.38 0.52 -11.81
N CYS A 77 6.57 0.28 -11.32
CA CYS A 77 6.74 -0.56 -10.14
C CYS A 77 7.03 0.33 -8.94
N LEU A 78 6.25 0.13 -7.89
CA LEU A 78 6.29 0.99 -6.71
C LEU A 78 6.85 0.25 -5.51
N GLU A 79 7.73 0.93 -4.81
CA GLU A 79 8.28 0.45 -3.56
C GLU A 79 7.48 1.03 -2.41
N LEU A 80 6.52 0.25 -1.93
CA LEU A 80 5.66 0.69 -0.85
C LEU A 80 6.38 0.55 0.48
N THR A 81 6.61 1.67 1.14
CA THR A 81 7.22 1.69 2.45
C THR A 81 6.35 2.47 3.42
N GLU A 82 6.68 2.42 4.70
CA GLU A 82 5.88 3.11 5.71
C GLU A 82 6.13 4.62 5.68
N ALA A 83 7.14 5.04 4.93
CA ALA A 83 7.44 6.45 4.75
C ALA A 83 6.63 7.04 3.60
N GLY A 84 6.19 6.17 2.69
CA GLY A 84 5.45 6.62 1.53
C GLY A 84 5.73 5.73 0.32
N LEU A 85 5.21 6.13 -0.83
CA LEU A 85 5.39 5.36 -2.05
C LEU A 85 6.48 5.98 -2.91
N LYS A 86 7.44 5.14 -3.30
CA LYS A 86 8.58 5.58 -4.10
C LYS A 86 8.72 4.72 -5.35
N VAL A 87 9.01 5.33 -6.48
CA VAL A 87 9.13 4.60 -7.74
C VAL A 87 10.49 3.90 -7.82
N VAL A 88 10.50 2.67 -8.33
CA VAL A 88 11.74 1.92 -8.48
C VAL A 88 12.01 1.55 -9.93
N GLY A 89 10.99 1.62 -10.78
CA GLY A 89 11.19 1.37 -12.19
C GLY A 89 9.96 1.71 -13.01
N TYR A 90 10.05 1.48 -14.31
CA TYR A 90 8.95 1.79 -15.23
C TYR A 90 8.52 0.54 -15.97
N ALA A 91 8.57 -0.60 -15.28
CA ALA A 91 8.19 -1.88 -15.85
C ALA A 91 7.73 -2.82 -14.75
N PHE A 92 7.61 -4.10 -15.06
CA PHE A 92 7.19 -5.07 -14.05
C PHE A 92 8.41 -5.67 -13.35
N ASP A 93 8.37 -5.66 -12.02
CA ASP A 93 9.40 -6.30 -11.19
C ASP A 93 10.79 -5.74 -11.50
N GLN A 94 10.91 -4.42 -11.50
CA GLN A 94 12.18 -3.77 -11.77
C GLN A 94 12.52 -2.78 -10.65
N VAL A 95 13.73 -2.86 -10.12
CA VAL A 95 14.18 -1.93 -9.11
C VAL A 95 15.55 -1.36 -9.45
N ASP A 96 15.58 -0.09 -9.80
CA ASP A 96 16.83 0.61 -10.03
C ASP A 96 17.19 1.41 -8.78
N ASP A 97 18.45 1.29 -8.35
CA ASP A 97 18.88 1.89 -7.10
C ASP A 97 19.19 3.38 -7.28
N HIS A 98 19.22 3.83 -8.52
CA HIS A 98 19.56 5.21 -8.81
C HIS A 98 18.31 6.08 -8.72
N LEU A 99 17.15 5.43 -8.88
CA LEU A 99 15.88 6.12 -8.74
C LEU A 99 15.58 6.42 -7.27
N GLN A 100 15.54 7.71 -6.97
CA GLN A 100 15.35 8.18 -5.60
C GLN A 100 14.18 9.15 -5.56
N THR A 101 13.14 8.83 -6.30
CA THR A 101 11.95 9.66 -6.41
C THR A 101 11.37 9.97 -5.03
N PRO A 102 11.00 11.23 -4.77
CA PRO A 102 10.42 11.64 -3.49
C PRO A 102 9.17 10.85 -3.16
N TYR A 103 9.17 10.21 -1.99
CA TYR A 103 8.03 9.43 -1.53
C TYR A 103 6.76 10.28 -1.56
N HIS A 104 5.76 9.80 -2.28
CA HIS A 104 4.46 10.46 -2.26
C HIS A 104 3.71 10.10 -1.00
N GLU A 105 2.87 11.01 -0.54
CA GLU A 105 2.19 10.89 0.75
C GLU A 105 1.43 9.57 0.85
N THR A 106 0.46 9.39 -0.03
CA THR A 106 -0.30 8.16 -0.07
C THR A 106 -0.35 7.63 -1.50
N VAL A 107 -1.00 6.49 -1.69
CA VAL A 107 -1.21 5.96 -3.03
C VAL A 107 -2.16 6.88 -3.80
N TYR A 108 -3.01 7.59 -3.07
CA TYR A 108 -3.98 8.49 -3.68
C TYR A 108 -3.29 9.72 -4.24
N SER A 109 -2.46 10.35 -3.42
CA SER A 109 -1.74 11.54 -3.85
C SER A 109 -0.57 11.18 -4.78
N LEU A 110 -0.39 9.89 -5.01
CA LEU A 110 0.56 9.41 -6.01
C LEU A 110 -0.16 9.14 -7.32
N LEU A 111 -1.32 8.50 -7.22
CA LEU A 111 -2.08 8.09 -8.40
C LEU A 111 -2.75 9.30 -9.05
N ASP A 112 -2.84 10.40 -8.30
CA ASP A 112 -3.51 11.61 -8.77
C ASP A 112 -2.56 12.30 -9.72
N THR A 113 -1.31 11.94 -9.55
CA THR A 113 -0.22 12.46 -10.32
C THR A 113 -0.02 11.66 -11.60
N LEU A 114 -0.54 10.43 -11.60
CA LEU A 114 -0.32 9.52 -12.71
C LEU A 114 -1.55 9.44 -13.61
N SER A 115 -2.72 9.42 -12.99
CA SER A 115 -3.95 9.36 -13.75
C SER A 115 -5.01 10.27 -13.14
N PRO A 116 -5.30 11.40 -13.81
CA PRO A 116 -6.38 12.32 -13.39
C PRO A 116 -7.75 11.65 -13.49
N ALA A 117 -7.78 10.52 -14.18
CA ALA A 117 -8.99 9.73 -14.34
C ALA A 117 -9.39 9.08 -13.02
N TYR A 118 -8.45 9.07 -12.08
CA TYR A 118 -8.70 8.58 -10.74
C TYR A 118 -9.86 9.33 -10.10
N ARG A 119 -9.85 10.65 -10.25
CA ARG A 119 -10.90 11.49 -9.68
C ARG A 119 -12.16 11.38 -10.52
N GLU A 120 -11.97 11.22 -11.83
CA GLU A 120 -13.09 11.07 -12.76
C GLU A 120 -13.89 9.81 -12.45
N ALA A 121 -13.19 8.69 -12.28
CA ALA A 121 -13.82 7.42 -12.01
C ALA A 121 -14.64 7.48 -10.72
N PHE A 122 -14.09 8.16 -9.71
CA PHE A 122 -14.77 8.29 -8.43
C PHE A 122 -16.07 9.09 -8.58
N GLY A 123 -16.00 10.19 -9.33
CA GLY A 123 -17.17 11.01 -9.54
C GLY A 123 -18.27 10.29 -10.31
N ASN A 124 -17.86 9.51 -11.29
CA ASN A 124 -18.81 8.77 -12.11
C ASN A 124 -19.38 7.58 -11.35
N ALA A 125 -18.65 7.11 -10.35
CA ALA A 125 -19.12 6.02 -9.51
C ALA A 125 -20.35 6.45 -8.71
N LEU A 126 -20.38 7.73 -8.34
CA LEU A 126 -21.50 8.29 -7.59
C LEU A 126 -22.75 8.36 -8.46
N LEU A 127 -22.59 8.83 -9.70
CA LEU A 127 -23.74 8.95 -10.61
C LEU A 127 -24.13 7.59 -11.17
N GLN A 128 -23.27 6.60 -10.97
CA GLN A 128 -23.55 5.23 -11.41
C GLN A 128 -24.74 4.68 -10.64
N ARG A 129 -25.05 5.28 -9.49
CA ARG A 129 -26.20 4.85 -8.70
C ARG A 129 -27.51 5.18 -9.41
N LEU A 130 -27.44 6.00 -10.46
CA LEU A 130 -28.60 6.26 -11.30
C LEU A 130 -28.97 5.00 -12.07
N GLU A 131 -27.95 4.32 -12.61
CA GLU A 131 -28.14 3.07 -13.31
C GLU A 131 -28.52 1.98 -12.32
N ALA A 132 -27.93 2.04 -11.13
CA ALA A 132 -28.24 1.09 -10.07
C ALA A 132 -29.68 1.23 -9.62
N LEU A 133 -30.21 2.44 -9.70
CA LEU A 133 -31.60 2.71 -9.37
C LEU A 133 -32.51 2.04 -10.40
N LYS A 134 -32.16 2.19 -11.67
CA LYS A 134 -32.92 1.59 -12.77
C LYS A 134 -32.87 0.07 -12.70
N ARG A 135 -31.73 -0.44 -12.24
CA ARG A 135 -31.51 -1.88 -12.15
C ARG A 135 -31.79 -2.40 -10.75
N ASP A 136 -32.44 -1.57 -9.94
CA ASP A 136 -32.81 -1.96 -8.58
C ASP A 136 -34.10 -2.75 -8.60
N GLY A 137 -35.10 -2.22 -9.29
CA GLY A 137 -36.36 -2.91 -9.44
C GLY A 137 -36.32 -3.89 -10.59
N GLN A 138 -37.29 -4.80 -10.62
CA GLN A 138 -37.35 -5.80 -11.67
C GLN A 138 -38.67 -5.76 -12.42
N SER A 139 -38.60 -5.65 -13.73
CA SER A 139 -39.78 -5.65 -14.57
C SER A 139 -39.46 -6.34 -15.89
N MET A 1 54.06 -21.81 13.48
CA MET A 1 53.45 -21.86 14.83
C MET A 1 51.94 -21.76 14.70
N GLU A 2 51.25 -22.83 15.03
CA GLU A 2 49.82 -22.92 14.81
C GLU A 2 49.05 -22.73 16.11
N THR A 3 48.52 -21.52 16.29
CA THR A 3 47.76 -21.20 17.49
C THR A 3 46.39 -20.63 17.10
N ASP A 4 46.28 -20.17 15.87
CA ASP A 4 45.04 -19.55 15.41
C ASP A 4 44.01 -20.60 15.03
N CYS A 5 42.97 -20.70 15.83
CA CYS A 5 41.86 -21.60 15.54
C CYS A 5 40.54 -21.00 16.03
N ASN A 6 40.66 -19.96 16.85
CA ASN A 6 39.51 -19.37 17.54
C ASN A 6 38.78 -20.42 18.37
N PRO A 7 39.24 -20.61 19.62
CA PRO A 7 38.62 -21.58 20.53
C PRO A 7 37.32 -21.04 21.11
N MET A 8 36.34 -20.86 20.24
CA MET A 8 35.05 -20.31 20.64
C MET A 8 34.21 -21.39 21.33
N GLU A 9 34.61 -21.72 22.56
CA GLU A 9 33.91 -22.71 23.36
C GLU A 9 33.23 -22.03 24.55
N LEU A 10 33.22 -20.70 24.52
CA LEU A 10 32.63 -19.91 25.59
C LEU A 10 31.34 -19.24 25.11
N SER A 11 30.43 -19.00 26.04
CA SER A 11 29.19 -18.35 25.72
C SER A 11 29.39 -16.84 25.57
N SER A 12 29.12 -16.33 24.37
CA SER A 12 29.39 -14.93 24.07
C SER A 12 28.20 -14.04 24.47
N MET A 13 27.35 -14.57 25.33
CA MET A 13 26.19 -13.83 25.82
C MET A 13 26.16 -13.81 27.34
N SER A 14 27.32 -13.99 27.95
CA SER A 14 27.44 -13.94 29.40
C SER A 14 27.26 -12.50 29.87
N GLY A 15 27.69 -11.56 29.04
CA GLY A 15 27.49 -10.16 29.33
C GLY A 15 26.09 -9.71 28.93
N PHE A 16 25.08 -10.34 29.51
CA PHE A 16 23.70 -10.05 29.15
C PHE A 16 23.16 -8.85 29.94
N GLU A 17 24.07 -8.04 30.47
CA GLU A 17 23.69 -6.80 31.13
C GLU A 17 23.04 -5.86 30.12
N GLU A 18 23.42 -6.05 28.85
CA GLU A 18 22.80 -5.34 27.76
C GLU A 18 21.65 -6.17 27.20
N GLY A 19 20.43 -5.68 27.37
CA GLY A 19 19.27 -6.39 26.90
C GLY A 19 18.29 -6.67 28.01
N SER A 20 17.97 -5.66 28.79
CA SER A 20 17.02 -5.78 29.87
C SER A 20 15.62 -5.42 29.39
N GLU A 21 14.61 -6.09 29.95
CA GLU A 21 13.24 -5.82 29.58
C GLU A 21 12.74 -4.55 30.26
N LEU A 22 12.63 -3.49 29.49
CA LEU A 22 12.22 -2.21 30.04
C LEU A 22 10.97 -1.71 29.33
N ASN A 23 10.27 -0.77 29.96
CA ASN A 23 9.10 -0.16 29.36
C ASN A 23 9.36 1.32 29.08
N GLY A 24 10.01 1.58 27.96
CA GLY A 24 10.34 2.96 27.60
C GLY A 24 10.07 3.25 26.15
N PHE A 25 9.70 2.22 25.40
CA PHE A 25 9.38 2.38 23.99
C PHE A 25 7.94 2.89 23.86
N GLU A 26 7.78 3.94 23.08
CA GLU A 26 6.50 4.65 22.98
C GLU A 26 5.38 3.74 22.47
N GLY A 27 5.48 3.30 21.23
CA GLY A 27 4.46 2.45 20.66
C GLY A 27 5.00 1.58 19.54
N THR A 28 4.65 1.94 18.31
CA THR A 28 5.12 1.25 17.12
C THR A 28 4.80 -0.25 17.15
N ASP A 29 3.60 -0.60 16.70
CA ASP A 29 3.23 -2.00 16.53
C ASP A 29 3.40 -2.39 15.06
N MET A 30 3.86 -3.61 14.84
CA MET A 30 4.21 -4.06 13.49
C MET A 30 2.98 -4.16 12.59
N LYS A 31 3.14 -3.71 11.35
CA LYS A 31 2.09 -3.76 10.35
C LYS A 31 2.67 -4.35 9.07
N ASP A 32 2.26 -5.56 8.72
CA ASP A 32 2.79 -6.23 7.53
C ASP A 32 2.47 -5.45 6.26
N MET A 33 3.51 -4.95 5.59
CA MET A 33 3.32 -4.15 4.38
C MET A 33 2.72 -5.01 3.26
N ARG A 34 2.84 -6.33 3.40
CA ARG A 34 2.30 -7.26 2.43
C ARG A 34 0.78 -7.08 2.31
N LEU A 35 0.13 -6.86 3.45
CA LEU A 35 -1.32 -6.73 3.50
C LEU A 35 -1.73 -5.36 3.02
N GLU A 36 -1.02 -4.34 3.53
CA GLU A 36 -1.26 -2.96 3.12
C GLU A 36 -1.10 -2.83 1.62
N ALA A 37 -0.20 -3.64 1.06
CA ALA A 37 0.04 -3.62 -0.37
C ALA A 37 -1.18 -4.11 -1.12
N GLU A 38 -1.68 -5.27 -0.69
CA GLU A 38 -2.87 -5.88 -1.27
C GLU A 38 -4.07 -4.94 -1.12
N ALA A 39 -4.18 -4.32 0.04
CA ALA A 39 -5.28 -3.40 0.32
C ALA A 39 -5.27 -2.22 -0.66
N VAL A 40 -4.09 -1.66 -0.89
CA VAL A 40 -3.93 -0.57 -1.84
C VAL A 40 -4.28 -1.02 -3.26
N VAL A 41 -3.73 -2.16 -3.66
CA VAL A 41 -3.95 -2.71 -4.99
C VAL A 41 -5.44 -2.88 -5.29
N ASN A 42 -6.18 -3.41 -4.33
CA ASN A 42 -7.59 -3.70 -4.53
C ASN A 42 -8.47 -2.47 -4.24
N ASP A 43 -7.85 -1.36 -3.90
CA ASP A 43 -8.59 -0.14 -3.59
C ASP A 43 -8.74 0.75 -4.81
N VAL A 44 -7.64 0.92 -5.54
CA VAL A 44 -7.63 1.80 -6.70
C VAL A 44 -7.54 1.00 -8.01
N LEU A 45 -7.86 -0.28 -7.92
CA LEU A 45 -7.77 -1.18 -9.08
C LEU A 45 -8.60 -0.68 -10.26
N PHE A 46 -9.70 0.01 -9.98
CA PHE A 46 -10.61 0.48 -11.03
C PHE A 46 -10.12 1.79 -11.66
N ALA A 47 -9.02 2.34 -11.15
CA ALA A 47 -8.47 3.57 -11.68
C ALA A 47 -7.36 3.28 -12.69
N VAL A 48 -7.11 1.99 -12.89
CA VAL A 48 -6.08 1.53 -13.82
C VAL A 48 -6.59 0.33 -14.60
N ASN A 49 -5.76 -0.20 -15.49
CA ASN A 49 -6.12 -1.40 -16.22
C ASN A 49 -5.97 -2.61 -15.31
N ASN A 50 -4.74 -2.85 -14.87
CA ASN A 50 -4.45 -3.94 -13.95
C ASN A 50 -3.46 -3.48 -12.89
N MET A 51 -3.54 -4.10 -11.73
CA MET A 51 -2.65 -3.79 -10.63
C MET A 51 -2.53 -5.01 -9.73
N PHE A 52 -1.31 -5.33 -9.31
CA PHE A 52 -1.07 -6.49 -8.47
C PHE A 52 0.27 -6.37 -7.77
N VAL A 53 0.45 -7.14 -6.69
CA VAL A 53 1.73 -7.18 -6.01
C VAL A 53 2.75 -7.90 -6.90
N SER A 54 3.94 -7.33 -6.99
CA SER A 54 4.94 -7.80 -7.94
C SER A 54 5.31 -9.26 -7.70
N LYS A 55 5.23 -10.06 -8.75
CA LYS A 55 5.52 -11.48 -8.67
C LYS A 55 6.98 -11.74 -9.06
N SER A 56 7.68 -10.69 -9.45
CA SER A 56 9.07 -10.79 -9.85
C SER A 56 9.95 -10.14 -8.79
N LEU A 57 9.30 -9.70 -7.72
CA LEU A 57 9.96 -8.95 -6.68
C LEU A 57 9.72 -9.61 -5.34
N ARG A 58 9.69 -8.82 -4.28
CA ARG A 58 9.60 -9.37 -2.94
C ARG A 58 8.89 -8.42 -1.99
N CYS A 59 8.63 -8.90 -0.79
CA CYS A 59 8.08 -8.08 0.27
C CYS A 59 8.72 -8.49 1.60
N ALA A 60 9.17 -7.51 2.36
CA ALA A 60 9.85 -7.78 3.62
C ALA A 60 9.07 -7.17 4.78
N ASP A 61 7.83 -6.78 4.49
CA ASP A 61 6.92 -6.17 5.49
C ASP A 61 7.36 -4.76 5.85
N ASP A 62 8.65 -4.50 5.75
CA ASP A 62 9.17 -3.14 5.78
C ASP A 62 8.99 -2.51 4.40
N VAL A 63 8.90 -3.39 3.40
CA VAL A 63 8.81 -2.96 2.01
C VAL A 63 7.89 -3.91 1.25
N ALA A 64 7.17 -3.37 0.28
CA ALA A 64 6.31 -4.17 -0.58
C ALA A 64 6.39 -3.66 -2.02
N TYR A 65 6.84 -4.50 -2.92
CA TYR A 65 6.96 -4.14 -4.32
C TYR A 65 5.66 -4.42 -5.06
N ILE A 66 5.12 -3.40 -5.71
CA ILE A 66 3.83 -3.49 -6.38
C ILE A 66 3.97 -3.11 -7.85
N ASN A 67 3.29 -3.85 -8.72
CA ASN A 67 3.27 -3.54 -10.15
C ASN A 67 1.91 -2.98 -10.54
N VAL A 68 1.91 -1.80 -11.14
CA VAL A 68 0.67 -1.15 -11.53
C VAL A 68 0.70 -0.75 -13.00
N GLU A 69 -0.42 -0.96 -13.69
CA GLU A 69 -0.56 -0.57 -15.08
C GLU A 69 -1.83 0.26 -15.24
N THR A 70 -1.65 1.56 -15.47
CA THR A 70 -2.77 2.48 -15.52
C THR A 70 -3.62 2.27 -16.76
N LYS A 71 -4.76 2.97 -16.82
CA LYS A 71 -5.68 2.85 -17.95
C LYS A 71 -5.00 3.24 -19.26
N GLU A 72 -4.04 4.15 -19.15
CA GLU A 72 -3.31 4.65 -20.31
C GLU A 72 -2.20 3.69 -20.69
N ARG A 73 -2.16 2.53 -20.02
CA ARG A 73 -1.18 1.47 -20.28
C ARG A 73 0.21 1.93 -19.83
N ASN A 74 0.26 2.97 -19.01
CA ASN A 74 1.51 3.44 -18.46
C ASN A 74 1.84 2.63 -17.22
N ARG A 75 2.92 1.88 -17.29
CA ARG A 75 3.26 0.95 -16.24
C ARG A 75 4.26 1.56 -15.26
N TYR A 76 4.04 1.30 -13.98
CA TYR A 76 4.93 1.79 -12.94
C TYR A 76 5.28 0.66 -11.99
N CYS A 77 6.46 0.74 -11.40
CA CYS A 77 6.85 -0.21 -10.36
C CYS A 77 7.01 0.55 -9.05
N LEU A 78 6.26 0.15 -8.04
CA LEU A 78 6.18 0.89 -6.80
C LEU A 78 6.83 0.15 -5.65
N GLU A 79 7.69 0.86 -4.93
CA GLU A 79 8.31 0.37 -3.72
C GLU A 79 7.59 0.95 -2.52
N LEU A 80 6.67 0.19 -1.95
CA LEU A 80 5.91 0.63 -0.80
C LEU A 80 6.76 0.48 0.46
N THR A 81 7.07 1.60 1.10
CA THR A 81 7.93 1.61 2.25
C THR A 81 7.30 2.39 3.40
N GLU A 82 8.07 2.63 4.46
CA GLU A 82 7.61 3.40 5.61
C GLU A 82 7.35 4.85 5.21
N ALA A 83 7.95 5.27 4.09
CA ALA A 83 7.78 6.63 3.60
C ALA A 83 6.63 6.72 2.61
N GLY A 84 5.92 5.63 2.44
CA GLY A 84 4.79 5.61 1.52
C GLY A 84 5.12 4.92 0.23
N LEU A 85 4.51 5.38 -0.85
CA LEU A 85 4.71 4.77 -2.17
C LEU A 85 5.77 5.55 -2.94
N LYS A 86 6.79 4.81 -3.38
CA LYS A 86 7.90 5.38 -4.11
C LYS A 86 8.01 4.71 -5.48
N VAL A 87 8.36 5.48 -6.51
CA VAL A 87 8.50 4.92 -7.84
C VAL A 87 9.93 4.45 -8.05
N VAL A 88 10.09 3.14 -8.26
CA VAL A 88 11.41 2.57 -8.46
C VAL A 88 11.61 2.16 -9.92
N GLY A 89 10.59 2.35 -10.72
CA GLY A 89 10.69 2.00 -12.12
C GLY A 89 9.44 2.33 -12.90
N TYR A 90 9.57 2.34 -14.21
CA TYR A 90 8.45 2.61 -15.11
C TYR A 90 8.25 1.42 -16.03
N ALA A 91 8.52 0.24 -15.49
CA ALA A 91 8.31 -1.01 -16.18
C ALA A 91 8.20 -2.14 -15.16
N PHE A 92 7.61 -3.26 -15.58
CA PHE A 92 7.46 -4.40 -14.68
C PHE A 92 8.81 -5.07 -14.48
N ASP A 93 9.15 -5.32 -13.20
CA ASP A 93 10.40 -5.97 -12.82
C ASP A 93 11.60 -5.03 -13.09
N GLN A 94 11.29 -3.73 -13.17
CA GLN A 94 12.30 -2.70 -13.35
C GLN A 94 12.42 -1.87 -12.09
N VAL A 95 13.49 -2.07 -11.34
CA VAL A 95 13.64 -1.40 -10.05
C VAL A 95 15.03 -0.79 -9.90
N ASP A 96 15.06 0.52 -9.75
CA ASP A 96 16.27 1.23 -9.36
C ASP A 96 16.11 1.70 -7.91
N ASP A 97 17.01 1.25 -7.06
CA ASP A 97 16.90 1.47 -5.63
C ASP A 97 17.08 2.94 -5.25
N HIS A 98 17.89 3.66 -6.01
CA HIS A 98 18.28 5.00 -5.62
C HIS A 98 17.49 6.08 -6.35
N LEU A 99 16.44 5.69 -7.06
CA LEU A 99 15.60 6.66 -7.75
C LEU A 99 14.87 7.55 -6.74
N GLN A 100 15.17 8.84 -6.79
CA GLN A 100 14.51 9.80 -5.92
C GLN A 100 13.24 10.29 -6.57
N THR A 101 12.15 9.59 -6.30
CA THR A 101 10.85 9.97 -6.79
C THR A 101 10.00 10.49 -5.64
N PRO A 102 8.94 11.27 -5.91
CA PRO A 102 8.13 11.87 -4.87
C PRO A 102 7.36 10.84 -4.06
N TYR A 103 7.87 10.58 -2.87
CA TYR A 103 7.23 9.69 -1.92
C TYR A 103 5.89 10.25 -1.49
N HIS A 104 4.83 9.48 -1.70
CA HIS A 104 3.50 9.89 -1.25
C HIS A 104 2.93 8.83 -0.34
N GLU A 105 2.42 9.26 0.80
CA GLU A 105 1.98 8.33 1.85
C GLU A 105 0.63 7.70 1.52
N THR A 106 -0.03 8.21 0.49
CA THR A 106 -1.28 7.63 0.02
C THR A 106 -1.19 7.35 -1.48
N VAL A 107 -1.79 6.25 -1.91
CA VAL A 107 -1.80 5.88 -3.32
C VAL A 107 -2.52 6.92 -4.16
N TYR A 108 -3.48 7.60 -3.54
CA TYR A 108 -4.28 8.61 -4.23
C TYR A 108 -3.39 9.77 -4.65
N SER A 109 -2.59 10.25 -3.72
CA SER A 109 -1.69 11.36 -3.97
C SER A 109 -0.67 11.00 -5.05
N LEU A 110 -0.27 9.73 -5.05
CA LEU A 110 0.74 9.28 -6.00
C LEU A 110 0.16 9.11 -7.39
N LEU A 111 -0.90 8.32 -7.51
CA LEU A 111 -1.47 7.99 -8.81
C LEU A 111 -1.98 9.25 -9.51
N ASP A 112 -2.37 10.23 -8.71
CA ASP A 112 -2.91 11.49 -9.24
C ASP A 112 -1.82 12.27 -9.95
N THR A 113 -0.62 12.23 -9.41
CA THR A 113 0.51 12.98 -9.96
C THR A 113 1.07 12.31 -11.22
N LEU A 114 0.56 11.12 -11.52
CA LEU A 114 1.11 10.31 -12.59
C LEU A 114 0.13 10.13 -13.74
N SER A 115 -1.09 9.74 -13.44
CA SER A 115 -2.06 9.41 -14.47
C SER A 115 -3.38 10.14 -14.29
N PRO A 116 -3.81 10.87 -15.33
CA PRO A 116 -5.11 11.57 -15.33
C PRO A 116 -6.28 10.59 -15.37
N ALA A 117 -5.99 9.34 -15.72
CA ALA A 117 -7.01 8.30 -15.76
C ALA A 117 -7.52 8.02 -14.36
N TYR A 118 -6.69 8.35 -13.37
CA TYR A 118 -7.08 8.26 -11.98
C TYR A 118 -8.26 9.17 -11.70
N ARG A 119 -8.14 10.43 -12.11
CA ARG A 119 -9.19 11.42 -11.89
C ARG A 119 -10.43 11.05 -12.71
N GLU A 120 -10.21 10.44 -13.86
CA GLU A 120 -11.29 9.99 -14.72
C GLU A 120 -12.19 9.01 -13.98
N ALA A 121 -11.57 8.01 -13.34
CA ALA A 121 -12.31 6.99 -12.63
C ALA A 121 -12.75 7.45 -11.26
N PHE A 122 -11.86 8.13 -10.55
CA PHE A 122 -12.14 8.59 -9.20
C PHE A 122 -13.29 9.61 -9.21
N GLY A 123 -13.22 10.56 -10.13
CA GLY A 123 -14.27 11.55 -10.24
C GLY A 123 -15.59 10.93 -10.64
N ASN A 124 -15.53 9.93 -11.52
CA ASN A 124 -16.71 9.23 -11.97
C ASN A 124 -17.39 8.52 -10.80
N ALA A 125 -16.59 7.88 -9.97
CA ALA A 125 -17.12 7.18 -8.79
C ALA A 125 -17.83 8.15 -7.85
N LEU A 126 -17.27 9.33 -7.66
CA LEU A 126 -17.85 10.32 -6.76
C LEU A 126 -19.16 10.88 -7.32
N LEU A 127 -19.21 11.13 -8.62
CA LEU A 127 -20.43 11.67 -9.23
C LEU A 127 -21.48 10.57 -9.36
N GLN A 128 -21.03 9.34 -9.59
CA GLN A 128 -21.93 8.20 -9.66
C GLN A 128 -22.50 7.89 -8.28
N ARG A 129 -21.66 8.04 -7.27
CA ARG A 129 -22.04 7.82 -5.87
C ARG A 129 -23.27 8.66 -5.51
N LEU A 130 -23.31 9.87 -6.04
CA LEU A 130 -24.41 10.78 -5.77
C LEU A 130 -25.56 10.56 -6.75
N GLU A 131 -25.22 10.33 -8.01
CA GLU A 131 -26.22 10.21 -9.06
C GLU A 131 -27.07 8.95 -8.85
N ALA A 132 -26.41 7.87 -8.43
CA ALA A 132 -27.12 6.63 -8.14
C ALA A 132 -28.10 6.82 -7.00
N LEU A 133 -27.75 7.70 -6.07
CA LEU A 133 -28.61 8.02 -4.94
C LEU A 133 -29.75 8.92 -5.41
N LYS A 134 -29.48 9.70 -6.45
CA LYS A 134 -30.48 10.58 -7.05
C LYS A 134 -31.49 9.76 -7.86
N ARG A 135 -31.06 8.59 -8.32
CA ARG A 135 -31.92 7.69 -9.06
C ARG A 135 -32.77 6.86 -8.10
N ASP A 136 -32.51 6.99 -6.81
CA ASP A 136 -33.21 6.21 -5.80
C ASP A 136 -34.38 7.00 -5.25
N GLY A 137 -35.39 6.30 -4.77
CA GLY A 137 -36.58 6.96 -4.26
C GLY A 137 -37.78 6.65 -5.11
N GLN A 138 -38.53 7.69 -5.47
CA GLN A 138 -39.70 7.51 -6.32
C GLN A 138 -39.87 8.74 -7.20
N SER A 139 -39.41 8.63 -8.44
CA SER A 139 -39.54 9.71 -9.40
C SER A 139 -40.49 9.27 -10.52
N MET A 1 24.15 -30.57 29.39
CA MET A 1 24.68 -29.84 28.23
C MET A 1 25.80 -28.89 28.62
N GLU A 2 27.00 -29.44 28.80
CA GLU A 2 28.18 -28.63 29.07
C GLU A 2 28.86 -28.30 27.74
N THR A 3 28.78 -29.25 26.82
CA THR A 3 29.18 -29.02 25.45
C THR A 3 27.93 -28.93 24.57
N ASP A 4 27.57 -27.70 24.20
CA ASP A 4 26.39 -27.49 23.38
C ASP A 4 26.60 -28.05 21.98
N CYS A 5 25.49 -28.43 21.34
CA CYS A 5 25.55 -29.05 20.03
C CYS A 5 25.87 -28.02 18.96
N ASN A 6 26.30 -28.49 17.80
CA ASN A 6 26.72 -27.63 16.69
C ASN A 6 27.93 -26.80 17.08
N PRO A 7 29.12 -27.43 17.07
CA PRO A 7 30.38 -26.76 17.39
C PRO A 7 31.06 -26.20 16.13
N MET A 8 30.27 -26.03 15.08
CA MET A 8 30.78 -25.54 13.81
C MET A 8 31.13 -24.07 13.93
N GLU A 9 32.43 -23.79 14.04
CA GLU A 9 32.91 -22.46 14.34
C GLU A 9 32.95 -21.59 13.09
N LEU A 10 32.11 -20.56 13.06
CA LEU A 10 32.17 -19.56 12.02
C LEU A 10 33.05 -18.41 12.50
N SER A 11 34.22 -18.25 11.88
CA SER A 11 35.19 -17.27 12.31
C SER A 11 34.61 -15.87 12.35
N SER A 12 34.13 -15.39 11.22
CA SER A 12 33.51 -14.07 11.14
C SER A 12 32.71 -13.93 9.85
N MET A 13 33.43 -13.61 8.77
CA MET A 13 32.85 -13.47 7.43
C MET A 13 31.85 -12.31 7.36
N SER A 14 30.71 -12.48 8.01
CA SER A 14 29.68 -11.46 8.03
C SER A 14 29.14 -11.28 9.44
N GLY A 15 29.27 -12.33 10.26
CA GLY A 15 28.73 -12.32 11.60
C GLY A 15 27.22 -12.23 11.60
N PHE A 16 26.65 -11.83 12.72
CA PHE A 16 25.21 -11.63 12.84
C PHE A 16 24.95 -10.27 13.46
N GLU A 17 26.03 -9.57 13.70
CA GLU A 17 26.00 -8.33 14.46
C GLU A 17 25.94 -7.11 13.54
N GLU A 18 25.63 -5.96 14.13
CA GLU A 18 25.62 -4.68 13.42
C GLU A 18 24.48 -4.59 12.39
N GLY A 19 23.52 -5.49 12.50
CA GLY A 19 22.36 -5.45 11.63
C GLY A 19 22.58 -6.17 10.32
N SER A 20 22.86 -7.46 10.40
CA SER A 20 22.95 -8.30 9.20
C SER A 20 21.55 -8.60 8.68
N GLU A 21 20.56 -8.35 9.52
CA GLU A 21 19.16 -8.53 9.17
C GLU A 21 18.36 -7.39 9.79
N LEU A 22 17.35 -6.90 9.08
CA LEU A 22 16.56 -5.78 9.58
C LEU A 22 15.54 -6.28 10.60
N ASN A 23 14.47 -6.89 10.11
CA ASN A 23 13.49 -7.50 11.00
C ASN A 23 13.76 -8.99 11.14
N GLY A 24 14.75 -9.31 11.95
CA GLY A 24 15.10 -10.69 12.22
C GLY A 24 15.15 -10.95 13.70
N PHE A 25 14.49 -12.02 14.13
CA PHE A 25 14.39 -12.40 15.55
C PHE A 25 13.43 -11.46 16.28
N GLU A 26 13.67 -10.16 16.19
CA GLU A 26 12.81 -9.17 16.81
C GLU A 26 12.12 -8.31 15.75
N GLY A 27 10.81 -8.20 15.84
CA GLY A 27 10.05 -7.36 14.93
C GLY A 27 9.07 -6.49 15.70
N THR A 28 9.59 -5.47 16.35
CA THR A 28 8.80 -4.66 17.26
C THR A 28 7.87 -3.68 16.53
N ASP A 29 6.57 -3.98 16.61
CA ASP A 29 5.50 -3.09 16.12
C ASP A 29 5.62 -2.81 14.61
N MET A 30 6.38 -3.64 13.92
CA MET A 30 6.54 -3.49 12.48
C MET A 30 5.34 -4.09 11.76
N LYS A 31 4.61 -3.25 11.04
CA LYS A 31 3.38 -3.69 10.39
C LYS A 31 3.68 -4.43 9.09
N ASP A 32 2.94 -5.51 8.89
CA ASP A 32 3.04 -6.31 7.67
C ASP A 32 2.69 -5.45 6.45
N MET A 33 3.71 -5.10 5.66
CA MET A 33 3.51 -4.24 4.50
C MET A 33 2.66 -4.92 3.42
N ARG A 34 2.58 -6.24 3.48
CA ARG A 34 1.87 -7.01 2.46
C ARG A 34 0.36 -6.79 2.54
N LEU A 35 -0.15 -6.58 3.75
CA LEU A 35 -1.57 -6.30 3.95
C LEU A 35 -1.92 -4.97 3.31
N GLU A 36 -1.15 -3.96 3.69
CA GLU A 36 -1.32 -2.63 3.16
C GLU A 36 -1.15 -2.65 1.65
N ALA A 37 -0.29 -3.57 1.18
CA ALA A 37 -0.04 -3.69 -0.24
C ALA A 37 -1.28 -4.21 -0.97
N GLU A 38 -1.80 -5.32 -0.49
CA GLU A 38 -2.98 -5.95 -1.09
C GLU A 38 -4.20 -5.04 -0.98
N ALA A 39 -4.31 -4.33 0.14
CA ALA A 39 -5.42 -3.41 0.36
C ALA A 39 -5.39 -2.26 -0.66
N VAL A 40 -4.20 -1.76 -0.92
CA VAL A 40 -4.02 -0.68 -1.90
C VAL A 40 -4.37 -1.17 -3.31
N VAL A 41 -3.81 -2.33 -3.68
CA VAL A 41 -3.99 -2.89 -5.02
C VAL A 41 -5.47 -3.02 -5.37
N ASN A 42 -6.23 -3.68 -4.51
CA ASN A 42 -7.64 -3.96 -4.79
C ASN A 42 -8.46 -2.67 -4.85
N ASP A 43 -8.10 -1.70 -4.01
CA ASP A 43 -8.93 -0.51 -3.84
C ASP A 43 -8.89 0.39 -5.07
N VAL A 44 -7.70 0.71 -5.56
CA VAL A 44 -7.56 1.66 -6.65
C VAL A 44 -7.44 0.96 -8.01
N LEU A 45 -7.58 -0.37 -8.00
CA LEU A 45 -7.49 -1.17 -9.22
C LEU A 45 -8.60 -0.76 -10.20
N PHE A 46 -9.72 -0.29 -9.67
CA PHE A 46 -10.85 0.12 -10.49
C PHE A 46 -10.52 1.36 -11.32
N ALA A 47 -9.50 2.09 -10.91
CA ALA A 47 -9.16 3.35 -11.56
C ALA A 47 -7.94 3.20 -12.47
N VAL A 48 -7.49 1.96 -12.64
CA VAL A 48 -6.35 1.69 -13.51
C VAL A 48 -6.68 0.55 -14.47
N ASN A 49 -5.72 0.17 -15.30
CA ASN A 49 -5.93 -0.90 -16.27
C ASN A 49 -5.58 -2.25 -15.65
N ASN A 50 -4.54 -2.26 -14.84
CA ASN A 50 -4.10 -3.47 -14.16
C ASN A 50 -3.24 -3.09 -12.97
N MET A 51 -3.22 -3.93 -11.95
CA MET A 51 -2.44 -3.64 -10.74
C MET A 51 -2.32 -4.91 -9.91
N PHE A 52 -1.11 -5.24 -9.49
CA PHE A 52 -0.88 -6.44 -8.71
C PHE A 52 0.43 -6.33 -7.94
N VAL A 53 0.59 -7.16 -6.91
CA VAL A 53 1.83 -7.19 -6.15
C VAL A 53 2.92 -7.88 -6.99
N SER A 54 4.13 -7.35 -6.92
CA SER A 54 5.21 -7.85 -7.73
C SER A 54 5.69 -9.21 -7.24
N LYS A 55 6.38 -9.95 -8.10
CA LYS A 55 6.75 -11.32 -7.79
C LYS A 55 8.24 -11.59 -7.97
N SER A 56 8.99 -10.60 -8.44
CA SER A 56 10.42 -10.79 -8.64
C SER A 56 11.22 -9.97 -7.64
N LEU A 57 10.51 -9.46 -6.64
CA LEU A 57 11.11 -8.61 -5.65
C LEU A 57 11.23 -9.33 -4.32
N ARG A 58 11.17 -8.56 -3.26
CA ARG A 58 11.17 -9.09 -1.91
C ARG A 58 10.20 -8.28 -1.07
N CYS A 59 9.33 -8.97 -0.37
CA CYS A 59 8.40 -8.34 0.54
C CYS A 59 8.58 -8.91 1.93
N ALA A 60 9.47 -8.31 2.69
CA ALA A 60 9.82 -8.79 4.00
C ALA A 60 9.04 -8.06 5.08
N ASP A 61 7.94 -7.44 4.66
CA ASP A 61 7.05 -6.66 5.55
C ASP A 61 7.63 -5.28 5.82
N ASP A 62 8.94 -5.15 5.72
CA ASP A 62 9.57 -3.84 5.74
C ASP A 62 9.20 -3.12 4.45
N VAL A 63 9.07 -3.91 3.40
CA VAL A 63 8.90 -3.40 2.04
C VAL A 63 7.95 -4.31 1.25
N ALA A 64 7.30 -3.74 0.25
CA ALA A 64 6.50 -4.52 -0.68
C ALA A 64 6.42 -3.79 -2.02
N TYR A 65 6.95 -4.41 -3.06
CA TYR A 65 6.93 -3.82 -4.39
C TYR A 65 5.64 -4.17 -5.12
N ILE A 66 4.98 -3.15 -5.64
CA ILE A 66 3.73 -3.32 -6.35
C ILE A 66 3.86 -2.87 -7.80
N ASN A 67 3.37 -3.70 -8.71
CA ASN A 67 3.38 -3.36 -10.13
C ASN A 67 2.03 -2.77 -10.51
N VAL A 68 2.03 -1.49 -10.84
CA VAL A 68 0.79 -0.80 -11.20
C VAL A 68 0.80 -0.40 -12.66
N GLU A 69 -0.35 -0.50 -13.29
CA GLU A 69 -0.54 -0.06 -14.66
C GLU A 69 -1.84 0.71 -14.77
N THR A 70 -1.73 2.02 -14.88
CA THR A 70 -2.89 2.91 -14.88
C THR A 70 -3.67 2.81 -16.19
N LYS A 71 -4.72 3.61 -16.32
CA LYS A 71 -5.55 3.58 -17.53
C LYS A 71 -4.78 4.11 -18.73
N GLU A 72 -3.73 4.89 -18.46
CA GLU A 72 -2.84 5.38 -19.49
C GLU A 72 -1.96 4.23 -20.00
N ARG A 73 -2.08 3.09 -19.35
CA ARG A 73 -1.34 1.87 -19.71
C ARG A 73 0.16 2.06 -19.47
N ASN A 74 0.50 3.04 -18.64
CA ASN A 74 1.88 3.22 -18.22
C ASN A 74 2.10 2.47 -16.91
N ARG A 75 3.02 1.52 -16.94
CA ARG A 75 3.28 0.68 -15.79
C ARG A 75 4.45 1.21 -14.98
N TYR A 76 4.34 1.12 -13.67
CA TYR A 76 5.39 1.54 -12.77
C TYR A 76 5.55 0.52 -11.64
N CYS A 77 6.77 0.36 -11.17
CA CYS A 77 7.04 -0.51 -10.04
C CYS A 77 7.21 0.36 -8.79
N LEU A 78 6.33 0.17 -7.83
CA LEU A 78 6.31 1.02 -6.65
C LEU A 78 6.85 0.30 -5.43
N GLU A 79 7.74 0.95 -4.73
CA GLU A 79 8.27 0.44 -3.48
C GLU A 79 7.47 1.00 -2.32
N LEU A 80 6.66 0.14 -1.69
CA LEU A 80 5.84 0.56 -0.57
C LEU A 80 6.60 0.40 0.74
N THR A 81 6.87 1.52 1.40
CA THR A 81 7.54 1.52 2.69
C THR A 81 6.86 2.53 3.61
N GLU A 82 7.48 2.84 4.75
CA GLU A 82 6.94 3.84 5.66
C GLU A 82 6.97 5.23 5.03
N ALA A 83 7.77 5.37 3.97
CA ALA A 83 7.89 6.63 3.26
C ALA A 83 6.75 6.80 2.27
N GLY A 84 6.04 5.71 2.02
CA GLY A 84 4.95 5.74 1.07
C GLY A 84 5.26 4.92 -0.16
N LEU A 85 4.77 5.36 -1.30
CA LEU A 85 5.00 4.67 -2.56
C LEU A 85 6.02 5.42 -3.40
N LYS A 86 7.14 4.77 -3.68
CA LYS A 86 8.23 5.36 -4.46
C LYS A 86 8.39 4.64 -5.79
N VAL A 87 8.60 5.40 -6.86
CA VAL A 87 8.80 4.82 -8.18
C VAL A 87 10.24 4.35 -8.34
N VAL A 88 10.43 3.04 -8.32
CA VAL A 88 11.76 2.46 -8.47
C VAL A 88 12.00 2.04 -9.92
N GLY A 89 10.95 2.06 -10.72
CA GLY A 89 11.07 1.72 -12.12
C GLY A 89 9.78 1.95 -12.87
N TYR A 90 9.87 2.05 -14.19
CA TYR A 90 8.71 2.25 -15.04
C TYR A 90 8.42 0.98 -15.84
N ALA A 91 8.67 -0.16 -15.21
CA ALA A 91 8.38 -1.45 -15.80
C ALA A 91 8.07 -2.44 -14.68
N PHE A 92 7.59 -3.61 -15.05
CA PHE A 92 7.20 -4.61 -14.05
C PHE A 92 8.44 -5.24 -13.43
N ASP A 93 8.52 -5.20 -12.10
CA ASP A 93 9.60 -5.83 -11.34
C ASP A 93 10.95 -5.17 -11.63
N GLN A 94 10.90 -3.96 -12.16
CA GLN A 94 12.11 -3.24 -12.53
C GLN A 94 12.48 -2.23 -11.45
N VAL A 95 13.62 -2.45 -10.81
CA VAL A 95 14.09 -1.54 -9.77
C VAL A 95 15.44 -0.96 -10.14
N ASP A 96 15.51 0.35 -10.31
CA ASP A 96 16.77 1.03 -10.58
C ASP A 96 17.33 1.62 -9.30
N ASP A 97 18.57 1.27 -9.02
CA ASP A 97 19.23 1.70 -7.79
C ASP A 97 19.43 3.22 -7.74
N HIS A 98 19.53 3.83 -8.91
CA HIS A 98 19.84 5.25 -9.00
C HIS A 98 18.58 6.09 -9.12
N LEU A 99 17.43 5.44 -9.05
CA LEU A 99 16.16 6.16 -9.07
C LEU A 99 15.72 6.52 -7.68
N GLN A 100 15.67 7.81 -7.42
CA GLN A 100 15.21 8.33 -6.15
C GLN A 100 14.09 9.32 -6.41
N THR A 101 12.92 8.79 -6.70
CA THR A 101 11.77 9.60 -7.06
C THR A 101 11.02 10.07 -5.80
N PRO A 102 10.26 11.17 -5.90
CA PRO A 102 9.48 11.68 -4.80
C PRO A 102 8.31 10.75 -4.44
N TYR A 103 8.45 10.07 -3.32
CA TYR A 103 7.45 9.14 -2.87
C TYR A 103 6.26 9.87 -2.24
N HIS A 104 5.10 9.24 -2.30
CA HIS A 104 3.89 9.83 -1.75
C HIS A 104 3.31 8.94 -0.67
N GLU A 105 2.76 9.57 0.37
CA GLU A 105 2.31 8.86 1.56
C GLU A 105 1.17 7.88 1.27
N THR A 106 0.37 8.17 0.26
CA THR A 106 -0.71 7.28 -0.13
C THR A 106 -0.70 7.05 -1.64
N VAL A 107 -1.31 5.95 -2.07
CA VAL A 107 -1.43 5.66 -3.48
C VAL A 107 -2.29 6.70 -4.19
N TYR A 108 -3.23 7.27 -3.44
CA TYR A 108 -4.14 8.28 -3.97
C TYR A 108 -3.37 9.49 -4.45
N SER A 109 -2.52 10.04 -3.58
CA SER A 109 -1.71 11.19 -3.92
C SER A 109 -0.78 10.90 -5.09
N LEU A 110 -0.33 9.66 -5.19
CA LEU A 110 0.60 9.28 -6.23
C LEU A 110 -0.07 9.20 -7.59
N LEU A 111 -1.14 8.42 -7.68
CA LEU A 111 -1.85 8.23 -8.94
C LEU A 111 -2.52 9.52 -9.40
N ASP A 112 -2.72 10.44 -8.47
CA ASP A 112 -3.41 11.71 -8.75
C ASP A 112 -2.42 12.64 -9.43
N THR A 113 -1.18 12.26 -9.24
CA THR A 113 -0.06 13.00 -9.75
C THR A 113 0.37 12.45 -11.12
N LEU A 114 -0.11 11.26 -11.46
CA LEU A 114 0.33 10.60 -12.68
C LEU A 114 -0.81 10.45 -13.69
N SER A 115 -1.97 10.04 -13.20
CA SER A 115 -3.09 9.72 -14.08
C SER A 115 -4.20 10.75 -14.02
N PRO A 116 -4.47 11.42 -15.14
CA PRO A 116 -5.60 12.33 -15.27
C PRO A 116 -6.93 11.56 -15.26
N ALA A 117 -6.91 10.35 -15.81
CA ALA A 117 -8.10 9.52 -15.89
C ALA A 117 -8.42 8.90 -14.53
N TYR A 118 -7.43 8.88 -13.65
CA TYR A 118 -7.60 8.36 -12.29
C TYR A 118 -8.67 9.14 -11.56
N ARG A 119 -8.63 10.46 -11.69
CA ARG A 119 -9.57 11.33 -11.00
C ARG A 119 -10.97 11.15 -11.54
N GLU A 120 -11.07 10.90 -12.83
CA GLU A 120 -12.35 10.67 -13.49
C GLU A 120 -12.91 9.31 -13.09
N ALA A 121 -12.08 8.28 -13.21
CA ALA A 121 -12.52 6.91 -12.96
C ALA A 121 -12.91 6.69 -11.51
N PHE A 122 -12.26 7.41 -10.59
CA PHE A 122 -12.56 7.29 -9.18
C PHE A 122 -14.02 7.64 -8.90
N GLY A 123 -14.52 8.65 -9.59
CA GLY A 123 -15.90 9.07 -9.43
C GLY A 123 -16.87 8.04 -9.96
N ASN A 124 -16.43 7.24 -10.93
CA ASN A 124 -17.29 6.25 -11.57
C ASN A 124 -17.73 5.17 -10.59
N ALA A 125 -16.85 4.83 -9.65
CA ALA A 125 -17.14 3.77 -8.70
C ALA A 125 -18.14 4.23 -7.65
N LEU A 126 -17.88 5.40 -7.06
CA LEU A 126 -18.79 5.97 -6.07
C LEU A 126 -20.15 6.21 -6.71
N LEU A 127 -20.12 6.66 -7.95
CA LEU A 127 -21.33 6.88 -8.74
C LEU A 127 -22.07 5.55 -8.96
N GLN A 128 -21.33 4.52 -9.35
CA GLN A 128 -21.92 3.23 -9.66
C GLN A 128 -22.59 2.61 -8.43
N ARG A 129 -22.16 3.07 -7.25
CA ARG A 129 -22.63 2.52 -5.99
C ARG A 129 -24.01 3.06 -5.61
N LEU A 130 -24.53 3.99 -6.42
CA LEU A 130 -25.86 4.54 -6.17
C LEU A 130 -26.95 3.58 -6.63
N GLU A 131 -26.58 2.65 -7.51
CA GLU A 131 -27.54 1.67 -8.01
C GLU A 131 -28.05 0.79 -6.87
N ALA A 132 -27.21 0.59 -5.87
CA ALA A 132 -27.56 -0.23 -4.71
C ALA A 132 -28.87 0.20 -4.09
N LEU A 133 -29.16 1.49 -4.16
CA LEU A 133 -30.41 2.03 -3.63
C LEU A 133 -31.58 1.69 -4.55
N LYS A 134 -31.36 1.83 -5.85
CA LYS A 134 -32.41 1.59 -6.84
C LYS A 134 -32.73 0.11 -6.97
N ARG A 135 -31.69 -0.72 -6.87
CA ARG A 135 -31.86 -2.16 -6.98
C ARG A 135 -32.43 -2.72 -5.68
N ASP A 136 -32.32 -1.93 -4.62
CA ASP A 136 -32.85 -2.30 -3.32
C ASP A 136 -34.36 -2.06 -3.30
N GLY A 137 -34.75 -0.84 -3.60
CA GLY A 137 -36.15 -0.49 -3.61
C GLY A 137 -36.47 0.56 -4.66
N GLN A 138 -37.23 0.15 -5.66
CA GLN A 138 -37.61 1.06 -6.74
C GLN A 138 -38.90 1.79 -6.39
N SER A 139 -38.83 3.11 -6.39
CA SER A 139 -40.01 3.92 -6.15
C SER A 139 -40.51 4.52 -7.45
N MET A 1 -46.00 -8.52 14.69
CA MET A 1 -44.72 -9.19 14.37
C MET A 1 -43.89 -9.35 15.63
N GLU A 2 -42.69 -9.89 15.49
CA GLU A 2 -41.80 -10.06 16.63
C GLU A 2 -40.68 -9.03 16.58
N THR A 3 -39.98 -8.87 17.69
CA THR A 3 -38.87 -7.94 17.78
C THR A 3 -37.63 -8.47 17.03
N ASP A 4 -37.66 -9.78 16.74
CA ASP A 4 -36.60 -10.44 15.99
C ASP A 4 -35.29 -10.46 16.81
N CYS A 5 -34.22 -10.98 16.23
CA CYS A 5 -32.95 -11.11 16.92
C CYS A 5 -31.80 -10.84 15.96
N ASN A 6 -30.92 -9.91 16.32
CA ASN A 6 -29.80 -9.55 15.47
C ASN A 6 -28.59 -9.11 16.29
N PRO A 7 -27.79 -10.06 16.78
CA PRO A 7 -26.56 -9.77 17.50
C PRO A 7 -25.34 -9.69 16.56
N MET A 8 -24.76 -10.84 16.26
CA MET A 8 -23.64 -10.93 15.35
C MET A 8 -23.52 -12.36 14.84
N GLU A 9 -24.37 -12.70 13.88
CA GLU A 9 -24.46 -14.06 13.38
C GLU A 9 -23.21 -14.41 12.57
N LEU A 10 -22.98 -13.69 11.49
CA LEU A 10 -21.78 -13.89 10.69
C LEU A 10 -20.67 -12.97 11.19
N SER A 11 -19.67 -13.55 11.81
CA SER A 11 -18.54 -12.80 12.34
C SER A 11 -17.55 -12.45 11.22
N SER A 12 -17.82 -13.00 10.03
CA SER A 12 -16.98 -12.76 8.86
C SER A 12 -16.88 -11.28 8.54
N MET A 13 -18.00 -10.58 8.65
CA MET A 13 -18.04 -9.15 8.44
C MET A 13 -18.85 -8.49 9.55
N SER A 14 -18.15 -7.95 10.53
CA SER A 14 -18.79 -7.26 11.62
C SER A 14 -19.10 -5.82 11.21
N GLY A 15 -19.91 -5.13 11.99
CA GLY A 15 -20.27 -3.76 11.66
C GLY A 15 -19.12 -2.80 11.92
N PHE A 16 -19.41 -1.51 11.85
CA PHE A 16 -18.40 -0.50 12.11
C PHE A 16 -18.81 0.33 13.32
N GLU A 17 -18.42 -0.15 14.49
CA GLU A 17 -18.75 0.52 15.73
C GLU A 17 -17.60 1.41 16.19
N GLU A 18 -17.95 2.46 16.92
CA GLU A 18 -16.95 3.32 17.51
C GLU A 18 -16.28 2.58 18.67
N GLY A 19 -15.08 2.07 18.41
CA GLY A 19 -14.41 1.21 19.36
C GLY A 19 -13.29 1.90 20.10
N SER A 20 -13.61 2.99 20.79
CA SER A 20 -12.66 3.70 21.64
C SER A 20 -11.59 4.41 20.81
N GLU A 21 -10.64 5.01 21.50
CA GLU A 21 -9.57 5.76 20.86
C GLU A 21 -8.35 4.88 20.65
N LEU A 22 -7.59 5.17 19.61
CA LEU A 22 -6.35 4.46 19.34
C LEU A 22 -5.25 4.96 20.26
N ASN A 23 -5.21 4.40 21.47
CA ASN A 23 -4.24 4.80 22.47
C ASN A 23 -3.13 3.78 22.59
N GLY A 24 -3.30 2.64 21.94
CA GLY A 24 -2.28 1.62 21.92
C GLY A 24 -1.15 1.99 20.97
N PHE A 25 -0.06 2.49 21.53
CA PHE A 25 1.09 2.91 20.73
C PHE A 25 1.85 1.69 20.22
N GLU A 26 1.59 1.32 18.98
CA GLU A 26 2.18 0.15 18.35
C GLU A 26 1.82 -1.13 19.10
N GLY A 27 2.64 -2.15 18.95
CA GLY A 27 2.36 -3.41 19.59
C GLY A 27 2.75 -4.58 18.71
N THR A 28 2.21 -4.60 17.50
CA THR A 28 2.59 -5.59 16.52
C THR A 28 3.90 -5.19 15.86
N ASP A 29 4.99 -5.78 16.34
CA ASP A 29 6.31 -5.44 15.85
C ASP A 29 6.54 -6.01 14.46
N MET A 30 7.02 -5.16 13.57
CA MET A 30 7.29 -5.54 12.18
C MET A 30 5.99 -5.90 11.45
N LYS A 31 5.44 -4.94 10.73
CA LYS A 31 4.23 -5.17 9.98
C LYS A 31 4.58 -5.52 8.54
N ASP A 32 4.29 -6.75 8.16
CA ASP A 32 4.51 -7.19 6.79
C ASP A 32 3.64 -6.36 5.86
N MET A 33 4.28 -5.55 5.02
CA MET A 33 3.59 -4.57 4.18
C MET A 33 2.66 -5.22 3.15
N ARG A 34 2.72 -6.54 3.08
CA ARG A 34 1.87 -7.31 2.18
C ARG A 34 0.40 -6.97 2.37
N LEU A 35 0.00 -6.83 3.63
CA LEU A 35 -1.38 -6.60 4.01
C LEU A 35 -1.85 -5.25 3.46
N GLU A 36 -1.04 -4.24 3.73
CA GLU A 36 -1.32 -2.89 3.27
C GLU A 36 -1.26 -2.84 1.76
N ALA A 37 -0.42 -3.70 1.18
CA ALA A 37 -0.25 -3.74 -0.26
C ALA A 37 -1.50 -4.26 -0.95
N GLU A 38 -1.97 -5.44 -0.51
CA GLU A 38 -3.15 -6.05 -1.11
C GLU A 38 -4.37 -5.14 -0.97
N ALA A 39 -4.38 -4.36 0.09
CA ALA A 39 -5.43 -3.37 0.29
C ALA A 39 -5.43 -2.35 -0.83
N VAL A 40 -4.28 -1.70 -1.02
CA VAL A 40 -4.10 -0.69 -2.06
C VAL A 40 -4.44 -1.25 -3.44
N VAL A 41 -4.04 -2.49 -3.68
CA VAL A 41 -4.30 -3.16 -4.96
C VAL A 41 -5.79 -3.18 -5.29
N ASN A 42 -6.63 -3.34 -4.27
CA ASN A 42 -8.07 -3.35 -4.46
C ASN A 42 -8.62 -1.93 -4.46
N ASP A 43 -8.13 -1.12 -3.52
CA ASP A 43 -8.64 0.24 -3.33
C ASP A 43 -8.54 1.08 -4.61
N VAL A 44 -7.41 1.01 -5.30
CA VAL A 44 -7.22 1.82 -6.50
C VAL A 44 -7.29 0.98 -7.77
N LEU A 45 -7.84 -0.23 -7.66
CA LEU A 45 -7.92 -1.16 -8.79
C LEU A 45 -8.72 -0.55 -9.94
N PHE A 46 -9.86 0.04 -9.63
CA PHE A 46 -10.76 0.56 -10.66
C PHE A 46 -10.24 1.88 -11.23
N ALA A 47 -9.21 2.43 -10.62
CA ALA A 47 -8.63 3.69 -11.07
C ALA A 47 -7.60 3.45 -12.17
N VAL A 48 -7.15 2.21 -12.29
CA VAL A 48 -6.14 1.86 -13.28
C VAL A 48 -6.66 0.74 -14.19
N ASN A 49 -5.76 0.17 -14.98
CA ASN A 49 -6.13 -0.92 -15.88
C ASN A 49 -5.84 -2.25 -15.20
N ASN A 50 -4.70 -2.33 -14.53
CA ASN A 50 -4.28 -3.55 -13.87
C ASN A 50 -3.44 -3.24 -12.64
N MET A 51 -3.62 -4.03 -11.60
CA MET A 51 -2.91 -3.86 -10.35
C MET A 51 -2.43 -5.22 -9.84
N PHE A 52 -1.13 -5.40 -9.73
CA PHE A 52 -0.56 -6.70 -9.39
C PHE A 52 0.63 -6.55 -8.45
N VAL A 53 0.63 -7.29 -7.35
CA VAL A 53 1.73 -7.24 -6.40
C VAL A 53 2.93 -8.02 -6.91
N SER A 54 4.01 -7.30 -7.17
CA SER A 54 5.25 -7.85 -7.73
C SER A 54 4.96 -8.64 -9.01
N LYS A 55 5.79 -9.65 -9.23
CA LYS A 55 5.69 -10.58 -10.36
C LYS A 55 6.99 -11.34 -10.42
N SER A 56 8.05 -10.59 -10.18
CA SER A 56 9.41 -11.12 -10.09
C SER A 56 10.14 -10.43 -8.94
N LEU A 57 9.39 -9.63 -8.18
CA LEU A 57 9.92 -8.90 -7.06
C LEU A 57 9.61 -9.64 -5.77
N ARG A 58 9.34 -8.92 -4.70
CA ARG A 58 9.05 -9.56 -3.41
C ARG A 58 8.44 -8.55 -2.44
N CYS A 59 7.90 -9.06 -1.35
CA CYS A 59 7.40 -8.22 -0.27
C CYS A 59 7.92 -8.74 1.06
N ALA A 60 9.02 -8.16 1.51
CA ALA A 60 9.69 -8.63 2.71
C ALA A 60 9.49 -7.66 3.87
N ASP A 61 8.36 -7.84 4.57
CA ASP A 61 8.04 -7.09 5.79
C ASP A 61 8.01 -5.58 5.56
N ASP A 62 9.18 -4.96 5.58
CA ASP A 62 9.31 -3.51 5.50
C ASP A 62 9.00 -3.00 4.09
N VAL A 63 9.29 -3.82 3.09
CA VAL A 63 9.14 -3.39 1.72
C VAL A 63 8.10 -4.24 0.99
N ALA A 64 7.26 -3.60 0.20
CA ALA A 64 6.31 -4.29 -0.65
C ALA A 64 6.41 -3.76 -2.07
N TYR A 65 6.93 -4.57 -2.97
CA TYR A 65 7.08 -4.17 -4.36
C TYR A 65 5.81 -4.46 -5.15
N ILE A 66 5.19 -3.43 -5.69
CA ILE A 66 3.95 -3.58 -6.43
C ILE A 66 4.11 -3.08 -7.87
N ASN A 67 3.50 -3.80 -8.80
CA ASN A 67 3.52 -3.44 -10.21
C ASN A 67 2.13 -3.00 -10.64
N VAL A 68 1.99 -1.73 -10.97
CA VAL A 68 0.69 -1.19 -11.32
C VAL A 68 0.70 -0.65 -12.75
N GLU A 69 -0.41 -0.85 -13.45
CA GLU A 69 -0.60 -0.32 -14.78
C GLU A 69 -1.84 0.56 -14.81
N THR A 70 -1.64 1.86 -14.99
CA THR A 70 -2.73 2.82 -15.05
C THR A 70 -3.65 2.51 -16.23
N LYS A 71 -4.81 3.17 -16.29
CA LYS A 71 -5.72 2.96 -17.42
C LYS A 71 -5.21 3.68 -18.66
N GLU A 72 -4.07 4.36 -18.52
CA GLU A 72 -3.35 4.91 -19.66
C GLU A 72 -2.42 3.83 -20.21
N ARG A 73 -2.40 2.69 -19.51
CA ARG A 73 -1.51 1.58 -19.80
C ARG A 73 -0.06 2.02 -19.71
N ASN A 74 0.23 2.77 -18.65
CA ASN A 74 1.60 3.18 -18.35
C ASN A 74 2.06 2.42 -17.12
N ARG A 75 3.26 1.86 -17.19
CA ARG A 75 3.73 0.93 -16.17
C ARG A 75 4.60 1.65 -15.15
N TYR A 76 4.28 1.45 -13.88
CA TYR A 76 5.06 2.02 -12.79
C TYR A 76 5.34 0.96 -11.74
N CYS A 77 6.60 0.84 -11.35
CA CYS A 77 6.98 -0.08 -10.30
C CYS A 77 7.11 0.68 -8.99
N LEU A 78 6.25 0.34 -8.03
CA LEU A 78 6.16 1.08 -6.79
C LEU A 78 6.71 0.28 -5.61
N GLU A 79 7.60 0.92 -4.87
CA GLU A 79 8.15 0.35 -3.66
C GLU A 79 7.38 0.90 -2.45
N LEU A 80 6.47 0.09 -1.93
CA LEU A 80 5.67 0.49 -0.78
C LEU A 80 6.44 0.26 0.51
N THR A 81 6.70 1.34 1.23
CA THR A 81 7.45 1.28 2.47
C THR A 81 6.80 2.19 3.51
N GLU A 82 7.48 2.40 4.65
CA GLU A 82 6.97 3.28 5.68
C GLU A 82 7.02 4.74 5.23
N ALA A 83 7.78 4.98 4.17
CA ALA A 83 7.91 6.32 3.60
C ALA A 83 6.84 6.56 2.55
N GLY A 84 5.97 5.57 2.37
CA GLY A 84 4.90 5.69 1.41
C GLY A 84 5.17 4.92 0.15
N LEU A 85 4.74 5.47 -0.98
CA LEU A 85 4.91 4.83 -2.26
C LEU A 85 6.03 5.52 -3.03
N LYS A 86 7.13 4.82 -3.20
CA LYS A 86 8.29 5.38 -3.86
C LYS A 86 8.56 4.66 -5.18
N VAL A 87 8.64 5.43 -6.26
CA VAL A 87 8.84 4.87 -7.59
C VAL A 87 10.27 4.37 -7.76
N VAL A 88 10.41 3.12 -8.19
CA VAL A 88 11.74 2.53 -8.38
C VAL A 88 12.01 2.23 -9.85
N GLY A 89 10.99 2.34 -10.69
CA GLY A 89 11.16 2.07 -12.10
C GLY A 89 9.90 2.34 -12.89
N TYR A 90 10.06 2.45 -14.21
CA TYR A 90 8.94 2.75 -15.10
C TYR A 90 8.56 1.52 -15.90
N ALA A 91 8.78 0.35 -15.31
CA ALA A 91 8.45 -0.92 -15.95
C ALA A 91 8.18 -1.96 -14.88
N PHE A 92 7.55 -3.07 -15.27
CA PHE A 92 7.22 -4.13 -14.33
C PHE A 92 8.50 -4.78 -13.79
N ASP A 93 8.63 -4.76 -12.46
CA ASP A 93 9.74 -5.41 -11.75
C ASP A 93 11.08 -4.73 -12.07
N GLN A 94 11.01 -3.47 -12.47
CA GLN A 94 12.20 -2.67 -12.73
C GLN A 94 12.53 -1.81 -11.51
N VAL A 95 13.59 -2.16 -10.79
CA VAL A 95 13.94 -1.46 -9.57
C VAL A 95 15.36 -0.88 -9.65
N ASP A 96 15.44 0.44 -9.62
CA ASP A 96 16.72 1.11 -9.52
C ASP A 96 16.68 2.10 -8.36
N ASP A 97 17.44 1.81 -7.32
CA ASP A 97 17.42 2.62 -6.10
C ASP A 97 18.13 3.96 -6.32
N HIS A 98 18.79 4.09 -7.46
CA HIS A 98 19.46 5.33 -7.82
C HIS A 98 18.43 6.37 -8.20
N LEU A 99 17.24 5.90 -8.53
CA LEU A 99 16.10 6.76 -8.71
C LEU A 99 15.71 7.35 -7.37
N GLN A 100 15.84 8.66 -7.26
CA GLN A 100 15.59 9.34 -6.00
C GLN A 100 14.36 10.22 -6.13
N THR A 101 13.30 9.64 -6.66
CA THR A 101 12.03 10.32 -6.80
C THR A 101 11.41 10.60 -5.43
N PRO A 102 10.84 11.79 -5.24
CA PRO A 102 10.23 12.18 -3.97
C PRO A 102 9.19 11.18 -3.48
N TYR A 103 9.33 10.77 -2.23
CA TYR A 103 8.39 9.83 -1.62
C TYR A 103 7.01 10.45 -1.50
N HIS A 104 6.00 9.73 -1.93
CA HIS A 104 4.62 10.18 -1.80
C HIS A 104 3.92 9.37 -0.72
N GLU A 105 3.20 10.05 0.14
CA GLU A 105 2.63 9.41 1.32
C GLU A 105 1.37 8.61 0.97
N THR A 106 0.50 9.19 0.16
CA THR A 106 -0.75 8.56 -0.17
C THR A 106 -0.78 8.11 -1.62
N VAL A 107 -1.34 6.93 -1.86
CA VAL A 107 -1.56 6.43 -3.21
C VAL A 107 -2.54 7.34 -3.94
N TYR A 108 -3.37 8.03 -3.15
CA TYR A 108 -4.34 8.98 -3.67
C TYR A 108 -3.63 10.04 -4.51
N SER A 109 -2.73 10.77 -3.87
CA SER A 109 -2.03 11.87 -4.52
C SER A 109 -1.04 11.34 -5.55
N LEU A 110 -0.44 10.19 -5.27
CA LEU A 110 0.55 9.60 -6.16
C LEU A 110 -0.08 9.20 -7.49
N LEU A 111 -1.09 8.35 -7.44
CA LEU A 111 -1.69 7.82 -8.65
C LEU A 111 -2.37 8.93 -9.43
N ASP A 112 -2.89 9.92 -8.70
CA ASP A 112 -3.59 11.04 -9.32
C ASP A 112 -2.65 11.86 -10.20
N THR A 113 -1.40 12.02 -9.74
CA THR A 113 -0.43 12.80 -10.50
C THR A 113 0.12 11.99 -11.66
N LEU A 114 -0.05 10.68 -11.60
CA LEU A 114 0.38 9.79 -12.67
C LEU A 114 -0.69 9.75 -13.75
N SER A 115 -1.93 9.58 -13.33
CA SER A 115 -3.05 9.56 -14.23
C SER A 115 -4.21 10.37 -13.64
N PRO A 116 -4.55 11.51 -14.26
CA PRO A 116 -5.66 12.36 -13.80
C PRO A 116 -7.00 11.64 -13.91
N ALA A 117 -6.98 10.48 -14.57
CA ALA A 117 -8.15 9.63 -14.68
C ALA A 117 -8.45 8.96 -13.34
N TYR A 118 -7.57 9.17 -12.38
CA TYR A 118 -7.80 8.71 -11.01
C TYR A 118 -9.05 9.35 -10.45
N ARG A 119 -9.14 10.68 -10.59
CA ARG A 119 -10.29 11.42 -10.09
C ARG A 119 -11.52 11.22 -10.95
N GLU A 120 -11.33 10.61 -12.11
CA GLU A 120 -12.46 10.20 -12.94
C GLU A 120 -13.23 9.08 -12.23
N ALA A 121 -12.48 8.08 -11.79
CA ALA A 121 -13.05 6.97 -11.06
C ALA A 121 -13.35 7.36 -9.63
N PHE A 122 -12.49 8.21 -9.06
CA PHE A 122 -12.68 8.68 -7.69
C PHE A 122 -13.94 9.55 -7.60
N GLY A 123 -14.20 10.32 -8.65
CA GLY A 123 -15.42 11.12 -8.69
C GLY A 123 -16.67 10.24 -8.67
N ASN A 124 -16.56 9.09 -9.32
CA ASN A 124 -17.65 8.12 -9.32
C ASN A 124 -17.85 7.58 -7.91
N ALA A 125 -16.76 7.45 -7.16
CA ALA A 125 -16.81 6.94 -5.80
C ALA A 125 -17.60 7.87 -4.88
N LEU A 126 -17.60 9.16 -5.19
CA LEU A 126 -18.37 10.13 -4.43
C LEU A 126 -19.86 9.92 -4.63
N LEU A 127 -20.30 9.91 -5.89
CA LEU A 127 -21.71 9.72 -6.20
C LEU A 127 -22.14 8.27 -5.95
N GLN A 128 -21.14 7.41 -5.76
CA GLN A 128 -21.37 6.01 -5.45
C GLN A 128 -22.08 5.87 -4.11
N ARG A 129 -21.97 6.91 -3.29
CA ARG A 129 -22.68 6.94 -1.99
C ARG A 129 -24.18 6.72 -2.20
N LEU A 130 -24.78 7.51 -3.07
CA LEU A 130 -26.21 7.42 -3.32
C LEU A 130 -26.55 6.19 -4.16
N GLU A 131 -25.57 5.71 -4.92
CA GLU A 131 -25.77 4.52 -5.74
C GLU A 131 -25.79 3.28 -4.85
N ALA A 132 -24.74 3.11 -4.06
CA ALA A 132 -24.61 1.97 -3.17
C ALA A 132 -25.67 1.99 -2.07
N LEU A 133 -26.14 3.19 -1.73
CA LEU A 133 -27.19 3.35 -0.73
C LEU A 133 -28.46 2.64 -1.17
N LYS A 134 -28.68 2.53 -2.47
CA LYS A 134 -29.85 1.85 -3.00
C LYS A 134 -29.50 0.40 -3.33
N ARG A 135 -28.20 0.13 -3.41
CA ARG A 135 -27.70 -1.19 -3.81
C ARG A 135 -27.67 -2.14 -2.62
N ASP A 136 -27.18 -1.65 -1.49
CA ASP A 136 -27.03 -2.48 -0.30
C ASP A 136 -28.37 -2.65 0.39
N GLY A 137 -28.96 -3.81 0.24
CA GLY A 137 -30.26 -4.09 0.82
C GLY A 137 -30.16 -4.46 2.29
N GLN A 138 -31.20 -4.16 3.04
CA GLN A 138 -31.27 -4.47 4.47
C GLN A 138 -31.69 -5.91 4.70
N SER A 139 -31.15 -6.80 3.88
CA SER A 139 -31.45 -8.22 3.97
C SER A 139 -30.36 -8.99 3.23
N MET A 1 4.58 -43.29 36.16
CA MET A 1 4.07 -42.44 37.25
C MET A 1 4.45 -40.98 36.99
N GLU A 2 5.66 -40.79 36.50
CA GLU A 2 6.22 -39.47 36.22
C GLU A 2 5.33 -38.72 35.22
N THR A 3 4.54 -37.77 35.74
CA THR A 3 3.54 -37.05 34.95
C THR A 3 2.76 -38.01 34.06
N ASP A 4 1.87 -38.79 34.66
CA ASP A 4 1.16 -39.84 33.95
C ASP A 4 -0.09 -39.26 33.29
N CYS A 5 0.12 -38.26 32.45
CA CYS A 5 -0.97 -37.62 31.73
C CYS A 5 -0.58 -37.41 30.28
N ASN A 6 -1.53 -37.62 29.37
CA ASN A 6 -1.29 -37.45 27.95
C ASN A 6 -2.06 -36.25 27.43
N PRO A 7 -1.46 -35.50 26.48
CA PRO A 7 -2.07 -34.29 25.92
C PRO A 7 -3.49 -34.50 25.40
N MET A 8 -4.41 -33.68 25.89
CA MET A 8 -5.79 -33.74 25.45
C MET A 8 -6.17 -32.43 24.77
N GLU A 9 -6.08 -32.43 23.43
CA GLU A 9 -6.33 -31.23 22.62
C GLU A 9 -5.38 -30.10 23.02
N LEU A 10 -5.71 -28.88 22.59
CA LEU A 10 -4.94 -27.68 22.91
C LEU A 10 -3.46 -27.87 22.55
N SER A 11 -3.18 -27.80 21.27
CA SER A 11 -1.82 -27.94 20.79
C SER A 11 -1.45 -26.77 19.89
N SER A 12 -0.90 -25.73 20.49
CA SER A 12 -0.46 -24.56 19.74
C SER A 12 0.81 -24.90 18.97
N MET A 13 0.95 -24.33 17.79
CA MET A 13 2.12 -24.61 16.97
C MET A 13 3.34 -23.83 17.47
N SER A 14 3.97 -24.37 18.51
CA SER A 14 5.20 -23.80 19.02
C SER A 14 6.36 -24.15 18.09
N GLY A 15 6.61 -23.28 17.12
CA GLY A 15 7.66 -23.52 16.17
C GLY A 15 9.01 -23.04 16.68
N PHE A 16 9.48 -21.93 16.16
CA PHE A 16 10.77 -21.38 16.55
C PHE A 16 10.69 -19.87 16.72
N GLU A 17 11.18 -19.40 17.87
CA GLU A 17 11.29 -17.97 18.16
C GLU A 17 9.93 -17.27 18.17
N GLU A 18 8.90 -17.99 18.57
CA GLU A 18 7.60 -17.38 18.78
C GLU A 18 7.37 -17.15 20.27
N GLY A 19 6.80 -18.15 20.94
CA GLY A 19 6.66 -18.10 22.38
C GLY A 19 5.57 -17.15 22.87
N SER A 20 5.79 -15.86 22.68
CA SER A 20 4.89 -14.84 23.22
C SER A 20 5.11 -13.51 22.51
N GLU A 21 4.99 -12.41 23.25
CA GLU A 21 5.18 -11.04 22.73
C GLU A 21 4.01 -10.61 21.85
N LEU A 22 2.97 -11.43 21.81
CA LEU A 22 1.78 -11.09 21.04
C LEU A 22 0.83 -10.28 21.92
N ASN A 23 1.25 -9.08 22.27
CA ASN A 23 0.46 -8.22 23.15
C ASN A 23 -0.68 -7.57 22.38
N GLY A 24 -1.88 -8.07 22.62
CA GLY A 24 -3.05 -7.52 21.97
C GLY A 24 -4.23 -8.46 22.04
N PHE A 25 -5.37 -8.02 21.55
CA PHE A 25 -6.59 -8.81 21.59
C PHE A 25 -6.73 -9.68 20.35
N GLU A 26 -5.58 -10.06 19.77
CA GLU A 26 -5.53 -10.98 18.62
C GLU A 26 -6.02 -10.31 17.34
N GLY A 27 -6.37 -9.03 17.42
CA GLY A 27 -6.80 -8.29 16.26
C GLY A 27 -5.63 -7.92 15.37
N THR A 28 -4.45 -7.86 15.96
CA THR A 28 -3.25 -7.53 15.22
C THR A 28 -2.14 -8.53 15.54
N ASP A 29 -1.98 -9.53 14.67
CA ASP A 29 -0.87 -10.47 14.78
C ASP A 29 0.42 -9.78 14.38
N MET A 30 0.43 -9.28 13.16
CA MET A 30 1.52 -8.48 12.64
C MET A 30 1.09 -7.91 11.31
N LYS A 31 1.87 -7.02 10.73
CA LYS A 31 1.51 -6.47 9.45
C LYS A 31 2.59 -6.75 8.41
N ASP A 32 2.27 -7.60 7.46
CA ASP A 32 3.08 -7.76 6.27
C ASP A 32 2.73 -6.62 5.33
N MET A 33 3.71 -5.98 4.75
CA MET A 33 3.45 -4.90 3.80
C MET A 33 2.71 -5.47 2.59
N ARG A 34 2.76 -6.79 2.45
CA ARG A 34 2.03 -7.51 1.42
C ARG A 34 0.51 -7.28 1.58
N LEU A 35 0.07 -7.17 2.83
CA LEU A 35 -1.35 -7.02 3.13
C LEU A 35 -1.80 -5.60 2.87
N GLU A 36 -1.01 -4.65 3.37
CA GLU A 36 -1.28 -3.24 3.11
C GLU A 36 -1.17 -2.98 1.61
N ALA A 37 -0.38 -3.81 0.93
CA ALA A 37 -0.23 -3.70 -0.52
C ALA A 37 -1.47 -4.23 -1.21
N GLU A 38 -1.91 -5.42 -0.80
CA GLU A 38 -3.13 -6.01 -1.35
C GLU A 38 -4.33 -5.10 -1.13
N ALA A 39 -4.36 -4.47 0.04
CA ALA A 39 -5.43 -3.52 0.38
C ALA A 39 -5.47 -2.37 -0.63
N VAL A 40 -4.30 -1.84 -0.95
CA VAL A 40 -4.18 -0.77 -1.92
C VAL A 40 -4.59 -1.25 -3.32
N VAL A 41 -4.01 -2.36 -3.74
CA VAL A 41 -4.26 -2.89 -5.08
C VAL A 41 -5.76 -3.12 -5.33
N ASN A 42 -6.45 -3.68 -4.34
CA ASN A 42 -7.87 -4.00 -4.50
C ASN A 42 -8.76 -2.78 -4.27
N ASP A 43 -8.15 -1.66 -3.90
CA ASP A 43 -8.93 -0.44 -3.64
C ASP A 43 -8.85 0.52 -4.81
N VAL A 44 -7.64 0.83 -5.26
CA VAL A 44 -7.44 1.82 -6.31
C VAL A 44 -7.36 1.18 -7.69
N LEU A 45 -7.66 -0.12 -7.77
CA LEU A 45 -7.64 -0.85 -9.03
C LEU A 45 -8.59 -0.21 -10.04
N PHE A 46 -9.66 0.39 -9.55
CA PHE A 46 -10.70 0.96 -10.40
C PHE A 46 -10.23 2.23 -11.11
N ALA A 47 -9.06 2.73 -10.72
CA ALA A 47 -8.55 3.98 -11.27
C ALA A 47 -7.58 3.73 -12.43
N VAL A 48 -7.11 2.50 -12.57
CA VAL A 48 -6.13 2.17 -13.59
C VAL A 48 -6.58 0.99 -14.45
N ASN A 49 -5.69 0.50 -15.31
CA ASN A 49 -6.01 -0.63 -16.17
C ASN A 49 -5.84 -1.94 -15.42
N ASN A 50 -4.64 -2.15 -14.92
CA ASN A 50 -4.30 -3.39 -14.23
C ASN A 50 -3.36 -3.08 -13.08
N MET A 51 -3.46 -3.84 -12.00
CA MET A 51 -2.62 -3.63 -10.84
C MET A 51 -2.42 -4.95 -10.10
N PHE A 52 -1.19 -5.21 -9.70
CA PHE A 52 -0.85 -6.46 -9.03
C PHE A 52 0.34 -6.26 -8.09
N VAL A 53 0.23 -6.80 -6.88
CA VAL A 53 1.34 -6.75 -5.94
C VAL A 53 2.40 -7.77 -6.34
N SER A 54 3.62 -7.31 -6.49
CA SER A 54 4.69 -8.12 -7.04
C SER A 54 5.18 -9.16 -6.03
N LYS A 55 5.12 -10.42 -6.45
CA LYS A 55 5.55 -11.55 -5.61
C LYS A 55 6.95 -11.99 -6.02
N SER A 56 7.63 -11.16 -6.79
CA SER A 56 8.93 -11.50 -7.34
C SER A 56 10.01 -10.59 -6.77
N LEU A 57 9.71 -10.02 -5.60
CA LEU A 57 10.60 -9.07 -4.98
C LEU A 57 10.99 -9.53 -3.59
N ARG A 58 11.34 -8.58 -2.76
CA ARG A 58 11.82 -8.83 -1.41
C ARG A 58 10.81 -8.36 -0.38
N CYS A 59 9.61 -8.09 -0.86
CA CYS A 59 8.52 -7.62 -0.03
C CYS A 59 8.29 -8.56 1.14
N ALA A 60 8.19 -7.99 2.32
CA ALA A 60 8.00 -8.79 3.53
C ALA A 60 7.25 -8.01 4.59
N ASP A 61 7.94 -7.03 5.14
CA ASP A 61 7.51 -6.39 6.38
C ASP A 61 7.05 -4.95 6.16
N ASP A 62 7.97 -4.07 5.81
CA ASP A 62 7.63 -2.65 5.65
C ASP A 62 7.85 -2.20 4.22
N VAL A 63 8.35 -3.12 3.40
CA VAL A 63 8.58 -2.81 1.99
C VAL A 63 7.80 -3.77 1.10
N ALA A 64 7.10 -3.22 0.13
CA ALA A 64 6.40 -4.03 -0.86
C ALA A 64 6.44 -3.35 -2.22
N TYR A 65 6.82 -4.09 -3.23
CA TYR A 65 6.86 -3.58 -4.58
C TYR A 65 5.55 -3.91 -5.28
N ILE A 66 4.87 -2.88 -5.74
CA ILE A 66 3.59 -3.06 -6.42
C ILE A 66 3.72 -2.65 -7.88
N ASN A 67 3.24 -3.49 -8.77
CA ASN A 67 3.27 -3.18 -10.19
C ASN A 67 1.90 -2.71 -10.64
N VAL A 68 1.82 -1.45 -11.01
CA VAL A 68 0.57 -0.84 -11.41
C VAL A 68 0.67 -0.29 -12.83
N GLU A 69 -0.40 -0.46 -13.59
CA GLU A 69 -0.46 0.09 -14.94
C GLU A 69 -1.54 1.15 -15.01
N THR A 70 -1.11 2.39 -15.15
CA THR A 70 -2.02 3.52 -15.24
C THR A 70 -2.85 3.46 -16.52
N LYS A 71 -3.84 4.33 -16.65
CA LYS A 71 -4.68 4.34 -17.83
C LYS A 71 -3.95 4.96 -19.02
N GLU A 72 -2.70 5.33 -18.80
CA GLU A 72 -1.83 5.76 -19.90
C GLU A 72 -0.96 4.58 -20.33
N ARG A 73 -1.27 3.42 -19.73
CA ARG A 73 -0.58 2.16 -20.01
C ARG A 73 0.87 2.20 -19.53
N ASN A 74 1.14 3.09 -18.59
CA ASN A 74 2.46 3.19 -18.00
C ASN A 74 2.57 2.28 -16.79
N ARG A 75 3.55 1.39 -16.82
CA ARG A 75 3.73 0.42 -15.75
C ARG A 75 4.74 0.94 -14.75
N TYR A 76 4.31 1.16 -13.53
CA TYR A 76 5.18 1.67 -12.50
C TYR A 76 5.43 0.62 -11.43
N CYS A 77 6.68 0.44 -11.08
CA CYS A 77 7.05 -0.40 -9.96
C CYS A 77 7.14 0.49 -8.72
N LEU A 78 6.12 0.45 -7.90
CA LEU A 78 6.04 1.34 -6.76
C LEU A 78 6.60 0.69 -5.51
N GLU A 79 7.39 1.46 -4.79
CA GLU A 79 7.97 1.03 -3.54
C GLU A 79 7.09 1.49 -2.39
N LEU A 80 6.34 0.57 -1.82
CA LEU A 80 5.45 0.88 -0.72
C LEU A 80 6.15 0.66 0.61
N THR A 81 6.43 1.76 1.29
CA THR A 81 6.97 1.71 2.65
C THR A 81 6.15 2.65 3.53
N GLU A 82 6.34 2.57 4.84
CA GLU A 82 5.63 3.46 5.75
C GLU A 82 6.08 4.90 5.55
N ALA A 83 7.33 5.07 5.12
CA ALA A 83 7.89 6.39 4.88
C ALA A 83 7.24 7.06 3.67
N GLY A 84 6.68 6.25 2.77
CA GLY A 84 6.04 6.78 1.59
C GLY A 84 6.23 5.87 0.40
N LEU A 85 5.68 6.27 -0.74
CA LEU A 85 5.81 5.48 -1.97
C LEU A 85 6.71 6.20 -2.96
N LYS A 86 7.68 5.47 -3.51
CA LYS A 86 8.52 6.01 -4.56
C LYS A 86 8.38 5.14 -5.82
N VAL A 87 8.75 5.70 -6.96
CA VAL A 87 8.80 4.92 -8.19
C VAL A 87 10.19 4.31 -8.33
N VAL A 88 10.27 2.99 -8.25
CA VAL A 88 11.53 2.30 -8.31
C VAL A 88 11.63 1.42 -9.55
N GLY A 89 10.85 1.73 -10.56
CA GLY A 89 10.93 0.98 -11.80
C GLY A 89 9.84 1.36 -12.78
N TYR A 90 10.14 1.22 -14.06
CA TYR A 90 9.18 1.49 -15.10
C TYR A 90 8.78 0.20 -15.82
N ALA A 91 8.85 -0.91 -15.10
CA ALA A 91 8.46 -2.20 -15.65
C ALA A 91 8.11 -3.16 -14.52
N PHE A 92 7.54 -4.30 -14.88
CA PHE A 92 7.19 -5.32 -13.89
C PHE A 92 8.46 -5.94 -13.32
N ASP A 93 8.48 -6.10 -11.99
CA ASP A 93 9.62 -6.67 -11.25
C ASP A 93 10.98 -6.10 -11.68
N GLN A 94 10.97 -4.89 -12.22
CA GLN A 94 12.19 -4.22 -12.61
C GLN A 94 12.44 -3.01 -11.70
N VAL A 95 13.53 -3.05 -10.96
CA VAL A 95 13.91 -1.95 -10.11
C VAL A 95 14.97 -1.09 -10.78
N ASP A 96 14.56 0.09 -11.20
CA ASP A 96 15.47 1.07 -11.76
C ASP A 96 16.14 1.82 -10.62
N ASP A 97 17.34 1.39 -10.27
CA ASP A 97 18.04 1.87 -9.08
C ASP A 97 18.53 3.29 -9.23
N HIS A 98 18.54 3.80 -10.46
CA HIS A 98 19.06 5.14 -10.71
C HIS A 98 18.02 6.20 -10.38
N LEU A 99 16.79 5.77 -10.15
CA LEU A 99 15.71 6.71 -9.86
C LEU A 99 15.88 7.33 -8.47
N GLN A 100 15.65 8.63 -8.39
CA GLN A 100 15.82 9.37 -7.15
C GLN A 100 14.54 10.12 -6.79
N THR A 101 13.43 9.70 -7.39
CA THR A 101 12.12 10.30 -7.12
C THR A 101 11.81 10.26 -5.62
N PRO A 102 11.29 11.37 -5.07
CA PRO A 102 11.00 11.49 -3.64
C PRO A 102 9.81 10.65 -3.20
N TYR A 103 9.77 10.35 -1.91
CA TYR A 103 8.66 9.63 -1.31
C TYR A 103 7.38 10.44 -1.44
N HIS A 104 6.30 9.81 -1.87
CA HIS A 104 5.01 10.47 -1.88
C HIS A 104 4.17 10.01 -0.70
N GLU A 105 3.30 10.90 -0.26
CA GLU A 105 2.49 10.73 0.94
C GLU A 105 1.71 9.42 0.90
N THR A 106 0.76 9.36 -0.02
CA THR A 106 -0.13 8.21 -0.11
C THR A 106 -0.20 7.71 -1.54
N VAL A 107 -0.78 6.53 -1.72
CA VAL A 107 -0.96 5.98 -3.06
C VAL A 107 -2.05 6.75 -3.80
N TYR A 108 -2.93 7.40 -3.03
CA TYR A 108 -4.03 8.15 -3.61
C TYR A 108 -3.52 9.40 -4.32
N SER A 109 -2.68 10.17 -3.65
CA SER A 109 -2.12 11.37 -4.24
C SER A 109 -1.03 11.02 -5.25
N LEU A 110 -0.40 9.87 -5.05
CA LEU A 110 0.60 9.39 -5.99
C LEU A 110 -0.05 8.98 -7.31
N LEU A 111 -1.08 8.15 -7.23
CA LEU A 111 -1.77 7.68 -8.42
C LEU A 111 -2.43 8.85 -9.13
N ASP A 112 -2.72 9.90 -8.36
CA ASP A 112 -3.29 11.13 -8.89
C ASP A 112 -2.34 11.76 -9.90
N THR A 113 -1.05 11.73 -9.58
CA THR A 113 -0.04 12.33 -10.42
C THR A 113 0.26 11.45 -11.64
N LEU A 114 -0.18 10.20 -11.58
CA LEU A 114 0.15 9.22 -12.61
C LEU A 114 -1.03 9.00 -13.56
N SER A 115 -2.21 9.39 -13.12
CA SER A 115 -3.40 9.33 -13.96
C SER A 115 -4.43 10.34 -13.48
N PRO A 116 -4.68 11.39 -14.27
CA PRO A 116 -5.68 12.41 -13.94
C PRO A 116 -7.10 11.82 -13.91
N ALA A 117 -7.27 10.68 -14.57
CA ALA A 117 -8.57 10.02 -14.64
C ALA A 117 -8.93 9.38 -13.32
N TYR A 118 -7.96 9.32 -12.40
CA TYR A 118 -8.17 8.79 -11.06
C TYR A 118 -9.28 9.54 -10.35
N ARG A 119 -9.40 10.83 -10.66
CA ARG A 119 -10.36 11.69 -9.98
C ARG A 119 -11.78 11.45 -10.50
N GLU A 120 -11.88 10.98 -11.74
CA GLU A 120 -13.17 10.67 -12.33
C GLU A 120 -13.55 9.22 -12.08
N ALA A 121 -12.67 8.50 -11.39
CA ALA A 121 -12.93 7.10 -11.07
C ALA A 121 -13.78 7.00 -9.81
N PHE A 122 -13.22 7.37 -8.68
CA PHE A 122 -13.91 7.24 -7.41
C PHE A 122 -14.91 8.38 -7.24
N GLY A 123 -14.57 9.54 -7.77
CA GLY A 123 -15.48 10.67 -7.73
C GLY A 123 -16.80 10.34 -8.38
N ASN A 124 -16.75 9.68 -9.53
CA ASN A 124 -17.96 9.31 -10.27
C ASN A 124 -18.73 8.22 -9.52
N ALA A 125 -18.00 7.36 -8.83
CA ALA A 125 -18.63 6.28 -8.07
C ALA A 125 -19.39 6.81 -6.86
N LEU A 126 -18.75 7.71 -6.11
CA LEU A 126 -19.41 8.36 -4.99
C LEU A 126 -20.53 9.26 -5.49
N LEU A 127 -20.27 9.92 -6.60
CA LEU A 127 -21.26 10.76 -7.27
C LEU A 127 -22.52 9.95 -7.60
N GLN A 128 -22.32 8.73 -8.08
CA GLN A 128 -23.44 7.90 -8.51
C GLN A 128 -24.38 7.57 -7.35
N ARG A 129 -23.84 7.53 -6.13
CA ARG A 129 -24.69 7.27 -4.97
C ARG A 129 -25.68 8.41 -4.74
N LEU A 130 -25.32 9.60 -5.22
CA LEU A 130 -26.21 10.75 -5.15
C LEU A 130 -27.03 10.86 -6.44
N GLU A 131 -26.39 10.55 -7.57
CA GLU A 131 -27.04 10.64 -8.88
C GLU A 131 -28.17 9.62 -8.99
N ALA A 132 -27.93 8.41 -8.49
CA ALA A 132 -28.94 7.37 -8.48
C ALA A 132 -30.11 7.78 -7.59
N LEU A 133 -29.79 8.44 -6.47
CA LEU A 133 -30.80 8.91 -5.54
C LEU A 133 -31.63 10.02 -6.20
N LYS A 134 -31.00 10.78 -7.08
CA LYS A 134 -31.71 11.79 -7.85
C LYS A 134 -32.75 11.14 -8.75
N ARG A 135 -32.37 10.03 -9.38
CA ARG A 135 -33.28 9.32 -10.28
C ARG A 135 -34.33 8.54 -9.48
N ASP A 136 -33.94 8.09 -8.30
CA ASP A 136 -34.86 7.38 -7.42
C ASP A 136 -34.69 7.83 -5.98
N GLY A 137 -35.55 8.75 -5.54
CA GLY A 137 -35.46 9.29 -4.21
C GLY A 137 -35.75 10.79 -4.18
N GLN A 138 -36.00 11.32 -3.00
CA GLN A 138 -36.32 12.74 -2.86
C GLN A 138 -35.27 13.46 -2.04
N SER A 139 -34.29 14.03 -2.73
CA SER A 139 -33.25 14.83 -2.10
C SER A 139 -32.73 15.86 -3.08
N MET A 1 24.47 -9.17 37.05
CA MET A 1 24.92 -10.44 36.41
C MET A 1 26.45 -10.48 36.36
N GLU A 2 27.05 -11.05 37.39
CA GLU A 2 28.51 -11.16 37.54
C GLU A 2 29.13 -9.77 37.72
N THR A 3 29.96 -9.64 38.76
CA THR A 3 30.55 -8.35 39.11
C THR A 3 29.42 -7.36 39.49
N ASP A 4 28.36 -7.94 40.07
CA ASP A 4 27.18 -7.17 40.47
C ASP A 4 27.56 -6.03 41.39
N CYS A 5 27.16 -4.82 41.01
CA CYS A 5 27.49 -3.63 41.76
C CYS A 5 26.49 -3.38 42.87
N ASN A 6 25.45 -4.20 42.91
CA ASN A 6 24.44 -4.10 43.97
C ASN A 6 24.73 -5.12 45.07
N PRO A 7 25.16 -4.64 46.24
CA PRO A 7 25.55 -5.50 47.36
C PRO A 7 24.40 -5.80 48.33
N MET A 8 23.18 -5.41 47.98
CA MET A 8 22.05 -5.63 48.85
C MET A 8 20.91 -6.29 48.08
N GLU A 9 20.71 -7.57 48.33
CA GLU A 9 19.67 -8.33 47.65
C GLU A 9 18.45 -8.46 48.56
N LEU A 10 17.28 -8.17 48.02
CA LEU A 10 16.04 -8.29 48.78
C LEU A 10 15.59 -9.75 48.78
N SER A 11 15.28 -10.25 47.60
CA SER A 11 14.96 -11.66 47.41
C SER A 11 15.32 -12.08 45.99
N SER A 12 16.59 -12.45 45.80
CA SER A 12 17.15 -12.73 44.49
C SER A 12 17.08 -11.48 43.60
N MET A 13 15.95 -11.29 42.93
CA MET A 13 15.70 -10.09 42.14
C MET A 13 14.32 -9.54 42.50
N SER A 14 13.30 -10.20 41.98
CA SER A 14 11.91 -9.86 42.27
C SER A 14 11.03 -11.05 41.93
N GLY A 15 9.73 -10.90 42.11
CA GLY A 15 8.80 -11.96 41.78
C GLY A 15 8.58 -12.10 40.30
N PHE A 16 9.54 -12.72 39.61
CA PHE A 16 9.44 -12.94 38.18
C PHE A 16 9.59 -14.43 37.87
N GLU A 17 9.40 -14.78 36.62
CA GLU A 17 9.61 -16.15 36.17
C GLU A 17 11.03 -16.31 35.63
N GLU A 18 11.37 -17.54 35.23
CA GLU A 18 12.68 -17.82 34.65
C GLU A 18 12.78 -17.26 33.24
N GLY A 19 11.72 -17.47 32.46
CA GLY A 19 11.73 -17.03 31.07
C GLY A 19 12.47 -18.01 30.19
N SER A 20 12.85 -17.59 28.99
CA SER A 20 13.59 -18.44 28.09
C SER A 20 14.77 -17.67 27.48
N GLU A 21 14.46 -16.83 26.51
CA GLU A 21 15.47 -16.02 25.84
C GLU A 21 14.87 -14.67 25.48
N LEU A 22 15.55 -13.60 25.88
CA LEU A 22 15.03 -12.23 25.74
C LEU A 22 13.76 -12.06 26.57
N ASN A 23 13.03 -10.98 26.32
CA ASN A 23 11.77 -10.75 27.03
C ASN A 23 10.64 -10.48 26.05
N GLY A 24 10.75 -9.38 25.30
CA GLY A 24 9.75 -9.10 24.30
C GLY A 24 9.94 -7.75 23.63
N PHE A 25 10.39 -7.78 22.39
CA PHE A 25 10.49 -6.57 21.58
C PHE A 25 9.45 -6.62 20.47
N GLU A 26 8.47 -7.49 20.67
CA GLU A 26 7.43 -7.75 19.68
C GLU A 26 6.21 -6.86 19.93
N GLY A 27 5.04 -7.40 19.65
CA GLY A 27 3.84 -6.61 19.72
C GLY A 27 3.40 -6.22 18.32
N THR A 28 3.22 -4.92 18.10
CA THR A 28 2.93 -4.38 16.78
C THR A 28 1.60 -4.89 16.21
N ASP A 29 0.61 -4.00 16.17
CA ASP A 29 -0.64 -4.29 15.50
C ASP A 29 -0.37 -4.67 14.05
N MET A 30 -0.93 -5.78 13.61
CA MET A 30 -0.65 -6.36 12.28
C MET A 30 -0.71 -5.32 11.17
N LYS A 31 0.43 -4.79 10.79
CA LYS A 31 0.54 -3.76 9.76
C LYS A 31 1.56 -4.17 8.71
N ASP A 32 1.66 -5.48 8.50
CA ASP A 32 2.55 -6.04 7.49
C ASP A 32 2.24 -5.42 6.13
N MET A 33 3.27 -4.92 5.47
CA MET A 33 3.11 -4.05 4.31
C MET A 33 2.36 -4.74 3.17
N ARG A 34 2.58 -6.04 2.98
CA ARG A 34 1.98 -6.73 1.85
C ARG A 34 0.47 -6.92 2.06
N LEU A 35 0.03 -6.89 3.31
CA LEU A 35 -1.39 -7.05 3.62
C LEU A 35 -2.13 -5.76 3.29
N GLU A 36 -1.55 -4.65 3.72
CA GLU A 36 -2.07 -3.35 3.36
C GLU A 36 -1.87 -3.12 1.86
N ALA A 37 -0.96 -3.90 1.28
CA ALA A 37 -0.71 -3.82 -0.16
C ALA A 37 -1.85 -4.46 -0.93
N GLU A 38 -2.29 -5.63 -0.47
CA GLU A 38 -3.46 -6.30 -1.05
C GLU A 38 -4.66 -5.38 -1.04
N ALA A 39 -4.80 -4.64 0.07
CA ALA A 39 -5.88 -3.67 0.22
C ALA A 39 -5.82 -2.60 -0.88
N VAL A 40 -4.63 -2.05 -1.10
CA VAL A 40 -4.43 -1.01 -2.11
C VAL A 40 -4.80 -1.52 -3.50
N VAL A 41 -4.34 -2.72 -3.83
CA VAL A 41 -4.61 -3.33 -5.13
C VAL A 41 -6.10 -3.45 -5.41
N ASN A 42 -6.87 -3.73 -4.37
CA ASN A 42 -8.31 -3.88 -4.48
C ASN A 42 -9.01 -2.53 -4.43
N ASP A 43 -8.39 -1.59 -3.75
CA ASP A 43 -9.00 -0.29 -3.47
C ASP A 43 -8.98 0.62 -4.70
N VAL A 44 -7.81 0.79 -5.31
CA VAL A 44 -7.66 1.74 -6.41
C VAL A 44 -7.56 1.06 -7.77
N LEU A 45 -7.93 -0.22 -7.83
CA LEU A 45 -7.83 -1.01 -9.07
C LEU A 45 -8.60 -0.35 -10.22
N PHE A 46 -9.76 0.22 -9.92
CA PHE A 46 -10.64 0.76 -10.96
C PHE A 46 -10.10 2.08 -11.52
N ALA A 47 -9.02 2.57 -10.96
CA ALA A 47 -8.41 3.82 -11.42
C ALA A 47 -7.33 3.53 -12.45
N VAL A 48 -6.91 2.28 -12.54
CA VAL A 48 -5.86 1.89 -13.46
C VAL A 48 -6.29 0.71 -14.33
N ASN A 49 -5.33 0.12 -15.04
CA ASN A 49 -5.63 -0.93 -16.00
C ASN A 49 -5.39 -2.32 -15.39
N ASN A 50 -4.33 -2.43 -14.58
CA ASN A 50 -3.99 -3.70 -13.94
C ASN A 50 -2.95 -3.50 -12.84
N MET A 51 -3.22 -4.01 -11.65
CA MET A 51 -2.26 -3.92 -10.55
C MET A 51 -1.85 -5.31 -10.09
N PHE A 52 -0.58 -5.46 -9.75
CA PHE A 52 -0.02 -6.75 -9.36
C PHE A 52 1.21 -6.56 -8.48
N VAL A 53 1.16 -7.09 -7.26
CA VAL A 53 2.30 -7.02 -6.35
C VAL A 53 3.46 -7.83 -6.92
N SER A 54 4.68 -7.31 -6.76
CA SER A 54 5.86 -7.87 -7.41
C SER A 54 6.14 -9.30 -6.98
N LYS A 55 6.89 -10.00 -7.82
CA LYS A 55 7.19 -11.41 -7.60
C LYS A 55 8.67 -11.69 -7.80
N SER A 56 9.43 -10.70 -8.27
CA SER A 56 10.84 -10.90 -8.57
C SER A 56 11.71 -10.15 -7.58
N LEU A 57 11.10 -9.58 -6.55
CA LEU A 57 11.83 -8.85 -5.55
C LEU A 57 11.55 -9.47 -4.19
N ARG A 58 11.65 -8.68 -3.15
CA ARG A 58 11.47 -9.19 -1.81
C ARG A 58 10.36 -8.44 -1.09
N CYS A 59 9.61 -9.15 -0.29
CA CYS A 59 8.59 -8.53 0.54
C CYS A 59 8.75 -8.98 1.99
N ALA A 60 9.41 -8.14 2.77
CA ALA A 60 9.64 -8.44 4.18
C ALA A 60 8.60 -7.75 5.04
N ASP A 61 7.64 -7.12 4.35
CA ASP A 61 6.50 -6.45 4.99
C ASP A 61 6.91 -5.18 5.71
N ASP A 62 8.19 -4.85 5.67
CA ASP A 62 8.63 -3.50 5.98
C ASP A 62 8.74 -2.75 4.67
N VAL A 63 8.77 -3.53 3.61
CA VAL A 63 8.78 -3.01 2.25
C VAL A 63 7.97 -3.96 1.35
N ALA A 64 7.19 -3.40 0.43
CA ALA A 64 6.44 -4.22 -0.51
C ALA A 64 6.39 -3.53 -1.88
N TYR A 65 6.96 -4.19 -2.88
CA TYR A 65 6.97 -3.64 -4.22
C TYR A 65 5.69 -4.01 -4.96
N ILE A 66 4.97 -3.00 -5.43
CA ILE A 66 3.72 -3.22 -6.15
C ILE A 66 3.82 -2.67 -7.56
N ASN A 67 3.38 -3.45 -8.53
CA ASN A 67 3.37 -3.00 -9.92
C ASN A 67 2.00 -2.47 -10.26
N VAL A 68 1.96 -1.33 -10.92
CA VAL A 68 0.69 -0.71 -11.28
C VAL A 68 0.72 -0.23 -12.73
N GLU A 69 -0.10 -0.86 -13.54
CA GLU A 69 -0.30 -0.43 -14.91
C GLU A 69 -1.53 0.46 -14.96
N THR A 70 -1.30 1.73 -15.19
CA THR A 70 -2.37 2.72 -15.21
C THR A 70 -3.20 2.57 -16.49
N LYS A 71 -4.27 3.35 -16.61
CA LYS A 71 -5.11 3.27 -17.80
C LYS A 71 -4.44 3.95 -18.98
N GLU A 72 -3.24 4.48 -18.74
CA GLU A 72 -2.40 5.00 -19.79
C GLU A 72 -1.53 3.87 -20.33
N ARG A 73 -1.73 2.68 -19.76
CA ARG A 73 -1.03 1.45 -20.15
C ARG A 73 0.46 1.51 -19.85
N ASN A 74 0.85 2.40 -18.94
CA ASN A 74 2.23 2.47 -18.51
C ASN A 74 2.40 1.69 -17.22
N ARG A 75 3.43 0.88 -17.15
CA ARG A 75 3.66 0.03 -15.99
C ARG A 75 4.64 0.71 -15.04
N TYR A 76 4.15 1.13 -13.90
CA TYR A 76 5.00 1.74 -12.90
C TYR A 76 5.18 0.80 -11.72
N CYS A 77 6.41 0.52 -11.36
CA CYS A 77 6.67 -0.31 -10.20
C CYS A 77 6.96 0.61 -9.01
N LEU A 78 6.31 0.34 -7.89
CA LEU A 78 6.39 1.19 -6.73
C LEU A 78 6.93 0.43 -5.51
N GLU A 79 7.81 1.08 -4.78
CA GLU A 79 8.32 0.56 -3.52
C GLU A 79 7.48 1.11 -2.39
N LEU A 80 6.57 0.30 -1.88
CA LEU A 80 5.73 0.69 -0.77
C LEU A 80 6.49 0.51 0.53
N THR A 81 6.74 1.61 1.21
CA THR A 81 7.40 1.58 2.50
C THR A 81 6.56 2.36 3.51
N GLU A 82 7.01 2.40 4.76
CA GLU A 82 6.31 3.17 5.77
C GLU A 82 6.58 4.66 5.57
N ALA A 83 7.52 4.96 4.68
CA ALA A 83 7.87 6.33 4.36
C ALA A 83 7.07 6.84 3.16
N GLY A 84 6.42 5.92 2.46
CA GLY A 84 5.59 6.30 1.32
C GLY A 84 5.79 5.40 0.13
N LEU A 85 5.31 5.84 -1.03
CA LEU A 85 5.41 5.07 -2.26
C LEU A 85 6.41 5.73 -3.21
N LYS A 86 7.46 5.01 -3.55
CA LYS A 86 8.53 5.53 -4.40
C LYS A 86 8.56 4.79 -5.73
N VAL A 87 8.83 5.50 -6.81
CA VAL A 87 8.97 4.87 -8.12
C VAL A 87 10.32 4.14 -8.19
N VAL A 88 10.29 2.86 -8.53
CA VAL A 88 11.52 2.06 -8.61
C VAL A 88 11.92 1.78 -10.06
N GLY A 89 10.96 1.78 -10.96
CA GLY A 89 11.26 1.53 -12.35
C GLY A 89 10.04 1.69 -13.24
N TYR A 90 10.28 1.69 -14.56
CA TYR A 90 9.22 1.85 -15.53
C TYR A 90 8.84 0.50 -16.13
N ALA A 91 9.17 -0.57 -15.43
CA ALA A 91 8.89 -1.91 -15.92
C ALA A 91 8.37 -2.81 -14.80
N PHE A 92 7.81 -3.94 -15.19
CA PHE A 92 7.24 -4.89 -14.25
C PHE A 92 8.35 -5.63 -13.51
N ASP A 93 8.32 -5.57 -12.17
CA ASP A 93 9.35 -6.19 -11.31
C ASP A 93 10.71 -5.54 -11.54
N GLN A 94 10.71 -4.23 -11.79
CA GLN A 94 11.94 -3.54 -12.11
C GLN A 94 12.21 -2.37 -11.16
N VAL A 95 13.40 -2.37 -10.57
CA VAL A 95 13.87 -1.23 -9.79
C VAL A 95 15.32 -0.93 -10.13
N ASP A 96 15.65 0.34 -10.26
CA ASP A 96 17.01 0.76 -10.49
C ASP A 96 17.60 1.29 -9.19
N ASP A 97 18.84 0.90 -8.91
CA ASP A 97 19.48 1.23 -7.63
C ASP A 97 19.73 2.73 -7.48
N HIS A 98 19.98 3.40 -8.59
CA HIS A 98 20.33 4.81 -8.55
C HIS A 98 19.18 5.68 -9.06
N LEU A 99 17.99 5.11 -9.10
CA LEU A 99 16.80 5.88 -9.46
C LEU A 99 16.33 6.69 -8.27
N GLN A 100 16.56 7.99 -8.32
CA GLN A 100 16.20 8.89 -7.24
C GLN A 100 14.81 9.47 -7.47
N THR A 101 13.98 8.71 -8.17
CA THR A 101 12.60 9.07 -8.43
C THR A 101 11.86 9.36 -7.12
N PRO A 102 11.09 10.46 -7.10
CA PRO A 102 10.39 10.92 -5.89
C PRO A 102 9.39 9.91 -5.34
N TYR A 103 8.96 10.16 -4.12
CA TYR A 103 7.98 9.32 -3.45
C TYR A 103 6.89 10.16 -2.81
N HIS A 104 5.70 9.60 -2.71
CA HIS A 104 4.57 10.31 -2.10
C HIS A 104 4.07 9.63 -0.86
N GLU A 105 3.12 10.28 -0.20
CA GLU A 105 2.56 9.84 1.06
C GLU A 105 1.79 8.54 0.88
N THR A 106 0.71 8.63 0.11
CA THR A 106 -0.17 7.50 -0.12
C THR A 106 -0.28 7.21 -1.60
N VAL A 107 -1.00 6.16 -1.96
CA VAL A 107 -1.24 5.83 -3.35
C VAL A 107 -2.15 6.88 -3.98
N TYR A 108 -2.97 7.52 -3.13
CA TYR A 108 -3.91 8.53 -3.59
C TYR A 108 -3.17 9.76 -4.10
N SER A 109 -2.33 10.34 -3.26
CA SER A 109 -1.62 11.57 -3.61
C SER A 109 -0.53 11.32 -4.65
N LEU A 110 -0.30 10.05 -4.97
CA LEU A 110 0.65 9.68 -6.00
C LEU A 110 -0.05 9.45 -7.33
N LEU A 111 -1.05 8.56 -7.34
CA LEU A 111 -1.76 8.22 -8.57
C LEU A 111 -2.49 9.45 -9.11
N ASP A 112 -2.79 10.37 -8.18
CA ASP A 112 -3.43 11.65 -8.51
C ASP A 112 -2.55 12.50 -9.42
N THR A 113 -1.24 12.34 -9.25
CA THR A 113 -0.28 13.15 -9.99
C THR A 113 0.12 12.45 -11.28
N LEU A 114 -0.40 11.25 -11.50
CA LEU A 114 0.03 10.42 -12.61
C LEU A 114 -1.09 10.19 -13.62
N SER A 115 -2.18 9.58 -13.17
CA SER A 115 -3.22 9.11 -14.08
C SER A 115 -4.39 10.08 -14.15
N PRO A 116 -4.65 10.62 -15.36
CA PRO A 116 -5.85 11.40 -15.64
C PRO A 116 -7.11 10.58 -15.41
N ALA A 117 -7.02 9.27 -15.65
CA ALA A 117 -8.15 8.37 -15.46
C ALA A 117 -8.54 8.30 -13.99
N TYR A 118 -7.55 8.45 -13.12
CA TYR A 118 -7.77 8.43 -11.68
C TYR A 118 -8.71 9.56 -11.27
N ARG A 119 -8.54 10.71 -11.92
CA ARG A 119 -9.36 11.88 -11.64
C ARG A 119 -10.84 11.57 -11.88
N GLU A 120 -11.11 10.95 -13.02
CA GLU A 120 -12.48 10.59 -13.39
C GLU A 120 -13.00 9.46 -12.50
N ALA A 121 -12.15 8.47 -12.25
CA ALA A 121 -12.51 7.32 -11.43
C ALA A 121 -12.79 7.75 -9.98
N PHE A 122 -12.01 8.69 -9.49
CA PHE A 122 -12.18 9.20 -8.14
C PHE A 122 -13.49 9.97 -8.03
N GLY A 123 -13.79 10.77 -9.04
CA GLY A 123 -15.03 11.52 -9.08
C GLY A 123 -16.24 10.60 -9.07
N ASN A 124 -16.12 9.47 -9.76
CA ASN A 124 -17.18 8.46 -9.78
C ASN A 124 -17.55 8.01 -8.38
N ALA A 125 -16.55 7.82 -7.53
CA ALA A 125 -16.77 7.40 -6.16
C ALA A 125 -17.52 8.47 -5.36
N LEU A 126 -17.21 9.73 -5.65
CA LEU A 126 -17.85 10.86 -4.96
C LEU A 126 -19.31 11.02 -5.38
N LEU A 127 -19.55 10.97 -6.69
CA LEU A 127 -20.90 11.16 -7.21
C LEU A 127 -21.82 10.00 -6.84
N GLN A 128 -21.24 8.82 -6.65
CA GLN A 128 -22.01 7.65 -6.27
C GLN A 128 -22.41 7.75 -4.80
N ARG A 129 -21.61 8.47 -4.03
CA ARG A 129 -21.91 8.69 -2.62
C ARG A 129 -23.17 9.52 -2.44
N LEU A 130 -23.51 10.30 -3.47
CA LEU A 130 -24.73 11.10 -3.45
C LEU A 130 -25.95 10.19 -3.40
N GLU A 131 -26.02 9.24 -4.32
CA GLU A 131 -27.13 8.30 -4.36
C GLU A 131 -27.07 7.34 -3.18
N ALA A 132 -25.85 7.04 -2.73
CA ALA A 132 -25.65 6.14 -1.59
C ALA A 132 -26.39 6.64 -0.36
N LEU A 133 -26.46 7.96 -0.21
CA LEU A 133 -27.17 8.56 0.90
C LEU A 133 -28.66 8.24 0.83
N LYS A 134 -29.22 8.36 -0.37
CA LYS A 134 -30.65 8.16 -0.56
C LYS A 134 -31.01 6.68 -0.65
N ARG A 135 -30.03 5.84 -0.93
CA ARG A 135 -30.25 4.40 -0.96
C ARG A 135 -30.30 3.86 0.46
N ASP A 136 -29.73 4.61 1.39
CA ASP A 136 -29.85 4.31 2.80
C ASP A 136 -31.11 4.95 3.37
N GLY A 137 -31.23 6.26 3.15
CA GLY A 137 -32.41 6.97 3.61
C GLY A 137 -32.36 8.45 3.30
N GLN A 138 -32.13 9.25 4.32
CA GLN A 138 -32.18 10.69 4.20
C GLN A 138 -31.29 11.34 5.26
N SER A 139 -31.40 12.66 5.41
CA SER A 139 -30.64 13.38 6.42
C SER A 139 -31.55 14.23 7.28
N MET A 1 17.65 -35.73 16.41
CA MET A 1 16.42 -35.72 15.58
C MET A 1 16.79 -35.37 14.15
N GLU A 2 16.20 -36.09 13.21
CA GLU A 2 16.48 -35.86 11.80
C GLU A 2 15.27 -36.22 10.94
N THR A 3 14.43 -37.11 11.44
CA THR A 3 13.25 -37.53 10.70
C THR A 3 12.19 -36.44 10.66
N ASP A 4 11.57 -36.18 11.81
CA ASP A 4 10.47 -35.22 11.91
C ASP A 4 9.36 -35.60 10.94
N CYS A 5 8.71 -36.71 11.21
CA CYS A 5 7.74 -37.30 10.29
C CYS A 5 6.33 -36.76 10.56
N ASN A 6 6.26 -35.52 11.07
CA ASN A 6 4.99 -34.83 11.37
C ASN A 6 3.95 -35.72 12.06
N PRO A 7 3.94 -35.69 13.40
CA PRO A 7 2.99 -36.47 14.20
C PRO A 7 1.55 -35.98 14.02
N MET A 8 0.62 -36.91 13.88
CA MET A 8 -0.79 -36.57 13.73
C MET A 8 -1.39 -36.25 15.09
N GLU A 9 -0.94 -36.98 16.10
CA GLU A 9 -1.35 -36.72 17.47
C GLU A 9 -0.47 -35.62 18.07
N LEU A 10 -1.04 -34.42 18.17
CA LEU A 10 -0.31 -33.27 18.67
C LEU A 10 -0.25 -33.29 20.19
N SER A 11 -1.33 -33.76 20.83
CA SER A 11 -1.43 -33.81 22.28
C SER A 11 -1.33 -32.42 22.91
N SER A 12 -1.44 -31.39 22.08
CA SER A 12 -1.34 -30.02 22.53
C SER A 12 -2.19 -29.11 21.65
N MET A 13 -3.32 -28.67 22.19
CA MET A 13 -4.20 -27.75 21.48
C MET A 13 -4.13 -26.36 22.10
N SER A 14 -4.66 -25.37 21.39
CA SER A 14 -4.64 -23.99 21.86
C SER A 14 -5.32 -23.84 23.21
N GLY A 15 -4.65 -23.16 24.14
CA GLY A 15 -5.23 -22.91 25.44
C GLY A 15 -4.19 -22.57 26.50
N PHE A 16 -3.07 -23.28 26.49
CA PHE A 16 -2.07 -23.12 27.53
C PHE A 16 -0.91 -22.23 27.07
N GLU A 17 -1.23 -21.23 26.25
CA GLU A 17 -0.22 -20.32 25.74
C GLU A 17 -0.01 -19.13 26.67
N GLU A 18 -0.25 -19.34 27.96
CA GLU A 18 0.00 -18.32 28.97
C GLU A 18 1.49 -17.98 29.01
N GLY A 19 1.80 -16.75 28.62
CA GLY A 19 3.19 -16.32 28.59
C GLY A 19 3.33 -14.95 27.98
N SER A 20 4.57 -14.50 27.81
CA SER A 20 4.84 -13.17 27.28
C SER A 20 4.24 -12.09 28.19
N GLU A 21 4.21 -12.37 29.49
CA GLU A 21 3.73 -11.41 30.46
C GLU A 21 4.74 -10.27 30.59
N LEU A 22 4.37 -9.10 30.06
CA LEU A 22 5.29 -7.97 29.94
C LEU A 22 6.35 -8.25 28.87
N ASN A 23 6.00 -9.12 27.93
CA ASN A 23 6.89 -9.44 26.82
C ASN A 23 6.18 -9.20 25.50
N GLY A 24 6.58 -8.15 24.80
CA GLY A 24 6.00 -7.87 23.50
C GLY A 24 5.03 -6.72 23.53
N PHE A 25 5.26 -5.78 24.44
CA PHE A 25 4.44 -4.58 24.53
C PHE A 25 5.11 -3.46 23.77
N GLU A 26 4.61 -3.18 22.57
CA GLU A 26 5.26 -2.25 21.66
C GLU A 26 4.25 -1.29 21.07
N GLY A 27 4.72 -0.12 20.65
CA GLY A 27 3.82 0.85 20.04
C GLY A 27 3.50 0.50 18.60
N THR A 28 4.39 -0.24 17.96
CA THR A 28 4.18 -0.70 16.60
C THR A 28 4.52 -2.19 16.50
N ASP A 29 3.56 -2.99 16.05
CA ASP A 29 3.79 -4.41 15.85
C ASP A 29 4.55 -4.65 14.55
N MET A 30 4.93 -5.89 14.30
CA MET A 30 5.65 -6.21 13.07
C MET A 30 4.66 -6.44 11.94
N LYS A 31 4.33 -5.37 11.23
CA LYS A 31 3.33 -5.44 10.17
C LYS A 31 3.96 -5.88 8.87
N ASP A 32 3.12 -6.39 7.98
CA ASP A 32 3.55 -6.77 6.66
C ASP A 32 3.02 -5.76 5.64
N MET A 33 3.92 -5.13 4.93
CA MET A 33 3.58 -4.12 3.95
C MET A 33 2.69 -4.70 2.85
N ARG A 34 2.78 -6.02 2.68
CA ARG A 34 1.98 -6.72 1.69
C ARG A 34 0.49 -6.63 2.00
N LEU A 35 0.16 -6.48 3.28
CA LEU A 35 -1.25 -6.40 3.70
C LEU A 35 -1.84 -5.07 3.27
N GLU A 36 -1.12 -4.00 3.57
CA GLU A 36 -1.52 -2.68 3.12
C GLU A 36 -1.43 -2.62 1.60
N ALA A 37 -0.55 -3.44 1.05
CA ALA A 37 -0.35 -3.49 -0.40
C ALA A 37 -1.59 -4.05 -1.08
N GLU A 38 -2.03 -5.21 -0.64
CA GLU A 38 -3.22 -5.86 -1.17
C GLU A 38 -4.44 -4.94 -1.02
N ALA A 39 -4.47 -4.20 0.09
CA ALA A 39 -5.55 -3.25 0.34
C ALA A 39 -5.55 -2.16 -0.73
N VAL A 40 -4.38 -1.58 -0.99
CA VAL A 40 -4.23 -0.53 -1.99
C VAL A 40 -4.58 -1.06 -3.39
N VAL A 41 -4.00 -2.20 -3.75
CA VAL A 41 -4.21 -2.80 -5.06
C VAL A 41 -5.70 -2.99 -5.35
N ASN A 42 -6.42 -3.56 -4.40
CA ASN A 42 -7.84 -3.83 -4.57
C ASN A 42 -8.66 -2.55 -4.59
N ASP A 43 -8.24 -1.58 -3.79
CA ASP A 43 -9.03 -0.38 -3.57
C ASP A 43 -9.00 0.55 -4.79
N VAL A 44 -7.81 0.85 -5.28
CA VAL A 44 -7.65 1.83 -6.36
C VAL A 44 -7.60 1.15 -7.74
N LEU A 45 -7.93 -0.14 -7.77
CA LEU A 45 -7.92 -0.92 -9.01
C LEU A 45 -8.84 -0.31 -10.06
N PHE A 46 -9.91 0.35 -9.61
CA PHE A 46 -10.89 0.92 -10.53
C PHE A 46 -10.35 2.20 -11.18
N ALA A 47 -9.23 2.69 -10.69
CA ALA A 47 -8.65 3.92 -11.19
C ALA A 47 -7.48 3.62 -12.14
N VAL A 48 -7.24 2.35 -12.41
CA VAL A 48 -6.16 1.94 -13.31
C VAL A 48 -6.63 0.79 -14.19
N ASN A 49 -5.76 0.31 -15.05
CA ASN A 49 -6.10 -0.76 -15.97
C ASN A 49 -5.80 -2.12 -15.35
N ASN A 50 -4.68 -2.19 -14.65
CA ASN A 50 -4.25 -3.42 -13.99
C ASN A 50 -3.38 -3.06 -12.78
N MET A 51 -3.34 -3.94 -11.79
CA MET A 51 -2.50 -3.71 -10.62
C MET A 51 -2.31 -5.03 -9.88
N PHE A 52 -1.06 -5.38 -9.61
CA PHE A 52 -0.75 -6.65 -8.99
C PHE A 52 0.61 -6.58 -8.31
N VAL A 53 0.71 -7.12 -7.10
CA VAL A 53 1.99 -7.19 -6.41
C VAL A 53 2.97 -8.03 -7.23
N SER A 54 4.21 -7.55 -7.34
CA SER A 54 5.20 -8.13 -8.24
C SER A 54 5.34 -9.64 -8.05
N LYS A 55 5.51 -10.05 -6.79
CA LYS A 55 5.63 -11.47 -6.42
C LYS A 55 6.97 -12.02 -6.95
N SER A 56 7.77 -11.12 -7.50
CA SER A 56 9.08 -11.44 -8.02
C SER A 56 10.06 -10.48 -7.36
N LEU A 57 9.63 -10.00 -6.22
CA LEU A 57 10.29 -8.95 -5.50
C LEU A 57 10.02 -9.10 -4.02
N ARG A 58 11.08 -9.21 -3.26
CA ARG A 58 10.99 -9.57 -1.84
C ARG A 58 10.22 -8.52 -1.03
N CYS A 59 9.06 -8.91 -0.55
CA CYS A 59 8.33 -8.11 0.42
C CYS A 59 8.46 -8.72 1.79
N ALA A 60 9.43 -8.22 2.55
CA ALA A 60 9.73 -8.79 3.85
C ALA A 60 8.70 -8.36 4.88
N ASP A 61 8.80 -7.12 5.34
CA ASP A 61 7.93 -6.61 6.39
C ASP A 61 7.52 -5.17 6.10
N ASP A 62 8.48 -4.26 6.09
CA ASP A 62 8.20 -2.85 5.86
C ASP A 62 8.57 -2.45 4.44
N VAL A 63 8.69 -3.42 3.56
CA VAL A 63 8.98 -3.17 2.16
C VAL A 63 8.19 -4.13 1.28
N ALA A 64 7.49 -3.59 0.29
CA ALA A 64 6.73 -4.41 -0.63
C ALA A 64 6.77 -3.81 -2.03
N TYR A 65 7.19 -4.61 -3.00
CA TYR A 65 7.27 -4.15 -4.37
C TYR A 65 6.02 -4.53 -5.15
N ILE A 66 5.39 -3.53 -5.78
CA ILE A 66 4.14 -3.73 -6.49
C ILE A 66 4.26 -3.25 -7.94
N ASN A 67 3.61 -3.95 -8.85
CA ASN A 67 3.56 -3.51 -10.25
C ASN A 67 2.18 -2.95 -10.56
N VAL A 68 2.14 -1.73 -11.04
CA VAL A 68 0.87 -1.06 -11.31
C VAL A 68 0.78 -0.65 -12.78
N GLU A 69 -0.43 -0.67 -13.33
CA GLU A 69 -0.66 -0.29 -14.70
C GLU A 69 -1.88 0.62 -14.76
N THR A 70 -1.64 1.91 -14.94
CA THR A 70 -2.69 2.93 -14.93
C THR A 70 -3.65 2.76 -16.11
N LYS A 71 -4.70 3.57 -16.14
CA LYS A 71 -5.69 3.49 -17.22
C LYS A 71 -5.08 3.93 -18.53
N GLU A 72 -3.98 4.67 -18.45
CA GLU A 72 -3.24 5.09 -19.62
C GLU A 72 -2.34 3.95 -20.11
N ARG A 73 -2.46 2.80 -19.44
CA ARG A 73 -1.73 1.59 -19.79
C ARG A 73 -0.24 1.75 -19.50
N ASN A 74 0.09 2.69 -18.63
CA ASN A 74 1.46 2.92 -18.21
C ASN A 74 1.76 2.05 -16.99
N ARG A 75 2.87 1.34 -17.05
CA ARG A 75 3.25 0.47 -15.96
C ARG A 75 4.33 1.11 -15.10
N TYR A 76 4.14 1.07 -13.80
CA TYR A 76 5.10 1.60 -12.85
C TYR A 76 5.40 0.55 -11.80
N CYS A 77 6.58 0.61 -11.23
CA CYS A 77 6.96 -0.29 -10.17
C CYS A 77 7.10 0.51 -8.87
N LEU A 78 6.33 0.11 -7.87
CA LEU A 78 6.25 0.87 -6.63
C LEU A 78 6.91 0.14 -5.47
N GLU A 79 7.81 0.84 -4.80
CA GLU A 79 8.42 0.34 -3.60
C GLU A 79 7.66 0.89 -2.40
N LEU A 80 6.73 0.10 -1.90
CA LEU A 80 5.91 0.51 -0.78
C LEU A 80 6.66 0.24 0.53
N THR A 81 6.98 1.32 1.24
CA THR A 81 7.75 1.22 2.46
C THR A 81 7.15 2.08 3.56
N GLU A 82 7.92 2.30 4.63
CA GLU A 82 7.48 3.17 5.72
C GLU A 82 7.37 4.62 5.24
N ALA A 83 8.04 4.91 4.12
CA ALA A 83 8.04 6.26 3.56
C ALA A 83 6.90 6.42 2.56
N GLY A 84 6.10 5.38 2.41
CA GLY A 84 4.98 5.42 1.51
C GLY A 84 5.28 4.75 0.19
N LEU A 85 4.76 5.32 -0.88
CA LEU A 85 4.91 4.75 -2.21
C LEU A 85 5.98 5.52 -2.98
N LYS A 86 7.04 4.82 -3.32
CA LYS A 86 8.14 5.39 -4.07
C LYS A 86 8.27 4.69 -5.41
N VAL A 87 8.48 5.45 -6.48
CA VAL A 87 8.60 4.86 -7.80
C VAL A 87 10.05 4.44 -8.05
N VAL A 88 10.26 3.12 -8.11
CA VAL A 88 11.60 2.57 -8.34
C VAL A 88 11.85 2.35 -9.82
N GLY A 89 10.82 2.58 -10.63
CA GLY A 89 10.93 2.43 -12.06
C GLY A 89 9.59 2.48 -12.73
N TYR A 90 9.58 2.67 -14.04
CA TYR A 90 8.34 2.67 -14.80
C TYR A 90 8.35 1.55 -15.82
N ALA A 91 8.13 0.35 -15.31
CA ALA A 91 8.07 -0.86 -16.12
C ALA A 91 7.55 -1.99 -15.25
N PHE A 92 7.45 -3.19 -15.83
CA PHE A 92 7.00 -4.34 -15.08
C PHE A 92 8.20 -5.02 -14.43
N ASP A 93 8.30 -4.87 -13.11
CA ASP A 93 9.45 -5.35 -12.34
C ASP A 93 10.71 -4.61 -12.75
N GLN A 94 10.84 -3.39 -12.23
CA GLN A 94 12.00 -2.55 -12.50
C GLN A 94 12.31 -1.71 -11.27
N VAL A 95 13.39 -2.03 -10.59
CA VAL A 95 13.70 -1.38 -9.33
C VAL A 95 15.09 -0.74 -9.33
N ASP A 96 15.10 0.57 -9.09
CA ASP A 96 16.34 1.30 -8.87
C ASP A 96 16.08 2.42 -7.89
N ASP A 97 17.04 2.67 -7.01
CA ASP A 97 16.86 3.67 -5.97
C ASP A 97 17.31 5.05 -6.43
N HIS A 98 17.78 5.16 -7.66
CA HIS A 98 18.32 6.41 -8.16
C HIS A 98 17.31 7.18 -9.01
N LEU A 99 16.12 6.64 -9.17
CA LEU A 99 15.05 7.38 -9.80
C LEU A 99 14.51 8.42 -8.83
N GLN A 100 14.56 9.67 -9.25
CA GLN A 100 14.18 10.78 -8.37
C GLN A 100 12.68 11.03 -8.41
N THR A 101 11.94 10.15 -7.77
CA THR A 101 10.51 10.32 -7.66
C THR A 101 10.13 10.64 -6.21
N PRO A 102 9.26 11.64 -6.01
CA PRO A 102 8.84 12.08 -4.68
C PRO A 102 8.09 11.00 -3.92
N TYR A 103 8.57 10.68 -2.72
CA TYR A 103 7.89 9.76 -1.83
C TYR A 103 6.52 10.31 -1.47
N HIS A 104 5.48 9.54 -1.74
CA HIS A 104 4.14 9.94 -1.33
C HIS A 104 3.65 9.04 -0.22
N GLU A 105 2.96 9.64 0.73
CA GLU A 105 2.50 8.93 1.90
C GLU A 105 1.29 8.08 1.57
N THR A 106 0.54 8.52 0.59
CA THR A 106 -0.70 7.85 0.21
C THR A 106 -0.75 7.62 -1.30
N VAL A 107 -1.43 6.56 -1.69
CA VAL A 107 -1.58 6.24 -3.11
C VAL A 107 -2.45 7.29 -3.80
N TYR A 108 -3.26 7.98 -3.01
CA TYR A 108 -4.17 9.00 -3.52
C TYR A 108 -3.41 10.07 -4.30
N SER A 109 -2.54 10.80 -3.61
CA SER A 109 -1.81 11.89 -4.21
C SER A 109 -0.78 11.41 -5.22
N LEU A 110 -0.40 10.13 -5.13
CA LEU A 110 0.58 9.57 -6.05
C LEU A 110 -0.07 9.20 -7.38
N LEU A 111 -1.12 8.39 -7.32
CA LEU A 111 -1.77 7.90 -8.53
C LEU A 111 -2.37 9.08 -9.29
N ASP A 112 -2.68 10.15 -8.57
CA ASP A 112 -3.23 11.36 -9.18
C ASP A 112 -2.20 12.05 -10.08
N THR A 113 -0.93 11.99 -9.68
CA THR A 113 0.14 12.64 -10.45
C THR A 113 0.45 11.85 -11.72
N LEU A 114 -0.15 10.67 -11.83
CA LEU A 114 0.13 9.78 -12.93
C LEU A 114 -1.09 9.64 -13.83
N SER A 115 -2.25 9.48 -13.23
CA SER A 115 -3.50 9.31 -13.96
C SER A 115 -4.50 10.42 -13.65
N PRO A 116 -4.94 11.14 -14.69
CA PRO A 116 -6.01 12.12 -14.56
C PRO A 116 -7.35 11.44 -14.35
N ALA A 117 -7.39 10.17 -14.71
CA ALA A 117 -8.59 9.36 -14.57
C ALA A 117 -8.86 9.02 -13.11
N TYR A 118 -7.88 9.31 -12.26
CA TYR A 118 -8.01 9.04 -10.84
C TYR A 118 -9.12 9.87 -10.24
N ARG A 119 -9.09 11.18 -10.49
CA ARG A 119 -10.12 12.07 -9.98
C ARG A 119 -11.43 11.90 -10.75
N GLU A 120 -11.34 11.31 -11.94
CA GLU A 120 -12.52 10.97 -12.70
C GLU A 120 -13.28 9.85 -12.00
N ALA A 121 -12.57 8.75 -11.74
CA ALA A 121 -13.14 7.60 -11.06
C ALA A 121 -13.52 7.94 -9.62
N PHE A 122 -12.66 8.74 -8.97
CA PHE A 122 -12.93 9.21 -7.62
C PHE A 122 -14.16 10.12 -7.63
N GLY A 123 -14.26 10.96 -8.65
CA GLY A 123 -15.40 11.83 -8.81
C GLY A 123 -16.67 11.04 -8.98
N ASN A 124 -16.59 9.94 -9.72
CA ASN A 124 -17.75 9.08 -9.94
C ASN A 124 -18.30 8.54 -8.64
N ALA A 125 -17.43 8.28 -7.68
CA ALA A 125 -17.87 7.76 -6.39
C ALA A 125 -18.60 8.84 -5.59
N LEU A 126 -18.05 10.05 -5.59
CA LEU A 126 -18.71 11.18 -4.94
C LEU A 126 -19.96 11.55 -5.70
N LEU A 127 -19.90 11.35 -7.01
CA LEU A 127 -21.04 11.52 -7.89
C LEU A 127 -22.17 10.59 -7.47
N GLN A 128 -21.86 9.30 -7.38
CA GLN A 128 -22.85 8.30 -7.00
C GLN A 128 -23.24 8.47 -5.53
N ARG A 129 -22.34 9.06 -4.76
CA ARG A 129 -22.62 9.40 -3.37
C ARG A 129 -23.74 10.43 -3.32
N LEU A 130 -23.61 11.44 -4.19
CA LEU A 130 -24.64 12.46 -4.33
C LEU A 130 -25.87 11.88 -5.01
N GLU A 131 -25.64 10.91 -5.90
CA GLU A 131 -26.71 10.26 -6.64
C GLU A 131 -27.60 9.42 -5.72
N ALA A 132 -27.11 9.16 -4.51
CA ALA A 132 -27.89 8.47 -3.50
C ALA A 132 -28.96 9.39 -2.94
N LEU A 133 -28.78 10.69 -3.14
CA LEU A 133 -29.74 11.68 -2.70
C LEU A 133 -30.72 12.02 -3.82
N LYS A 134 -30.29 11.76 -5.06
CA LYS A 134 -31.13 12.01 -6.23
C LYS A 134 -32.40 11.18 -6.17
N ARG A 135 -32.21 9.88 -6.02
CA ARG A 135 -33.29 8.93 -6.24
C ARG A 135 -34.09 8.65 -4.97
N ASP A 136 -33.95 9.50 -3.97
CA ASP A 136 -34.71 9.32 -2.73
C ASP A 136 -36.14 9.78 -2.95
N GLY A 137 -37.02 8.83 -3.21
CA GLY A 137 -38.38 9.15 -3.61
C GLY A 137 -38.57 8.81 -5.07
N GLN A 138 -37.94 9.58 -5.93
CA GLN A 138 -37.89 9.28 -7.36
C GLN A 138 -36.69 9.96 -7.99
N SER A 139 -36.17 9.39 -9.05
CA SER A 139 -35.05 9.99 -9.77
C SER A 139 -35.58 10.96 -10.82
#